data_6HYS
#
_entry.id   6HYS
#
_cell.length_a   66.960
_cell.length_b   167.940
_cell.length_c   137.110
_cell.angle_alpha   90.00
_cell.angle_beta   92.71
_cell.angle_gamma   90.00
#
_symmetry.space_group_name_H-M   'P 1 21 1'
#
loop_
_entity.id
_entity.type
_entity.pdbx_description
1 polymer 'ATP-dependent RNA helicase DHX8'
2 non-polymer "ADENOSINE-5'-DIPHOSPHATE"
3 non-polymer 'MAGNESIUM ION'
4 non-polymer 'DIMETHYL SULFOXIDE'
5 non-polymer 1,2-ETHANEDIOL
6 non-polymer 'ACETATE ION'
7 water water
#
_entity_poly.entity_id   1
_entity_poly.type   'polypeptide(L)'
_entity_poly.pdbx_seq_one_letter_code
;ASYGKKTQMSILEQRESLPIYKLKEQLVQAVHDNQILIVIGETGSGKTTQITQYLAEAGYTSRGKIGCTQPRRVAAMSVA
KRVSEEFGCCLGQEVGYTIRFEDCTSPETVIKYMTDGMLLRECLIDPDLTQYAIIMLDEAHERTIHTDVLFGLLKKTVQK
RQDMKLIVTSATLDAVKFSQYFYEAPIFTIPGRTYPVEILYTKEPETDYLDASLITVMQIHLTEPPGDILVFLTGQEEID
TACEILYERMKSLGPDVPELIILPVYSALPSEMQTRIFDPAPPGSRKVVIATNIAETSLTIDGIYYVVDPGFVKQKVYNS
KTGIDQLVVTPISQAQAKQRAGRAGRTGPGKCYRLYTERAYRDEMLTTNVPEIQRTNLASTVLSLKAMGINDLLSFDFMD
APPMETLITAMEQLYTLGALDDEGLLTRLGRRMAEFPLEPMLCKMLIMSVHLGCSEEMLTIVSMLSVQNVFYRPKDKQAL
ADQKKAKFHQTEGDHLTLLAVYNSWKNNKFSNPWCYENFIQARSLRRAQDIRKQMLGIMDRHKLDVVSCGKSTVRVQKAI
CSGFFRNAAKKDPQEGYRTLIDQQVVYIHPSSALFNRQPEWVVYHELVLTTKEYMREVTTIDPRWLVEFAPAFFKVSDPT
KLSKQKKQQRLEPLYNRYEEPNAWRISRAFRRR
;
_entity_poly.pdbx_strand_id   A,B,C,D
#
loop_
_chem_comp.id
_chem_comp.type
_chem_comp.name
_chem_comp.formula
ACT non-polymer 'ACETATE ION' 'C2 H3 O2 -1'
ADP non-polymer ADENOSINE-5'-DIPHOSPHATE 'C10 H15 N5 O10 P2'
DMS non-polymer 'DIMETHYL SULFOXIDE' 'C2 H6 O S'
EDO non-polymer 1,2-ETHANEDIOL 'C2 H6 O2'
MG non-polymer 'MAGNESIUM ION' 'Mg 2'
#
# COMPACT_ATOMS: atom_id res chain seq x y z
CA GLN A 8 5.10 0.27 3.52
C GLN A 8 4.78 -1.22 3.46
N MET A 9 5.36 -1.99 4.39
CA MET A 9 5.19 -3.44 4.60
C MET A 9 4.50 -3.58 5.99
N SER A 10 3.45 -4.46 6.13
CA SER A 10 2.71 -4.64 7.40
C SER A 10 3.58 -5.13 8.56
N ILE A 11 3.13 -4.94 9.83
CA ILE A 11 3.89 -5.39 10.99
C ILE A 11 4.14 -6.90 10.92
N LEU A 12 3.13 -7.69 10.50
CA LEU A 12 3.27 -9.16 10.37
C LEU A 12 4.28 -9.54 9.28
N GLU A 13 4.30 -8.81 8.14
CA GLU A 13 5.24 -9.05 7.04
C GLU A 13 6.67 -8.71 7.49
N GLN A 14 6.83 -7.58 8.24
CA GLN A 14 8.10 -7.12 8.82
C GLN A 14 8.63 -8.19 9.77
N ARG A 15 7.75 -8.70 10.65
CA ARG A 15 8.07 -9.73 11.65
C ARG A 15 8.51 -11.06 11.03
N GLU A 16 7.88 -11.46 9.92
CA GLU A 16 8.15 -12.71 9.23
C GLU A 16 9.39 -12.61 8.32
N SER A 17 9.92 -11.38 8.13
CA SER A 17 11.13 -11.09 7.35
C SER A 17 12.40 -11.29 8.21
N LEU A 18 12.24 -11.29 9.56
CA LEU A 18 13.34 -11.40 10.52
C LEU A 18 14.03 -12.76 10.50
N PRO A 19 15.38 -12.79 10.62
CA PRO A 19 16.10 -14.08 10.62
C PRO A 19 15.60 -15.10 11.64
N ILE A 20 15.21 -14.67 12.85
CA ILE A 20 14.70 -15.55 13.92
C ILE A 20 13.39 -16.28 13.52
N TYR A 21 12.53 -15.67 12.67
CA TYR A 21 11.27 -16.29 12.23
C TYR A 21 11.45 -17.69 11.62
N LYS A 22 12.55 -17.90 10.89
CA LYS A 22 12.85 -19.18 10.24
C LYS A 22 13.05 -20.29 11.29
N LEU A 23 13.50 -19.91 12.51
CA LEU A 23 13.77 -20.83 13.62
C LEU A 23 12.74 -20.77 14.77
N LYS A 24 11.57 -20.12 14.54
CA LYS A 24 10.52 -19.96 15.53
C LYS A 24 10.15 -21.24 16.27
N GLU A 25 9.69 -22.27 15.56
CA GLU A 25 9.25 -23.54 16.15
C GLU A 25 10.36 -24.27 16.88
N GLN A 26 11.57 -24.25 16.32
CA GLN A 26 12.76 -24.88 16.89
C GLN A 26 13.28 -24.13 18.11
N LEU A 27 13.04 -22.82 18.17
CA LEU A 27 13.43 -21.99 19.30
C LEU A 27 12.51 -22.29 20.48
N VAL A 28 11.15 -22.36 20.24
CA VAL A 28 10.18 -22.60 21.34
C VAL A 28 10.38 -24.04 21.90
N GLN A 29 10.71 -25.03 21.03
CA GLN A 29 10.98 -26.40 21.43
C GLN A 29 12.26 -26.49 22.29
N ALA A 30 13.28 -25.67 21.96
CA ALA A 30 14.55 -25.63 22.70
C ALA A 30 14.31 -25.11 24.11
N VAL A 31 13.48 -24.06 24.23
CA VAL A 31 13.12 -23.47 25.52
C VAL A 31 12.33 -24.53 26.30
N HIS A 32 11.42 -25.24 25.64
CA HIS A 32 10.64 -26.30 26.25
C HIS A 32 11.53 -27.40 26.86
N ASP A 33 12.54 -27.86 26.10
CA ASP A 33 13.43 -28.95 26.48
C ASP A 33 14.55 -28.61 27.46
N ASN A 34 14.88 -27.32 27.64
CA ASN A 34 16.01 -26.91 28.48
C ASN A 34 15.66 -25.79 29.44
N GLN A 35 16.10 -25.91 30.71
CA GLN A 35 15.87 -24.87 31.72
C GLN A 35 16.63 -23.59 31.39
N ILE A 36 17.92 -23.73 31.02
CA ILE A 36 18.81 -22.64 30.60
C ILE A 36 19.19 -22.88 29.14
N LEU A 37 19.00 -21.85 28.31
CA LEU A 37 19.34 -21.83 26.89
C LEU A 37 20.16 -20.59 26.59
N ILE A 38 21.27 -20.75 25.82
CA ILE A 38 22.11 -19.64 25.40
C ILE A 38 21.70 -19.34 23.96
N VAL A 39 21.32 -18.10 23.64
CA VAL A 39 20.88 -17.75 22.29
C VAL A 39 21.87 -16.80 21.64
N ILE A 40 22.48 -17.24 20.52
CA ILE A 40 23.45 -16.47 19.75
C ILE A 40 22.81 -16.13 18.41
N GLY A 41 22.97 -14.88 17.99
CA GLY A 41 22.48 -14.36 16.72
C GLY A 41 22.97 -12.95 16.52
N GLU A 42 23.24 -12.55 15.27
CA GLU A 42 23.72 -11.19 14.93
C GLU A 42 22.67 -10.15 15.34
N THR A 43 23.09 -8.90 15.61
CA THR A 43 22.19 -7.77 15.94
C THR A 43 21.21 -7.56 14.79
N GLY A 44 19.93 -7.41 15.13
CA GLY A 44 18.85 -7.27 14.17
C GLY A 44 18.22 -8.58 13.73
N SER A 45 18.60 -9.74 14.37
CA SER A 45 17.97 -11.00 13.98
C SER A 45 16.55 -11.14 14.55
N GLY A 46 16.26 -10.35 15.60
CA GLY A 46 14.96 -10.25 16.26
C GLY A 46 14.88 -10.91 17.63
N LYS A 47 16.03 -11.08 18.33
CA LYS A 47 16.08 -11.76 19.64
C LYS A 47 15.27 -11.03 20.72
N THR A 48 15.56 -9.75 20.92
CA THR A 48 14.91 -8.91 21.90
C THR A 48 13.42 -8.80 21.68
N THR A 49 13.00 -8.44 20.47
CA THR A 49 11.60 -8.16 20.17
C THR A 49 10.72 -9.40 19.93
N GLN A 50 11.26 -10.54 19.43
CA GLN A 50 10.43 -11.71 19.09
C GLN A 50 10.43 -12.85 20.09
N ILE A 51 11.53 -13.10 20.81
CA ILE A 51 11.60 -14.22 21.77
C ILE A 51 10.45 -14.10 22.82
N THR A 52 10.18 -12.90 23.34
CA THR A 52 9.11 -12.66 24.33
C THR A 52 7.75 -13.08 23.75
N GLN A 53 7.45 -12.56 22.53
CA GLN A 53 6.21 -12.77 21.81
C GLN A 53 5.96 -14.25 21.46
N TYR A 54 7.00 -14.97 21.04
CA TYR A 54 6.93 -16.39 20.69
C TYR A 54 6.54 -17.22 21.88
N LEU A 55 7.13 -16.93 23.05
CA LEU A 55 6.89 -17.70 24.28
C LEU A 55 5.56 -17.31 24.98
N ALA A 56 5.04 -16.09 24.71
CA ALA A 56 3.74 -15.68 25.25
C ALA A 56 2.66 -16.47 24.45
N GLU A 57 2.89 -16.63 23.13
CA GLU A 57 2.08 -17.38 22.19
C GLU A 57 2.08 -18.88 22.53
N ALA A 58 3.23 -19.43 22.99
CA ALA A 58 3.41 -20.81 23.44
C ALA A 58 2.69 -21.06 24.76
N GLY A 59 2.31 -19.97 25.44
CA GLY A 59 1.53 -19.96 26.67
C GLY A 59 2.25 -19.83 27.99
N TYR A 60 3.52 -19.39 28.00
CA TYR A 60 4.29 -19.23 29.22
C TYR A 60 3.77 -18.13 30.16
N THR A 61 3.00 -17.17 29.63
CA THR A 61 2.42 -16.06 30.39
C THR A 61 1.30 -16.50 31.34
N SER A 62 0.79 -17.73 31.19
CA SER A 62 -0.22 -18.29 32.08
C SER A 62 0.43 -18.64 33.43
N ARG A 63 1.74 -18.99 33.43
CA ARG A 63 2.53 -19.34 34.60
C ARG A 63 3.11 -18.10 35.33
N GLY A 64 3.38 -17.04 34.58
CA GLY A 64 3.90 -15.79 35.12
C GLY A 64 4.37 -14.85 34.04
N LYS A 65 5.06 -13.78 34.43
CA LYS A 65 5.58 -12.78 33.49
C LYS A 65 6.79 -13.32 32.70
N ILE A 66 7.01 -12.72 31.52
CA ILE A 66 8.18 -12.91 30.71
C ILE A 66 8.90 -11.57 30.89
N GLY A 67 10.03 -11.63 31.57
CA GLY A 67 10.90 -10.48 31.79
C GLY A 67 12.12 -10.55 30.91
N CYS A 68 12.49 -9.42 30.31
CA CYS A 68 13.68 -9.30 29.47
C CYS A 68 14.48 -8.07 29.84
N THR A 69 15.75 -8.24 30.26
CA THR A 69 16.62 -7.11 30.63
C THR A 69 17.11 -6.34 29.42
N GLN A 70 17.33 -5.02 29.60
CA GLN A 70 17.88 -4.08 28.62
C GLN A 70 18.98 -3.29 29.31
N PRO A 71 20.13 -2.98 28.68
CA PRO A 71 21.20 -2.29 29.43
C PRO A 71 20.99 -0.79 29.64
N ARG A 72 20.23 -0.15 28.74
CA ARG A 72 19.98 1.28 28.76
C ARG A 72 18.49 1.63 28.69
N ARG A 73 18.14 2.86 29.12
CA ARG A 73 16.78 3.43 29.17
C ARG A 73 16.12 3.46 27.80
N VAL A 74 16.76 4.10 26.82
CA VAL A 74 16.23 4.23 25.46
C VAL A 74 15.97 2.85 24.84
N ALA A 75 16.83 1.85 25.11
CA ALA A 75 16.65 0.48 24.65
C ALA A 75 15.36 -0.13 25.20
N ALA A 76 15.18 -0.09 26.54
CA ALA A 76 13.98 -0.61 27.24
C ALA A 76 12.68 0.04 26.73
N MET A 77 12.64 1.39 26.66
CA MET A 77 11.45 2.14 26.17
C MET A 77 11.11 1.77 24.72
N SER A 78 12.09 1.91 23.78
CA SER A 78 11.97 1.59 22.36
C SER A 78 11.43 0.17 22.11
N VAL A 79 12.08 -0.87 22.71
CA VAL A 79 11.66 -2.25 22.44
C VAL A 79 10.25 -2.51 23.01
N ALA A 80 9.91 -1.94 24.19
CA ALA A 80 8.57 -2.11 24.77
C ALA A 80 7.52 -1.43 23.89
N LYS A 81 7.87 -0.25 23.28
CA LYS A 81 6.95 0.47 22.40
C LYS A 81 6.69 -0.37 21.13
N ARG A 82 7.76 -0.85 20.48
CA ARG A 82 7.68 -1.68 19.29
C ARG A 82 6.91 -2.97 19.53
N VAL A 83 7.25 -3.71 20.60
CA VAL A 83 6.64 -4.99 20.96
C VAL A 83 5.16 -4.82 21.29
N SER A 84 4.75 -3.66 21.84
CA SER A 84 3.33 -3.44 22.13
C SER A 84 2.55 -3.22 20.82
N GLU A 85 3.17 -2.57 19.79
CA GLU A 85 2.62 -2.35 18.44
C GLU A 85 2.48 -3.70 17.76
N GLU A 86 3.48 -4.59 17.93
CA GLU A 86 3.48 -5.94 17.36
C GLU A 86 2.47 -6.85 18.07
N PHE A 87 2.36 -6.74 19.41
CA PHE A 87 1.43 -7.53 20.23
C PHE A 87 -0.01 -7.10 19.99
N GLY A 88 -0.20 -5.80 19.75
CA GLY A 88 -1.51 -5.17 19.51
C GLY A 88 -2.14 -4.69 20.81
N CYS A 89 -1.36 -4.06 21.72
CA CYS A 89 -1.89 -3.56 23.00
C CYS A 89 -1.45 -2.13 23.27
N CYS A 90 -1.83 -1.59 24.45
CA CYS A 90 -1.40 -0.28 24.96
C CYS A 90 -0.05 -0.51 25.58
N LEU A 91 0.82 0.47 25.45
CA LEU A 91 2.10 0.41 26.14
C LEU A 91 1.78 0.62 27.63
N GLY A 92 2.26 -0.31 28.45
CA GLY A 92 2.03 -0.29 29.88
C GLY A 92 0.99 -1.29 30.31
N GLN A 93 0.24 -1.87 29.33
CA GLN A 93 -0.76 -2.90 29.60
C GLN A 93 -0.09 -4.26 29.51
N GLU A 94 -0.40 -5.14 28.51
CA GLU A 94 0.21 -6.50 28.37
C GLU A 94 1.72 -6.49 28.17
N VAL A 95 2.19 -5.43 27.52
CA VAL A 95 3.59 -5.17 27.29
C VAL A 95 3.92 -3.84 27.97
N GLY A 96 4.94 -3.88 28.81
CA GLY A 96 5.44 -2.71 29.53
C GLY A 96 6.94 -2.67 29.74
N TYR A 97 7.43 -1.60 30.38
CA TYR A 97 8.83 -1.40 30.71
C TYR A 97 9.01 -0.83 32.12
N THR A 98 10.15 -1.12 32.74
CA THR A 98 10.53 -0.62 34.06
C THR A 98 11.96 -0.12 34.03
N ILE A 99 12.09 1.18 34.31
CA ILE A 99 13.37 1.87 34.35
C ILE A 99 13.45 2.55 35.73
N ARG A 100 14.62 3.00 36.15
CA ARG A 100 14.69 3.69 37.44
C ARG A 100 13.81 4.92 37.35
N PHE A 101 12.93 5.10 38.36
CA PHE A 101 11.98 6.22 38.51
C PHE A 101 10.82 6.26 37.49
N GLU A 102 10.69 5.25 36.61
CA GLU A 102 9.59 5.15 35.63
C GLU A 102 9.14 3.70 35.43
N ASP A 103 8.02 3.33 36.06
CA ASP A 103 7.48 1.99 35.97
C ASP A 103 6.25 2.00 35.10
N CYS A 104 6.45 1.73 33.82
CA CYS A 104 5.35 1.69 32.89
C CYS A 104 4.87 0.23 32.71
N THR A 105 4.26 -0.31 33.78
CA THR A 105 3.67 -1.65 33.86
C THR A 105 2.38 -1.52 34.68
N SER A 106 1.56 -2.58 34.67
CA SER A 106 0.26 -2.61 35.34
C SER A 106 -0.12 -4.07 35.68
N PRO A 107 -1.27 -4.32 36.38
CA PRO A 107 -1.69 -5.71 36.63
C PRO A 107 -1.83 -6.58 35.39
N GLU A 108 -1.94 -5.96 34.19
CA GLU A 108 -2.11 -6.63 32.88
C GLU A 108 -0.83 -7.13 32.26
N THR A 109 0.33 -6.52 32.63
CA THR A 109 1.65 -6.78 32.06
C THR A 109 2.03 -8.26 32.11
N VAL A 110 2.37 -8.80 30.95
CA VAL A 110 2.79 -10.19 30.78
C VAL A 110 4.17 -10.24 30.12
N ILE A 111 4.52 -9.21 29.33
CA ILE A 111 5.88 -9.05 28.75
C ILE A 111 6.44 -7.76 29.35
N LYS A 112 7.56 -7.85 30.06
CA LYS A 112 8.17 -6.74 30.75
C LYS A 112 9.62 -6.56 30.35
N TYR A 113 9.97 -5.38 29.82
CA TYR A 113 11.34 -5.02 29.49
C TYR A 113 11.84 -4.12 30.59
N MET A 114 12.93 -4.50 31.24
CA MET A 114 13.44 -3.66 32.33
C MET A 114 14.95 -3.52 32.25
N THR A 115 15.51 -2.45 32.81
CA THR A 115 16.96 -2.29 32.85
C THR A 115 17.56 -3.36 33.80
N ASP A 116 18.84 -3.71 33.63
CA ASP A 116 19.43 -4.75 34.51
C ASP A 116 19.39 -4.33 35.99
N GLY A 117 19.60 -3.03 36.26
CA GLY A 117 19.55 -2.45 37.58
C GLY A 117 18.19 -2.65 38.20
N MET A 118 17.12 -2.54 37.39
CA MET A 118 15.74 -2.73 37.83
C MET A 118 15.43 -4.16 38.17
N LEU A 119 16.00 -5.15 37.42
CA LEU A 119 15.80 -6.54 37.78
C LEU A 119 16.58 -6.86 39.08
N LEU A 120 17.79 -6.28 39.26
CA LEU A 120 18.61 -6.43 40.47
C LEU A 120 17.82 -5.97 41.70
N ARG A 121 17.14 -4.80 41.61
N ARG A 121 17.15 -4.80 41.60
CA ARG A 121 16.32 -4.23 42.69
CA ARG A 121 16.33 -4.20 42.65
C ARG A 121 15.12 -5.12 43.01
C ARG A 121 15.13 -5.11 43.00
N GLU A 122 14.66 -5.91 42.02
CA GLU A 122 13.56 -6.86 42.20
C GLU A 122 14.04 -8.05 43.02
N CYS A 123 15.32 -8.52 42.81
CA CYS A 123 15.96 -9.61 43.55
C CYS A 123 16.05 -9.27 45.03
N LEU A 124 16.27 -7.97 45.39
CA LEU A 124 16.33 -7.49 46.78
C LEU A 124 15.01 -7.78 47.52
N ILE A 125 13.87 -7.51 46.84
CA ILE A 125 12.52 -7.71 47.35
C ILE A 125 12.16 -9.20 47.28
N ASP A 126 12.33 -9.82 46.10
CA ASP A 126 11.99 -11.20 45.77
C ASP A 126 13.21 -11.91 45.14
N PRO A 127 14.00 -12.64 45.96
CA PRO A 127 15.20 -13.28 45.41
C PRO A 127 14.92 -14.45 44.48
N ASP A 128 13.73 -15.07 44.57
CA ASP A 128 13.36 -16.19 43.72
C ASP A 128 12.61 -15.78 42.46
N LEU A 129 12.42 -14.44 42.28
CA LEU A 129 11.71 -13.81 41.15
C LEU A 129 10.43 -14.59 40.79
N THR A 130 9.66 -14.94 41.82
CA THR A 130 8.41 -15.73 41.75
C THR A 130 7.36 -15.12 40.81
N GLN A 131 7.49 -13.83 40.50
CA GLN A 131 6.60 -13.10 39.60
C GLN A 131 6.84 -13.52 38.15
N TYR A 132 8.02 -14.09 37.84
CA TYR A 132 8.45 -14.47 36.50
C TYR A 132 8.45 -15.93 36.22
N ALA A 133 7.99 -16.28 35.02
CA ALA A 133 8.00 -17.65 34.51
C ALA A 133 9.26 -17.80 33.67
N ILE A 134 9.70 -16.68 33.03
CA ILE A 134 10.86 -16.61 32.14
C ILE A 134 11.67 -15.35 32.36
N ILE A 135 12.97 -15.55 32.55
CA ILE A 135 13.89 -14.44 32.68
C ILE A 135 14.82 -14.53 31.51
N MET A 136 14.84 -13.46 30.75
CA MET A 136 15.70 -13.32 29.59
C MET A 136 16.76 -12.29 29.90
N LEU A 137 18.01 -12.75 30.11
CA LEU A 137 19.13 -11.86 30.35
C LEU A 137 19.65 -11.51 28.99
N ASP A 138 19.24 -10.35 28.50
CA ASP A 138 19.52 -9.89 27.14
C ASP A 138 20.69 -8.92 27.07
N GLU A 139 21.35 -8.94 25.91
CA GLU A 139 22.49 -8.06 25.62
C GLU A 139 23.61 -8.31 26.63
N ALA A 140 23.78 -9.61 27.02
CA ALA A 140 24.72 -10.05 28.05
C ALA A 140 26.22 -9.90 27.65
N HIS A 141 26.50 -9.91 26.34
CA HIS A 141 27.83 -9.73 25.73
C HIS A 141 28.47 -8.34 26.09
N GLU A 142 27.63 -7.30 26.33
CA GLU A 142 28.02 -5.93 26.72
C GLU A 142 28.74 -5.87 28.08
N ARG A 143 28.56 -6.93 28.90
CA ARG A 143 29.17 -7.22 30.22
C ARG A 143 29.27 -6.02 31.15
N THR A 144 28.14 -5.68 31.79
CA THR A 144 28.03 -4.57 32.74
C THR A 144 27.98 -5.16 34.14
N ILE A 145 28.30 -4.35 35.18
CA ILE A 145 28.26 -4.77 36.60
C ILE A 145 26.94 -5.50 36.91
N HIS A 146 25.79 -4.86 36.56
CA HIS A 146 24.43 -5.38 36.76
C HIS A 146 24.20 -6.72 36.10
N THR A 147 24.76 -6.94 34.90
CA THR A 147 24.66 -8.20 34.16
C THR A 147 25.46 -9.28 34.89
N ASP A 148 26.75 -9.01 35.22
CA ASP A 148 27.63 -9.92 35.97
C ASP A 148 27.03 -10.32 37.34
N VAL A 149 26.38 -9.36 38.04
CA VAL A 149 25.72 -9.60 39.33
C VAL A 149 24.50 -10.49 39.12
N LEU A 150 23.68 -10.20 38.07
CA LEU A 150 22.51 -10.97 37.72
C LEU A 150 22.82 -12.41 37.33
N PHE A 151 23.98 -12.70 36.69
CA PHE A 151 24.38 -14.08 36.35
C PHE A 151 24.51 -14.92 37.63
N GLY A 152 25.17 -14.36 38.65
CA GLY A 152 25.35 -15.01 39.95
C GLY A 152 24.06 -15.20 40.71
N LEU A 153 23.20 -14.20 40.64
CA LEU A 153 21.90 -14.24 41.32
C LEU A 153 20.98 -15.25 40.68
N LEU A 154 20.89 -15.21 39.35
CA LEU A 154 20.04 -16.10 38.59
C LEU A 154 20.55 -17.55 38.56
N LYS A 155 21.91 -17.75 38.65
CA LYS A 155 22.48 -19.09 38.79
C LYS A 155 21.90 -19.72 40.06
N LYS A 156 21.79 -18.93 41.15
CA LYS A 156 21.23 -19.38 42.43
C LYS A 156 19.71 -19.63 42.31
N THR A 157 18.96 -18.71 41.65
CA THR A 157 17.50 -18.79 41.41
C THR A 157 17.10 -20.08 40.63
N VAL A 158 17.79 -20.38 39.53
CA VAL A 158 17.60 -21.54 38.65
C VAL A 158 17.64 -22.89 39.43
N GLN A 159 18.41 -22.93 40.52
CA GLN A 159 18.54 -24.10 41.39
C GLN A 159 17.30 -24.25 42.27
N LYS A 160 16.78 -23.15 42.80
CA LYS A 160 15.61 -23.15 43.67
C LYS A 160 14.31 -23.30 42.86
N ARG A 161 14.16 -22.50 41.79
CA ARG A 161 13.04 -22.46 40.85
C ARG A 161 13.25 -23.43 39.70
N GLN A 162 12.76 -24.64 39.86
CA GLN A 162 12.86 -25.67 38.83
C GLN A 162 11.91 -25.38 37.65
N ASP A 163 10.80 -24.64 37.89
CA ASP A 163 9.77 -24.28 36.91
C ASP A 163 10.17 -23.11 36.01
N MET A 164 11.14 -22.31 36.42
CA MET A 164 11.58 -21.14 35.66
C MET A 164 12.38 -21.52 34.45
N LYS A 165 12.39 -20.63 33.45
CA LYS A 165 13.20 -20.73 32.23
C LYS A 165 14.13 -19.54 32.22
N LEU A 166 15.41 -19.79 31.88
CA LEU A 166 16.45 -18.77 31.80
C LEU A 166 16.99 -18.79 30.39
N ILE A 167 16.89 -17.66 29.69
CA ILE A 167 17.42 -17.46 28.33
C ILE A 167 18.51 -16.39 28.45
N VAL A 168 19.72 -16.68 27.99
CA VAL A 168 20.81 -15.71 28.01
C VAL A 168 21.17 -15.47 26.54
N THR A 169 21.10 -14.20 26.08
CA THR A 169 21.48 -13.89 24.68
C THR A 169 22.93 -13.41 24.60
N SER A 170 23.45 -13.43 23.37
CA SER A 170 24.78 -12.96 22.97
C SER A 170 24.84 -12.74 21.43
N ALA A 171 25.46 -11.64 20.98
CA ALA A 171 25.68 -11.34 19.56
C ALA A 171 27.14 -11.78 19.19
N THR A 172 27.83 -12.39 20.18
CA THR A 172 29.22 -12.83 20.13
C THR A 172 29.42 -14.30 20.55
N LEU A 173 30.58 -14.89 20.16
CA LEU A 173 30.98 -16.24 20.51
C LEU A 173 31.40 -16.36 22.00
N ASP A 174 31.12 -15.29 22.82
CA ASP A 174 31.35 -15.28 24.28
C ASP A 174 30.21 -16.07 24.97
N ALA A 175 29.45 -16.76 24.11
CA ALA A 175 28.36 -17.67 24.41
C ALA A 175 28.92 -18.92 25.04
N VAL A 176 30.14 -19.35 24.63
CA VAL A 176 30.83 -20.53 25.17
C VAL A 176 31.13 -20.36 26.66
N LYS A 177 31.50 -19.14 27.08
CA LYS A 177 31.76 -18.78 28.47
C LYS A 177 30.45 -18.80 29.28
N PHE A 178 29.35 -18.28 28.69
CA PHE A 178 28.02 -18.24 29.34
C PHE A 178 27.44 -19.66 29.49
N SER A 179 27.63 -20.51 28.46
CA SER A 179 27.21 -21.92 28.44
C SER A 179 27.90 -22.68 29.56
N GLN A 180 29.25 -22.60 29.64
CA GLN A 180 30.05 -23.27 30.68
C GLN A 180 29.65 -22.78 32.06
N TYR A 181 29.42 -21.47 32.20
CA TYR A 181 28.99 -20.85 33.46
C TYR A 181 27.65 -21.45 33.96
N PHE A 182 26.66 -21.53 33.05
CA PHE A 182 25.33 -22.03 33.34
C PHE A 182 25.18 -23.55 33.10
N TYR A 183 26.04 -24.32 33.76
CA TYR A 183 26.06 -25.79 33.76
C TYR A 183 26.07 -26.40 32.35
N GLU A 184 26.98 -25.91 31.49
CA GLU A 184 27.17 -26.38 30.10
C GLU A 184 25.82 -26.37 29.34
N ALA A 185 25.05 -25.26 29.49
CA ALA A 185 23.74 -25.00 28.89
C ALA A 185 23.84 -25.06 27.37
N PRO A 186 22.83 -25.57 26.62
CA PRO A 186 22.95 -25.61 25.16
C PRO A 186 22.98 -24.21 24.54
N ILE A 187 23.62 -24.12 23.37
CA ILE A 187 23.74 -22.90 22.58
C ILE A 187 22.87 -23.06 21.34
N PHE A 188 21.93 -22.11 21.16
CA PHE A 188 21.02 -22.02 20.02
C PHE A 188 21.55 -20.90 19.13
N THR A 189 21.85 -21.23 17.85
CA THR A 189 22.36 -20.25 16.90
C THR A 189 21.30 -19.84 15.89
N ILE A 190 21.15 -18.53 15.72
CA ILE A 190 20.26 -17.93 14.71
C ILE A 190 21.19 -17.55 13.52
N PRO A 191 21.17 -18.33 12.41
CA PRO A 191 21.99 -17.97 11.25
C PRO A 191 21.41 -16.70 10.60
N GLY A 192 22.28 -15.91 10.01
CA GLY A 192 21.88 -14.66 9.37
C GLY A 192 22.91 -14.07 8.42
N ARG A 193 22.42 -13.35 7.39
CA ARG A 193 23.28 -12.71 6.40
C ARG A 193 24.00 -11.46 6.93
N THR A 194 25.34 -11.50 6.84
CA THR A 194 26.27 -10.41 7.17
C THR A 194 26.88 -10.03 5.81
N TYR A 195 27.00 -8.72 5.54
CA TYR A 195 27.51 -8.27 4.25
C TYR A 195 28.87 -7.61 4.35
N PRO A 196 29.68 -7.57 3.25
CA PRO A 196 30.98 -6.89 3.32
C PRO A 196 30.88 -5.39 3.64
N VAL A 197 31.77 -4.92 4.53
CA VAL A 197 31.88 -3.53 4.92
C VAL A 197 33.29 -3.06 4.56
N GLU A 198 33.38 -2.09 3.64
CA GLU A 198 34.63 -1.48 3.19
C GLU A 198 35.13 -0.60 4.35
N ILE A 199 36.22 -1.02 5.02
CA ILE A 199 36.80 -0.25 6.14
C ILE A 199 37.80 0.78 5.60
N LEU A 200 37.51 2.07 5.80
CA LEU A 200 38.35 3.17 5.33
C LEU A 200 39.01 3.89 6.50
N TYR A 201 40.37 3.86 6.54
CA TYR A 201 41.16 4.50 7.60
C TYR A 201 41.70 5.83 7.10
N THR A 202 42.10 6.69 8.03
CA THR A 202 42.72 7.97 7.69
C THR A 202 44.23 7.73 7.51
N LYS A 203 44.88 8.55 6.66
CA LYS A 203 46.31 8.42 6.39
C LYS A 203 47.14 8.92 7.59
N GLU A 204 46.59 9.91 8.33
CA GLU A 204 47.20 10.53 9.52
C GLU A 204 46.10 10.82 10.57
N PRO A 205 46.42 10.89 11.89
CA PRO A 205 45.36 11.16 12.89
C PRO A 205 44.71 12.56 12.77
N GLU A 206 43.49 12.71 13.32
CA GLU A 206 42.78 13.98 13.28
C GLU A 206 42.89 14.76 14.59
N THR A 207 43.10 16.09 14.45
CA THR A 207 43.20 17.02 15.57
C THR A 207 41.87 17.10 16.33
N ASP A 208 40.73 17.21 15.59
CA ASP A 208 39.35 17.34 16.10
C ASP A 208 38.44 16.26 15.47
N TYR A 209 38.13 15.16 16.21
CA TYR A 209 37.29 14.09 15.65
C TYR A 209 35.86 14.54 15.35
N LEU A 210 35.35 15.56 16.10
CA LEU A 210 34.03 16.17 15.89
C LEU A 210 33.98 16.77 14.50
N ASP A 211 34.98 17.60 14.13
CA ASP A 211 35.06 18.25 12.82
C ASP A 211 35.13 17.22 11.74
N ALA A 212 36.09 16.27 11.87
CA ALA A 212 36.31 15.14 10.98
C ALA A 212 34.98 14.35 10.71
N SER A 213 34.21 14.03 11.78
CA SER A 213 32.92 13.33 11.67
C SER A 213 31.93 14.14 10.77
N LEU A 214 31.83 15.46 11.02
CA LEU A 214 30.95 16.34 10.26
C LEU A 214 31.37 16.43 8.79
N ILE A 215 32.66 16.64 8.53
CA ILE A 215 33.19 16.66 7.16
C ILE A 215 32.82 15.35 6.43
N THR A 216 33.04 14.17 7.10
CA THR A 216 32.77 12.83 6.55
C THR A 216 31.30 12.67 6.21
N VAL A 217 30.41 13.04 7.15
CA VAL A 217 28.95 12.99 7.01
C VAL A 217 28.51 13.75 5.76
N MET A 218 28.98 15.01 5.58
CA MET A 218 28.64 15.81 4.40
C MET A 218 29.20 15.23 3.10
N GLN A 219 30.45 14.68 3.14
CA GLN A 219 31.06 14.03 1.98
C GLN A 219 30.26 12.77 1.58
N ILE A 220 29.85 11.92 2.57
CA ILE A 220 29.04 10.71 2.32
C ILE A 220 27.71 11.15 1.69
N HIS A 221 27.01 12.11 2.35
CA HIS A 221 25.71 12.59 1.91
C HIS A 221 25.69 13.12 0.47
N LEU A 222 26.67 13.93 0.12
CA LEU A 222 26.66 14.52 -1.22
C LEU A 222 27.20 13.65 -2.29
N THR A 223 28.14 12.72 -1.97
CA THR A 223 28.84 11.98 -3.03
C THR A 223 28.65 10.45 -3.05
N GLU A 224 27.99 9.86 -2.03
CA GLU A 224 27.81 8.40 -1.89
C GLU A 224 26.40 7.92 -2.18
N PRO A 225 26.20 6.71 -2.82
CA PRO A 225 24.82 6.27 -3.17
C PRO A 225 23.89 6.23 -1.97
N PRO A 226 22.55 6.37 -2.13
CA PRO A 226 21.65 6.34 -0.97
C PRO A 226 21.87 5.19 0.05
N GLY A 227 21.62 5.55 1.31
CA GLY A 227 21.80 4.72 2.49
C GLY A 227 21.98 5.67 3.66
N ASP A 228 21.49 5.30 4.83
CA ASP A 228 21.57 6.18 5.97
C ASP A 228 22.93 6.06 6.67
N ILE A 229 23.30 7.13 7.41
CA ILE A 229 24.59 7.26 8.11
C ILE A 229 24.39 7.12 9.63
N LEU A 230 25.31 6.38 10.29
CA LEU A 230 25.35 6.22 11.75
C LEU A 230 26.67 6.81 12.25
N VAL A 231 26.61 7.81 13.14
CA VAL A 231 27.81 8.45 13.71
C VAL A 231 27.89 8.11 15.18
N PHE A 232 29.08 7.63 15.62
CA PHE A 232 29.30 7.25 17.03
C PHE A 232 30.01 8.32 17.81
N LEU A 233 29.30 9.00 18.71
CA LEU A 233 29.94 10.00 19.55
C LEU A 233 29.89 9.55 21.04
N THR A 234 30.39 10.37 21.99
CA THR A 234 30.59 9.91 23.39
C THR A 234 29.53 10.35 24.43
N GLY A 235 28.83 11.46 24.19
CA GLY A 235 27.79 11.96 25.08
C GLY A 235 26.86 12.97 24.46
N GLN A 236 25.85 13.38 25.23
CA GLN A 236 24.80 14.30 24.81
C GLN A 236 25.26 15.72 24.41
N GLU A 237 26.12 16.36 25.23
CA GLU A 237 26.63 17.72 24.97
C GLU A 237 27.29 17.75 23.58
N GLU A 238 28.15 16.75 23.31
CA GLU A 238 28.89 16.52 22.08
C GLU A 238 27.92 16.26 20.92
N ILE A 239 26.87 15.41 21.14
CA ILE A 239 25.86 15.09 20.12
C ILE A 239 25.04 16.35 19.77
N ASP A 240 24.56 17.08 20.77
CA ASP A 240 23.79 18.32 20.63
C ASP A 240 24.55 19.37 19.83
N THR A 241 25.88 19.47 20.07
CA THR A 241 26.79 20.37 19.37
C THR A 241 26.97 19.97 17.90
N ALA A 242 27.27 18.66 17.65
CA ALA A 242 27.45 18.08 16.32
C ALA A 242 26.24 18.34 15.46
N CYS A 243 25.03 18.20 16.04
CA CYS A 243 23.75 18.43 15.37
C CYS A 243 23.57 19.88 14.95
N GLU A 244 23.88 20.84 15.86
CA GLU A 244 23.77 22.29 15.62
C GLU A 244 24.68 22.70 14.46
N ILE A 245 25.98 22.35 14.53
CA ILE A 245 26.98 22.68 13.51
C ILE A 245 26.59 22.04 12.16
N LEU A 246 26.24 20.72 12.15
CA LEU A 246 25.82 20.01 10.93
C LEU A 246 24.66 20.74 10.25
N TYR A 247 23.63 21.14 11.04
CA TYR A 247 22.47 21.88 10.56
C TYR A 247 22.92 23.20 9.94
N GLU A 248 23.77 23.98 10.64
CA GLU A 248 24.30 25.25 10.15
C GLU A 248 25.04 25.06 8.83
N ARG A 249 25.97 24.08 8.81
CA ARG A 249 26.80 23.72 7.66
C ARG A 249 25.97 23.27 6.46
N MET A 250 24.90 22.50 6.70
CA MET A 250 24.00 22.04 5.64
C MET A 250 23.19 23.19 5.07
N LYS A 251 22.77 24.14 5.93
CA LYS A 251 22.00 25.33 5.57
C LYS A 251 22.88 26.24 4.68
N SER A 252 24.17 26.36 5.03
CA SER A 252 25.20 27.14 4.32
C SER A 252 25.36 26.70 2.86
N LEU A 253 25.03 25.42 2.54
CA LEU A 253 25.13 24.86 1.18
C LEU A 253 24.08 25.44 0.23
N GLY A 254 22.93 25.84 0.77
CA GLY A 254 21.86 26.46 -0.03
C GLY A 254 20.60 25.63 -0.16
N PRO A 255 19.58 26.17 -0.87
CA PRO A 255 18.30 25.42 -1.00
C PRO A 255 18.26 24.30 -2.04
N ASP A 256 19.21 24.30 -2.99
CA ASP A 256 19.24 23.28 -4.05
C ASP A 256 19.65 21.87 -3.54
N VAL A 257 20.47 21.83 -2.47
CA VAL A 257 21.07 20.63 -1.86
C VAL A 257 20.03 19.64 -1.28
N PRO A 258 20.22 18.30 -1.52
CA PRO A 258 19.27 17.30 -0.96
C PRO A 258 19.24 17.29 0.56
N GLU A 259 18.05 17.07 1.13
CA GLU A 259 17.79 17.05 2.56
C GLU A 259 18.53 15.94 3.35
N LEU A 260 19.15 16.33 4.48
CA LEU A 260 19.83 15.49 5.47
C LEU A 260 19.01 15.65 6.74
N ILE A 261 18.41 14.52 7.21
CA ILE A 261 17.60 14.49 8.41
C ILE A 261 18.55 14.13 9.56
N ILE A 262 18.86 15.13 10.41
CA ILE A 262 19.82 14.97 11.52
C ILE A 262 19.08 14.53 12.77
N LEU A 263 19.43 13.33 13.28
CA LEU A 263 18.73 12.69 14.38
C LEU A 263 19.60 12.35 15.57
N PRO A 264 19.56 13.16 16.68
CA PRO A 264 20.33 12.80 17.87
C PRO A 264 19.76 11.57 18.56
N VAL A 265 20.60 10.81 19.28
CA VAL A 265 20.21 9.63 20.06
C VAL A 265 21.03 9.59 21.36
N TYR A 266 20.33 9.78 22.50
CA TYR A 266 20.90 9.72 23.87
C TYR A 266 19.80 9.54 24.94
N SER A 267 20.19 8.96 26.12
CA SER A 267 19.34 8.66 27.31
C SER A 267 18.24 9.69 27.64
N ALA A 268 18.56 10.99 27.68
CA ALA A 268 17.60 12.05 28.05
C ALA A 268 16.77 12.60 26.90
N LEU A 269 16.56 11.77 25.84
CA LEU A 269 15.80 12.18 24.64
C LEU A 269 14.29 12.01 24.78
N PRO A 270 13.49 13.08 24.48
CA PRO A 270 12.02 12.95 24.48
C PRO A 270 11.56 11.78 23.61
N SER A 271 10.55 11.02 24.04
CA SER A 271 10.08 9.85 23.30
C SER A 271 9.66 10.16 21.85
N GLU A 272 9.20 11.39 21.54
CA GLU A 272 8.81 11.76 20.17
C GLU A 272 10.03 11.74 19.25
N MET A 273 11.19 12.16 19.79
CA MET A 273 12.51 12.22 19.16
C MET A 273 13.06 10.80 18.92
N GLN A 274 12.71 9.86 19.81
CA GLN A 274 13.11 8.45 19.78
C GLN A 274 12.44 7.70 18.63
N THR A 275 11.15 8.00 18.33
CA THR A 275 10.42 7.30 17.27
C THR A 275 10.93 7.70 15.88
N ARG A 276 11.31 8.99 15.70
CA ARG A 276 11.86 9.55 14.45
C ARG A 276 13.06 8.76 13.92
N ILE A 277 13.89 8.19 14.81
CA ILE A 277 15.10 7.46 14.38
C ILE A 277 14.76 6.12 13.71
N PHE A 278 13.51 5.64 13.84
CA PHE A 278 13.10 4.39 13.20
C PHE A 278 12.26 4.62 11.93
N ASP A 279 11.81 5.86 11.68
CA ASP A 279 11.03 6.17 10.49
C ASP A 279 11.93 6.21 9.28
N PRO A 280 11.57 5.55 8.15
CA PRO A 280 12.42 5.63 6.94
C PRO A 280 12.39 7.07 6.38
N ALA A 281 13.51 7.48 5.80
CA ALA A 281 13.64 8.80 5.22
C ALA A 281 12.68 8.96 4.05
N PRO A 282 12.15 10.18 3.78
CA PRO A 282 11.33 10.38 2.58
C PRO A 282 12.20 10.19 1.34
N PRO A 283 11.67 9.91 0.11
CA PRO A 283 12.58 9.79 -1.06
C PRO A 283 13.25 11.13 -1.36
N GLY A 284 14.52 11.07 -1.75
CA GLY A 284 15.30 12.26 -2.03
C GLY A 284 15.96 12.86 -0.80
N SER A 285 15.62 12.32 0.39
CA SER A 285 16.19 12.69 1.70
C SER A 285 17.06 11.52 2.23
N ARG A 286 17.94 11.82 3.20
CA ARG A 286 18.84 10.86 3.84
C ARG A 286 18.87 11.11 5.34
N LYS A 287 19.01 10.04 6.14
CA LYS A 287 19.10 10.18 7.60
C LYS A 287 20.52 10.05 8.09
N VAL A 288 20.88 10.84 9.11
CA VAL A 288 22.14 10.75 9.85
C VAL A 288 21.77 10.61 11.32
N VAL A 289 22.02 9.43 11.89
CA VAL A 289 21.74 9.14 13.29
C VAL A 289 23.03 9.37 14.04
N ILE A 290 23.03 10.44 14.85
CA ILE A 290 24.18 10.82 15.70
C ILE A 290 23.89 10.26 17.13
N ALA A 291 24.52 9.09 17.43
CA ALA A 291 24.26 8.31 18.64
C ALA A 291 25.49 8.05 19.48
N THR A 292 25.31 7.42 20.63
CA THR A 292 26.40 6.95 21.52
C THR A 292 26.57 5.44 21.24
N ASN A 293 27.32 4.73 22.10
CA ASN A 293 27.58 3.29 21.94
C ASN A 293 26.32 2.44 22.09
N ILE A 294 25.14 3.08 22.41
CA ILE A 294 23.80 2.43 22.51
C ILE A 294 23.52 1.77 21.16
N ALA A 295 23.93 2.45 20.07
CA ALA A 295 23.73 2.03 18.69
C ALA A 295 24.61 0.89 18.23
N GLU A 296 25.58 0.44 19.06
CA GLU A 296 26.45 -0.69 18.70
C GLU A 296 25.70 -2.02 18.68
N THR A 297 24.79 -2.25 19.65
CA THR A 297 24.01 -3.50 19.76
C THR A 297 22.58 -3.30 20.27
N SER A 298 22.36 -2.36 21.21
CA SER A 298 21.05 -2.12 21.83
C SER A 298 19.99 -1.65 20.86
N LEU A 299 20.31 -0.66 19.98
CA LEU A 299 19.32 -0.16 19.02
C LEU A 299 19.69 -0.61 17.63
N THR A 300 18.66 -0.99 16.86
CA THR A 300 18.80 -1.48 15.49
C THR A 300 17.94 -0.62 14.58
N ILE A 301 18.60 0.21 13.72
CA ILE A 301 17.94 1.12 12.78
C ILE A 301 18.08 0.49 11.40
N ASP A 302 17.00 0.46 10.63
CA ASP A 302 17.03 -0.09 9.29
C ASP A 302 17.51 0.98 8.32
N GLY A 303 18.08 0.54 7.20
CA GLY A 303 18.55 1.42 6.13
C GLY A 303 19.92 2.01 6.33
N ILE A 304 20.66 1.56 7.31
CA ILE A 304 21.99 2.11 7.54
C ILE A 304 23.03 1.37 6.72
N TYR A 305 23.79 2.13 5.89
CA TYR A 305 24.84 1.59 5.01
C TYR A 305 26.20 2.24 5.25
N TYR A 306 26.24 3.32 6.04
CA TYR A 306 27.49 4.04 6.33
C TYR A 306 27.63 4.29 7.79
N VAL A 307 28.84 4.12 8.31
CA VAL A 307 29.17 4.31 9.72
C VAL A 307 30.42 5.20 9.79
N VAL A 308 30.39 6.21 10.65
CA VAL A 308 31.50 7.13 10.88
C VAL A 308 31.94 6.82 12.31
N ASP A 309 33.21 6.39 12.48
CA ASP A 309 33.79 5.98 13.74
C ASP A 309 35.01 6.80 14.19
N PRO A 310 34.82 7.78 15.11
CA PRO A 310 35.97 8.55 15.65
C PRO A 310 36.86 7.72 16.56
N GLY A 311 36.35 6.60 17.09
CA GLY A 311 37.09 5.64 17.90
C GLY A 311 37.10 5.81 19.40
N PHE A 312 36.20 6.65 19.94
CA PHE A 312 36.11 6.96 21.37
C PHE A 312 34.81 6.51 22.01
N VAL A 313 34.90 6.26 23.33
CA VAL A 313 33.81 5.81 24.18
C VAL A 313 33.98 6.38 25.61
N LYS A 314 32.87 6.74 26.25
CA LYS A 314 32.91 7.25 27.63
C LYS A 314 32.76 6.03 28.55
N GLN A 315 33.79 5.72 29.36
CA GLN A 315 33.69 4.56 30.24
C GLN A 315 34.34 4.77 31.60
N LYS A 316 33.84 4.02 32.60
CA LYS A 316 34.31 4.04 33.97
C LYS A 316 35.68 3.41 34.09
N VAL A 317 36.61 4.17 34.67
CA VAL A 317 37.98 3.78 34.98
C VAL A 317 38.07 3.78 36.52
N TYR A 318 38.84 2.87 37.10
CA TYR A 318 38.94 2.75 38.55
C TYR A 318 40.36 2.91 39.04
N ASN A 319 40.55 3.57 40.18
CA ASN A 319 41.86 3.65 40.81
C ASN A 319 41.84 2.71 41.99
N SER A 320 42.51 1.54 41.87
CA SER A 320 42.54 0.48 42.90
C SER A 320 43.12 0.95 44.23
N LYS A 321 44.13 1.84 44.20
CA LYS A 321 44.81 2.40 45.37
C LYS A 321 43.90 3.33 46.18
N THR A 322 43.31 4.35 45.53
CA THR A 322 42.43 5.33 46.17
C THR A 322 40.96 4.85 46.32
N GLY A 323 40.56 3.87 45.51
CA GLY A 323 39.20 3.32 45.51
C GLY A 323 38.18 4.19 44.80
N ILE A 324 38.64 5.18 43.99
CA ILE A 324 37.77 6.12 43.28
C ILE A 324 37.66 5.74 41.81
N ASP A 325 36.42 5.67 41.31
CA ASP A 325 36.17 5.44 39.88
C ASP A 325 35.71 6.76 39.21
N GLN A 326 35.77 6.81 37.86
CA GLN A 326 35.42 8.01 37.09
C GLN A 326 35.11 7.69 35.64
N LEU A 327 34.13 8.42 35.07
CA LEU A 327 33.78 8.34 33.66
C LEU A 327 34.81 9.14 32.90
N VAL A 328 35.46 8.50 31.91
CA VAL A 328 36.50 9.09 31.08
C VAL A 328 36.34 8.72 29.60
N VAL A 329 36.74 9.61 28.67
CA VAL A 329 36.65 9.34 27.25
C VAL A 329 37.95 8.66 26.85
N THR A 330 37.86 7.40 26.43
CA THR A 330 39.02 6.59 26.05
C THR A 330 38.80 5.92 24.69
N PRO A 331 39.84 5.42 23.99
CA PRO A 331 39.59 4.67 22.74
C PRO A 331 38.79 3.39 23.01
N ILE A 332 38.09 2.90 21.96
CA ILE A 332 37.29 1.67 21.97
C ILE A 332 38.23 0.44 21.85
N SER A 333 37.73 -0.76 22.21
CA SER A 333 38.47 -2.00 22.00
C SER A 333 38.34 -2.35 20.50
N GLN A 334 39.16 -3.29 20.03
CA GLN A 334 39.11 -3.76 18.64
C GLN A 334 37.77 -4.43 18.34
N ALA A 335 37.21 -5.13 19.35
CA ALA A 335 35.92 -5.82 19.30
C ALA A 335 34.78 -4.85 19.04
N GLN A 336 34.79 -3.67 19.70
CA GLN A 336 33.80 -2.57 19.53
C GLN A 336 33.91 -1.98 18.12
N ALA A 337 35.15 -1.72 17.61
CA ALA A 337 35.39 -1.22 16.24
C ALA A 337 34.72 -2.15 15.20
N LYS A 338 34.82 -3.48 15.42
CA LYS A 338 34.21 -4.50 14.56
C LYS A 338 32.69 -4.45 14.67
N GLN A 339 32.17 -4.18 15.90
CA GLN A 339 30.71 -4.05 16.14
C GLN A 339 30.13 -2.83 15.46
N ARG A 340 30.85 -1.67 15.53
CA ARG A 340 30.48 -0.40 14.89
C ARG A 340 30.45 -0.57 13.39
N ALA A 341 31.52 -1.13 12.81
CA ALA A 341 31.62 -1.40 11.37
C ALA A 341 30.50 -2.33 10.85
N GLY A 342 30.20 -3.36 11.63
CA GLY A 342 29.15 -4.32 11.32
C GLY A 342 27.77 -3.72 11.11
N ARG A 343 27.52 -2.51 11.66
CA ARG A 343 26.23 -1.80 11.55
C ARG A 343 25.96 -1.30 10.14
N ALA A 344 27.01 -1.20 9.32
CA ALA A 344 26.91 -0.77 7.93
C ALA A 344 26.68 -1.99 6.98
N GLY A 345 26.75 -3.22 7.50
CA GLY A 345 26.59 -4.46 6.73
C GLY A 345 25.49 -5.40 7.19
N ARG A 346 24.38 -4.84 7.68
CA ARG A 346 23.23 -5.61 8.14
C ARG A 346 22.24 -5.96 7.03
N THR A 347 21.81 -4.97 6.18
CA THR A 347 20.83 -5.21 5.10
C THR A 347 21.45 -5.20 3.68
N GLY A 348 22.75 -4.91 3.62
CA GLY A 348 23.50 -4.89 2.38
C GLY A 348 24.95 -4.50 2.59
N PRO A 349 25.80 -4.57 1.55
CA PRO A 349 27.20 -4.12 1.71
C PRO A 349 27.27 -2.64 2.11
N GLY A 350 28.25 -2.27 2.89
CA GLY A 350 28.37 -0.88 3.34
C GLY A 350 29.78 -0.40 3.51
N LYS A 351 29.91 0.83 4.04
CA LYS A 351 31.22 1.45 4.26
C LYS A 351 31.35 1.94 5.68
N CYS A 352 32.54 1.76 6.28
CA CYS A 352 32.87 2.24 7.63
C CYS A 352 34.06 3.14 7.53
N TYR A 353 33.87 4.41 7.95
CA TYR A 353 34.91 5.42 7.95
C TYR A 353 35.49 5.57 9.36
N ARG A 354 36.70 5.03 9.56
CA ARG A 354 37.41 5.04 10.83
C ARG A 354 38.30 6.25 10.83
N LEU A 355 38.00 7.17 11.76
CA LEU A 355 38.72 8.44 11.84
C LEU A 355 40.03 8.28 12.64
N TYR A 356 40.79 7.25 12.27
CA TYR A 356 42.06 6.86 12.85
C TYR A 356 42.81 5.96 11.88
N THR A 357 44.15 5.89 12.04
CA THR A 357 45.01 5.12 11.14
C THR A 357 44.88 3.60 11.38
N GLU A 358 45.29 2.81 10.35
CA GLU A 358 45.31 1.35 10.41
C GLU A 358 46.29 0.90 11.51
N ARG A 359 47.41 1.65 11.68
CA ARG A 359 48.43 1.40 12.71
C ARG A 359 47.81 1.59 14.10
N ALA A 360 46.99 2.66 14.27
CA ALA A 360 46.29 2.95 15.54
C ALA A 360 45.33 1.84 15.91
N TYR A 361 44.64 1.22 14.92
CA TYR A 361 43.72 0.09 15.13
C TYR A 361 44.50 -1.15 15.62
N ARG A 362 45.55 -1.49 14.87
CA ARG A 362 46.43 -2.63 15.07
C ARG A 362 47.19 -2.58 16.39
N ASP A 363 47.82 -1.44 16.71
CA ASP A 363 48.68 -1.27 17.89
C ASP A 363 48.03 -0.56 19.08
N GLU A 364 47.51 0.66 18.91
CA GLU A 364 46.92 1.49 19.98
C GLU A 364 45.58 1.00 20.58
N MET A 365 45.00 -0.12 20.08
CA MET A 365 43.71 -0.64 20.58
C MET A 365 43.76 -2.07 21.22
N LEU A 366 43.17 -2.22 22.43
CA LEU A 366 43.01 -3.47 23.19
C LEU A 366 42.09 -4.39 22.40
N THR A 367 42.31 -5.73 22.48
CA THR A 367 41.49 -6.71 21.75
C THR A 367 40.03 -6.61 22.14
N THR A 368 39.80 -6.68 23.46
CA THR A 368 38.50 -6.55 24.11
C THR A 368 38.73 -5.67 25.35
N ASN A 369 37.68 -4.98 25.81
CA ASN A 369 37.78 -4.17 27.01
C ASN A 369 37.64 -5.08 28.25
N VAL A 370 38.09 -4.58 29.41
CA VAL A 370 38.00 -5.26 30.69
C VAL A 370 36.55 -5.17 31.18
N PRO A 371 35.91 -6.27 31.68
CA PRO A 371 34.52 -6.15 32.17
C PRO A 371 34.38 -5.07 33.25
N GLU A 372 33.28 -4.30 33.17
CA GLU A 372 32.97 -3.20 34.08
C GLU A 372 33.26 -3.47 35.57
N ILE A 373 33.02 -4.72 36.04
CA ILE A 373 33.22 -5.18 37.42
C ILE A 373 34.70 -5.13 37.84
N GLN A 374 35.64 -5.12 36.87
CA GLN A 374 37.09 -5.06 37.15
C GLN A 374 37.69 -3.66 36.85
N ARG A 375 36.85 -2.62 36.66
CA ARG A 375 37.25 -1.24 36.36
C ARG A 375 36.26 -0.22 36.93
N THR A 376 35.67 -0.55 38.08
CA THR A 376 34.70 0.30 38.77
C THR A 376 34.57 -0.05 40.30
N ASN A 377 34.20 0.98 41.10
CA ASN A 377 34.00 0.94 42.55
C ASN A 377 32.80 0.03 42.87
N LEU A 378 33.01 -0.94 43.78
CA LEU A 378 32.06 -2.00 44.12
C LEU A 378 31.22 -1.75 45.36
N ALA A 379 31.28 -0.54 45.97
CA ALA A 379 30.54 -0.21 47.21
C ALA A 379 29.04 -0.41 47.09
N SER A 380 28.45 0.06 45.99
CA SER A 380 27.02 -0.09 45.71
C SER A 380 26.65 -1.59 45.54
N THR A 381 27.47 -2.32 44.76
CA THR A 381 27.35 -3.76 44.47
C THR A 381 27.36 -4.56 45.78
N VAL A 382 28.36 -4.31 46.66
CA VAL A 382 28.53 -4.99 47.95
C VAL A 382 27.34 -4.70 48.87
N LEU A 383 26.86 -3.44 48.89
CA LEU A 383 25.72 -3.01 49.70
C LEU A 383 24.44 -3.75 49.28
N SER A 384 24.24 -3.94 47.95
CA SER A 384 23.09 -4.65 47.37
C SER A 384 23.13 -6.10 47.78
N LEU A 385 24.32 -6.73 47.67
CA LEU A 385 24.55 -8.13 48.03
C LEU A 385 24.36 -8.38 49.52
N LYS A 386 24.84 -7.45 50.40
CA LYS A 386 24.66 -7.59 51.85
C LYS A 386 23.18 -7.50 52.23
N ALA A 387 22.39 -6.65 51.52
CA ALA A 387 20.94 -6.48 51.72
C ALA A 387 20.13 -7.74 51.37
N MET A 388 20.66 -8.61 50.47
CA MET A 388 20.06 -9.90 50.05
C MET A 388 20.50 -11.05 50.95
N GLY A 389 21.31 -10.77 51.97
CA GLY A 389 21.83 -11.77 52.89
C GLY A 389 23.12 -12.43 52.43
N ILE A 390 23.71 -11.91 51.31
CA ILE A 390 24.96 -12.45 50.76
C ILE A 390 26.14 -11.78 51.47
N ASN A 391 26.63 -12.43 52.54
CA ASN A 391 27.73 -11.92 53.35
C ASN A 391 29.09 -12.53 52.95
N ASP A 392 29.11 -13.82 52.51
CA ASP A 392 30.33 -14.49 52.06
C ASP A 392 30.55 -14.11 50.58
N LEU A 393 31.13 -12.91 50.35
CA LEU A 393 31.41 -12.37 49.01
C LEU A 393 32.40 -13.22 48.21
N LEU A 394 33.32 -13.92 48.93
CA LEU A 394 34.30 -14.83 48.35
C LEU A 394 33.58 -16.07 47.78
N SER A 395 32.49 -16.50 48.45
CA SER A 395 31.67 -17.64 48.04
C SER A 395 30.78 -17.33 46.82
N PHE A 396 30.50 -16.04 46.53
CA PHE A 396 29.66 -15.61 45.40
C PHE A 396 30.34 -15.99 44.09
N ASP A 397 29.60 -16.70 43.21
CA ASP A 397 30.11 -17.18 41.94
C ASP A 397 29.97 -16.13 40.87
N PHE A 398 31.03 -15.33 40.65
CA PHE A 398 31.07 -14.31 39.60
C PHE A 398 31.58 -14.99 38.33
N MET A 399 31.18 -14.49 37.15
CA MET A 399 31.71 -15.08 35.93
C MET A 399 33.13 -14.56 35.69
N ASP A 400 33.33 -13.25 35.92
CA ASP A 400 34.62 -12.59 35.85
C ASP A 400 34.80 -11.85 37.16
N ALA A 401 35.44 -12.54 38.12
CA ALA A 401 35.67 -12.08 39.47
C ALA A 401 36.39 -10.73 39.59
N PRO A 402 35.90 -9.81 40.43
CA PRO A 402 36.63 -8.55 40.63
C PRO A 402 37.86 -8.83 41.54
N PRO A 403 38.90 -7.98 41.56
CA PRO A 403 40.04 -8.29 42.45
C PRO A 403 39.60 -8.28 43.90
N MET A 404 40.10 -9.25 44.69
CA MET A 404 39.83 -9.39 46.13
C MET A 404 40.07 -8.06 46.90
N GLU A 405 41.07 -7.29 46.44
CA GLU A 405 41.41 -5.97 46.96
C GLU A 405 40.22 -5.01 46.80
N THR A 406 39.53 -5.02 45.62
CA THR A 406 38.36 -4.16 45.32
C THR A 406 37.16 -4.47 46.21
N LEU A 407 36.93 -5.77 46.48
CA LEU A 407 35.84 -6.17 47.35
C LEU A 407 36.15 -5.70 48.78
N ILE A 408 37.43 -5.78 49.21
CA ILE A 408 37.92 -5.28 50.51
C ILE A 408 37.77 -3.74 50.57
N THR A 409 38.20 -3.02 49.50
CA THR A 409 38.09 -1.56 49.41
C THR A 409 36.64 -1.11 49.57
N ALA A 410 35.71 -1.79 48.84
CA ALA A 410 34.27 -1.57 48.86
C ALA A 410 33.69 -1.72 50.29
N MET A 411 34.08 -2.81 51.03
CA MET A 411 33.69 -3.17 52.41
C MET A 411 34.09 -2.09 53.40
N GLU A 412 35.35 -1.63 53.34
CA GLU A 412 35.85 -0.58 54.23
C GLU A 412 35.26 0.80 53.93
N GLN A 413 34.73 1.04 52.72
CA GLN A 413 34.14 2.33 52.42
C GLN A 413 32.76 2.44 53.04
N LEU A 414 31.98 1.32 53.01
CA LEU A 414 30.64 1.22 53.58
C LEU A 414 30.75 1.28 55.08
N TYR A 415 31.89 0.77 55.61
CA TYR A 415 32.18 0.79 57.02
C TYR A 415 32.28 2.27 57.43
N THR A 416 33.20 3.05 56.81
CA THR A 416 33.39 4.47 57.12
C THR A 416 32.11 5.30 56.89
N LEU A 417 31.18 4.79 56.04
CA LEU A 417 29.90 5.41 55.75
C LEU A 417 28.90 5.12 56.87
N GLY A 418 29.12 4.00 57.55
CA GLY A 418 28.28 3.54 58.64
C GLY A 418 27.22 2.57 58.18
N ALA A 419 27.41 1.96 57.00
CA ALA A 419 26.50 0.98 56.44
C ALA A 419 26.85 -0.41 56.99
N LEU A 420 28.14 -0.69 57.20
CA LEU A 420 28.60 -1.97 57.75
C LEU A 420 29.25 -1.74 59.08
N ASP A 421 29.06 -2.68 60.02
CA ASP A 421 29.68 -2.69 61.34
C ASP A 421 31.02 -3.45 61.31
N ASP A 422 31.64 -3.64 62.49
CA ASP A 422 32.94 -4.31 62.71
C ASP A 422 32.99 -5.74 62.13
N GLU A 423 31.87 -6.50 62.27
CA GLU A 423 31.74 -7.88 61.79
C GLU A 423 31.31 -7.96 60.31
N GLY A 424 31.36 -6.82 59.61
CA GLY A 424 31.00 -6.70 58.20
C GLY A 424 29.52 -6.85 57.90
N LEU A 425 28.66 -6.84 58.92
CA LEU A 425 27.22 -6.97 58.77
C LEU A 425 26.55 -5.62 58.63
N LEU A 426 25.36 -5.58 58.00
CA LEU A 426 24.59 -4.35 57.82
C LEU A 426 24.10 -3.76 59.13
N THR A 427 24.16 -2.44 59.24
CA THR A 427 23.68 -1.68 60.39
C THR A 427 22.24 -1.21 60.05
N ARG A 428 21.56 -0.51 61.00
CA ARG A 428 20.21 0.05 60.76
C ARG A 428 20.32 1.08 59.61
N LEU A 429 21.43 1.83 59.56
CA LEU A 429 21.75 2.80 58.52
C LEU A 429 21.86 2.09 57.19
N GLY A 430 22.68 1.04 57.14
CA GLY A 430 22.91 0.26 55.93
C GLY A 430 21.65 -0.33 55.35
N ARG A 431 20.75 -0.81 56.22
CA ARG A 431 19.46 -1.39 55.86
C ARG A 431 18.57 -0.28 55.27
N ARG A 432 18.49 0.88 55.96
CA ARG A 432 17.73 2.05 55.53
C ARG A 432 18.22 2.60 54.20
N MET A 433 19.56 2.63 54.00
CA MET A 433 20.23 3.07 52.79
C MET A 433 19.83 2.15 51.65
N ALA A 434 19.81 0.82 51.88
CA ALA A 434 19.47 -0.19 50.87
C ALA A 434 18.03 -0.10 50.34
N GLU A 435 17.16 0.63 51.05
CA GLU A 435 15.76 0.82 50.63
C GLU A 435 15.61 1.89 49.51
N PHE A 436 16.69 2.60 49.16
CA PHE A 436 16.65 3.65 48.14
C PHE A 436 17.44 3.28 46.89
N PRO A 437 16.85 3.54 45.68
CA PRO A 437 17.59 3.27 44.42
C PRO A 437 18.63 4.34 44.10
N LEU A 438 19.51 4.66 45.06
CA LEU A 438 20.54 5.68 44.85
C LEU A 438 21.92 5.16 45.21
N GLU A 439 22.99 5.86 44.73
CA GLU A 439 24.37 5.51 45.07
C GLU A 439 24.61 5.73 46.59
N PRO A 440 25.44 4.88 47.27
CA PRO A 440 25.56 4.97 48.74
C PRO A 440 25.83 6.34 49.37
N MET A 441 26.62 7.21 48.74
CA MET A 441 26.89 8.55 49.28
C MET A 441 25.62 9.41 49.32
N LEU A 442 24.72 9.22 48.33
CA LEU A 442 23.40 9.90 48.23
C LEU A 442 22.44 9.35 49.28
N CYS A 443 22.38 8.00 49.49
CA CYS A 443 21.54 7.36 50.50
C CYS A 443 21.88 7.89 51.85
N LYS A 444 23.16 7.82 52.20
CA LYS A 444 23.68 8.26 53.47
C LYS A 444 23.21 9.67 53.84
N MET A 445 23.35 10.63 52.92
CA MET A 445 23.01 12.01 53.20
C MET A 445 21.51 12.21 53.34
N LEU A 446 20.72 11.38 52.67
CA LEU A 446 19.26 11.41 52.83
C LEU A 446 18.85 10.84 54.21
N ILE A 447 19.40 9.68 54.63
CA ILE A 447 19.09 9.08 55.94
C ILE A 447 19.61 9.98 57.09
N MET A 448 20.78 10.64 56.94
CA MET A 448 21.35 11.56 57.92
C MET A 448 20.53 12.84 58.13
N SER A 449 19.88 13.34 57.05
CA SER A 449 19.03 14.54 57.07
C SER A 449 17.76 14.34 57.91
N VAL A 450 17.37 13.07 58.12
CA VAL A 450 16.26 12.69 59.00
C VAL A 450 16.73 13.04 60.44
N HIS A 451 17.97 12.62 60.80
CA HIS A 451 18.52 12.84 62.13
C HIS A 451 18.90 14.27 62.35
N LEU A 452 19.33 14.95 61.27
CA LEU A 452 19.75 16.33 61.31
C LEU A 452 18.61 17.33 61.14
N GLY A 453 17.37 16.85 60.93
CA GLY A 453 16.18 17.70 60.81
C GLY A 453 16.07 18.58 59.59
N CYS A 454 16.47 18.05 58.40
CA CYS A 454 16.43 18.71 57.11
C CYS A 454 16.05 17.78 55.94
N SER A 455 15.31 16.68 56.21
CA SER A 455 14.87 15.72 55.15
C SER A 455 13.92 16.31 54.10
N GLU A 456 13.21 17.40 54.44
CA GLU A 456 12.35 18.09 53.46
C GLU A 456 13.26 18.69 52.37
N GLU A 457 14.39 19.25 52.81
CA GLU A 457 15.37 19.85 51.94
C GLU A 457 16.17 18.81 51.15
N MET A 458 16.65 17.77 51.85
CA MET A 458 17.40 16.68 51.22
C MET A 458 16.64 15.94 50.15
N LEU A 459 15.31 15.71 50.34
CA LEU A 459 14.46 15.07 49.33
C LEU A 459 14.49 15.84 48.02
N THR A 460 14.53 17.18 48.10
CA THR A 460 14.61 18.04 46.91
C THR A 460 16.00 17.97 46.28
N ILE A 461 17.07 18.12 47.11
CA ILE A 461 18.47 18.09 46.64
C ILE A 461 18.79 16.76 45.99
N VAL A 462 18.46 15.62 46.63
CA VAL A 462 18.71 14.30 46.05
C VAL A 462 18.00 14.19 44.69
N SER A 463 16.79 14.74 44.59
CA SER A 463 16.00 14.70 43.35
C SER A 463 16.59 15.58 42.26
N MET A 464 17.06 16.81 42.61
CA MET A 464 17.67 17.75 41.66
C MET A 464 18.99 17.21 41.12
N LEU A 465 19.72 16.48 41.95
CA LEU A 465 20.98 15.84 41.61
C LEU A 465 20.75 14.57 40.73
N SER A 466 19.51 14.07 40.69
CA SER A 466 19.15 12.87 39.91
C SER A 466 18.60 13.23 38.51
N VAL A 467 18.58 14.55 38.17
CA VAL A 467 18.15 15.08 36.88
C VAL A 467 19.29 15.83 36.17
N GLN A 468 19.27 15.84 34.85
CA GLN A 468 20.28 16.53 34.06
C GLN A 468 19.67 17.80 33.47
N ASN A 469 20.53 18.72 33.02
CA ASN A 469 20.12 19.96 32.32
C ASN A 469 19.05 20.79 33.06
N VAL A 470 19.35 21.27 34.29
CA VAL A 470 18.37 22.08 35.05
C VAL A 470 18.33 23.51 34.48
N PHE A 471 19.49 24.04 34.09
CA PHE A 471 19.61 25.37 33.55
C PHE A 471 19.71 25.34 32.05
N TYR A 472 18.92 26.22 31.38
CA TYR A 472 18.87 26.39 29.95
C TYR A 472 19.92 27.43 29.59
N ARG A 473 20.86 27.05 28.71
CA ARG A 473 21.96 27.92 28.29
C ARG A 473 22.12 27.85 26.77
N PRO A 474 21.27 28.59 25.99
CA PRO A 474 21.42 28.55 24.53
C PRO A 474 22.74 29.16 24.11
N LYS A 475 23.31 28.71 22.98
CA LYS A 475 24.56 29.21 22.39
C LYS A 475 24.46 30.73 22.03
N ASP A 476 23.26 31.17 21.58
CA ASP A 476 22.99 32.57 21.22
C ASP A 476 22.97 33.54 22.45
N LYS A 477 22.34 33.12 23.56
CA LYS A 477 22.10 33.88 24.79
C LYS A 477 22.85 33.32 26.00
N GLN A 478 24.18 33.12 25.91
CA GLN A 478 25.01 32.51 26.98
C GLN A 478 25.26 33.40 28.19
N ALA A 479 25.63 34.68 27.97
CA ALA A 479 25.88 35.69 29.01
C ALA A 479 24.59 35.99 29.79
N LEU A 480 23.47 36.16 29.07
CA LEU A 480 22.16 36.42 29.64
C LEU A 480 21.68 35.25 30.50
N ALA A 481 21.90 33.99 30.03
CA ALA A 481 21.57 32.75 30.77
C ALA A 481 22.28 32.74 32.09
N ASP A 482 23.60 32.97 32.09
CA ASP A 482 24.44 33.03 33.30
C ASP A 482 24.00 34.11 34.30
N GLN A 483 23.47 35.26 33.80
CA GLN A 483 22.96 36.32 34.65
C GLN A 483 21.67 35.84 35.36
N LYS A 484 20.81 35.10 34.63
CA LYS A 484 19.57 34.55 35.16
C LYS A 484 19.82 33.48 36.24
N LYS A 485 20.82 32.60 36.01
CA LYS A 485 21.24 31.53 36.93
C LYS A 485 21.81 32.10 38.25
N ALA A 486 22.63 33.16 38.14
CA ALA A 486 23.27 33.81 39.29
C ALA A 486 22.26 34.32 40.31
N LYS A 487 21.02 34.57 39.89
CA LYS A 487 19.97 35.07 40.78
C LYS A 487 19.59 34.00 41.84
N PHE A 488 19.84 32.71 41.52
CA PHE A 488 19.59 31.56 42.40
C PHE A 488 20.80 31.19 43.27
N HIS A 489 22.00 31.70 42.93
CA HIS A 489 23.24 31.40 43.63
C HIS A 489 23.17 31.65 45.12
N GLN A 490 23.44 30.57 45.90
CA GLN A 490 23.46 30.55 47.35
C GLN A 490 24.90 30.65 47.81
N THR A 491 25.18 31.41 48.91
CA THR A 491 26.55 31.60 49.43
C THR A 491 27.22 30.31 49.90
N GLU A 492 26.41 29.32 50.28
CA GLU A 492 26.87 28.04 50.80
C GLU A 492 27.23 27.02 49.72
N GLY A 493 26.84 27.28 48.46
CA GLY A 493 27.17 26.39 47.35
C GLY A 493 26.10 25.98 46.35
N ASP A 494 26.44 24.97 45.52
CA ASP A 494 25.64 24.42 44.44
C ASP A 494 24.44 23.60 44.87
N HIS A 495 24.56 22.76 45.93
CA HIS A 495 23.44 21.95 46.42
C HIS A 495 22.28 22.81 46.93
N LEU A 496 22.58 23.86 47.66
CA LEU A 496 21.59 24.81 48.15
C LEU A 496 21.08 25.75 47.03
N THR A 497 21.86 25.93 45.94
CA THR A 497 21.39 26.67 44.76
C THR A 497 20.29 25.82 44.09
N LEU A 498 20.48 24.48 44.03
CA LEU A 498 19.53 23.51 43.43
C LEU A 498 18.20 23.49 44.20
N LEU A 499 18.27 23.58 45.54
CA LEU A 499 17.11 23.67 46.42
C LEU A 499 16.37 25.01 46.18
N ALA A 500 17.11 26.14 46.04
CA ALA A 500 16.56 27.47 45.75
C ALA A 500 15.77 27.52 44.44
N VAL A 501 16.29 26.86 43.36
CA VAL A 501 15.64 26.76 42.05
C VAL A 501 14.27 26.06 42.18
N TYR A 502 14.24 24.87 42.84
CA TYR A 502 13.05 24.07 43.05
C TYR A 502 12.03 24.79 43.92
N ASN A 503 12.46 25.33 45.07
CA ASN A 503 11.57 26.07 45.97
C ASN A 503 10.99 27.34 45.32
N SER A 504 11.77 28.09 44.52
CA SER A 504 11.24 29.28 43.85
C SER A 504 10.25 28.91 42.74
N TRP A 505 10.43 27.70 42.14
CA TRP A 505 9.55 27.17 41.12
C TRP A 505 8.21 26.77 41.79
N LYS A 506 8.31 26.02 42.92
CA LYS A 506 7.19 25.57 43.77
C LYS A 506 6.41 26.81 44.25
N ASN A 507 7.10 27.85 44.78
CA ASN A 507 6.47 29.09 45.24
C ASN A 507 5.80 29.87 44.12
N ASN A 508 6.30 29.73 42.87
CA ASN A 508 5.71 30.35 41.67
C ASN A 508 4.73 29.36 41.00
N LYS A 509 4.07 28.52 41.83
CA LYS A 509 3.03 27.54 41.50
C LYS A 509 3.40 26.65 40.30
N PHE A 510 4.66 26.16 40.26
CA PHE A 510 5.19 25.24 39.24
C PHE A 510 4.94 25.71 37.79
N SER A 511 4.90 27.04 37.59
CA SER A 511 4.64 27.75 36.33
C SER A 511 5.67 27.51 35.24
N ASN A 512 5.19 27.13 34.04
CA ASN A 512 6.04 26.98 32.84
C ASN A 512 6.52 28.39 32.40
N PRO A 513 5.68 29.45 32.30
CA PRO A 513 6.22 30.79 31.98
C PRO A 513 7.34 31.28 32.93
N TRP A 514 7.31 30.90 34.24
CA TRP A 514 8.36 31.27 35.20
C TRP A 514 9.70 30.64 34.73
N CYS A 515 9.66 29.38 34.27
CA CYS A 515 10.81 28.65 33.78
C CYS A 515 11.43 29.31 32.56
N TYR A 516 10.57 29.77 31.62
CA TYR A 516 11.01 30.45 30.39
C TYR A 516 11.72 31.76 30.72
N GLU A 517 11.15 32.52 31.67
CA GLU A 517 11.64 33.81 32.14
C GLU A 517 13.03 33.69 32.77
N ASN A 518 13.23 32.64 33.60
CA ASN A 518 14.42 32.38 34.41
C ASN A 518 15.45 31.44 33.77
N PHE A 519 15.22 31.02 32.51
CA PHE A 519 16.09 30.12 31.77
C PHE A 519 16.29 28.79 32.50
N ILE A 520 15.23 28.28 33.12
CA ILE A 520 15.24 26.98 33.81
C ILE A 520 14.50 26.02 32.87
N GLN A 521 14.91 24.74 32.86
CA GLN A 521 14.29 23.72 32.01
C GLN A 521 13.15 23.03 32.74
N ALA A 522 11.90 23.40 32.41
CA ALA A 522 10.71 22.86 33.06
C ALA A 522 10.63 21.33 33.05
N ARG A 523 11.07 20.67 31.95
CA ARG A 523 11.03 19.21 31.85
C ARG A 523 11.84 18.60 32.98
N SER A 524 13.00 19.21 33.30
CA SER A 524 13.91 18.76 34.34
C SER A 524 13.34 18.93 35.75
N LEU A 525 12.67 20.07 36.04
CA LEU A 525 12.07 20.27 37.36
C LEU A 525 10.90 19.31 37.57
N ARG A 526 10.11 19.02 36.50
CA ARG A 526 8.99 18.11 36.53
C ARG A 526 9.45 16.66 36.78
N ARG A 527 10.66 16.33 36.34
CA ARG A 527 11.30 15.03 36.54
C ARG A 527 11.80 14.94 37.99
N ALA A 528 12.37 16.02 38.54
CA ALA A 528 12.83 16.09 39.93
C ALA A 528 11.64 15.96 40.87
N GLN A 529 10.52 16.64 40.56
CA GLN A 529 9.27 16.59 41.32
C GLN A 529 8.74 15.13 41.40
N ASP A 530 8.81 14.42 40.27
CA ASP A 530 8.39 13.02 40.17
C ASP A 530 9.30 12.09 41.01
N ILE A 531 10.64 12.27 40.92
CA ILE A 531 11.61 11.49 41.68
C ILE A 531 11.37 11.72 43.18
N ARG A 532 11.15 13.00 43.58
CA ARG A 532 10.89 13.43 44.96
C ARG A 532 9.67 12.73 45.56
N LYS A 533 8.57 12.66 44.78
CA LYS A 533 7.28 12.03 45.12
C LYS A 533 7.54 10.55 45.44
N GLN A 534 8.38 9.88 44.62
CA GLN A 534 8.74 8.47 44.77
C GLN A 534 9.62 8.25 45.99
N MET A 535 10.62 9.13 46.22
CA MET A 535 11.53 9.02 47.37
C MET A 535 10.76 9.25 48.69
N LEU A 536 9.84 10.24 48.69
CA LEU A 536 8.94 10.56 49.80
C LEU A 536 8.09 9.33 50.17
N GLY A 537 7.71 8.54 49.17
CA GLY A 537 6.96 7.29 49.34
C GLY A 537 7.71 6.26 50.16
N ILE A 538 9.05 6.13 49.92
CA ILE A 538 9.93 5.21 50.65
C ILE A 538 10.09 5.65 52.13
N MET A 539 10.31 6.97 52.34
CA MET A 539 10.42 7.60 53.65
C MET A 539 9.18 7.25 54.47
N ASP A 540 7.98 7.46 53.86
CA ASP A 540 6.69 7.19 54.48
C ASP A 540 6.48 5.73 54.80
N ARG A 541 6.83 4.80 53.87
CA ARG A 541 6.70 3.37 54.13
C ARG A 541 7.54 2.93 55.34
N HIS A 542 8.77 3.47 55.44
CA HIS A 542 9.72 3.10 56.46
C HIS A 542 9.73 4.05 57.64
N LYS A 543 8.68 4.88 57.75
CA LYS A 543 8.43 5.85 58.83
C LYS A 543 9.66 6.77 59.12
N LEU A 544 10.37 7.19 58.08
CA LEU A 544 11.50 8.11 58.18
C LEU A 544 10.90 9.53 58.18
N ASP A 545 11.12 10.29 59.27
CA ASP A 545 10.57 11.63 59.45
C ASP A 545 10.99 12.66 58.38
N VAL A 546 10.01 13.35 57.80
CA VAL A 546 10.23 14.42 56.80
C VAL A 546 10.08 15.77 57.56
N VAL A 547 11.23 16.41 57.87
CA VAL A 547 11.34 17.66 58.64
C VAL A 547 12.04 18.76 57.82
N SER A 548 11.59 20.01 57.95
CA SER A 548 12.27 21.12 57.30
C SER A 548 13.22 21.78 58.31
N CYS A 549 14.32 22.34 57.82
CA CYS A 549 15.34 23.01 58.64
C CYS A 549 15.05 24.50 58.77
N GLY A 550 14.04 25.00 58.06
CA GLY A 550 13.69 26.41 58.00
C GLY A 550 14.86 27.19 57.43
N LYS A 551 15.33 28.19 58.16
CA LYS A 551 16.45 29.02 57.75
C LYS A 551 17.81 28.41 58.14
N SER A 552 17.82 27.38 59.03
CA SER A 552 19.03 26.68 59.50
C SER A 552 19.59 25.73 58.43
N THR A 553 20.00 26.28 57.26
CA THR A 553 20.54 25.51 56.15
C THR A 553 21.91 24.88 56.43
N VAL A 554 22.55 25.20 57.59
CA VAL A 554 23.82 24.58 58.00
C VAL A 554 23.61 23.07 58.22
N ARG A 555 22.38 22.70 58.62
CA ARG A 555 21.94 21.32 58.82
C ARG A 555 22.05 20.56 57.48
N VAL A 556 21.70 21.22 56.36
CA VAL A 556 21.77 20.66 55.00
C VAL A 556 23.24 20.39 54.66
N GLN A 557 24.10 21.38 54.92
CA GLN A 557 25.53 21.30 54.68
C GLN A 557 26.17 20.14 55.45
N LYS A 558 25.78 19.94 56.73
CA LYS A 558 26.28 18.85 57.58
C LYS A 558 25.87 17.49 56.99
N ALA A 559 24.58 17.37 56.54
CA ALA A 559 24.05 16.17 55.94
C ALA A 559 24.81 15.81 54.67
N ILE A 560 25.08 16.79 53.80
CA ILE A 560 25.85 16.58 52.55
C ILE A 560 27.25 16.02 52.88
N CYS A 561 27.91 16.65 53.86
CA CYS A 561 29.23 16.31 54.34
C CYS A 561 29.29 14.89 54.94
N SER A 562 28.22 14.47 55.62
CA SER A 562 28.10 13.16 56.22
C SER A 562 28.10 12.02 55.17
N GLY A 563 27.78 12.35 53.91
CA GLY A 563 27.76 11.40 52.81
C GLY A 563 28.91 11.55 51.82
N PHE A 564 29.38 12.79 51.61
CA PHE A 564 30.43 13.07 50.62
C PHE A 564 31.79 13.52 51.18
N PHE A 565 32.14 13.09 52.41
CA PHE A 565 33.41 13.40 53.08
C PHE A 565 34.61 12.86 52.28
N ARG A 566 34.41 11.75 51.49
CA ARG A 566 35.47 11.18 50.64
C ARG A 566 35.90 12.20 49.61
N ASN A 567 34.96 13.05 49.18
CA ASN A 567 35.14 14.11 48.20
C ASN A 567 35.43 15.49 48.83
N ALA A 568 36.08 15.50 49.99
CA ALA A 568 36.47 16.78 50.60
C ALA A 568 37.76 17.30 49.92
N ALA A 569 37.88 18.63 49.77
CA ALA A 569 39.04 19.32 49.16
C ALA A 569 39.34 20.62 49.90
N LYS A 570 40.63 20.98 50.02
CA LYS A 570 41.06 22.22 50.66
C LYS A 570 41.65 23.17 49.61
N LYS A 571 41.36 24.48 49.76
CA LYS A 571 41.83 25.50 48.82
C LYS A 571 43.35 25.63 48.88
N ASP A 572 44.02 25.52 47.73
CA ASP A 572 45.47 25.64 47.67
C ASP A 572 45.82 27.14 47.61
N PRO A 573 46.85 27.63 48.33
CA PRO A 573 47.16 29.06 48.29
C PRO A 573 47.57 29.61 46.91
N GLN A 574 47.93 28.71 45.95
CA GLN A 574 48.35 29.08 44.61
C GLN A 574 47.28 28.83 43.55
N GLU A 575 46.92 27.56 43.31
CA GLU A 575 45.95 27.20 42.28
C GLU A 575 45.07 26.06 42.74
N GLY A 576 43.78 26.22 42.50
CA GLY A 576 42.74 25.23 42.75
C GLY A 576 42.66 24.69 44.14
N TYR A 577 42.28 23.40 44.25
CA TYR A 577 42.03 22.65 45.48
C TYR A 577 42.76 21.34 45.50
N ARG A 578 43.18 20.87 46.66
CA ARG A 578 43.83 19.57 46.77
C ARG A 578 42.88 18.65 47.53
N THR A 579 42.51 17.53 46.91
CA THR A 579 41.59 16.55 47.50
C THR A 579 42.18 15.98 48.78
N LEU A 580 41.34 15.71 49.78
CA LEU A 580 41.79 15.15 51.05
C LEU A 580 42.35 13.74 50.89
N ILE A 581 41.72 12.91 50.04
CA ILE A 581 42.08 11.50 49.79
C ILE A 581 43.45 11.31 49.15
N ASP A 582 43.68 11.76 47.89
CA ASP A 582 44.97 11.54 47.22
C ASP A 582 45.79 12.82 46.95
N GLN A 583 45.34 13.99 47.47
CA GLN A 583 45.99 15.30 47.29
C GLN A 583 46.12 15.69 45.81
N GLN A 584 45.11 15.32 44.99
CA GLN A 584 45.03 15.65 43.56
C GLN A 584 44.65 17.11 43.43
N VAL A 585 45.08 17.77 42.35
CA VAL A 585 44.73 19.17 42.07
C VAL A 585 43.39 19.16 41.34
N VAL A 586 42.35 19.70 41.98
CA VAL A 586 40.99 19.79 41.46
C VAL A 586 40.51 21.24 41.44
N TYR A 587 39.58 21.57 40.51
CA TYR A 587 39.13 22.93 40.35
C TYR A 587 37.61 23.12 40.45
N ILE A 588 37.18 24.29 40.96
CA ILE A 588 35.78 24.73 40.97
C ILE A 588 35.50 25.20 39.50
N HIS A 589 34.46 24.65 38.88
CA HIS A 589 34.10 24.95 37.50
C HIS A 589 33.50 26.36 37.35
N PRO A 590 33.70 27.10 36.22
CA PRO A 590 33.11 28.45 36.09
C PRO A 590 31.59 28.54 36.28
N SER A 591 30.87 27.41 36.13
CA SER A 591 29.41 27.28 36.29
C SER A 591 28.97 27.13 37.76
N SER A 592 29.94 27.04 38.70
CA SER A 592 29.60 26.87 40.10
C SER A 592 29.17 28.15 40.77
N ALA A 593 28.25 28.04 41.76
CA ALA A 593 27.78 29.15 42.58
C ALA A 593 28.95 29.68 43.44
N LEU A 594 29.98 28.82 43.68
CA LEU A 594 31.18 29.14 44.46
C LEU A 594 32.40 29.59 43.61
N PHE A 595 32.20 29.81 42.31
CA PHE A 595 33.28 30.21 41.42
C PHE A 595 33.89 31.58 41.72
N ASN A 596 33.07 32.56 42.17
CA ASN A 596 33.59 33.88 42.54
C ASN A 596 33.58 34.11 44.06
N ARG A 597 33.59 33.00 44.84
CA ARG A 597 33.62 32.98 46.30
C ARG A 597 34.18 31.62 46.80
N GLN A 598 35.37 31.25 46.31
CA GLN A 598 36.00 29.94 46.61
C GLN A 598 36.38 29.76 48.11
N PRO A 599 35.67 28.89 48.88
CA PRO A 599 36.00 28.76 50.31
C PRO A 599 37.23 27.89 50.60
N GLU A 600 37.65 27.84 51.88
CA GLU A 600 38.80 27.08 52.38
C GLU A 600 38.56 25.59 52.19
N TRP A 601 37.35 25.10 52.55
CA TRP A 601 36.99 23.69 52.44
C TRP A 601 35.68 23.45 51.74
N VAL A 602 35.65 22.43 50.87
CA VAL A 602 34.47 22.03 50.09
C VAL A 602 34.31 20.51 50.05
N VAL A 603 33.12 20.06 49.56
CA VAL A 603 32.75 18.69 49.22
C VAL A 603 32.07 18.79 47.90
N TYR A 604 32.45 17.91 46.98
CA TYR A 604 31.88 17.90 45.65
C TYR A 604 31.09 16.63 45.42
N HIS A 605 30.12 16.69 44.50
CA HIS A 605 29.28 15.54 44.16
C HIS A 605 30.09 14.55 43.32
N GLU A 606 30.74 15.01 42.23
CA GLU A 606 31.56 14.16 41.37
C GLU A 606 32.69 14.94 40.70
N LEU A 607 33.70 14.22 40.18
CA LEU A 607 34.81 14.81 39.42
C LEU A 607 34.56 14.56 37.95
N VAL A 608 34.77 15.61 37.13
CA VAL A 608 34.56 15.61 35.68
C VAL A 608 35.86 16.04 35.00
N LEU A 609 36.42 15.17 34.13
CA LEU A 609 37.67 15.48 33.40
C LEU A 609 37.42 16.07 32.03
N THR A 610 37.74 17.36 31.85
CA THR A 610 37.66 18.08 30.57
C THR A 610 39.07 18.57 30.32
N THR A 611 39.31 19.90 30.29
CA THR A 611 40.67 20.44 30.12
C THR A 611 41.45 20.16 31.41
N LYS A 612 40.78 20.40 32.56
CA LYS A 612 41.26 20.20 33.92
C LYS A 612 40.36 19.17 34.61
N GLU A 613 40.76 18.75 35.80
CA GLU A 613 39.96 17.87 36.65
C GLU A 613 39.05 18.81 37.46
N TYR A 614 37.77 18.89 37.07
CA TYR A 614 36.77 19.77 37.67
C TYR A 614 35.86 19.10 38.67
N MET A 615 35.56 19.80 39.75
CA MET A 615 34.62 19.36 40.76
C MET A 615 33.23 19.79 40.28
N ARG A 616 32.28 18.87 40.30
CA ARG A 616 30.90 19.11 39.86
C ARG A 616 29.97 19.06 41.09
N GLU A 617 29.24 20.16 41.34
CA GLU A 617 28.32 20.39 42.49
C GLU A 617 29.12 20.49 43.77
N VAL A 618 29.47 21.73 44.16
CA VAL A 618 30.36 22.00 45.29
C VAL A 618 29.63 22.72 46.44
N THR A 619 29.84 22.24 47.69
CA THR A 619 29.24 22.78 48.91
C THR A 619 30.35 23.11 49.91
N THR A 620 30.27 24.31 50.55
CA THR A 620 31.19 24.79 51.59
C THR A 620 31.00 23.94 52.85
N ILE A 621 32.12 23.51 53.48
CA ILE A 621 32.08 22.71 54.72
C ILE A 621 33.03 23.27 55.76
N ASP A 622 32.80 22.90 57.01
CA ASP A 622 33.68 23.20 58.13
C ASP A 622 34.50 21.92 58.24
N PRO A 623 35.85 21.99 58.18
CA PRO A 623 36.65 20.77 58.25
C PRO A 623 36.40 19.94 59.50
N ARG A 624 35.83 20.56 60.57
CA ARG A 624 35.46 19.93 61.84
C ARG A 624 34.44 18.83 61.62
N TRP A 625 33.54 19.02 60.63
CA TRP A 625 32.49 18.07 60.30
C TRP A 625 33.03 16.76 59.78
N LEU A 626 34.25 16.76 59.22
CA LEU A 626 34.88 15.53 58.72
C LEU A 626 35.15 14.55 59.89
N VAL A 627 35.63 15.07 61.03
CA VAL A 627 35.88 14.26 62.23
C VAL A 627 34.54 13.84 62.87
N GLU A 628 33.55 14.75 62.83
CA GLU A 628 32.22 14.59 63.39
C GLU A 628 31.39 13.53 62.67
N PHE A 629 31.40 13.53 61.33
CA PHE A 629 30.57 12.64 60.50
C PHE A 629 31.31 11.44 59.87
N ALA A 630 32.65 11.45 59.86
CA ALA A 630 33.43 10.34 59.33
C ALA A 630 34.60 10.02 60.22
N PRO A 631 34.39 9.59 61.48
CA PRO A 631 35.53 9.34 62.36
C PRO A 631 36.37 8.10 62.01
N ALA A 632 35.79 7.11 61.31
CA ALA A 632 36.48 5.86 60.93
C ALA A 632 37.54 6.15 59.89
N PHE A 633 37.29 7.17 59.09
CA PHE A 633 38.10 7.69 58.00
C PHE A 633 39.34 8.46 58.53
N PHE A 634 39.85 8.14 59.75
CA PHE A 634 41.02 8.88 60.25
C PHE A 634 42.12 8.03 60.92
N LYS A 635 43.38 8.56 60.87
CA LYS A 635 44.61 8.05 61.50
C LYS A 635 45.02 9.04 62.66
N VAL A 636 46.08 8.72 63.48
CA VAL A 636 46.56 9.53 64.62
C VAL A 636 45.43 9.72 65.69
N SER A 637 44.97 8.57 66.32
CA SER A 637 43.85 8.46 67.27
C SER A 637 44.18 7.99 68.75
N ASP A 638 45.48 7.91 69.14
CA ASP A 638 45.91 7.45 70.47
C ASP A 638 47.31 8.05 70.87
N PRO A 639 47.95 7.73 72.05
CA PRO A 639 49.28 8.30 72.35
C PRO A 639 50.46 7.47 71.81
N GLN B 8 -5.99 1.21 5.19
CA GLN B 8 -5.16 1.15 3.98
C GLN B 8 -4.56 2.53 3.64
N MET B 9 -4.92 3.56 4.45
CA MET B 9 -4.48 4.95 4.35
C MET B 9 -3.63 5.32 5.58
N SER B 10 -2.54 6.12 5.39
CA SER B 10 -1.65 6.58 6.46
C SER B 10 -2.38 7.39 7.57
N ILE B 11 -1.73 7.60 8.73
CA ILE B 11 -2.34 8.33 9.85
C ILE B 11 -2.61 9.79 9.47
N LEU B 12 -1.68 10.46 8.75
CA LEU B 12 -1.86 11.85 8.31
C LEU B 12 -3.01 12.00 7.31
N GLU B 13 -3.16 11.04 6.38
CA GLU B 13 -4.25 11.02 5.39
C GLU B 13 -5.60 10.82 6.11
N GLN B 14 -5.65 9.89 7.10
CA GLN B 14 -6.83 9.60 7.94
C GLN B 14 -7.24 10.87 8.68
N ARG B 15 -6.25 11.57 9.30
CA ARG B 15 -6.45 12.81 10.07
C ARG B 15 -7.00 13.96 9.22
N GLU B 16 -6.52 14.07 7.97
CA GLU B 16 -6.93 15.12 7.04
C GLU B 16 -8.27 14.83 6.37
N SER B 17 -8.79 13.60 6.54
CA SER B 17 -10.08 13.16 6.02
C SER B 17 -11.23 13.56 6.97
N LEU B 18 -10.90 13.83 8.26
CA LEU B 18 -11.86 14.18 9.31
C LEU B 18 -12.59 15.50 9.06
N PRO B 19 -13.92 15.57 9.36
CA PRO B 19 -14.68 16.81 9.14
C PRO B 19 -14.07 18.06 9.77
N ILE B 20 -13.53 17.90 11.01
CA ILE B 20 -12.92 18.99 11.77
C ILE B 20 -11.69 19.63 11.06
N TYR B 21 -10.92 18.85 10.23
CA TYR B 21 -9.74 19.33 9.49
C TYR B 21 -10.03 20.54 8.61
N LYS B 22 -11.21 20.57 7.97
CA LYS B 22 -11.63 21.67 7.09
C LYS B 22 -11.74 23.01 7.87
N LEU B 23 -12.04 22.94 9.20
CA LEU B 23 -12.18 24.10 10.09
C LEU B 23 -10.99 24.33 11.06
N LYS B 24 -9.87 23.59 10.89
CA LYS B 24 -8.66 23.66 11.72
C LYS B 24 -8.21 25.08 12.07
N GLU B 25 -7.93 25.93 11.05
CA GLU B 25 -7.45 27.30 11.23
C GLU B 25 -8.42 28.19 11.98
N GLN B 26 -9.71 28.10 11.62
CA GLN B 26 -10.77 28.89 12.25
C GLN B 26 -11.03 28.41 13.69
N LEU B 27 -10.83 27.11 13.96
CA LEU B 27 -11.00 26.56 15.29
C LEU B 27 -9.93 27.12 16.22
N VAL B 28 -8.63 27.10 15.78
CA VAL B 28 -7.52 27.60 16.61
C VAL B 28 -7.67 29.13 16.86
N GLN B 29 -8.14 29.91 15.84
CA GLN B 29 -8.38 31.33 15.96
C GLN B 29 -9.53 31.62 16.95
N ALA B 30 -10.58 30.76 16.98
CA ALA B 30 -11.73 30.89 17.87
C ALA B 30 -11.29 30.72 19.30
N VAL B 31 -10.42 29.71 19.55
CA VAL B 31 -9.87 29.43 20.87
C VAL B 31 -9.01 30.65 21.26
N HIS B 32 -8.21 31.17 20.33
CA HIS B 32 -7.38 32.34 20.56
C HIS B 32 -8.22 33.57 21.03
N ASP B 33 -9.32 33.85 20.35
CA ASP B 33 -10.19 35.00 20.59
C ASP B 33 -11.17 34.90 21.78
N ASN B 34 -11.42 33.68 22.28
CA ASN B 34 -12.40 33.48 23.34
C ASN B 34 -11.89 32.60 24.46
N GLN B 35 -12.15 33.00 25.72
CA GLN B 35 -11.74 32.22 26.90
C GLN B 35 -12.51 30.90 26.97
N ILE B 36 -13.84 30.95 26.78
CA ILE B 36 -14.76 29.82 26.78
C ILE B 36 -15.34 29.73 25.37
N LEU B 37 -15.29 28.53 24.81
CA LEU B 37 -15.81 28.21 23.50
C LEU B 37 -16.63 26.94 23.63
N ILE B 38 -17.84 26.93 23.03
CA ILE B 38 -18.72 25.75 23.00
C ILE B 38 -18.49 25.12 21.62
N VAL B 39 -18.13 23.83 21.55
CA VAL B 39 -17.88 23.17 20.26
C VAL B 39 -18.93 22.13 19.99
N ILE B 40 -19.70 22.31 18.92
CA ILE B 40 -20.76 21.41 18.47
C ILE B 40 -20.31 20.78 17.18
N GLY B 41 -20.49 19.46 17.09
CA GLY B 41 -20.11 18.65 15.93
C GLY B 41 -20.57 17.22 16.13
N GLU B 42 -21.00 16.57 15.04
CA GLU B 42 -21.49 15.19 15.06
C GLU B 42 -20.38 14.24 15.51
N THR B 43 -20.72 13.10 16.14
CA THR B 43 -19.76 12.10 16.61
C THR B 43 -18.93 11.61 15.44
N GLY B 44 -17.61 11.56 15.65
CA GLY B 44 -16.64 11.19 14.63
C GLY B 44 -16.12 12.35 13.82
N SER B 45 -16.47 13.61 14.18
CA SER B 45 -15.94 14.75 13.40
C SER B 45 -14.45 15.01 13.71
N GLY B 46 -13.98 14.53 14.87
CA GLY B 46 -12.60 14.59 15.34
C GLY B 46 -12.36 15.52 16.51
N LYS B 47 -13.42 15.84 17.28
CA LYS B 47 -13.32 16.76 18.43
C LYS B 47 -12.34 16.26 19.49
N THR B 48 -12.56 15.04 19.99
CA THR B 48 -11.72 14.44 21.02
C THR B 48 -10.26 14.30 20.64
N THR B 49 -9.98 13.65 19.48
CA THR B 49 -8.59 13.36 19.05
C THR B 49 -7.82 14.54 18.43
N GLN B 50 -8.52 15.48 17.76
CA GLN B 50 -7.81 16.53 17.05
C GLN B 50 -7.68 17.86 17.76
N ILE B 51 -8.69 18.30 18.53
CA ILE B 51 -8.64 19.61 19.21
C ILE B 51 -7.38 19.73 20.06
N THR B 52 -7.04 18.68 20.82
CA THR B 52 -5.87 18.62 21.68
C THR B 52 -4.60 18.88 20.90
N GLN B 53 -4.43 18.14 19.75
CA GLN B 53 -3.29 18.18 18.80
C GLN B 53 -3.13 19.51 18.09
N TYR B 54 -4.24 20.11 17.66
CA TYR B 54 -4.25 21.41 16.97
C TYR B 54 -3.72 22.52 17.87
N LEU B 55 -4.11 22.46 19.15
CA LEU B 55 -3.74 23.47 20.14
C LEU B 55 -2.32 23.27 20.65
N ALA B 56 -1.82 22.04 20.65
CA ALA B 56 -0.44 21.76 21.05
C ALA B 56 0.49 22.34 19.96
N GLU B 57 0.04 22.21 18.68
CA GLU B 57 0.71 22.71 17.48
C GLU B 57 0.70 24.26 17.46
N ALA B 58 -0.39 24.89 17.95
CA ALA B 58 -0.54 26.34 18.08
C ALA B 58 0.35 26.87 19.21
N GLY B 59 0.85 25.95 20.04
CA GLY B 59 1.80 26.22 21.10
C GLY B 59 1.31 26.39 22.50
N TYR B 60 0.06 25.98 22.81
CA TYR B 60 -0.50 26.12 24.15
C TYR B 60 0.19 25.27 25.21
N THR B 61 0.89 24.19 24.82
CA THR B 61 1.64 23.30 25.72
C THR B 61 2.88 23.95 26.34
N SER B 62 3.33 25.10 25.81
CA SER B 62 4.43 25.89 26.34
C SER B 62 4.01 26.57 27.65
N ARG B 63 2.72 26.89 27.79
CA ARG B 63 2.11 27.55 28.95
C ARG B 63 1.71 26.52 30.05
N GLY B 64 1.29 25.32 29.63
CA GLY B 64 0.88 24.27 30.54
C GLY B 64 0.28 23.09 29.82
N LYS B 65 -0.34 22.16 30.56
CA LYS B 65 -0.95 20.97 29.97
C LYS B 65 -2.26 21.29 29.27
N ILE B 66 -2.65 20.41 28.37
CA ILE B 66 -3.93 20.42 27.69
C ILE B 66 -4.58 19.18 28.26
N GLY B 67 -5.59 19.41 29.11
CA GLY B 67 -6.38 18.34 29.73
C GLY B 67 -7.70 18.19 29.03
N CYS B 68 -8.08 16.95 28.70
CA CYS B 68 -9.35 16.66 28.07
C CYS B 68 -10.07 15.55 28.86
N THR B 69 -11.28 15.84 29.41
CA THR B 69 -12.05 14.85 30.16
C THR B 69 -12.68 13.81 29.26
N GLN B 70 -12.84 12.58 29.78
CA GLN B 70 -13.51 11.46 29.13
C GLN B 70 -14.48 10.88 30.16
N PRO B 71 -15.71 10.44 29.78
CA PRO B 71 -16.63 9.98 30.83
C PRO B 71 -16.36 8.57 31.34
N ARG B 72 -15.70 7.73 30.52
CA ARG B 72 -15.41 6.33 30.84
C ARG B 72 -13.93 5.96 30.64
N ARG B 73 -13.48 4.86 31.29
CA ARG B 73 -12.13 4.30 31.27
C ARG B 73 -11.68 3.92 29.85
N VAL B 74 -12.48 3.08 29.16
CA VAL B 74 -12.15 2.62 27.80
C VAL B 74 -12.01 3.80 26.85
N ALA B 75 -12.83 4.86 27.02
CA ALA B 75 -12.74 6.08 26.21
C ALA B 75 -11.38 6.76 26.42
N ALA B 76 -11.01 7.04 27.67
CA ALA B 76 -9.75 7.70 28.04
C ALA B 76 -8.53 6.93 27.52
N MET B 77 -8.49 5.58 27.74
CA MET B 77 -7.42 4.70 27.28
C MET B 77 -7.25 4.69 25.77
N SER B 78 -8.35 4.42 25.03
CA SER B 78 -8.41 4.39 23.57
C SER B 78 -7.96 5.68 22.94
N VAL B 79 -8.54 6.85 23.35
CA VAL B 79 -8.21 8.12 22.70
C VAL B 79 -6.76 8.50 22.97
N ALA B 80 -6.22 8.22 24.19
CA ALA B 80 -4.81 8.50 24.51
C ALA B 80 -3.89 7.62 23.67
N LYS B 81 -4.28 6.35 23.42
CA LYS B 81 -3.49 5.43 22.59
C LYS B 81 -3.45 5.92 21.14
N ARG B 82 -4.61 6.25 20.56
CA ARG B 82 -4.72 6.78 19.19
C ARG B 82 -3.96 8.08 19.01
N VAL B 83 -4.18 9.07 19.92
CA VAL B 83 -3.55 10.38 19.88
C VAL B 83 -2.03 10.27 20.02
N SER B 84 -1.51 9.27 20.75
CA SER B 84 -0.07 9.10 20.87
C SER B 84 0.52 8.60 19.54
N GLU B 85 -0.24 7.74 18.79
CA GLU B 85 0.16 7.25 17.47
C GLU B 85 0.16 8.45 16.50
N GLU B 86 -0.88 9.27 16.57
CA GLU B 86 -1.00 10.46 15.72
C GLU B 86 0.09 11.51 16.07
N PHE B 87 0.39 11.70 17.36
CA PHE B 87 1.42 12.63 17.82
C PHE B 87 2.83 12.12 17.48
N GLY B 88 3.01 10.81 17.51
CA GLY B 88 4.26 10.12 17.24
C GLY B 88 5.10 9.94 18.48
N CYS B 89 4.49 9.55 19.63
CA CYS B 89 5.21 9.37 20.89
C CYS B 89 4.85 8.04 21.55
N CYS B 90 5.39 7.80 22.77
CA CYS B 90 5.11 6.67 23.64
C CYS B 90 3.86 7.04 24.38
N LEU B 91 3.01 6.05 24.63
CA LEU B 91 1.84 6.28 25.46
C LEU B 91 2.38 6.44 26.91
N GLY B 92 1.97 7.52 27.57
CA GLY B 92 2.40 7.85 28.92
C GLY B 92 3.40 8.98 28.96
N GLN B 93 4.00 9.31 27.80
CA GLN B 93 4.99 10.37 27.65
C GLN B 93 4.29 11.67 27.30
N GLU B 94 4.54 12.28 26.12
CA GLU B 94 3.90 13.55 25.73
C GLU B 94 2.37 13.46 25.79
N VAL B 95 1.82 12.26 25.47
CA VAL B 95 0.38 11.96 25.50
C VAL B 95 0.16 10.85 26.50
N GLY B 96 -0.70 11.12 27.48
CA GLY B 96 -1.02 10.19 28.55
C GLY B 96 -2.46 10.27 29.00
N TYR B 97 -2.87 9.32 29.86
CA TYR B 97 -4.21 9.20 30.44
C TYR B 97 -4.18 8.97 31.95
N THR B 98 -5.24 9.42 32.65
CA THR B 98 -5.40 9.26 34.09
C THR B 98 -6.82 8.78 34.37
N ILE B 99 -6.93 7.55 34.90
CA ILE B 99 -8.18 6.90 35.33
C ILE B 99 -7.96 6.59 36.83
N ARG B 100 -9.02 6.32 37.59
CA ARG B 100 -8.89 5.92 38.99
C ARG B 100 -8.02 4.66 39.05
N PHE B 101 -7.00 4.70 39.92
CA PHE B 101 -6.03 3.63 40.18
C PHE B 101 -4.99 3.36 39.03
N GLU B 102 -5.03 4.14 37.93
CA GLU B 102 -4.07 4.01 36.81
C GLU B 102 -3.72 5.38 36.23
N ASP B 103 -2.51 5.87 36.57
CA ASP B 103 -2.02 7.16 36.09
C ASP B 103 -0.96 6.92 35.07
N CYS B 104 -1.34 6.88 33.81
CA CYS B 104 -0.37 6.67 32.74
C CYS B 104 0.05 8.03 32.15
N THR B 105 0.75 8.81 32.97
CA THR B 105 1.33 10.13 32.65
C THR B 105 2.73 10.17 33.28
N SER B 106 3.52 11.20 32.93
CA SER B 106 4.91 11.35 33.34
C SER B 106 5.32 12.84 33.25
N PRO B 107 6.55 13.23 33.70
CA PRO B 107 7.00 14.62 33.53
C PRO B 107 6.92 15.17 32.10
N GLU B 108 6.85 14.28 31.08
CA GLU B 108 6.77 14.64 29.65
C GLU B 108 5.40 14.99 29.14
N THR B 109 4.33 14.57 29.87
CA THR B 109 2.93 14.70 29.45
C THR B 109 2.53 16.13 29.22
N VAL B 110 2.04 16.40 28.00
CA VAL B 110 1.55 17.73 27.57
C VAL B 110 0.10 17.64 27.15
N ILE B 111 -0.34 16.43 26.74
CA ILE B 111 -1.74 16.13 26.41
C ILE B 111 -2.20 15.04 27.37
N LYS B 112 -3.22 15.35 28.15
CA LYS B 112 -3.69 14.44 29.15
C LYS B 112 -5.18 14.18 29.00
N TYR B 113 -5.56 12.90 28.81
CA TYR B 113 -6.95 12.47 28.78
C TYR B 113 -7.26 11.87 30.13
N MET B 114 -8.26 12.38 30.84
CA MET B 114 -8.60 11.85 32.14
C MET B 114 -10.09 11.74 32.33
N THR B 115 -10.55 10.82 33.18
CA THR B 115 -11.98 10.71 33.49
C THR B 115 -12.45 11.97 34.23
N ASP B 116 -13.77 12.28 34.18
CA ASP B 116 -14.27 13.49 34.84
C ASP B 116 -14.11 13.44 36.35
N GLY B 117 -14.12 12.23 36.95
CA GLY B 117 -13.87 12.01 38.38
C GLY B 117 -12.42 12.31 38.73
N MET B 118 -11.47 11.99 37.83
CA MET B 118 -10.05 12.27 38.00
C MET B 118 -9.74 13.74 37.95
N LEU B 119 -10.43 14.52 37.08
CA LEU B 119 -10.21 15.96 37.08
C LEU B 119 -10.77 16.58 38.36
N LEU B 120 -11.93 16.07 38.84
CA LEU B 120 -12.58 16.54 40.09
C LEU B 120 -11.62 16.33 41.28
N ARG B 121 -10.97 15.14 41.35
CA ARG B 121 -9.97 14.81 42.38
C ARG B 121 -8.78 15.77 42.35
N GLU B 122 -8.39 16.25 41.14
CA GLU B 122 -7.34 17.24 40.94
C GLU B 122 -7.73 18.58 41.54
N CYS B 123 -9.05 18.97 41.45
CA CYS B 123 -9.58 20.22 42.03
C CYS B 123 -9.42 20.22 43.55
N LEU B 124 -9.54 19.05 44.20
CA LEU B 124 -9.35 18.88 45.66
C LEU B 124 -7.95 19.32 46.08
N ILE B 125 -6.92 18.93 45.31
CA ILE B 125 -5.52 19.29 45.54
C ILE B 125 -5.26 20.72 45.06
N ASP B 126 -5.62 21.03 43.79
CA ASP B 126 -5.44 22.31 43.09
C ASP B 126 -6.77 22.83 42.53
N PRO B 127 -7.46 23.72 43.26
CA PRO B 127 -8.76 24.20 42.78
C PRO B 127 -8.70 25.13 41.57
N ASP B 128 -7.54 25.75 41.31
CA ASP B 128 -7.37 26.66 40.18
C ASP B 128 -6.79 25.99 38.96
N LEU B 129 -6.57 24.65 39.05
CA LEU B 129 -5.99 23.79 38.01
C LEU B 129 -4.81 24.46 37.28
N THR B 130 -3.91 25.05 38.07
CA THR B 130 -2.73 25.81 37.65
C THR B 130 -1.77 25.01 36.76
N GLN B 131 -1.89 23.69 36.76
CA GLN B 131 -1.09 22.78 35.94
C GLN B 131 -1.54 22.82 34.46
N TYR B 132 -2.79 23.32 34.21
CA TYR B 132 -3.40 23.35 32.89
C TYR B 132 -3.45 24.73 32.26
N ALA B 133 -3.15 24.79 30.96
CA ALA B 133 -3.27 25.97 30.14
C ALA B 133 -4.64 25.92 29.47
N ILE B 134 -5.16 24.70 29.22
CA ILE B 134 -6.43 24.40 28.58
C ILE B 134 -7.16 23.28 29.32
N ILE B 135 -8.48 23.46 29.53
CA ILE B 135 -9.36 22.41 30.06
C ILE B 135 -10.47 22.18 29.02
N MET B 136 -10.61 20.95 28.55
CA MET B 136 -11.62 20.57 27.59
C MET B 136 -12.58 19.60 28.27
N LEU B 137 -13.80 20.06 28.50
CA LEU B 137 -14.84 19.24 29.10
C LEU B 137 -15.51 18.58 27.93
N ASP B 138 -15.15 17.34 27.67
CA ASP B 138 -15.64 16.56 26.54
C ASP B 138 -16.79 15.62 26.92
N GLU B 139 -17.64 15.29 25.92
CA GLU B 139 -18.81 14.41 26.05
C GLU B 139 -19.74 14.99 27.15
N ALA B 140 -19.81 16.36 27.22
CA ALA B 140 -20.56 17.11 28.22
C ALA B 140 -22.09 16.98 28.09
N HIS B 141 -22.58 16.63 26.87
CA HIS B 141 -24.00 16.35 26.54
C HIS B 141 -24.52 15.09 27.30
N GLU B 142 -23.61 14.23 27.72
CA GLU B 142 -23.91 12.99 28.50
C GLU B 142 -24.49 13.35 29.87
N ARG B 143 -24.11 14.50 30.44
CA ARG B 143 -24.63 15.03 31.73
C ARG B 143 -24.43 14.08 32.92
N THR B 144 -23.21 13.79 33.35
CA THR B 144 -22.98 12.92 34.53
C THR B 144 -22.69 13.79 35.76
N ILE B 145 -22.89 13.28 36.99
CA ILE B 145 -22.64 14.04 38.24
C ILE B 145 -21.32 14.82 38.17
N HIS B 146 -20.20 14.10 37.80
CA HIS B 146 -18.85 14.65 37.67
C HIS B 146 -18.75 15.80 36.69
N THR B 147 -19.48 15.72 35.57
CA THR B 147 -19.55 16.77 34.57
C THR B 147 -20.25 18.00 35.15
N ASP B 148 -21.48 17.81 35.71
CA ASP B 148 -22.29 18.86 36.34
C ASP B 148 -21.50 19.57 37.48
N VAL B 149 -20.72 18.81 38.28
CA VAL B 149 -19.90 19.36 39.36
C VAL B 149 -18.75 20.19 38.75
N LEU B 150 -18.08 19.64 37.71
CA LEU B 150 -16.99 20.33 37.01
C LEU B 150 -17.43 21.63 36.36
N PHE B 151 -18.69 21.71 35.85
CA PHE B 151 -19.26 22.92 35.24
C PHE B 151 -19.27 24.05 36.23
N GLY B 152 -19.71 23.76 37.46
CA GLY B 152 -19.78 24.71 38.56
C GLY B 152 -18.40 25.18 38.98
N LEU B 153 -17.48 24.21 39.16
CA LEU B 153 -16.10 24.45 39.58
C LEU B 153 -15.36 25.31 38.57
N LEU B 154 -15.45 24.96 37.28
CA LEU B 154 -14.80 25.67 36.20
C LEU B 154 -15.43 27.00 35.89
N LYS B 155 -16.77 27.16 36.11
CA LYS B 155 -17.45 28.46 35.93
C LYS B 155 -16.89 29.51 36.91
N LYS B 156 -16.33 29.05 38.04
CA LYS B 156 -15.66 29.89 39.03
C LYS B 156 -14.16 30.05 38.66
N THR B 157 -13.46 28.91 38.36
CA THR B 157 -12.02 28.86 37.98
C THR B 157 -11.70 29.87 36.87
N VAL B 158 -12.51 29.87 35.79
CA VAL B 158 -12.42 30.71 34.61
C VAL B 158 -12.40 32.24 34.99
N GLN B 159 -13.04 32.64 36.09
CA GLN B 159 -13.02 34.02 36.58
C GLN B 159 -11.67 34.33 37.28
N LYS B 160 -11.10 33.35 38.02
CA LYS B 160 -9.82 33.49 38.71
C LYS B 160 -8.64 33.38 37.71
N ARG B 161 -8.65 32.36 36.81
CA ARG B 161 -7.68 32.02 35.75
C ARG B 161 -8.02 32.73 34.44
N GLN B 162 -7.62 34.00 34.29
CA GLN B 162 -7.89 34.78 33.07
C GLN B 162 -7.13 34.26 31.83
N ASP B 163 -5.97 33.60 32.06
CA ASP B 163 -5.06 33.04 31.05
C ASP B 163 -5.53 31.68 30.52
N MET B 164 -6.36 30.96 31.30
CA MET B 164 -6.81 29.61 30.96
C MET B 164 -7.90 29.62 29.89
N LYS B 165 -7.93 28.56 29.05
CA LYS B 165 -8.92 28.35 27.97
C LYS B 165 -9.80 27.19 28.39
N LEU B 166 -11.12 27.34 28.20
CA LEU B 166 -12.13 26.35 28.52
C LEU B 166 -12.90 26.03 27.22
N ILE B 167 -12.87 24.75 26.80
CA ILE B 167 -13.60 24.26 25.62
C ILE B 167 -14.61 23.24 26.14
N VAL B 168 -15.90 23.46 25.84
CA VAL B 168 -16.98 22.55 26.23
C VAL B 168 -17.55 21.98 24.94
N THR B 169 -17.67 20.65 24.86
CA THR B 169 -18.19 19.98 23.68
C THR B 169 -19.58 19.41 23.86
N SER B 170 -20.41 19.52 22.81
CA SER B 170 -21.74 18.94 22.71
C SER B 170 -21.98 18.43 21.28
N ALA B 171 -22.31 17.12 21.13
CA ALA B 171 -22.67 16.48 19.85
C ALA B 171 -24.21 16.59 19.66
N THR B 172 -24.86 17.39 20.56
CA THR B 172 -26.29 17.70 20.70
C THR B 172 -26.60 19.24 20.67
N LEU B 173 -27.90 19.61 20.65
CA LEU B 173 -28.36 21.01 20.71
C LEU B 173 -28.54 21.48 22.19
N ASP B 174 -27.68 20.95 23.09
CA ASP B 174 -27.55 21.29 24.52
C ASP B 174 -26.67 22.56 24.60
N ALA B 175 -25.93 22.84 23.49
CA ALA B 175 -25.04 23.99 23.26
C ALA B 175 -25.60 25.32 23.74
N VAL B 176 -26.90 25.63 23.43
CA VAL B 176 -27.53 26.88 23.84
C VAL B 176 -27.59 27.03 25.36
N LYS B 177 -27.87 25.91 26.08
CA LYS B 177 -27.90 25.85 27.55
C LYS B 177 -26.48 26.04 28.12
N PHE B 178 -25.47 25.36 27.51
CA PHE B 178 -24.07 25.44 27.92
C PHE B 178 -23.50 26.83 27.68
N SER B 179 -23.85 27.45 26.52
CA SER B 179 -23.45 28.80 26.13
C SER B 179 -23.95 29.82 27.14
N GLN B 180 -25.26 29.80 27.44
CA GLN B 180 -25.89 30.71 28.42
C GLN B 180 -25.29 30.50 29.82
N TYR B 181 -25.04 29.22 30.20
CA TYR B 181 -24.41 28.87 31.49
C TYR B 181 -23.02 29.50 31.61
N PHE B 182 -22.18 29.34 30.58
CA PHE B 182 -20.82 29.84 30.55
C PHE B 182 -20.71 31.27 29.96
N TYR B 183 -21.45 32.20 30.58
CA TYR B 183 -21.45 33.63 30.26
C TYR B 183 -21.66 33.96 28.76
N GLU B 184 -22.71 33.33 28.16
CA GLU B 184 -23.10 33.51 26.76
C GLU B 184 -21.89 33.30 25.83
N ALA B 185 -21.10 32.22 26.11
CA ALA B 185 -19.90 31.80 25.37
C ALA B 185 -20.23 31.52 23.92
N PRO B 186 -19.35 31.81 22.93
CA PRO B 186 -19.70 31.52 21.54
C PRO B 186 -19.77 30.03 21.25
N ILE B 187 -20.57 29.65 20.25
CA ILE B 187 -20.78 28.29 19.80
C ILE B 187 -20.09 28.17 18.43
N PHE B 188 -19.18 27.19 18.34
CA PHE B 188 -18.45 26.85 17.13
C PHE B 188 -19.06 25.56 16.60
N THR B 189 -19.54 25.58 15.34
CA THR B 189 -20.15 24.41 14.70
C THR B 189 -19.22 23.77 13.69
N ILE B 190 -19.04 22.46 13.82
CA ILE B 190 -18.28 21.64 12.87
C ILE B 190 -19.33 21.00 11.93
N PRO B 191 -19.49 21.52 10.67
CA PRO B 191 -20.44 20.91 9.73
C PRO B 191 -19.96 19.52 9.37
N GLY B 192 -20.90 18.59 9.18
CA GLY B 192 -20.55 17.22 8.85
C GLY B 192 -21.61 16.45 8.10
N ARG B 193 -21.16 15.46 7.28
CA ARG B 193 -22.11 14.63 6.56
C ARG B 193 -22.69 13.53 7.47
N THR B 194 -24.01 13.54 7.61
CA THR B 194 -24.87 12.58 8.29
C THR B 194 -25.66 11.94 7.15
N TYR B 195 -25.79 10.62 7.18
CA TYR B 195 -26.49 9.91 6.11
C TYR B 195 -27.83 9.33 6.54
N PRO B 196 -28.77 9.05 5.59
CA PRO B 196 -30.04 8.45 6.00
C PRO B 196 -29.90 7.06 6.65
N VAL B 197 -30.63 6.86 7.75
CA VAL B 197 -30.69 5.60 8.48
C VAL B 197 -32.14 5.11 8.47
N GLU B 198 -32.36 3.94 7.86
CA GLU B 198 -33.67 3.29 7.77
C GLU B 198 -33.98 2.72 9.19
N ILE B 199 -34.94 3.35 9.90
CA ILE B 199 -35.37 2.94 11.24
C ILE B 199 -36.45 1.84 11.14
N LEU B 200 -36.11 0.63 11.60
CA LEU B 200 -37.00 -0.53 11.53
C LEU B 200 -37.47 -0.91 12.93
N TYR B 201 -38.79 -0.81 13.18
CA TYR B 201 -39.41 -1.19 14.45
C TYR B 201 -40.02 -2.59 14.35
N THR B 202 -40.25 -3.22 15.50
CA THR B 202 -40.91 -4.52 15.56
C THR B 202 -42.44 -4.29 15.57
N LYS B 203 -43.20 -5.28 15.06
CA LYS B 203 -44.66 -5.20 14.99
C LYS B 203 -45.32 -5.38 16.38
N GLU B 204 -44.64 -6.11 17.28
CA GLU B 204 -45.05 -6.38 18.66
C GLU B 204 -43.79 -6.46 19.57
N PRO B 205 -43.88 -6.19 20.90
CA PRO B 205 -42.67 -6.28 21.75
C PRO B 205 -42.08 -7.69 21.89
N GLU B 206 -40.77 -7.78 22.23
CA GLU B 206 -40.09 -9.06 22.41
C GLU B 206 -39.96 -9.46 23.88
N THR B 207 -40.21 -10.75 24.16
CA THR B 207 -40.12 -11.35 25.49
C THR B 207 -38.65 -11.35 25.96
N ASP B 208 -37.69 -11.75 25.09
CA ASP B 208 -36.25 -11.81 25.37
C ASP B 208 -35.45 -10.96 24.36
N TYR B 209 -35.07 -9.74 24.75
CA TYR B 209 -34.34 -8.86 23.85
C TYR B 209 -32.93 -9.37 23.53
N LEU B 210 -32.34 -10.23 24.39
CA LEU B 210 -31.03 -10.85 24.18
C LEU B 210 -31.10 -11.85 23.02
N ASP B 211 -32.21 -12.61 22.90
CA ASP B 211 -32.42 -13.59 21.84
C ASP B 211 -32.69 -12.87 20.53
N ALA B 212 -33.62 -11.88 20.58
CA ALA B 212 -34.02 -11.02 19.47
C ALA B 212 -32.81 -10.36 18.82
N SER B 213 -31.93 -9.76 19.64
CA SER B 213 -30.72 -9.09 19.16
C SER B 213 -29.80 -10.06 18.44
N LEU B 214 -29.62 -11.29 18.98
CA LEU B 214 -28.77 -12.32 18.36
C LEU B 214 -29.36 -12.82 17.04
N ILE B 215 -30.68 -13.05 16.97
CA ILE B 215 -31.38 -13.45 15.74
C ILE B 215 -31.19 -12.36 14.66
N THR B 216 -31.34 -11.06 15.04
CA THR B 216 -31.19 -9.90 14.14
C THR B 216 -29.78 -9.84 13.57
N VAL B 217 -28.76 -10.01 14.42
CA VAL B 217 -27.34 -10.04 14.06
C VAL B 217 -27.06 -11.09 12.96
N MET B 218 -27.53 -12.32 13.16
CA MET B 218 -27.37 -13.38 12.16
C MET B 218 -28.15 -13.09 10.86
N GLN B 219 -29.38 -12.54 10.96
CA GLN B 219 -30.18 -12.18 9.79
C GLN B 219 -29.48 -11.07 8.97
N ILE B 220 -28.92 -10.03 9.65
CA ILE B 220 -28.19 -8.92 9.01
C ILE B 220 -26.97 -9.52 8.30
N HIS B 221 -26.17 -10.31 9.05
CA HIS B 221 -24.93 -10.92 8.55
C HIS B 221 -25.13 -11.76 7.30
N LEU B 222 -26.14 -12.62 7.29
CA LEU B 222 -26.34 -13.51 6.15
C LEU B 222 -27.07 -12.90 4.98
N THR B 223 -27.94 -11.90 5.21
CA THR B 223 -28.77 -11.38 4.12
C THR B 223 -28.58 -9.92 3.73
N GLU B 224 -27.79 -9.12 4.47
CA GLU B 224 -27.58 -7.69 4.16
C GLU B 224 -26.23 -7.38 3.52
N PRO B 225 -26.15 -6.35 2.62
CA PRO B 225 -24.86 -6.01 1.99
C PRO B 225 -23.77 -5.71 3.02
N PRO B 226 -22.46 -5.89 2.70
CA PRO B 226 -21.41 -5.61 3.69
C PRO B 226 -21.51 -4.27 4.43
N GLY B 227 -21.09 -4.32 5.69
CA GLY B 227 -21.08 -3.25 6.67
C GLY B 227 -21.05 -3.90 8.03
N ASP B 228 -20.40 -3.27 8.99
CA ASP B 228 -20.31 -3.86 10.32
C ASP B 228 -21.54 -3.55 11.16
N ILE B 229 -21.79 -4.41 12.16
CA ILE B 229 -22.94 -4.31 13.06
C ILE B 229 -22.52 -3.83 14.47
N LEU B 230 -23.31 -2.89 15.06
CA LEU B 230 -23.14 -2.39 16.44
C LEU B 230 -24.37 -2.82 17.26
N VAL B 231 -24.15 -3.59 18.34
CA VAL B 231 -25.22 -4.07 19.21
C VAL B 231 -25.09 -3.36 20.56
N PHE B 232 -26.21 -2.77 21.06
CA PHE B 232 -26.22 -2.05 22.33
C PHE B 232 -26.79 -2.88 23.45
N LEU B 233 -25.93 -3.34 24.35
CA LEU B 233 -26.39 -4.11 25.51
C LEU B 233 -26.21 -3.29 26.79
N THR B 234 -26.49 -3.87 27.96
CA THR B 234 -26.51 -3.11 29.21
C THR B 234 -25.30 -3.30 30.13
N GLY B 235 -24.62 -4.43 30.02
CA GLY B 235 -23.49 -4.73 30.90
C GLY B 235 -22.63 -5.89 30.44
N GLN B 236 -21.52 -6.12 31.17
CA GLN B 236 -20.51 -7.16 30.89
C GLN B 236 -21.07 -8.59 30.85
N GLU B 237 -21.77 -9.03 31.89
CA GLU B 237 -22.35 -10.37 32.02
C GLU B 237 -23.18 -10.71 30.78
N GLU B 238 -24.08 -9.78 30.41
CA GLU B 238 -24.97 -9.83 29.26
C GLU B 238 -24.19 -9.86 27.95
N ILE B 239 -23.14 -9.02 27.81
CA ILE B 239 -22.27 -8.98 26.62
C ILE B 239 -21.50 -10.30 26.46
N ASP B 240 -20.86 -10.76 27.53
CA ASP B 240 -20.12 -12.02 27.57
C ASP B 240 -21.00 -13.21 27.16
N THR B 241 -22.27 -13.22 27.60
CA THR B 241 -23.25 -14.26 27.29
C THR B 241 -23.64 -14.21 25.81
N ALA B 242 -23.99 -13.00 25.31
CA ALA B 242 -24.37 -12.75 23.91
C ALA B 242 -23.27 -13.23 22.96
N CYS B 243 -22.00 -12.97 23.31
CA CYS B 243 -20.83 -13.39 22.55
C CYS B 243 -20.69 -14.91 22.49
N GLU B 244 -20.85 -15.61 23.65
CA GLU B 244 -20.77 -17.08 23.76
C GLU B 244 -21.83 -17.75 22.87
N ILE B 245 -23.12 -17.35 23.05
CA ILE B 245 -24.26 -17.88 22.29
C ILE B 245 -24.08 -17.61 20.78
N LEU B 246 -23.71 -16.35 20.40
CA LEU B 246 -23.51 -15.97 19.00
C LEU B 246 -22.48 -16.87 18.36
N TYR B 247 -21.35 -17.11 19.06
CA TYR B 247 -20.27 -17.98 18.61
C TYR B 247 -20.80 -19.40 18.36
N GLU B 248 -21.53 -20.00 19.35
N GLU B 248 -21.53 -19.99 19.35
CA GLU B 248 -22.10 -21.35 19.23
CA GLU B 248 -22.12 -21.33 19.26
C GLU B 248 -23.11 -21.43 18.06
C GLU B 248 -23.11 -21.43 18.08
N ARG B 249 -23.98 -20.41 17.94
CA ARG B 249 -24.98 -20.31 16.88
C ARG B 249 -24.35 -20.17 15.50
N MET B 250 -23.26 -19.40 15.40
CA MET B 250 -22.55 -19.22 14.14
C MET B 250 -21.83 -20.51 13.73
N LYS B 251 -21.26 -21.24 14.72
CA LYS B 251 -20.55 -22.51 14.53
C LYS B 251 -21.55 -23.57 14.03
N SER B 252 -22.79 -23.55 14.56
CA SER B 252 -23.91 -24.44 14.21
C SER B 252 -24.26 -24.37 12.72
N LEU B 253 -24.00 -23.20 12.07
CA LEU B 253 -24.26 -23.00 10.64
C LEU B 253 -23.34 -23.82 9.71
N GLY B 254 -22.12 -24.12 10.18
CA GLY B 254 -21.15 -24.91 9.43
C GLY B 254 -19.93 -24.14 8.97
N PRO B 255 -18.95 -24.81 8.34
CA PRO B 255 -17.72 -24.10 7.92
C PRO B 255 -17.81 -23.27 6.63
N ASP B 256 -18.83 -23.53 5.80
CA ASP B 256 -19.00 -22.81 4.53
C ASP B 256 -19.44 -21.33 4.71
N VAL B 257 -20.16 -21.03 5.82
CA VAL B 257 -20.73 -19.73 6.17
C VAL B 257 -19.67 -18.61 6.33
N PRO B 258 -19.94 -17.37 5.82
CA PRO B 258 -18.96 -16.28 5.98
C PRO B 258 -18.70 -15.91 7.45
N GLU B 259 -17.45 -15.59 7.76
CA GLU B 259 -16.95 -15.25 9.08
C GLU B 259 -17.58 -13.98 9.67
N LEU B 260 -18.01 -14.09 10.95
CA LEU B 260 -18.54 -13.01 11.79
C LEU B 260 -17.53 -12.88 12.92
N ILE B 261 -16.87 -11.71 13.02
CA ILE B 261 -15.89 -11.41 14.04
C ILE B 261 -16.65 -10.76 15.18
N ILE B 262 -16.82 -11.51 16.29
CA ILE B 262 -17.59 -11.08 17.48
C ILE B 262 -16.65 -10.35 18.42
N LEU B 263 -16.94 -9.06 18.66
CA LEU B 263 -16.08 -8.19 19.48
C LEU B 263 -16.79 -7.55 20.68
N PRO B 264 -16.57 -8.07 21.91
CA PRO B 264 -17.17 -7.43 23.09
C PRO B 264 -16.50 -6.08 23.40
N VAL B 265 -17.25 -5.16 24.04
CA VAL B 265 -16.77 -3.83 24.47
C VAL B 265 -17.37 -3.48 25.83
N TYR B 266 -16.51 -3.41 26.86
CA TYR B 266 -16.87 -3.05 28.25
C TYR B 266 -15.65 -2.64 29.09
N SER B 267 -15.90 -1.79 30.14
CA SER B 267 -14.90 -1.22 31.08
C SER B 267 -13.74 -2.15 31.48
N ALA B 268 -14.01 -3.40 31.90
CA ALA B 268 -12.99 -4.37 32.36
C ALA B 268 -12.33 -5.19 31.26
N LEU B 269 -12.30 -4.67 30.00
CA LEU B 269 -11.71 -5.35 28.84
C LEU B 269 -10.19 -5.16 28.71
N PRO B 270 -9.41 -6.26 28.55
CA PRO B 270 -7.96 -6.14 28.28
C PRO B 270 -7.67 -5.23 27.08
N SER B 271 -6.63 -4.39 27.16
CA SER B 271 -6.32 -3.44 26.11
C SER B 271 -6.11 -4.07 24.73
N GLU B 272 -5.62 -5.32 24.66
CA GLU B 272 -5.44 -6.02 23.37
C GLU B 272 -6.78 -6.20 22.65
N MET B 273 -7.88 -6.51 23.38
CA MET B 273 -9.22 -6.67 22.79
C MET B 273 -9.83 -5.32 22.41
N GLN B 274 -9.43 -4.25 23.12
CA GLN B 274 -9.85 -2.88 22.85
C GLN B 274 -9.36 -2.41 21.47
N THR B 275 -8.13 -2.79 21.06
CA THR B 275 -7.60 -2.37 19.78
C THR B 275 -8.29 -3.09 18.61
N ARG B 276 -8.65 -4.38 18.79
CA ARG B 276 -9.36 -5.22 17.81
C ARG B 276 -10.66 -4.56 17.27
N ILE B 277 -11.38 -3.80 18.13
CA ILE B 277 -12.63 -3.17 17.73
C ILE B 277 -12.42 -2.04 16.71
N PHE B 278 -11.18 -1.55 16.53
CA PHE B 278 -10.90 -0.50 15.57
C PHE B 278 -10.25 -1.03 14.27
N ASP B 279 -9.81 -2.31 14.25
CA ASP B 279 -9.22 -2.91 13.06
C ASP B 279 -10.29 -3.23 12.05
N PRO B 280 -10.09 -2.88 10.75
CA PRO B 280 -11.09 -3.26 9.74
C PRO B 280 -11.14 -4.78 9.55
N ALA B 281 -12.33 -5.29 9.24
CA ALA B 281 -12.56 -6.72 9.01
C ALA B 281 -11.77 -7.18 7.79
N PRO B 282 -11.25 -8.43 7.78
CA PRO B 282 -10.60 -8.95 6.56
C PRO B 282 -11.67 -9.08 5.45
N PRO B 283 -11.31 -9.11 4.15
CA PRO B 283 -12.36 -9.25 3.11
C PRO B 283 -13.07 -10.60 3.26
N GLY B 284 -14.37 -10.60 3.02
CA GLY B 284 -15.20 -11.79 3.14
C GLY B 284 -15.70 -12.04 4.55
N SER B 285 -15.19 -11.24 5.53
CA SER B 285 -15.54 -11.27 6.96
C SER B 285 -16.33 -10.01 7.31
N ARG B 286 -17.07 -10.05 8.43
CA ARG B 286 -17.88 -8.96 8.96
C ARG B 286 -17.67 -8.83 10.47
N LYS B 287 -17.69 -7.60 11.01
CA LYS B 287 -17.54 -7.41 12.45
C LYS B 287 -18.89 -7.12 13.11
N VAL B 288 -19.06 -7.63 14.34
CA VAL B 288 -20.19 -7.33 15.20
C VAL B 288 -19.59 -6.84 16.52
N VAL B 289 -19.79 -5.56 16.82
CA VAL B 289 -19.29 -4.93 18.05
C VAL B 289 -20.46 -4.95 19.04
N ILE B 290 -20.31 -5.73 20.11
CA ILE B 290 -21.32 -5.92 21.17
C ILE B 290 -20.87 -5.04 22.35
N ALA B 291 -21.41 -3.80 22.41
CA ALA B 291 -20.99 -2.78 23.35
C ALA B 291 -22.08 -2.32 24.27
N THR B 292 -21.73 -1.43 25.21
CA THR B 292 -22.67 -0.75 26.11
C THR B 292 -22.90 0.65 25.50
N ASN B 293 -23.54 1.55 26.27
CA ASN B 293 -23.84 2.92 25.83
C ASN B 293 -22.57 3.76 25.58
N ILE B 294 -21.34 3.18 25.83
CA ILE B 294 -20.03 3.82 25.58
C ILE B 294 -20.00 4.14 24.08
N ALA B 295 -20.54 3.23 23.27
CA ALA B 295 -20.56 3.30 21.82
C ALA B 295 -21.52 4.33 21.25
N GLU B 296 -22.36 4.97 22.08
CA GLU B 296 -23.29 6.00 21.62
C GLU B 296 -22.57 7.28 21.18
N THR B 297 -21.54 7.72 21.91
CA THR B 297 -20.79 8.94 21.61
C THR B 297 -19.29 8.85 21.92
N SER B 298 -18.90 8.17 23.02
CA SER B 298 -17.51 8.05 23.48
C SER B 298 -16.59 7.33 22.50
N LEU B 299 -17.04 6.17 21.96
CA LEU B 299 -16.20 5.43 21.00
C LEU B 299 -16.77 5.56 19.62
N THR B 300 -15.89 5.70 18.63
CA THR B 300 -16.25 5.86 17.22
C THR B 300 -15.52 4.77 16.42
N ILE B 301 -16.28 3.79 15.91
CA ILE B 301 -15.76 2.67 15.14
C ILE B 301 -16.13 2.93 13.69
N ASP B 302 -15.18 2.76 12.78
CA ASP B 302 -15.41 2.96 11.37
C ASP B 302 -16.02 1.68 10.78
N GLY B 303 -16.73 1.85 9.66
CA GLY B 303 -17.34 0.76 8.91
C GLY B 303 -18.65 0.22 9.44
N ILE B 304 -19.23 0.86 10.46
CA ILE B 304 -20.51 0.44 11.03
C ILE B 304 -21.69 0.99 10.18
N TYR B 305 -22.53 0.09 9.60
CA TYR B 305 -23.70 0.45 8.79
C TYR B 305 -25.02 -0.07 9.36
N TYR B 306 -24.94 -0.92 10.40
CA TYR B 306 -26.11 -1.52 11.03
C TYR B 306 -26.01 -1.41 12.51
N VAL B 307 -27.14 -1.09 13.15
CA VAL B 307 -27.27 -0.94 14.61
C VAL B 307 -28.47 -1.75 15.07
N VAL B 308 -28.29 -2.55 16.14
CA VAL B 308 -29.34 -3.36 16.74
C VAL B 308 -29.57 -2.70 18.11
N ASP B 309 -30.82 -2.23 18.37
CA ASP B 309 -31.18 -1.52 19.58
C ASP B 309 -32.33 -2.17 20.39
N PRO B 310 -31.97 -2.90 21.46
CA PRO B 310 -33.01 -3.50 22.32
C PRO B 310 -33.78 -2.44 23.13
N GLY B 311 -33.17 -1.25 23.30
CA GLY B 311 -33.78 -0.09 23.96
C GLY B 311 -33.54 0.11 25.43
N PHE B 312 -32.63 -0.67 26.02
CA PHE B 312 -32.31 -0.64 27.44
C PHE B 312 -30.94 -0.07 27.77
N VAL B 313 -30.81 0.46 28.98
CA VAL B 313 -29.61 1.07 29.54
C VAL B 313 -29.58 0.84 31.06
N LYS B 314 -28.37 0.63 31.61
CA LYS B 314 -28.19 0.45 33.05
C LYS B 314 -27.94 1.84 33.63
N GLN B 315 -28.83 2.34 34.50
CA GLN B 315 -28.64 3.66 35.07
C GLN B 315 -29.10 3.77 36.52
N LYS B 316 -28.49 4.72 37.25
CA LYS B 316 -28.78 5.01 38.63
C LYS B 316 -30.12 5.66 38.80
N VAL B 317 -30.95 5.08 39.68
CA VAL B 317 -32.28 5.55 40.06
C VAL B 317 -32.16 5.90 41.55
N TYR B 318 -32.95 6.88 42.04
CA TYR B 318 -32.81 7.29 43.43
C TYR B 318 -34.14 7.43 44.19
N ASN B 319 -34.17 6.86 45.41
CA ASN B 319 -35.31 6.93 46.33
C ASN B 319 -35.04 8.12 47.22
N SER B 320 -35.76 9.22 47.00
CA SER B 320 -35.57 10.45 47.74
C SER B 320 -35.97 10.37 49.20
N LYS B 321 -36.96 9.52 49.52
CA LYS B 321 -37.47 9.31 50.89
C LYS B 321 -36.46 8.55 51.74
N THR B 322 -35.99 7.38 51.26
CA THR B 322 -34.99 6.55 51.96
C THR B 322 -33.55 7.07 51.76
N GLY B 323 -33.36 7.85 50.69
CA GLY B 323 -32.07 8.43 50.32
C GLY B 323 -31.11 7.44 49.70
N ILE B 324 -31.61 6.30 49.19
CA ILE B 324 -30.81 5.21 48.60
C ILE B 324 -30.94 5.19 47.08
N ASP B 325 -29.80 5.15 46.36
CA ASP B 325 -29.77 5.03 44.91
C ASP B 325 -29.38 3.60 44.50
N GLN B 326 -29.64 3.23 43.23
CA GLN B 326 -29.36 1.89 42.69
C GLN B 326 -29.26 1.85 41.19
N LEU B 327 -28.34 0.99 40.68
CA LEU B 327 -28.19 0.74 39.24
C LEU B 327 -29.31 -0.19 38.84
N VAL B 328 -30.12 0.23 37.86
CA VAL B 328 -31.22 -0.59 37.33
C VAL B 328 -31.16 -0.59 35.79
N VAL B 329 -31.82 -1.56 35.15
CA VAL B 329 -31.93 -1.63 33.71
C VAL B 329 -33.28 -1.02 33.36
N THR B 330 -33.27 0.11 32.65
CA THR B 330 -34.49 0.85 32.28
C THR B 330 -34.49 1.16 30.79
N PRO B 331 -35.63 1.52 30.17
CA PRO B 331 -35.60 1.97 28.75
C PRO B 331 -34.78 3.25 28.57
N ILE B 332 -34.28 3.44 27.36
CA ILE B 332 -33.47 4.60 26.98
C ILE B 332 -34.40 5.80 26.70
N SER B 333 -33.80 7.01 26.55
CA SER B 333 -34.56 8.22 26.18
C SER B 333 -34.60 8.29 24.66
N GLN B 334 -35.51 9.11 24.10
CA GLN B 334 -35.62 9.26 22.65
C GLN B 334 -34.35 9.86 22.09
N ALA B 335 -33.70 10.75 22.87
CA ALA B 335 -32.43 11.38 22.51
C ALA B 335 -31.36 10.33 22.31
N GLN B 336 -31.29 9.30 23.21
CA GLN B 336 -30.38 8.15 23.15
C GLN B 336 -30.74 7.27 21.96
N ALA B 337 -32.06 7.00 21.72
CA ALA B 337 -32.50 6.21 20.56
C ALA B 337 -31.95 6.83 19.27
N LYS B 338 -32.05 8.17 19.14
CA LYS B 338 -31.58 8.92 17.98
C LYS B 338 -30.05 8.82 17.87
N GLN B 339 -29.33 8.93 19.01
CA GLN B 339 -27.86 8.81 19.04
C GLN B 339 -27.44 7.47 18.54
N ARG B 340 -27.99 6.37 19.09
CA ARG B 340 -27.76 4.97 18.67
C ARG B 340 -27.95 4.77 17.16
N ALA B 341 -29.14 5.16 16.61
CA ALA B 341 -29.49 5.06 15.18
C ALA B 341 -28.48 5.80 14.30
N GLY B 342 -28.06 6.99 14.76
CA GLY B 342 -27.09 7.82 14.05
C GLY B 342 -25.74 7.15 13.80
N ARG B 343 -25.41 6.09 14.58
CA ARG B 343 -24.15 5.34 14.45
C ARG B 343 -24.10 4.51 13.18
N ALA B 344 -25.26 4.25 12.58
CA ALA B 344 -25.38 3.51 11.31
C ALA B 344 -25.28 4.43 10.09
N GLY B 345 -25.24 5.75 10.31
CA GLY B 345 -25.20 6.76 9.25
C GLY B 345 -24.03 7.73 9.30
N ARG B 346 -22.86 7.27 9.74
CA ARG B 346 -21.67 8.09 9.83
C ARG B 346 -20.83 8.12 8.53
N THR B 347 -20.55 6.96 7.90
CA THR B 347 -19.75 6.92 6.66
C THR B 347 -20.57 6.61 5.38
N GLY B 348 -21.86 6.36 5.58
CA GLY B 348 -22.81 6.09 4.49
C GLY B 348 -24.19 5.78 5.02
N PRO B 349 -25.19 5.63 4.12
CA PRO B 349 -26.55 5.28 4.57
C PRO B 349 -26.57 3.92 5.31
N GLY B 350 -27.43 3.79 6.29
CA GLY B 350 -27.47 2.56 7.08
C GLY B 350 -28.84 2.16 7.57
N LYS B 351 -28.88 1.10 8.41
CA LYS B 351 -30.13 0.58 8.95
C LYS B 351 -30.05 0.45 10.45
N CYS B 352 -31.11 0.80 11.16
CA CYS B 352 -31.16 0.65 12.60
C CYS B 352 -32.41 -0.17 12.98
N TYR B 353 -32.18 -1.33 13.63
CA TYR B 353 -33.20 -2.29 14.03
C TYR B 353 -33.54 -2.09 15.49
N ARG B 354 -34.67 -1.42 15.74
CA ARG B 354 -35.19 -1.10 17.08
C ARG B 354 -36.04 -2.27 17.51
N LEU B 355 -35.62 -2.99 18.56
CA LEU B 355 -36.32 -4.19 19.04
C LEU B 355 -37.49 -3.80 19.97
N TYR B 356 -38.30 -2.84 19.49
CA TYR B 356 -39.46 -2.29 20.15
C TYR B 356 -40.37 -1.61 19.13
N THR B 357 -41.67 -1.47 19.47
CA THR B 357 -42.66 -0.88 18.56
C THR B 357 -42.51 0.65 18.45
N GLU B 358 -43.08 1.22 17.36
CA GLU B 358 -43.08 2.67 17.12
C GLU B 358 -43.87 3.37 18.24
N ARG B 359 -44.95 2.72 18.73
CA ARG B 359 -45.77 3.24 19.84
C ARG B 359 -44.95 3.29 21.12
N ALA B 360 -44.11 2.25 21.39
CA ALA B 360 -43.24 2.19 22.58
C ALA B 360 -42.21 3.32 22.57
N TYR B 361 -41.69 3.69 21.35
CA TYR B 361 -40.75 4.81 21.18
C TYR B 361 -41.44 6.17 21.53
N ARG B 362 -42.61 6.37 20.93
CA ARG B 362 -43.45 7.55 21.03
C ARG B 362 -43.98 7.80 22.44
N ASP B 363 -44.57 6.77 23.06
CA ASP B 363 -45.24 6.86 24.35
C ASP B 363 -44.44 6.39 25.57
N GLU B 364 -43.92 5.16 25.55
CA GLU B 364 -43.22 4.54 26.68
C GLU B 364 -41.81 5.12 26.97
N MET B 365 -41.32 6.06 26.14
CA MET B 365 -39.98 6.66 26.27
C MET B 365 -39.99 8.18 26.48
N LEU B 366 -39.13 8.66 27.39
CA LEU B 366 -38.93 10.08 27.73
C LEU B 366 -38.14 10.75 26.62
N THR B 367 -38.37 12.07 26.40
CA THR B 367 -37.69 12.87 25.36
C THR B 367 -36.17 12.83 25.55
N THR B 368 -35.75 13.17 26.77
CA THR B 368 -34.37 13.18 27.25
C THR B 368 -34.43 12.61 28.68
N ASN B 369 -33.35 11.99 29.13
CA ASN B 369 -33.30 11.45 30.48
C ASN B 369 -33.05 12.56 31.47
N VAL B 370 -33.31 12.29 32.76
CA VAL B 370 -33.09 13.24 33.85
C VAL B 370 -31.58 13.25 34.13
N PRO B 371 -30.92 14.43 34.25
CA PRO B 371 -29.47 14.43 34.55
C PRO B 371 -29.16 13.64 35.81
N GLU B 372 -28.06 12.85 35.77
CA GLU B 372 -27.61 11.98 36.85
C GLU B 372 -27.68 12.59 38.24
N ILE B 373 -27.41 13.92 38.35
CA ILE B 373 -27.43 14.69 39.61
C ILE B 373 -28.85 14.75 40.24
N GLN B 374 -29.90 14.50 39.45
CA GLN B 374 -31.28 14.51 39.95
C GLN B 374 -31.87 13.09 40.09
N ARG B 375 -31.00 12.06 40.02
CA ARG B 375 -31.39 10.66 40.14
C ARG B 375 -30.28 9.80 40.77
N THR B 376 -29.47 10.41 41.65
CA THR B 376 -28.40 9.75 42.40
C THR B 376 -28.26 10.37 43.79
N ASN B 377 -27.63 9.61 44.69
CA ASN B 377 -27.30 10.01 46.05
C ASN B 377 -26.08 10.96 45.98
N LEU B 378 -26.18 12.11 46.65
CA LEU B 378 -25.18 13.17 46.59
C LEU B 378 -24.24 13.26 47.80
N ALA B 379 -24.13 12.18 48.63
CA ALA B 379 -23.25 12.19 49.81
C ALA B 379 -21.79 12.32 49.44
N SER B 380 -21.34 11.59 48.42
CA SER B 380 -19.97 11.65 47.91
C SER B 380 -19.67 13.06 47.36
N THR B 381 -20.58 13.58 46.50
CA THR B 381 -20.56 14.91 45.87
C THR B 381 -20.39 15.99 46.95
N VAL B 382 -21.18 15.91 48.04
CA VAL B 382 -21.16 16.85 49.15
C VAL B 382 -19.83 16.78 49.92
N LEU B 383 -19.32 15.57 50.20
CA LEU B 383 -18.04 15.37 50.89
C LEU B 383 -16.92 15.99 50.09
N SER B 384 -16.97 15.88 48.72
CA SER B 384 -15.95 16.42 47.80
C SER B 384 -15.98 17.94 47.87
N LEU B 385 -17.18 18.52 47.76
CA LEU B 385 -17.41 19.95 47.82
C LEU B 385 -17.01 20.53 49.19
N LYS B 386 -17.29 19.81 50.28
CA LYS B 386 -16.93 20.25 51.64
C LYS B 386 -15.40 20.23 51.85
N ALA B 387 -14.71 19.27 51.22
CA ALA B 387 -13.25 19.15 51.28
C ALA B 387 -12.58 20.30 50.52
N MET B 388 -13.30 20.87 49.51
CA MET B 388 -12.86 22.00 48.68
C MET B 388 -13.19 23.38 49.28
N GLY B 389 -13.75 23.40 50.50
CA GLY B 389 -14.14 24.61 51.19
C GLY B 389 -15.53 25.13 50.83
N ILE B 390 -16.24 24.39 49.97
CA ILE B 390 -17.60 24.77 49.52
C ILE B 390 -18.65 24.28 50.52
N ASN B 391 -18.99 25.13 51.49
CA ASN B 391 -19.95 24.76 52.54
C ASN B 391 -21.38 25.29 52.24
N ASP B 392 -21.49 26.44 51.54
CA ASP B 392 -22.78 27.01 51.14
C ASP B 392 -23.21 26.34 49.82
N LEU B 393 -23.77 25.10 49.93
CA LEU B 393 -24.21 24.28 48.81
C LEU B 393 -25.33 24.94 48.00
N LEU B 394 -26.16 25.78 48.68
CA LEU B 394 -27.25 26.56 48.06
C LEU B 394 -26.65 27.63 47.13
N SER B 395 -25.47 28.19 47.51
CA SER B 395 -24.75 29.20 46.76
C SER B 395 -24.06 28.64 45.50
N PHE B 396 -23.79 27.31 45.46
CA PHE B 396 -23.13 26.64 44.33
C PHE B 396 -24.00 26.73 43.07
N ASP B 397 -23.41 27.20 41.95
CA ASP B 397 -24.12 27.35 40.69
C ASP B 397 -24.09 26.08 39.87
N PHE B 398 -25.15 25.25 40.02
CA PHE B 398 -25.33 24.01 39.26
C PHE B 398 -26.05 24.36 37.96
N MET B 399 -25.81 23.59 36.88
CA MET B 399 -26.54 23.87 35.66
C MET B 399 -27.95 23.32 35.77
N ASP B 400 -28.06 22.12 36.33
CA ASP B 400 -29.33 21.46 36.61
C ASP B 400 -29.28 21.05 38.09
N ALA B 401 -29.81 21.96 38.94
CA ALA B 401 -29.80 21.84 40.40
C ALA B 401 -30.46 20.59 40.92
N PRO B 402 -29.80 19.88 41.87
CA PRO B 402 -30.47 18.71 42.47
C PRO B 402 -31.55 19.22 43.47
N PRO B 403 -32.57 18.41 43.82
CA PRO B 403 -33.56 18.90 44.80
C PRO B 403 -32.90 19.21 46.15
N MET B 404 -33.32 20.33 46.79
CA MET B 404 -32.83 20.78 48.09
C MET B 404 -32.92 19.65 49.14
N GLU B 405 -33.94 18.79 49.02
CA GLU B 405 -34.16 17.61 49.85
C GLU B 405 -32.96 16.65 49.75
N THR B 406 -32.46 16.38 48.51
CA THR B 406 -31.33 15.48 48.23
C THR B 406 -30.02 15.99 48.86
N LEU B 407 -29.78 17.31 48.79
CA LEU B 407 -28.59 17.93 49.38
C LEU B 407 -28.68 17.80 50.91
N ILE B 408 -29.91 17.97 51.49
CA ILE B 408 -30.18 17.81 52.92
C ILE B 408 -29.94 16.34 53.33
N THR B 409 -30.47 15.37 52.56
CA THR B 409 -30.32 13.93 52.82
C THR B 409 -28.85 13.56 52.88
N ALA B 410 -28.05 14.09 51.93
CA ALA B 410 -26.60 13.86 51.82
C ALA B 410 -25.86 14.39 53.06
N MET B 411 -26.20 15.61 53.48
CA MET B 411 -25.63 16.27 54.65
C MET B 411 -25.87 15.44 55.92
N GLU B 412 -27.11 14.96 56.10
CA GLU B 412 -27.53 14.13 57.24
C GLU B 412 -26.80 12.78 57.23
N GLN B 413 -26.69 12.08 56.05
CA GLN B 413 -26.02 10.78 55.92
C GLN B 413 -24.56 10.89 56.32
N LEU B 414 -23.91 12.00 55.94
CA LEU B 414 -22.52 12.22 56.31
C LEU B 414 -22.37 12.57 57.77
N TYR B 415 -23.41 13.20 58.37
CA TYR B 415 -23.41 13.50 59.81
C TYR B 415 -23.47 12.16 60.59
N THR B 416 -24.43 11.27 60.24
CA THR B 416 -24.58 9.97 60.90
C THR B 416 -23.31 9.09 60.71
N LEU B 417 -22.55 9.31 59.61
CA LEU B 417 -21.31 8.56 59.30
C LEU B 417 -20.18 9.08 60.12
N GLY B 418 -20.26 10.36 60.48
CA GLY B 418 -19.28 11.05 61.30
C GLY B 418 -18.33 11.91 60.51
N ALA B 419 -18.68 12.22 59.25
CA ALA B 419 -17.89 13.07 58.36
C ALA B 419 -18.17 14.55 58.66
N LEU B 420 -19.41 14.87 59.08
CA LEU B 420 -19.79 16.24 59.42
C LEU B 420 -20.20 16.36 60.90
N ASP B 421 -20.13 17.58 61.45
CA ASP B 421 -20.51 17.92 62.81
C ASP B 421 -21.93 18.52 62.82
N ASP B 422 -22.33 19.14 63.94
CA ASP B 422 -23.63 19.78 64.13
C ASP B 422 -23.80 21.02 63.22
N GLU B 423 -22.72 21.81 63.04
CA GLU B 423 -22.65 23.03 62.23
C GLU B 423 -22.41 22.72 60.72
N GLY B 424 -22.48 21.43 60.38
CA GLY B 424 -22.28 20.92 59.03
C GLY B 424 -20.88 21.07 58.48
N LEU B 425 -19.88 21.24 59.35
CA LEU B 425 -18.48 21.37 58.95
C LEU B 425 -17.78 20.02 59.06
N LEU B 426 -16.72 19.81 58.23
CA LEU B 426 -15.95 18.56 58.22
C LEU B 426 -15.25 18.29 59.54
N THR B 427 -15.28 17.01 59.96
CA THR B 427 -14.62 16.52 61.17
C THR B 427 -13.24 15.97 60.76
N ARG B 428 -12.42 15.51 61.73
CA ARG B 428 -11.11 14.91 61.42
C ARG B 428 -11.34 13.65 60.59
N LEU B 429 -12.44 12.93 60.88
CA LEU B 429 -12.85 11.74 60.14
C LEU B 429 -13.18 12.11 58.71
N GLY B 430 -14.01 13.13 58.52
CA GLY B 430 -14.43 13.63 57.22
C GLY B 430 -13.27 14.05 56.33
N ARG B 431 -12.25 14.74 56.90
N ARG B 431 -12.26 14.73 56.92
CA ARG B 431 -11.06 15.16 56.15
CA ARG B 431 -11.03 15.18 56.25
C ARG B 431 -10.17 13.97 55.80
C ARG B 431 -10.20 13.97 55.81
N ARG B 432 -10.05 12.98 56.72
CA ARG B 432 -9.31 11.73 56.49
C ARG B 432 -10.00 10.88 55.40
N MET B 433 -11.35 10.82 55.43
CA MET B 433 -12.20 10.13 54.46
C MET B 433 -12.00 10.74 53.08
N ALA B 434 -11.97 12.09 53.00
CA ALA B 434 -11.81 12.85 51.74
C ALA B 434 -10.48 12.60 51.02
N GLU B 435 -9.48 12.05 51.74
CA GLU B 435 -8.17 11.76 51.17
C GLU B 435 -8.16 10.47 50.32
N PHE B 436 -9.27 9.69 50.35
CA PHE B 436 -9.35 8.44 49.58
C PHE B 436 -10.30 8.51 48.39
N PRO B 437 -9.89 7.97 47.21
CA PRO B 437 -10.80 7.97 46.04
C PRO B 437 -11.86 6.88 46.11
N LEU B 438 -12.59 6.80 47.24
CA LEU B 438 -13.61 5.76 47.45
C LEU B 438 -14.94 6.36 47.86
N GLU B 439 -16.04 5.58 47.71
CA GLU B 439 -17.37 6.00 48.18
C GLU B 439 -17.37 6.16 49.74
N PRO B 440 -18.12 7.14 50.32
CA PRO B 440 -18.02 7.41 51.76
C PRO B 440 -18.14 6.23 52.73
N MET B 441 -19.02 5.24 52.42
CA MET B 441 -19.17 4.07 53.31
C MET B 441 -17.88 3.23 53.36
N LEU B 442 -17.15 3.15 52.20
CA LEU B 442 -15.84 2.46 52.08
C LEU B 442 -14.74 3.22 52.81
N CYS B 443 -14.68 4.58 52.68
CA CYS B 443 -13.70 5.43 53.39
C CYS B 443 -13.83 5.23 54.87
N LYS B 444 -15.05 5.39 55.38
CA LYS B 444 -15.37 5.28 56.78
C LYS B 444 -14.87 3.95 57.33
N MET B 445 -15.20 2.81 56.67
CA MET B 445 -14.80 1.52 57.22
C MET B 445 -13.26 1.38 57.25
N LEU B 446 -12.52 2.03 56.32
CA LEU B 446 -11.05 2.04 56.27
C LEU B 446 -10.41 2.93 57.39
N ILE B 447 -10.85 4.17 57.61
CA ILE B 447 -10.33 5.00 58.71
C ILE B 447 -10.71 4.36 60.07
N MET B 448 -11.93 3.81 60.22
CA MET B 448 -12.31 3.13 61.45
C MET B 448 -11.44 1.91 61.76
N SER B 449 -11.02 1.16 60.74
CA SER B 449 -10.17 0.00 60.93
C SER B 449 -8.83 0.38 61.60
N VAL B 450 -8.37 1.62 61.37
CA VAL B 450 -7.17 2.17 62.05
C VAL B 450 -7.45 2.25 63.59
N HIS B 451 -8.66 2.71 63.97
CA HIS B 451 -9.05 2.85 65.36
C HIS B 451 -9.36 1.51 65.96
N LEU B 452 -9.92 0.59 65.19
CA LEU B 452 -10.23 -0.71 65.74
C LEU B 452 -9.11 -1.75 65.62
N GLY B 453 -7.93 -1.37 65.13
CA GLY B 453 -6.77 -2.26 65.07
C GLY B 453 -6.82 -3.41 64.07
N CYS B 454 -7.30 -3.13 62.84
CA CYS B 454 -7.39 -4.10 61.75
C CYS B 454 -7.19 -3.48 60.38
N SER B 455 -6.42 -2.38 60.24
CA SER B 455 -6.24 -1.71 58.93
C SER B 455 -5.53 -2.58 57.88
N GLU B 456 -4.68 -3.52 58.34
CA GLU B 456 -3.96 -4.42 57.43
C GLU B 456 -5.00 -5.25 56.66
N GLU B 457 -6.03 -5.71 57.36
CA GLU B 457 -7.14 -6.47 56.82
C GLU B 457 -8.03 -5.60 55.92
N MET B 458 -8.43 -4.41 56.42
CA MET B 458 -9.33 -3.50 55.71
C MET B 458 -8.75 -2.98 54.42
N LEU B 459 -7.42 -2.79 54.32
CA LEU B 459 -6.76 -2.39 53.07
C LEU B 459 -6.97 -3.43 51.99
N THR B 460 -6.96 -4.72 52.37
CA THR B 460 -7.21 -5.84 51.45
C THR B 460 -8.67 -5.91 51.04
N ILE B 461 -9.59 -5.84 52.02
CA ILE B 461 -11.04 -5.92 51.78
C ILE B 461 -11.50 -4.76 50.87
N VAL B 462 -11.12 -3.51 51.18
CA VAL B 462 -11.46 -2.36 50.33
C VAL B 462 -10.95 -2.58 48.91
N SER B 463 -9.75 -3.16 48.75
CA SER B 463 -9.15 -3.44 47.44
C SER B 463 -9.86 -4.55 46.68
N MET B 464 -10.25 -5.64 47.37
CA MET B 464 -10.98 -6.76 46.77
C MET B 464 -12.39 -6.34 46.32
N LEU B 465 -12.98 -5.39 47.04
CA LEU B 465 -14.31 -4.80 46.76
C LEU B 465 -14.23 -3.79 45.61
N SER B 466 -13.02 -3.36 45.25
CA SER B 466 -12.79 -2.39 44.17
C SER B 466 -12.48 -3.07 42.83
N VAL B 467 -12.48 -4.43 42.80
CA VAL B 467 -12.22 -5.26 41.61
C VAL B 467 -13.45 -6.14 41.27
N GLN B 468 -13.60 -6.45 40.00
CA GLN B 468 -14.70 -7.28 39.54
C GLN B 468 -14.20 -8.67 39.22
N ASN B 469 -15.11 -9.66 39.13
CA ASN B 469 -14.83 -11.06 38.72
C ASN B 469 -13.64 -11.71 39.46
N VAL B 470 -13.73 -11.88 40.80
CA VAL B 470 -12.63 -12.50 41.57
C VAL B 470 -12.63 -14.02 41.35
N PHE B 471 -13.83 -14.61 41.29
CA PHE B 471 -13.98 -16.04 41.09
C PHE B 471 -14.33 -16.36 39.65
N TYR B 472 -13.55 -17.29 39.09
CA TYR B 472 -13.71 -17.81 37.74
C TYR B 472 -14.66 -19.00 37.76
N ARG B 473 -15.79 -18.88 37.05
CA ARG B 473 -16.80 -19.93 36.99
C ARG B 473 -17.20 -20.28 35.54
N PRO B 474 -16.39 -21.08 34.79
CA PRO B 474 -16.77 -21.43 33.42
C PRO B 474 -18.04 -22.27 33.39
N LYS B 475 -18.77 -22.25 32.25
CA LYS B 475 -20.00 -23.03 32.08
C LYS B 475 -19.76 -24.56 32.17
N ASP B 476 -18.62 -25.03 31.61
CA ASP B 476 -18.21 -26.44 31.58
C ASP B 476 -17.84 -27.00 32.97
N LYS B 477 -17.03 -26.22 33.76
CA LYS B 477 -16.50 -26.61 35.07
C LYS B 477 -17.11 -25.82 36.23
N GLN B 478 -18.47 -25.72 36.26
CA GLN B 478 -19.24 -24.98 37.30
C GLN B 478 -19.17 -25.61 38.68
N ALA B 479 -19.48 -26.94 38.77
CA ALA B 479 -19.49 -27.71 40.02
C ALA B 479 -18.14 -27.65 40.69
N LEU B 480 -17.06 -27.91 39.91
CA LEU B 480 -15.68 -27.88 40.38
C LEU B 480 -15.29 -26.50 40.90
N ALA B 481 -15.60 -25.42 40.12
CA ALA B 481 -15.32 -24.03 40.52
C ALA B 481 -15.98 -23.70 41.89
N ASP B 482 -17.29 -24.09 42.09
CA ASP B 482 -18.04 -23.90 43.35
C ASP B 482 -17.42 -24.66 44.54
N GLN B 483 -16.89 -25.87 44.30
CA GLN B 483 -16.24 -26.67 45.32
C GLN B 483 -14.95 -25.98 45.79
N LYS B 484 -14.18 -25.43 44.83
CA LYS B 484 -12.94 -24.71 45.08
C LYS B 484 -13.18 -23.41 45.83
N LYS B 485 -14.25 -22.64 45.48
CA LYS B 485 -14.65 -21.38 46.14
C LYS B 485 -15.05 -21.60 47.60
N ALA B 486 -15.81 -22.66 47.86
CA ALA B 486 -16.30 -23.00 49.20
C ALA B 486 -15.18 -23.23 50.21
N LYS B 487 -13.97 -23.56 49.72
CA LYS B 487 -12.81 -23.78 50.58
C LYS B 487 -12.34 -22.48 51.25
N PHE B 488 -12.67 -21.33 50.64
CA PHE B 488 -12.34 -19.99 51.14
C PHE B 488 -13.43 -19.42 52.05
N HIS B 489 -14.65 -20.00 52.01
CA HIS B 489 -15.82 -19.54 52.78
C HIS B 489 -15.55 -19.41 54.27
N GLN B 490 -15.72 -18.17 54.78
CA GLN B 490 -15.55 -17.80 56.19
C GLN B 490 -16.91 -17.77 56.83
N THR B 491 -17.03 -18.27 58.09
CA THR B 491 -18.33 -18.33 58.81
C THR B 491 -18.98 -16.96 59.01
N GLU B 492 -18.16 -15.90 59.08
CA GLU B 492 -18.57 -14.53 59.33
C GLU B 492 -19.07 -13.79 58.08
N GLY B 493 -18.83 -14.33 56.89
CA GLY B 493 -19.34 -13.74 55.66
C GLY B 493 -18.42 -13.59 54.46
N ASP B 494 -18.89 -12.80 53.47
CA ASP B 494 -18.25 -12.52 52.18
C ASP B 494 -17.04 -11.64 52.24
N HIS B 495 -17.04 -10.57 53.08
CA HIS B 495 -15.89 -9.67 53.21
C HIS B 495 -14.66 -10.38 53.73
N LEU B 496 -14.82 -11.25 54.73
CA LEU B 496 -13.73 -12.06 55.28
C LEU B 496 -13.36 -13.21 54.36
N THR B 497 -14.29 -13.67 53.48
CA THR B 497 -13.96 -14.67 52.45
C THR B 497 -13.00 -14.00 51.42
N LEU B 498 -13.24 -12.69 51.10
CA LEU B 498 -12.41 -11.91 50.16
C LEU B 498 -10.99 -11.72 50.68
N LEU B 499 -10.85 -11.50 52.00
CA LEU B 499 -9.58 -11.38 52.70
C LEU B 499 -8.85 -12.75 52.67
N ALA B 500 -9.58 -13.86 52.91
CA ALA B 500 -9.02 -15.23 52.87
C ALA B 500 -8.43 -15.58 51.49
N VAL B 501 -9.11 -15.18 50.39
CA VAL B 501 -8.67 -15.42 49.01
C VAL B 501 -7.33 -14.71 48.76
N TYR B 502 -7.24 -13.41 49.11
CA TYR B 502 -6.05 -12.60 48.94
C TYR B 502 -4.89 -13.09 49.80
N ASN B 503 -5.13 -13.35 51.10
CA ASN B 503 -4.09 -13.87 52.00
C ASN B 503 -3.58 -15.25 51.58
N SER B 504 -4.45 -16.16 51.08
CA SER B 504 -3.96 -17.47 50.64
C SER B 504 -3.19 -17.38 49.33
N TRP B 505 -3.49 -16.35 48.51
CA TRP B 505 -2.78 -16.05 47.27
C TRP B 505 -1.38 -15.51 47.63
N LYS B 506 -1.33 -14.53 48.55
CA LYS B 506 -0.12 -13.91 49.10
C LYS B 506 0.76 -15.00 49.71
N ASN B 507 0.19 -15.88 50.56
CA ASN B 507 0.93 -16.99 51.18
C ASN B 507 1.48 -18.00 50.16
N ASN B 508 0.79 -18.16 49.01
CA ASN B 508 1.22 -19.01 47.91
C ASN B 508 2.03 -18.22 46.88
N LYS B 509 2.78 -17.21 47.39
CA LYS B 509 3.70 -16.31 46.68
C LYS B 509 3.11 -15.70 45.42
N PHE B 510 1.85 -15.23 45.47
CA PHE B 510 1.17 -14.58 44.32
C PHE B 510 1.32 -15.39 42.99
N SER B 511 1.21 -16.76 43.10
CA SER B 511 1.36 -17.72 42.01
C SER B 511 0.17 -17.73 41.04
N ASN B 512 0.45 -17.65 39.72
CA ASN B 512 -0.57 -17.77 38.67
C ASN B 512 -1.09 -19.22 38.66
N PRO B 513 -0.23 -20.29 38.64
CA PRO B 513 -0.77 -21.66 38.75
C PRO B 513 -1.69 -21.92 39.97
N TRP B 514 -1.46 -21.25 41.13
CA TRP B 514 -2.35 -21.38 42.30
C TRP B 514 -3.77 -20.88 41.94
N CYS B 515 -3.84 -19.76 41.20
CA CYS B 515 -5.08 -19.16 40.76
C CYS B 515 -5.87 -20.10 39.85
N TYR B 516 -5.17 -20.76 38.90
CA TYR B 516 -5.75 -21.72 37.96
C TYR B 516 -6.33 -22.92 38.70
N GLU B 517 -5.58 -23.43 39.69
CA GLU B 517 -5.93 -24.57 40.52
C GLU B 517 -7.20 -24.31 41.34
N ASN B 518 -7.34 -23.08 41.88
CA ASN B 518 -8.39 -22.64 42.80
C ASN B 518 -9.54 -21.83 42.18
N PHE B 519 -9.55 -21.66 40.86
CA PHE B 519 -10.57 -20.94 40.10
C PHE B 519 -10.72 -19.50 40.57
N ILE B 520 -9.58 -18.90 40.82
CA ILE B 520 -9.48 -17.48 41.17
C ILE B 520 -8.96 -16.79 39.88
N GLN B 521 -9.43 -15.56 39.62
CA GLN B 521 -8.98 -14.81 38.46
C GLN B 521 -7.76 -13.96 38.81
N ALA B 522 -6.55 -14.39 38.36
CA ALA B 522 -5.28 -13.72 38.65
C ALA B 522 -5.21 -12.25 38.21
N ARG B 523 -5.94 -11.88 37.15
CA ARG B 523 -5.93 -10.50 36.70
C ARG B 523 -6.53 -9.61 37.75
N SER B 524 -7.65 -10.05 38.39
CA SER B 524 -8.38 -9.34 39.44
C SER B 524 -7.57 -9.20 40.74
N LEU B 525 -6.83 -10.25 41.13
CA LEU B 525 -5.98 -10.24 42.31
C LEU B 525 -4.82 -9.28 42.09
N ARG B 526 -4.24 -9.26 40.90
CA ARG B 526 -3.14 -8.36 40.55
C ARG B 526 -3.60 -6.90 40.56
N ARG B 527 -4.88 -6.68 40.24
CA ARG B 527 -5.50 -5.36 40.24
C ARG B 527 -5.77 -4.93 41.70
N ALA B 528 -6.23 -5.86 42.55
CA ALA B 528 -6.49 -5.61 43.98
C ALA B 528 -5.17 -5.27 44.66
N GLN B 529 -4.10 -6.03 44.36
CA GLN B 529 -2.75 -5.82 44.90
C GLN B 529 -2.24 -4.40 44.57
N ASP B 530 -2.48 -3.94 43.33
CA ASP B 530 -2.12 -2.61 42.87
C ASP B 530 -2.90 -1.51 43.59
N ILE B 531 -4.25 -1.68 43.74
CA ILE B 531 -5.14 -0.73 44.44
C ILE B 531 -4.67 -0.62 45.88
N ARG B 532 -4.37 -1.79 46.54
CA ARG B 532 -3.90 -1.88 47.93
C ARG B 532 -2.64 -1.08 48.18
N LYS B 533 -1.64 -1.20 47.27
CA LYS B 533 -0.33 -0.54 47.25
C LYS B 533 -0.57 0.97 47.24
N GLN B 534 -1.53 1.44 46.43
CA GLN B 534 -1.88 2.86 46.29
C GLN B 534 -2.60 3.38 47.54
N MET B 535 -3.51 2.60 48.11
CA MET B 535 -4.25 2.98 49.32
C MET B 535 -3.32 3.06 50.52
N LEU B 536 -2.39 2.09 50.63
CA LEU B 536 -1.32 2.02 51.65
C LEU B 536 -0.44 3.28 51.59
N GLY B 537 -0.23 3.81 50.38
CA GLY B 537 0.50 5.04 50.16
C GLY B 537 -0.14 6.24 50.82
N ILE B 538 -1.47 6.37 50.72
CA ILE B 538 -2.25 7.45 51.34
C ILE B 538 -2.19 7.36 52.88
N MET B 539 -2.36 6.14 53.44
CA MET B 539 -2.28 5.82 54.87
C MET B 539 -0.95 6.34 55.38
N ASP B 540 0.16 5.96 54.68
CA ASP B 540 1.52 6.35 55.02
C ASP B 540 1.75 7.87 54.96
N ARG B 541 1.26 8.54 53.91
CA ARG B 541 1.38 10.01 53.79
C ARG B 541 0.71 10.73 54.97
N HIS B 542 -0.48 10.23 55.36
CA HIS B 542 -1.31 10.82 56.42
C HIS B 542 -1.10 10.17 57.77
N LYS B 543 -0.01 9.41 57.91
CA LYS B 543 0.44 8.74 59.13
C LYS B 543 -0.66 7.91 59.84
N LEU B 544 -1.51 7.20 59.07
CA LEU B 544 -2.57 6.36 59.59
C LEU B 544 -2.00 4.97 59.80
N ASP B 545 -1.96 4.51 61.06
CA ASP B 545 -1.39 3.23 61.47
C ASP B 545 -1.97 2.00 60.73
N VAL B 546 -1.10 1.15 60.18
CA VAL B 546 -1.47 -0.09 59.49
C VAL B 546 -1.17 -1.23 60.50
N VAL B 547 -2.24 -1.78 61.12
CA VAL B 547 -2.20 -2.81 62.16
C VAL B 547 -3.01 -4.05 61.73
N SER B 548 -2.51 -5.23 62.09
CA SER B 548 -3.25 -6.47 61.85
C SER B 548 -4.05 -6.85 63.09
N CYS B 549 -5.18 -7.49 62.91
CA CYS B 549 -6.06 -7.92 64.00
C CYS B 549 -5.73 -9.36 64.46
N GLY B 550 -4.82 -10.02 63.75
CA GLY B 550 -4.48 -11.42 63.99
C GLY B 550 -5.70 -12.29 63.78
N LYS B 551 -6.04 -13.09 64.79
CA LYS B 551 -7.20 -13.98 64.76
C LYS B 551 -8.49 -13.24 65.18
N SER B 552 -8.38 -12.03 65.80
CA SER B 552 -9.52 -11.21 66.24
C SER B 552 -10.24 -10.51 65.05
N THR B 553 -10.80 -11.32 64.13
CA THR B 553 -11.52 -10.84 62.95
C THR B 553 -12.86 -10.16 63.29
N VAL B 554 -13.31 -10.18 64.57
CA VAL B 554 -14.52 -9.47 64.99
C VAL B 554 -14.32 -7.96 64.81
N ARG B 555 -13.05 -7.51 64.94
CA ARG B 555 -12.63 -6.13 64.74
C ARG B 555 -12.95 -5.71 63.31
N VAL B 556 -12.76 -6.62 62.31
CA VAL B 556 -13.05 -6.40 60.89
C VAL B 556 -14.55 -6.20 60.73
N GLN B 557 -15.35 -7.10 61.32
CA GLN B 557 -16.82 -7.06 61.28
C GLN B 557 -17.36 -5.74 61.87
N LYS B 558 -16.78 -5.26 62.98
CA LYS B 558 -17.18 -3.99 63.61
C LYS B 558 -16.87 -2.82 62.67
N ALA B 559 -15.67 -2.83 62.03
CA ALA B 559 -15.26 -1.81 61.08
C ALA B 559 -16.19 -1.76 59.88
N ILE B 560 -16.56 -2.93 59.32
CA ILE B 560 -17.50 -2.98 58.19
C ILE B 560 -18.85 -2.33 58.59
N CYS B 561 -19.36 -2.74 59.76
CA CYS B 561 -20.61 -2.26 60.33
C CYS B 561 -20.60 -0.73 60.58
N SER B 562 -19.43 -0.18 60.96
CA SER B 562 -19.26 1.24 61.23
C SER B 562 -19.43 2.09 59.96
N GLY B 563 -19.30 1.48 58.78
CA GLY B 563 -19.47 2.15 57.51
C GLY B 563 -20.74 1.79 56.76
N PHE B 564 -21.20 0.53 56.90
CA PHE B 564 -22.38 0.03 56.15
C PHE B 564 -23.63 -0.26 56.98
N PHE B 565 -23.83 0.45 58.13
CA PHE B 565 -24.98 0.31 59.02
C PHE B 565 -26.28 0.66 58.31
N ARG B 566 -26.24 1.54 57.26
CA ARG B 566 -27.42 1.93 56.46
C ARG B 566 -27.96 0.69 55.75
N ASN B 567 -27.07 -0.26 55.41
CA ASN B 567 -27.35 -1.51 54.72
C ASN B 567 -27.51 -2.67 55.69
N ALA B 568 -28.03 -2.42 56.90
CA ALA B 568 -28.30 -3.53 57.83
C ALA B 568 -29.65 -4.18 57.46
N ALA B 569 -29.77 -5.52 57.64
CA ALA B 569 -30.97 -6.32 57.36
C ALA B 569 -31.16 -7.43 58.41
N LYS B 570 -32.41 -7.72 58.79
CA LYS B 570 -32.71 -8.77 59.77
C LYS B 570 -33.40 -9.94 59.07
N LYS B 571 -33.08 -11.18 59.49
CA LYS B 571 -33.65 -12.38 58.88
C LYS B 571 -35.16 -12.45 59.09
N ASP B 572 -35.92 -12.53 57.99
CA ASP B 572 -37.37 -12.58 58.02
C ASP B 572 -37.85 -14.01 58.42
N PRO B 573 -38.87 -14.14 59.29
CA PRO B 573 -39.33 -15.48 59.68
C PRO B 573 -39.88 -16.32 58.53
N GLN B 574 -40.29 -15.68 57.39
CA GLN B 574 -40.88 -16.36 56.24
C GLN B 574 -39.90 -16.57 55.10
N GLU B 575 -39.37 -15.48 54.51
CA GLU B 575 -38.46 -15.52 53.37
C GLU B 575 -37.51 -14.33 53.43
N GLY B 576 -36.25 -14.57 53.04
CA GLY B 576 -35.23 -13.54 52.97
C GLY B 576 -35.07 -12.75 54.24
N TYR B 577 -34.62 -11.50 54.08
CA TYR B 577 -34.36 -10.51 55.12
C TYR B 577 -35.19 -9.26 54.85
N ARG B 578 -35.34 -8.43 55.85
CA ARG B 578 -36.02 -7.16 55.75
C ARG B 578 -35.01 -6.06 56.13
N THR B 579 -34.81 -5.08 55.23
CA THR B 579 -33.88 -3.96 55.46
C THR B 579 -34.28 -3.15 56.68
N LEU B 580 -33.28 -2.70 57.51
CA LEU B 580 -33.55 -1.88 58.71
C LEU B 580 -34.16 -0.54 58.29
N ILE B 581 -33.65 0.06 57.18
CA ILE B 581 -34.07 1.34 56.62
C ILE B 581 -35.56 1.39 56.22
N ASP B 582 -35.97 0.67 55.15
CA ASP B 582 -37.36 0.76 54.66
C ASP B 582 -38.17 -0.54 54.79
N GLN B 583 -37.62 -1.56 55.48
CA GLN B 583 -38.25 -2.89 55.67
C GLN B 583 -38.60 -3.58 54.35
N GLN B 584 -37.74 -3.41 53.34
CA GLN B 584 -37.83 -4.01 52.01
C GLN B 584 -37.40 -5.47 52.13
N VAL B 585 -37.95 -6.33 51.28
CA VAL B 585 -37.56 -7.74 51.26
C VAL B 585 -36.32 -7.88 50.38
N VAL B 586 -35.22 -8.36 50.97
CA VAL B 586 -33.95 -8.55 50.26
C VAL B 586 -33.46 -9.99 50.48
N TYR B 587 -32.58 -10.49 49.61
CA TYR B 587 -32.12 -11.86 49.70
C TYR B 587 -30.60 -12.03 49.61
N ILE B 588 -30.08 -13.04 50.36
CA ILE B 588 -28.70 -13.51 50.29
C ILE B 588 -28.63 -14.32 48.95
N HIS B 589 -27.68 -13.95 48.09
CA HIS B 589 -27.49 -14.58 46.77
C HIS B 589 -26.89 -16.00 46.90
N PRO B 590 -27.24 -16.97 46.02
CA PRO B 590 -26.64 -18.32 46.15
C PRO B 590 -25.11 -18.40 46.14
N SER B 591 -24.43 -17.35 45.63
CA SER B 591 -22.97 -17.24 45.56
C SER B 591 -22.34 -16.78 46.88
N SER B 592 -23.15 -16.40 47.87
CA SER B 592 -22.66 -15.92 49.15
C SER B 592 -22.13 -17.05 50.06
N ALA B 593 -21.09 -16.72 50.84
CA ALA B 593 -20.48 -17.60 51.84
C ALA B 593 -21.51 -17.90 52.95
N LEU B 594 -22.52 -17.00 53.12
CA LEU B 594 -23.58 -17.13 54.13
C LEU B 594 -24.88 -17.77 53.60
N PHE B 595 -24.92 -18.18 52.32
CA PHE B 595 -26.11 -18.75 51.70
C PHE B 595 -26.68 -20.00 52.40
N ASN B 596 -25.82 -20.87 52.94
CA ASN B 596 -26.26 -22.08 53.63
C ASN B 596 -26.05 -21.97 55.16
N ARG B 597 -25.91 -20.73 55.65
CA ARG B 597 -25.75 -20.39 57.07
C ARG B 597 -26.22 -18.93 57.31
N GLN B 598 -27.49 -18.67 56.93
CA GLN B 598 -28.08 -17.32 56.98
C GLN B 598 -28.27 -16.81 58.43
N PRO B 599 -27.48 -15.78 58.88
CA PRO B 599 -27.62 -15.30 60.26
C PRO B 599 -28.83 -14.39 60.53
N GLU B 600 -29.03 -14.00 61.81
CA GLU B 600 -30.12 -13.12 62.26
C GLU B 600 -29.94 -11.72 61.69
N TRP B 601 -28.70 -11.19 61.74
CA TRP B 601 -28.40 -9.83 61.27
C TRP B 601 -27.22 -9.77 60.35
N VAL B 602 -27.33 -8.97 59.28
CA VAL B 602 -26.29 -8.79 58.26
C VAL B 602 -26.18 -7.32 57.83
N VAL B 603 -25.04 -7.00 57.15
CA VAL B 603 -24.76 -5.75 56.45
C VAL B 603 -24.27 -6.16 55.10
N TYR B 604 -24.78 -5.53 54.05
CA TYR B 604 -24.40 -5.83 52.70
C TYR B 604 -23.68 -4.65 52.08
N HIS B 605 -22.82 -4.93 51.09
CA HIS B 605 -22.07 -3.91 50.36
C HIS B 605 -23.03 -3.12 49.42
N GLU B 606 -23.80 -3.83 48.59
CA GLU B 606 -24.74 -3.20 47.66
C GLU B 606 -25.92 -4.12 47.36
N LEU B 607 -27.01 -3.54 46.82
CA LEU B 607 -28.20 -4.27 46.38
C LEU B 607 -28.16 -4.38 44.86
N VAL B 608 -28.46 -5.58 44.34
CA VAL B 608 -28.44 -5.91 42.92
C VAL B 608 -29.81 -6.46 42.52
N LEU B 609 -30.48 -5.82 41.56
CA LEU B 609 -31.80 -6.27 41.11
C LEU B 609 -31.74 -7.14 39.86
N THR B 610 -32.04 -8.44 40.02
CA THR B 610 -32.13 -9.42 38.94
C THR B 610 -33.56 -9.94 38.98
N THR B 611 -33.79 -11.25 39.29
CA THR B 611 -35.14 -11.80 39.45
C THR B 611 -35.75 -11.23 40.75
N LYS B 612 -34.96 -11.27 41.84
CA LYS B 612 -35.24 -10.76 43.20
C LYS B 612 -34.27 -9.60 43.49
N GLU B 613 -34.51 -8.87 44.58
CA GLU B 613 -33.62 -7.81 45.02
C GLU B 613 -32.58 -8.49 45.95
N TYR B 614 -31.37 -8.78 45.40
CA TYR B 614 -30.27 -9.49 46.04
C TYR B 614 -29.27 -8.60 46.73
N MET B 615 -28.90 -8.97 47.97
CA MET B 615 -27.83 -8.35 48.75
C MET B 615 -26.51 -8.93 48.20
N ARG B 616 -25.52 -8.09 47.93
CA ARG B 616 -24.20 -8.56 47.41
C ARG B 616 -23.13 -8.25 48.47
N GLU B 617 -22.27 -9.22 48.80
CA GLU B 617 -21.20 -9.09 49.83
C GLU B 617 -21.81 -8.86 51.22
N VAL B 618 -22.30 -9.91 51.86
CA VAL B 618 -22.96 -9.78 53.20
C VAL B 618 -22.07 -10.32 54.33
N THR B 619 -22.01 -9.57 55.40
CA THR B 619 -21.24 -9.85 56.60
C THR B 619 -22.23 -9.93 57.81
N THR B 620 -22.03 -10.94 58.68
CA THR B 620 -22.78 -11.15 59.91
C THR B 620 -22.43 -10.02 60.89
N ILE B 621 -23.45 -9.48 61.57
CA ILE B 621 -23.26 -8.41 62.58
C ILE B 621 -24.02 -8.71 63.83
N ASP B 622 -23.63 -8.04 64.91
CA ASP B 622 -24.33 -8.06 66.19
C ASP B 622 -25.17 -6.77 66.10
N PRO B 623 -26.51 -6.84 66.24
CA PRO B 623 -27.33 -5.62 66.13
C PRO B 623 -26.91 -4.53 67.11
N ARG B 624 -26.20 -4.89 68.21
CA ARG B 624 -25.68 -3.98 69.24
C ARG B 624 -24.70 -2.98 68.63
N TRP B 625 -23.96 -3.41 67.59
CA TRP B 625 -22.97 -2.57 66.90
C TRP B 625 -23.61 -1.41 66.17
N LEU B 626 -24.89 -1.53 65.79
CA LEU B 626 -25.61 -0.45 65.12
C LEU B 626 -25.75 0.77 66.05
N VAL B 627 -26.07 0.53 67.34
CA VAL B 627 -26.20 1.60 68.36
C VAL B 627 -24.77 2.13 68.68
N GLU B 628 -23.78 1.23 68.73
CA GLU B 628 -22.39 1.51 69.05
C GLU B 628 -21.69 2.37 68.01
N PHE B 629 -21.86 2.06 66.71
CA PHE B 629 -21.17 2.73 65.60
C PHE B 629 -22.02 3.75 64.81
N ALA B 630 -23.34 3.76 65.01
CA ALA B 630 -24.21 4.72 64.33
C ALA B 630 -25.28 5.24 65.29
N PRO B 631 -24.91 5.94 66.38
CA PRO B 631 -25.96 6.38 67.32
C PRO B 631 -26.84 7.52 66.82
N ALA B 632 -26.35 8.33 65.85
CA ALA B 632 -27.11 9.47 65.27
C ALA B 632 -28.26 8.96 64.42
N PHE B 633 -28.07 7.78 63.84
CA PHE B 633 -29.00 7.05 62.98
C PHE B 633 -30.18 6.47 63.79
N PHE B 634 -30.30 6.87 65.07
CA PHE B 634 -31.31 6.34 65.93
C PHE B 634 -32.08 7.36 66.77
N LYS B 635 -33.36 7.06 66.87
CA LYS B 635 -34.50 7.55 67.63
C LYS B 635 -35.19 6.19 67.85
N VAL B 636 -35.13 5.36 66.74
CA VAL B 636 -35.61 4.01 66.37
C VAL B 636 -35.15 2.85 67.30
N SER B 637 -34.62 3.19 68.48
CA SER B 637 -34.20 2.22 69.49
C SER B 637 -35.12 2.30 70.73
N ASP B 638 -35.17 1.21 71.48
CA ASP B 638 -35.88 1.14 72.75
C ASP B 638 -34.84 0.81 73.86
N PRO B 639 -34.86 1.53 75.02
CA PRO B 639 -33.92 1.21 76.10
C PRO B 639 -34.07 -0.22 76.67
N THR B 640 -32.94 -0.93 76.81
CA THR B 640 -32.89 -2.31 77.34
C THR B 640 -33.17 -2.30 78.85
CA MET C 9 -3.59 -4.85 -3.73
C MET C 9 -2.95 -5.13 -5.10
N SER C 10 -1.71 -5.67 -5.09
CA SER C 10 -0.96 -6.01 -6.32
C SER C 10 -1.70 -7.01 -7.24
N ILE C 11 -1.21 -7.17 -8.49
CA ILE C 11 -1.83 -8.08 -9.45
C ILE C 11 -1.74 -9.54 -8.99
N LEU C 12 -0.58 -9.95 -8.43
CA LEU C 12 -0.38 -11.31 -7.91
C LEU C 12 -1.31 -11.63 -6.73
N GLU C 13 -1.53 -10.65 -5.82
CA GLU C 13 -2.41 -10.80 -4.66
C GLU C 13 -3.87 -10.94 -5.16
N GLN C 14 -4.27 -10.12 -6.14
CA GLN C 14 -5.59 -10.14 -6.78
C GLN C 14 -5.86 -11.53 -7.41
N ARG C 15 -4.89 -12.07 -8.19
CA ARG C 15 -4.97 -13.39 -8.87
C ARG C 15 -5.07 -14.54 -7.87
N GLU C 16 -4.37 -14.44 -6.74
CA GLU C 16 -4.36 -15.48 -5.72
C GLU C 16 -5.60 -15.46 -4.83
N SER C 17 -6.41 -14.39 -4.94
CA SER C 17 -7.66 -14.20 -4.20
C SER C 17 -8.85 -14.90 -4.92
N LEU C 18 -8.69 -15.21 -6.21
CA LEU C 18 -9.72 -15.85 -7.05
C LEU C 18 -10.07 -17.29 -6.64
N PRO C 19 -11.37 -17.69 -6.71
CA PRO C 19 -11.76 -19.08 -6.36
C PRO C 19 -11.01 -20.19 -7.09
N ILE C 20 -10.67 -19.98 -8.39
CA ILE C 20 -9.94 -20.95 -9.23
C ILE C 20 -8.50 -21.21 -8.70
N TYR C 21 -7.85 -20.20 -8.05
CA TYR C 21 -6.50 -20.36 -7.53
C TYR C 21 -6.33 -21.54 -6.58
N LYS C 22 -7.35 -21.81 -5.78
CA LYS C 22 -7.34 -22.91 -4.82
C LYS C 22 -7.20 -24.27 -5.54
N LEU C 23 -7.65 -24.33 -6.81
CA LEU C 23 -7.59 -25.54 -7.63
C LEU C 23 -6.60 -25.47 -8.80
N LYS C 24 -5.69 -24.48 -8.82
CA LYS C 24 -4.70 -24.29 -9.87
C LYS C 24 -3.95 -25.59 -10.29
N GLU C 25 -3.39 -26.35 -9.33
CA GLU C 25 -2.64 -27.58 -9.62
C GLU C 25 -3.54 -28.70 -10.13
N GLN C 26 -4.73 -28.86 -9.53
CA GLN C 26 -5.70 -29.91 -9.89
C GLN C 26 -6.39 -29.63 -11.23
N LEU C 27 -6.48 -28.35 -11.60
CA LEU C 27 -7.04 -27.94 -12.88
C LEU C 27 -6.04 -28.25 -14.02
N VAL C 28 -4.72 -27.91 -13.84
CA VAL C 28 -3.69 -28.17 -14.84
C VAL C 28 -3.52 -29.70 -15.03
N GLN C 29 -3.61 -30.50 -13.93
CA GLN C 29 -3.51 -31.95 -13.96
C GLN C 29 -4.70 -32.57 -14.73
N ALA C 30 -5.92 -31.98 -14.59
CA ALA C 30 -7.12 -32.45 -15.27
C ALA C 30 -6.99 -32.24 -16.76
N VAL C 31 -6.46 -31.06 -17.18
CA VAL C 31 -6.24 -30.74 -18.59
C VAL C 31 -5.19 -31.72 -19.12
N HIS C 32 -4.15 -31.98 -18.33
CA HIS C 32 -3.09 -32.92 -18.67
C HIS C 32 -3.62 -34.32 -18.97
N ASP C 33 -4.50 -34.83 -18.10
CA ASP C 33 -5.06 -36.18 -18.18
C ASP C 33 -6.20 -36.39 -19.16
N ASN C 34 -6.85 -35.31 -19.62
CA ASN C 34 -8.02 -35.43 -20.50
C ASN C 34 -7.95 -34.55 -21.72
N GLN C 35 -8.30 -35.09 -22.90
CA GLN C 35 -8.30 -34.33 -24.17
C GLN C 35 -9.40 -33.27 -24.15
N ILE C 36 -10.62 -33.63 -23.70
CA ILE C 36 -11.77 -32.74 -23.55
C ILE C 36 -12.10 -32.67 -22.05
N LEU C 37 -12.23 -31.44 -21.53
CA LEU C 37 -12.59 -31.18 -20.16
C LEU C 37 -13.71 -30.15 -20.15
N ILE C 38 -14.72 -30.38 -19.31
CA ILE C 38 -15.83 -29.45 -19.16
C ILE C 38 -15.59 -28.75 -17.82
N VAL C 39 -15.45 -27.40 -17.82
CA VAL C 39 -15.18 -26.64 -16.60
C VAL C 39 -16.41 -25.84 -16.18
N ILE C 40 -16.95 -26.16 -15.00
CA ILE C 40 -18.09 -25.49 -14.40
C ILE C 40 -17.58 -24.66 -13.23
N GLY C 41 -18.02 -23.41 -13.16
CA GLY C 41 -17.65 -22.48 -12.09
C GLY C 41 -18.46 -21.21 -12.18
N GLU C 42 -18.82 -20.60 -11.04
N GLU C 42 -18.80 -20.60 -11.03
CA GLU C 42 -19.61 -19.36 -10.98
CA GLU C 42 -19.59 -19.36 -10.97
C GLU C 42 -18.89 -18.19 -11.67
C GLU C 42 -18.89 -18.18 -11.65
N THR C 43 -19.66 -17.24 -12.24
CA THR C 43 -19.10 -16.03 -12.92
C THR C 43 -18.22 -15.30 -11.87
N GLY C 44 -17.01 -14.97 -12.27
CA GLY C 44 -16.03 -14.32 -11.40
C GLY C 44 -15.09 -15.27 -10.68
N SER C 45 -15.16 -16.60 -10.97
CA SER C 45 -14.23 -17.54 -10.31
C SER C 45 -12.81 -17.46 -10.88
N GLY C 46 -12.67 -16.94 -12.10
CA GLY C 46 -11.39 -16.72 -12.77
C GLY C 46 -11.14 -17.63 -13.95
N LYS C 47 -12.21 -18.20 -14.56
CA LYS C 47 -12.09 -19.11 -15.68
C LYS C 47 -11.43 -18.48 -16.91
N THR C 48 -12.00 -17.40 -17.42
CA THR C 48 -11.52 -16.71 -18.61
C THR C 48 -10.10 -16.23 -18.51
N THR C 49 -9.77 -15.49 -17.45
CA THR C 49 -8.48 -14.83 -17.28
C THR C 49 -7.35 -15.73 -16.78
N GLN C 50 -7.64 -16.81 -16.02
CA GLN C 50 -6.60 -17.63 -15.40
C GLN C 50 -6.30 -18.95 -16.09
N ILE C 51 -7.33 -19.66 -16.64
CA ILE C 51 -7.10 -20.97 -17.28
C ILE C 51 -6.01 -20.86 -18.39
N THR C 52 -6.07 -19.84 -19.24
CA THR C 52 -5.07 -19.64 -20.29
C THR C 52 -3.64 -19.45 -19.69
N GLN C 53 -3.50 -18.59 -18.65
CA GLN C 53 -2.23 -18.30 -17.99
C GLN C 53 -1.63 -19.52 -17.30
N TYR C 54 -2.47 -20.33 -16.62
CA TYR C 54 -2.06 -21.56 -15.90
C TYR C 54 -1.46 -22.55 -16.88
N LEU C 55 -2.09 -22.67 -18.06
CA LEU C 55 -1.69 -23.59 -19.12
C LEU C 55 -0.44 -23.13 -19.87
N ALA C 56 -0.24 -21.80 -20.01
CA ALA C 56 0.95 -21.26 -20.68
C ALA C 56 2.15 -21.51 -19.77
N GLU C 57 1.93 -21.42 -18.45
CA GLU C 57 2.89 -21.66 -17.38
C GLU C 57 3.28 -23.15 -17.34
N ALA C 58 2.29 -24.05 -17.59
CA ALA C 58 2.48 -25.50 -17.65
C ALA C 58 3.27 -25.89 -18.92
N GLY C 59 3.39 -24.95 -19.85
CA GLY C 59 4.18 -25.07 -21.08
C GLY C 59 3.49 -25.45 -22.37
N TYR C 60 2.17 -25.33 -22.45
CA TYR C 60 1.41 -25.69 -23.65
C TYR C 60 1.69 -24.80 -24.86
N THR C 61 2.16 -23.57 -24.61
CA THR C 61 2.51 -22.57 -25.65
C THR C 61 3.74 -22.97 -26.49
N SER C 62 4.53 -23.96 -26.04
CA SER C 62 5.67 -24.49 -26.76
C SER C 62 5.20 -25.29 -27.99
N ARG C 63 4.01 -25.91 -27.89
CA ARG C 63 3.39 -26.70 -28.96
C ARG C 63 2.57 -25.83 -29.94
N GLY C 64 1.97 -24.77 -29.44
CA GLY C 64 1.16 -23.86 -30.23
C GLY C 64 0.43 -22.84 -29.40
N LYS C 65 -0.51 -22.12 -30.00
CA LYS C 65 -1.28 -21.08 -29.32
C LYS C 65 -2.34 -21.67 -28.35
N ILE C 66 -2.79 -20.82 -27.41
CA ILE C 66 -3.88 -21.07 -26.47
C ILE C 66 -4.94 -20.08 -26.93
N GLY C 67 -5.94 -20.59 -27.61
CA GLY C 67 -7.05 -19.78 -28.07
C GLY C 67 -8.24 -19.90 -27.13
N CYS C 68 -8.86 -18.76 -26.79
CA CYS C 68 -10.04 -18.73 -25.95
C CYS C 68 -11.10 -17.83 -26.59
N THR C 69 -12.26 -18.38 -26.93
CA THR C 69 -13.36 -17.62 -27.55
C THR C 69 -14.02 -16.69 -26.54
N GLN C 70 -14.58 -15.58 -27.01
CA GLN C 70 -15.37 -14.60 -26.25
C GLN C 70 -16.61 -14.28 -27.07
N PRO C 71 -17.81 -14.10 -26.50
CA PRO C 71 -18.99 -13.89 -27.36
C PRO C 71 -19.13 -12.48 -27.91
N ARG C 72 -18.57 -11.48 -27.20
CA ARG C 72 -18.70 -10.08 -27.57
C ARG C 72 -17.34 -9.38 -27.65
N ARG C 73 -17.28 -8.24 -28.40
CA ARG C 73 -16.10 -7.39 -28.64
C ARG C 73 -15.52 -6.89 -27.32
N VAL C 74 -16.35 -6.22 -26.48
CA VAL C 74 -15.89 -5.66 -25.20
C VAL C 74 -15.25 -6.76 -24.33
N ALA C 75 -15.91 -7.94 -24.24
CA ALA C 75 -15.37 -9.06 -23.48
C ALA C 75 -13.96 -9.49 -23.99
N ALA C 76 -13.79 -9.68 -25.30
CA ALA C 76 -12.49 -10.06 -25.87
C ALA C 76 -11.40 -9.01 -25.59
N MET C 77 -11.73 -7.72 -25.79
CA MET C 77 -10.83 -6.60 -25.56
C MET C 77 -10.40 -6.49 -24.10
N SER C 78 -11.38 -6.43 -23.16
CA SER C 78 -11.18 -6.33 -21.71
C SER C 78 -10.33 -7.47 -21.19
N VAL C 79 -10.69 -8.75 -21.50
CA VAL C 79 -9.95 -9.89 -20.92
C VAL C 79 -8.53 -9.96 -21.47
N ALA C 80 -8.31 -9.61 -22.75
CA ALA C 80 -6.96 -9.61 -23.32
C ALA C 80 -6.11 -8.50 -22.66
N LYS C 81 -6.74 -7.33 -22.34
CA LYS C 81 -6.06 -6.21 -21.70
C LYS C 81 -5.61 -6.62 -20.29
N ARG C 82 -6.56 -7.16 -19.51
CA ARG C 82 -6.31 -7.64 -18.15
C ARG C 82 -5.25 -8.73 -18.10
N VAL C 83 -5.38 -9.78 -18.94
CA VAL C 83 -4.46 -10.90 -19.00
C VAL C 83 -3.05 -10.46 -19.41
N SER C 84 -2.91 -9.42 -20.24
CA SER C 84 -1.58 -8.96 -20.62
C SER C 84 -0.90 -8.24 -19.45
N GLU C 85 -1.69 -7.52 -18.61
CA GLU C 85 -1.25 -6.85 -17.36
C GLU C 85 -0.81 -7.92 -16.36
N GLU C 86 -1.55 -9.03 -16.27
CA GLU C 86 -1.25 -10.14 -15.39
C GLU C 86 -0.03 -10.92 -15.88
N PHE C 87 0.09 -11.13 -17.22
CA PHE C 87 1.21 -11.85 -17.86
C PHE C 87 2.50 -11.02 -17.79
N GLY C 88 2.35 -9.70 -17.87
CA GLY C 88 3.44 -8.74 -17.86
C GLY C 88 3.99 -8.47 -19.24
N CYS C 89 3.13 -8.28 -20.25
CA CYS C 89 3.54 -8.02 -21.64
C CYS C 89 2.77 -6.84 -22.23
N CYS C 90 3.00 -6.55 -23.53
CA CYS C 90 2.28 -5.55 -24.31
C CYS C 90 1.05 -6.23 -24.79
N LEU C 91 -0.07 -5.51 -24.85
CA LEU C 91 -1.28 -6.05 -25.46
C LEU C 91 -0.98 -6.12 -26.98
N GLY C 92 -1.23 -7.29 -27.57
CA GLY C 92 -0.96 -7.56 -28.98
C GLY C 92 0.25 -8.43 -29.19
N GLN C 93 1.09 -8.57 -28.17
CA GLN C 93 2.32 -9.38 -28.21
C GLN C 93 2.01 -10.79 -27.73
N GLU C 94 2.60 -11.28 -26.63
CA GLU C 94 2.35 -12.64 -26.09
C GLU C 94 0.88 -12.90 -25.84
N VAL C 95 0.12 -11.85 -25.48
CA VAL C 95 -1.31 -11.88 -25.24
C VAL C 95 -1.97 -10.89 -26.18
N GLY C 96 -2.98 -11.35 -26.90
CA GLY C 96 -3.72 -10.49 -27.82
C GLY C 96 -5.16 -10.89 -28.03
N TYR C 97 -5.86 -10.15 -28.90
CA TYR C 97 -7.25 -10.39 -29.24
C TYR C 97 -7.53 -10.25 -30.74
N THR C 98 -8.56 -10.96 -31.23
CA THR C 98 -9.00 -10.91 -32.62
C THR C 98 -10.52 -10.76 -32.66
N ILE C 99 -10.96 -9.63 -33.21
CA ILE C 99 -12.37 -9.32 -33.36
C ILE C 99 -12.56 -8.93 -34.83
N ARG C 100 -13.80 -9.03 -35.36
CA ARG C 100 -14.00 -8.64 -36.74
C ARG C 100 -13.48 -7.21 -36.96
N PHE C 101 -12.65 -7.03 -38.00
CA PHE C 101 -12.02 -5.78 -38.44
C PHE C 101 -10.91 -5.24 -37.51
N GLU C 102 -10.55 -5.99 -36.44
CA GLU C 102 -9.46 -5.62 -35.52
C GLU C 102 -8.68 -6.85 -35.02
N ASP C 103 -7.52 -7.08 -35.61
CA ASP C 103 -6.65 -8.18 -35.22
C ASP C 103 -5.48 -7.66 -34.42
N CYS C 104 -5.63 -7.65 -33.09
CA CYS C 104 -4.59 -7.19 -32.20
C CYS C 104 -3.75 -8.38 -31.71
N THR C 105 -3.02 -9.01 -32.65
CA THR C 105 -2.11 -10.15 -32.43
C THR C 105 -0.89 -9.92 -33.30
N SER C 106 0.16 -10.73 -33.10
CA SER C 106 1.45 -10.60 -33.78
C SER C 106 2.17 -11.98 -33.78
N PRO C 107 3.37 -12.11 -34.45
CA PRO C 107 4.12 -13.38 -34.37
C PRO C 107 4.46 -13.86 -32.95
N GLU C 108 4.40 -12.95 -31.94
CA GLU C 108 4.66 -13.23 -30.51
C GLU C 108 3.50 -13.87 -29.76
N THR C 109 2.25 -13.68 -30.26
CA THR C 109 1.01 -14.12 -29.59
C THR C 109 1.00 -15.60 -29.28
N VAL C 110 0.82 -15.92 -28.00
CA VAL C 110 0.75 -17.29 -27.46
C VAL C 110 -0.60 -17.51 -26.77
N ILE C 111 -1.20 -16.44 -26.23
CA ILE C 111 -2.55 -16.45 -25.64
C ILE C 111 -3.41 -15.52 -26.49
N LYS C 112 -4.44 -16.07 -27.14
CA LYS C 112 -5.30 -15.33 -28.05
C LYS C 112 -6.76 -15.42 -27.62
N TYR C 113 -7.37 -14.25 -27.38
CA TYR C 113 -8.80 -14.14 -27.11
C TYR C 113 -9.48 -13.69 -28.39
N MET C 114 -10.42 -14.47 -28.91
CA MET C 114 -11.10 -14.06 -30.13
C MET C 114 -12.58 -14.29 -30.04
N THR C 115 -13.38 -13.54 -30.79
CA THR C 115 -14.84 -13.77 -30.81
C THR C 115 -15.13 -15.14 -31.45
N ASP C 116 -16.29 -15.78 -31.12
CA ASP C 116 -16.63 -17.09 -31.70
C ASP C 116 -16.68 -17.05 -33.26
N GLY C 117 -17.18 -15.95 -33.81
CA GLY C 117 -17.24 -15.74 -35.25
C GLY C 117 -15.85 -15.70 -35.87
N MET C 118 -14.85 -15.14 -35.14
CA MET C 118 -13.47 -15.07 -35.58
C MET C 118 -12.81 -16.44 -35.59
N LEU C 119 -13.14 -17.31 -34.63
CA LEU C 119 -12.59 -18.67 -34.64
C LEU C 119 -13.21 -19.45 -35.80
N LEU C 120 -14.52 -19.26 -36.04
CA LEU C 120 -15.26 -19.90 -37.16
C LEU C 120 -14.62 -19.54 -38.51
N ARG C 121 -14.25 -18.24 -38.70
CA ARG C 121 -13.55 -17.74 -39.88
C ARG C 121 -12.18 -18.41 -40.06
N GLU C 122 -11.50 -18.74 -38.94
CA GLU C 122 -10.23 -19.45 -38.94
C GLU C 122 -10.39 -20.86 -39.45
N CYS C 123 -11.54 -21.53 -39.15
CA CYS C 123 -11.83 -22.89 -39.60
C CYS C 123 -11.93 -22.93 -41.10
N LEU C 124 -12.44 -21.85 -41.73
CA LEU C 124 -12.57 -21.72 -43.19
C LEU C 124 -11.21 -21.88 -43.88
N ILE C 125 -10.18 -21.24 -43.31
CA ILE C 125 -8.79 -21.29 -43.78
C ILE C 125 -8.12 -22.61 -43.33
N ASP C 126 -8.15 -22.90 -42.01
CA ASP C 126 -7.53 -24.02 -41.28
C ASP C 126 -8.60 -24.83 -40.49
N PRO C 127 -9.23 -25.89 -41.09
CA PRO C 127 -10.27 -26.62 -40.34
C PRO C 127 -9.78 -27.46 -39.17
N ASP C 128 -8.48 -27.79 -39.15
CA ASP C 128 -7.91 -28.58 -38.07
C ASP C 128 -7.28 -27.73 -36.96
N LEU C 129 -7.40 -26.39 -37.10
CA LEU C 129 -6.87 -25.36 -36.20
C LEU C 129 -5.44 -25.72 -35.70
N THR C 130 -4.59 -26.14 -36.66
CA THR C 130 -3.20 -26.59 -36.46
C THR C 130 -2.31 -25.56 -35.75
N GLN C 131 -2.72 -24.28 -35.76
CA GLN C 131 -2.02 -23.18 -35.11
C GLN C 131 -2.19 -23.23 -33.60
N TYR C 132 -3.22 -23.98 -33.10
CA TYR C 132 -3.56 -24.07 -31.68
C TYR C 132 -3.21 -25.39 -31.06
N ALA C 133 -2.68 -25.33 -29.84
CA ALA C 133 -2.35 -26.48 -29.02
C ALA C 133 -3.55 -26.77 -28.12
N ILE C 134 -4.30 -25.72 -27.76
CA ILE C 134 -5.47 -25.73 -26.88
C ILE C 134 -6.55 -24.80 -27.44
N ILE C 135 -7.80 -25.27 -27.50
CA ILE C 135 -8.95 -24.46 -27.85
C ILE C 135 -9.88 -24.43 -26.63
N MET C 136 -10.17 -23.20 -26.13
CA MET C 136 -11.03 -23.00 -24.98
C MET C 136 -12.35 -22.36 -25.43
N LEU C 137 -13.47 -23.12 -25.32
CA LEU C 137 -14.78 -22.64 -25.71
C LEU C 137 -15.45 -22.05 -24.48
N ASP C 138 -15.18 -20.77 -24.26
CA ASP C 138 -15.68 -19.99 -23.14
C ASP C 138 -17.06 -19.48 -23.43
N GLU C 139 -17.80 -19.11 -22.37
CA GLU C 139 -19.17 -18.58 -22.43
C GLU C 139 -20.03 -19.45 -23.36
N ALA C 140 -19.81 -20.79 -23.26
CA ALA C 140 -20.47 -21.83 -24.05
C ALA C 140 -21.93 -22.03 -23.62
N HIS C 141 -22.23 -21.66 -22.37
CA HIS C 141 -23.58 -21.70 -21.77
C HIS C 141 -24.52 -20.67 -22.41
N GLU C 142 -23.95 -19.66 -23.08
CA GLU C 142 -24.68 -18.60 -23.81
C GLU C 142 -25.43 -19.20 -25.03
N ARG C 143 -24.90 -20.24 -25.65
CA ARG C 143 -25.53 -20.95 -26.80
C ARG C 143 -25.79 -20.08 -28.05
N THR C 144 -24.83 -19.30 -28.55
CA THR C 144 -25.05 -18.52 -29.80
C THR C 144 -24.81 -19.39 -31.05
N ILE C 145 -25.31 -18.99 -32.23
CA ILE C 145 -25.13 -19.75 -33.48
C ILE C 145 -23.68 -20.20 -33.68
N HIS C 146 -22.71 -19.27 -33.54
CA HIS C 146 -21.27 -19.49 -33.69
C HIS C 146 -20.73 -20.54 -32.72
N THR C 147 -21.24 -20.57 -31.48
CA THR C 147 -20.85 -21.54 -30.46
C THR C 147 -21.33 -22.93 -30.87
N ASP C 148 -22.65 -23.07 -31.19
CA ASP C 148 -23.27 -24.32 -31.65
C ASP C 148 -22.55 -24.90 -32.89
N VAL C 149 -22.12 -24.03 -33.82
CA VAL C 149 -21.39 -24.41 -35.03
C VAL C 149 -20.00 -24.91 -34.65
N LEU C 150 -19.30 -24.17 -33.75
CA LEU C 150 -17.98 -24.52 -33.26
C LEU C 150 -17.95 -25.86 -32.52
N PHE C 151 -19.04 -26.22 -31.79
CA PHE C 151 -19.17 -27.49 -31.08
C PHE C 151 -19.09 -28.65 -32.05
N GLY C 152 -19.78 -28.54 -33.17
CA GLY C 152 -19.80 -29.54 -34.24
C GLY C 152 -18.44 -29.65 -34.91
N LEU C 153 -17.84 -28.49 -35.24
CA LEU C 153 -16.54 -28.41 -35.90
C LEU C 153 -15.42 -28.98 -35.02
N LEU C 154 -15.30 -28.48 -33.77
CA LEU C 154 -14.29 -28.96 -32.82
C LEU C 154 -14.51 -30.42 -32.40
N LYS C 155 -15.75 -30.94 -32.43
CA LYS C 155 -16.05 -32.35 -32.12
C LYS C 155 -15.38 -33.28 -33.13
N LYS C 156 -15.32 -32.83 -34.39
CA LYS C 156 -14.65 -33.53 -35.47
C LYS C 156 -13.12 -33.34 -35.37
N THR C 157 -12.62 -32.07 -35.14
CA THR C 157 -11.19 -31.71 -35.03
C THR C 157 -10.48 -32.51 -33.96
N VAL C 158 -11.15 -32.69 -32.81
CA VAL C 158 -10.67 -33.44 -31.64
C VAL C 158 -10.33 -34.90 -32.03
N GLN C 159 -11.06 -35.48 -33.00
CA GLN C 159 -10.79 -36.85 -33.48
C GLN C 159 -9.55 -36.90 -34.36
N LYS C 160 -9.34 -35.87 -35.22
CA LYS C 160 -8.18 -35.76 -36.13
C LYS C 160 -6.90 -35.41 -35.33
N ARG C 161 -6.97 -34.35 -34.52
CA ARG C 161 -5.89 -33.86 -33.68
C ARG C 161 -5.94 -34.56 -32.31
N GLN C 162 -5.17 -35.66 -32.16
CA GLN C 162 -5.08 -36.39 -30.88
C GLN C 162 -4.24 -35.60 -29.83
N ASP C 163 -3.35 -34.70 -30.29
CA ASP C 163 -2.45 -33.86 -29.50
C ASP C 163 -3.13 -32.61 -28.91
N MET C 164 -4.22 -32.17 -29.53
CA MET C 164 -4.94 -30.95 -29.14
C MET C 164 -5.76 -31.15 -27.86
N LYS C 165 -5.94 -30.06 -27.06
CA LYS C 165 -6.75 -30.03 -25.86
C LYS C 165 -7.97 -29.14 -26.12
N LEU C 166 -9.15 -29.57 -25.65
CA LEU C 166 -10.42 -28.85 -25.78
C LEU C 166 -10.98 -28.63 -24.39
N ILE C 167 -11.17 -27.35 -24.00
CA ILE C 167 -11.78 -26.97 -22.72
C ILE C 167 -13.09 -26.25 -23.05
N VAL C 168 -14.20 -26.68 -22.44
CA VAL C 168 -15.49 -26.05 -22.61
C VAL C 168 -15.92 -25.53 -21.22
N THR C 169 -16.27 -24.22 -21.12
CA THR C 169 -16.71 -23.60 -19.86
C THR C 169 -18.21 -23.44 -19.87
N SER C 170 -18.89 -24.13 -18.92
CA SER C 170 -20.35 -24.26 -18.82
C SER C 170 -21.00 -23.61 -17.58
N ALA C 171 -22.34 -23.79 -17.49
CA ALA C 171 -23.26 -23.43 -16.41
C ALA C 171 -23.77 -24.75 -15.83
N THR C 172 -24.00 -24.79 -14.50
CA THR C 172 -24.44 -25.96 -13.74
C THR C 172 -25.42 -26.87 -14.49
N LEU C 173 -26.36 -26.27 -15.25
CA LEU C 173 -27.38 -26.99 -16.02
C LEU C 173 -26.80 -27.68 -17.27
N ASP C 174 -26.21 -26.89 -18.20
CA ASP C 174 -25.63 -27.36 -19.46
C ASP C 174 -24.43 -28.34 -19.33
N ALA C 175 -23.68 -28.32 -18.19
CA ALA C 175 -22.49 -29.16 -17.94
C ALA C 175 -22.63 -30.65 -18.32
N VAL C 176 -23.78 -31.25 -18.02
CA VAL C 176 -24.10 -32.65 -18.30
C VAL C 176 -24.38 -32.89 -19.80
N LYS C 177 -25.04 -31.92 -20.47
CA LYS C 177 -25.36 -31.97 -21.90
C LYS C 177 -24.06 -31.84 -22.70
N PHE C 178 -23.15 -30.94 -22.23
CA PHE C 178 -21.84 -30.69 -22.85
C PHE C 178 -20.94 -31.90 -22.78
N SER C 179 -20.89 -32.53 -21.59
CA SER C 179 -20.14 -33.74 -21.28
C SER C 179 -20.58 -34.90 -22.19
N GLN C 180 -21.90 -35.20 -22.24
CA GLN C 180 -22.44 -36.28 -23.07
C GLN C 180 -22.16 -36.01 -24.56
N TYR C 181 -22.27 -34.73 -24.99
CA TYR C 181 -22.01 -34.33 -26.38
C TYR C 181 -20.57 -34.63 -26.75
N PHE C 182 -19.62 -34.22 -25.88
CA PHE C 182 -18.19 -34.37 -26.10
C PHE C 182 -17.64 -35.71 -25.54
N TYR C 183 -18.23 -36.82 -26.01
CA TYR C 183 -17.83 -38.20 -25.68
C TYR C 183 -17.72 -38.50 -24.17
N GLU C 184 -18.75 -38.10 -23.39
CA GLU C 184 -18.81 -38.29 -21.94
C GLU C 184 -17.54 -37.74 -21.24
N ALA C 185 -17.10 -36.52 -21.67
CA ALA C 185 -15.93 -35.77 -21.18
C ALA C 185 -16.07 -35.51 -19.68
N PRO C 186 -14.98 -35.52 -18.89
CA PRO C 186 -15.14 -35.22 -17.46
C PRO C 186 -15.53 -33.78 -17.20
N ILE C 187 -16.20 -33.56 -16.06
CA ILE C 187 -16.65 -32.27 -15.57
C ILE C 187 -15.78 -31.90 -14.35
N PHE C 188 -15.13 -30.74 -14.43
CA PHE C 188 -14.31 -30.16 -13.37
C PHE C 188 -15.12 -29.01 -12.76
N THR C 189 -15.38 -29.06 -11.43
CA THR C 189 -16.14 -28.04 -10.74
C THR C 189 -15.24 -27.13 -9.90
N ILE C 190 -15.38 -25.81 -10.10
CA ILE C 190 -14.70 -24.78 -9.33
C ILE C 190 -15.72 -24.34 -8.26
N PRO C 191 -15.56 -24.78 -6.98
CA PRO C 191 -16.51 -24.35 -5.94
C PRO C 191 -16.42 -22.85 -5.74
N GLY C 192 -17.58 -22.26 -5.45
CA GLY C 192 -17.69 -20.82 -5.27
C GLY C 192 -18.87 -20.38 -4.41
N ARG C 193 -18.63 -19.36 -3.57
CA ARG C 193 -19.64 -18.80 -2.71
C ARG C 193 -20.61 -17.91 -3.49
N THR C 194 -21.90 -18.24 -3.36
CA THR C 194 -23.05 -17.50 -3.90
C THR C 194 -23.77 -16.96 -2.67
N TYR C 195 -24.19 -15.69 -2.69
CA TYR C 195 -24.82 -15.08 -1.53
C TYR C 195 -26.29 -14.77 -1.74
N PRO C 196 -27.12 -14.65 -0.65
CA PRO C 196 -28.54 -14.31 -0.85
C PRO C 196 -28.76 -12.94 -1.50
N VAL C 197 -29.72 -12.88 -2.44
CA VAL C 197 -30.11 -11.66 -3.14
C VAL C 197 -31.59 -11.42 -2.87
N GLU C 198 -31.90 -10.32 -2.15
CA GLU C 198 -33.26 -9.90 -1.81
C GLU C 198 -33.94 -9.43 -3.11
N ILE C 199 -34.91 -10.20 -3.63
CA ILE C 199 -35.56 -9.85 -4.89
C ILE C 199 -36.80 -9.05 -4.60
N LEU C 200 -36.82 -7.79 -5.09
CA LEU C 200 -37.89 -6.82 -4.87
C LEU C 200 -38.69 -6.55 -6.14
N TYR C 201 -40.00 -6.89 -6.14
CA TYR C 201 -40.90 -6.69 -7.30
C TYR C 201 -41.75 -5.44 -7.13
N THR C 202 -42.35 -4.96 -8.24
CA THR C 202 -43.23 -3.79 -8.22
C THR C 202 -44.66 -4.20 -7.87
N LYS C 203 -45.39 -3.31 -7.16
CA LYS C 203 -46.78 -3.54 -6.77
C LYS C 203 -47.71 -3.53 -7.99
N GLU C 204 -47.35 -2.72 -9.02
CA GLU C 204 -48.07 -2.59 -10.29
C GLU C 204 -47.04 -2.37 -11.44
N PRO C 205 -47.35 -2.71 -12.72
CA PRO C 205 -46.35 -2.50 -13.78
C PRO C 205 -46.05 -1.02 -14.08
N GLU C 206 -44.87 -0.74 -14.67
CA GLU C 206 -44.48 0.64 -14.98
C GLU C 206 -44.69 1.01 -16.44
N THR C 207 -45.24 2.22 -16.67
CA THR C 207 -45.49 2.81 -17.98
C THR C 207 -44.14 3.06 -18.69
N ASP C 208 -43.17 3.67 -17.98
CA ASP C 208 -41.81 3.95 -18.47
C ASP C 208 -40.78 3.19 -17.62
N TYR C 209 -40.13 2.14 -18.20
CA TYR C 209 -39.11 1.40 -17.46
C TYR C 209 -37.79 2.20 -17.36
N LEU C 210 -37.56 3.18 -18.28
CA LEU C 210 -36.37 4.03 -18.29
C LEU C 210 -36.44 5.08 -17.17
N ASP C 211 -37.64 5.52 -16.80
CA ASP C 211 -37.81 6.48 -15.72
C ASP C 211 -37.72 5.76 -14.38
N ALA C 212 -38.42 4.61 -14.27
CA ALA C 212 -38.46 3.72 -13.11
C ALA C 212 -37.05 3.31 -12.68
N SER C 213 -36.21 2.88 -13.66
CA SER C 213 -34.83 2.49 -13.41
C SER C 213 -34.00 3.63 -12.85
N LEU C 214 -34.15 4.87 -13.40
CA LEU C 214 -33.40 6.04 -12.91
C LEU C 214 -33.87 6.49 -11.51
N ILE C 215 -35.19 6.40 -11.21
CA ILE C 215 -35.73 6.68 -9.87
C ILE C 215 -35.13 5.67 -8.85
N THR C 216 -35.09 4.36 -9.21
CA THR C 216 -34.56 3.28 -8.36
C THR C 216 -33.09 3.51 -8.04
N VAL C 217 -32.27 3.86 -9.07
CA VAL C 217 -30.84 4.16 -8.95
C VAL C 217 -30.59 5.26 -7.91
N MET C 218 -31.33 6.37 -7.99
CA MET C 218 -31.21 7.48 -7.02
C MET C 218 -31.66 7.08 -5.63
N GLN C 219 -32.74 6.27 -5.52
CA GLN C 219 -33.23 5.78 -4.23
C GLN C 219 -32.20 4.87 -3.57
N ILE C 220 -31.58 3.95 -4.35
CA ILE C 220 -30.53 3.02 -3.85
C ILE C 220 -29.37 3.86 -3.36
N HIS C 221 -28.87 4.78 -4.22
CA HIS C 221 -27.71 5.62 -3.94
C HIS C 221 -27.85 6.45 -2.65
N LEU C 222 -29.01 7.08 -2.45
CA LEU C 222 -29.19 7.94 -1.29
C LEU C 222 -29.58 7.22 -0.04
N THR C 223 -30.26 6.06 -0.14
CA THR C 223 -30.77 5.41 1.07
C THR C 223 -30.19 4.03 1.46
N GLU C 224 -29.39 3.40 0.59
CA GLU C 224 -28.88 2.04 0.87
C GLU C 224 -27.39 1.99 1.29
N PRO C 225 -26.95 0.97 2.07
CA PRO C 225 -25.52 0.90 2.45
C PRO C 225 -24.60 0.80 1.24
N PRO C 226 -23.33 1.24 1.33
CA PRO C 226 -22.42 1.16 0.15
C PRO C 226 -22.39 -0.17 -0.61
N GLY C 227 -22.22 -0.04 -1.91
CA GLY C 227 -22.19 -1.11 -2.88
C GLY C 227 -22.53 -0.49 -4.22
N ASP C 228 -21.94 -1.01 -5.30
CA ASP C 228 -22.20 -0.44 -6.62
C ASP C 228 -23.46 -1.01 -7.26
N ILE C 229 -24.07 -0.23 -8.16
CA ILE C 229 -25.31 -0.57 -8.86
C ILE C 229 -25.07 -0.97 -10.31
N LEU C 230 -25.74 -2.05 -10.77
CA LEU C 230 -25.72 -2.54 -12.17
C LEU C 230 -27.13 -2.40 -12.76
N VAL C 231 -27.26 -1.64 -13.85
CA VAL C 231 -28.55 -1.42 -14.53
C VAL C 231 -28.51 -2.13 -15.88
N PHE C 232 -29.52 -2.95 -16.17
CA PHE C 232 -29.59 -3.68 -17.45
C PHE C 232 -30.52 -3.00 -18.43
N LEU C 233 -29.96 -2.37 -19.47
CA LEU C 233 -30.76 -1.74 -20.51
C LEU C 233 -30.62 -2.55 -21.81
N THR C 234 -31.23 -2.08 -22.91
CA THR C 234 -31.31 -2.88 -24.15
C THR C 234 -30.36 -2.46 -25.26
N GLY C 235 -29.95 -1.19 -25.30
CA GLY C 235 -29.07 -0.68 -26.34
C GLY C 235 -28.40 0.63 -25.99
N GLN C 236 -27.50 1.05 -26.89
CA GLN C 236 -26.70 2.27 -26.78
C GLN C 236 -27.50 3.59 -26.63
N GLU C 237 -28.44 3.86 -27.53
CA GLU C 237 -29.28 5.06 -27.53
C GLU C 237 -29.95 5.25 -26.15
N GLU C 238 -30.53 4.16 -25.63
CA GLU C 238 -31.22 4.05 -24.34
C GLU C 238 -30.24 4.28 -23.19
N ILE C 239 -29.02 3.67 -23.26
CA ILE C 239 -27.97 3.81 -22.23
C ILE C 239 -27.46 5.26 -22.20
N ASP C 240 -27.14 5.83 -23.37
CA ASP C 240 -26.66 7.21 -23.52
C ASP C 240 -27.66 8.21 -22.95
N THR C 241 -28.96 7.97 -23.17
CA THR C 241 -30.06 8.80 -22.68
C THR C 241 -30.16 8.71 -21.14
N ALA C 242 -30.20 7.47 -20.60
CA ALA C 242 -30.26 7.18 -19.17
C ALA C 242 -29.15 7.89 -18.42
N CYS C 243 -27.93 7.88 -18.98
CA CYS C 243 -26.74 8.53 -18.43
C CYS C 243 -26.90 10.04 -18.35
N GLU C 244 -27.38 10.68 -19.46
CA GLU C 244 -27.61 12.13 -19.56
C GLU C 244 -28.62 12.60 -18.50
N ILE C 245 -29.82 11.97 -18.47
CA ILE C 245 -30.90 12.27 -17.52
C ILE C 245 -30.44 12.06 -16.08
N LEU C 246 -29.80 10.89 -15.76
CA LEU C 246 -29.26 10.58 -14.43
C LEU C 246 -28.31 11.68 -13.96
N TYR C 247 -27.38 12.12 -14.84
CA TYR C 247 -26.43 13.18 -14.54
C TYR C 247 -27.18 14.48 -14.23
N GLU C 248 -28.15 14.87 -15.08
CA GLU C 248 -28.97 16.07 -14.88
C GLU C 248 -29.71 16.01 -13.52
N ARG C 249 -30.38 14.87 -13.26
CA ARG C 249 -31.15 14.60 -12.03
C ARG C 249 -30.27 14.61 -10.78
N MET C 250 -29.05 14.08 -10.89
CA MET C 250 -28.10 14.08 -9.78
C MET C 250 -27.59 15.50 -9.50
N LYS C 251 -27.37 16.29 -10.56
CA LYS C 251 -26.93 17.70 -10.50
C LYS C 251 -28.01 18.55 -9.80
N SER C 252 -29.30 18.26 -10.11
CA SER C 252 -30.49 18.91 -9.55
C SER C 252 -30.58 18.77 -8.02
N LEU C 253 -29.96 17.70 -7.45
CA LEU C 253 -29.94 17.45 -6.00
C LEU C 253 -29.08 18.45 -5.23
N GLY C 254 -28.04 18.98 -5.88
CA GLY C 254 -27.15 19.98 -5.27
C GLY C 254 -25.73 19.49 -5.04
N PRO C 255 -24.83 20.38 -4.54
CA PRO C 255 -23.42 19.97 -4.32
C PRO C 255 -23.15 19.16 -3.05
N ASP C 256 -24.08 19.19 -2.07
CA ASP C 256 -23.90 18.46 -0.80
C ASP C 256 -24.01 16.93 -0.95
N VAL C 257 -24.79 16.46 -1.96
CA VAL C 257 -25.08 15.06 -2.26
C VAL C 257 -23.84 14.22 -2.59
N PRO C 258 -23.72 12.97 -2.04
CA PRO C 258 -22.56 12.11 -2.39
C PRO C 258 -22.50 11.77 -3.87
N GLU C 259 -21.27 11.69 -4.40
CA GLU C 259 -20.97 11.41 -5.80
C GLU C 259 -21.42 10.04 -6.30
N LEU C 260 -22.08 10.03 -7.47
CA LEU C 260 -22.52 8.86 -8.23
C LEU C 260 -21.72 8.91 -9.52
N ILE C 261 -20.88 7.89 -9.74
CA ILE C 261 -20.05 7.76 -10.93
C ILE C 261 -20.87 6.96 -11.95
N ILE C 262 -21.41 7.65 -12.99
CA ILE C 262 -22.28 7.04 -13.98
C ILE C 262 -21.44 6.51 -15.12
N LEU C 263 -21.51 5.18 -15.31
CA LEU C 263 -20.68 4.49 -16.27
C LEU C 263 -21.43 3.68 -17.32
N PRO C 264 -21.51 4.19 -18.60
CA PRO C 264 -22.13 3.39 -19.68
C PRO C 264 -21.27 2.19 -20.09
N VAL C 265 -21.92 1.12 -20.58
CA VAL C 265 -21.26 -0.08 -21.08
C VAL C 265 -21.97 -0.62 -22.36
N TYR C 266 -21.25 -0.67 -23.48
CA TYR C 266 -21.72 -1.19 -24.78
C TYR C 266 -20.59 -1.43 -25.78
N SER C 267 -20.89 -2.25 -26.82
CA SER C 267 -19.95 -2.63 -27.88
C SER C 267 -19.13 -1.48 -28.46
N ALA C 268 -19.75 -0.34 -28.85
CA ALA C 268 -19.09 0.81 -29.48
C ALA C 268 -18.45 1.80 -28.51
N LEU C 269 -18.08 1.32 -27.32
CA LEU C 269 -17.51 2.11 -26.22
C LEU C 269 -15.97 2.31 -26.35
N PRO C 270 -15.42 3.57 -26.37
CA PRO C 270 -13.95 3.76 -26.41
C PRO C 270 -13.24 2.99 -25.30
N SER C 271 -12.07 2.40 -25.57
CA SER C 271 -11.36 1.59 -24.58
C SER C 271 -11.06 2.32 -23.26
N GLU C 272 -10.87 3.66 -23.27
CA GLU C 272 -10.64 4.45 -22.05
C GLU C 272 -11.84 4.35 -21.10
N MET C 273 -13.06 4.39 -21.66
CA MET C 273 -14.31 4.28 -20.91
C MET C 273 -14.59 2.83 -20.45
N GLN C 274 -13.99 1.84 -21.11
CA GLN C 274 -14.10 0.43 -20.76
C GLN C 274 -13.32 0.15 -19.47
N THR C 275 -12.16 0.78 -19.28
CA THR C 275 -11.32 0.53 -18.11
C THR C 275 -11.96 1.13 -16.85
N ARG C 276 -12.62 2.31 -16.96
CA ARG C 276 -13.29 3.01 -15.86
C ARG C 276 -14.30 2.10 -15.11
N ILE C 277 -14.97 1.17 -15.82
CA ILE C 277 -15.99 0.30 -15.21
C ILE C 277 -15.35 -0.74 -14.26
N PHE C 278 -14.02 -0.94 -14.32
CA PHE C 278 -13.34 -1.89 -13.45
C PHE C 278 -12.59 -1.22 -12.30
N ASP C 279 -12.46 0.11 -12.33
CA ASP C 279 -11.78 0.84 -11.25
C ASP C 279 -12.70 0.90 -10.05
N PRO C 280 -12.21 0.59 -8.81
CA PRO C 280 -13.08 0.73 -7.63
C PRO C 280 -13.42 2.20 -7.41
N ALA C 281 -14.61 2.48 -6.89
CA ALA C 281 -15.03 3.85 -6.65
C ALA C 281 -14.16 4.48 -5.58
N PRO C 282 -13.88 5.79 -5.66
CA PRO C 282 -13.14 6.44 -4.56
C PRO C 282 -13.99 6.39 -3.29
N PRO C 283 -13.43 6.48 -2.05
CA PRO C 283 -14.30 6.46 -0.86
C PRO C 283 -15.23 7.66 -0.86
N GLY C 284 -16.46 7.45 -0.42
CA GLY C 284 -17.47 8.51 -0.39
C GLY C 284 -18.25 8.63 -1.69
N SER C 285 -17.80 7.90 -2.73
CA SER C 285 -18.41 7.83 -4.06
C SER C 285 -18.99 6.43 -4.28
N ARG C 286 -19.94 6.31 -5.23
CA ARG C 286 -20.60 5.08 -5.62
C ARG C 286 -20.65 4.96 -7.16
N LYS C 287 -20.53 3.74 -7.70
CA LYS C 287 -20.61 3.55 -9.15
C LYS C 287 -21.96 2.99 -9.57
N VAL C 288 -22.43 3.44 -10.73
CA VAL C 288 -23.61 2.89 -11.39
C VAL C 288 -23.16 2.51 -12.80
N VAL C 289 -23.18 1.21 -13.09
CA VAL C 289 -22.79 0.68 -14.40
C VAL C 289 -24.10 0.44 -15.16
N ILE C 290 -24.31 1.19 -16.24
CA ILE C 290 -25.51 1.13 -17.08
C ILE C 290 -25.12 0.35 -18.34
N ALA C 291 -25.38 -0.98 -18.32
CA ALA C 291 -24.93 -1.91 -19.35
C ALA C 291 -26.04 -2.61 -20.09
N THR C 292 -25.67 -3.44 -21.09
CA THR C 292 -26.60 -4.33 -21.82
C THR C 292 -26.41 -5.74 -21.22
N ASN C 293 -26.94 -6.80 -21.87
CA ASN C 293 -26.82 -8.17 -21.37
C ASN C 293 -25.37 -8.70 -21.30
N ILE C 294 -24.40 -7.87 -21.77
CA ILE C 294 -22.97 -8.14 -21.76
C ILE C 294 -22.55 -8.40 -20.31
N ALA C 295 -23.17 -7.65 -19.37
CA ALA C 295 -22.92 -7.69 -17.93
C ALA C 295 -23.57 -8.89 -17.19
N GLU C 296 -24.30 -9.77 -17.90
CA GLU C 296 -24.90 -10.96 -17.28
C GLU C 296 -23.84 -12.06 -16.95
N THR C 297 -22.90 -12.34 -17.86
CA THR C 297 -21.86 -13.36 -17.66
C THR C 297 -20.49 -12.99 -18.22
N SER C 298 -20.45 -12.30 -19.39
CA SER C 298 -19.21 -11.92 -20.08
C SER C 298 -18.31 -10.98 -19.29
N LEU C 299 -18.88 -9.92 -18.69
CA LEU C 299 -18.08 -8.98 -17.89
C LEU C 299 -18.36 -9.18 -16.42
N THR C 300 -17.30 -9.10 -15.61
CA THR C 300 -17.36 -9.27 -14.16
C THR C 300 -16.78 -8.02 -13.49
N ILE C 301 -17.67 -7.21 -12.85
CA ILE C 301 -17.29 -5.99 -12.14
C ILE C 301 -17.31 -6.29 -10.64
N ASP C 302 -16.28 -5.86 -9.92
CA ASP C 302 -16.22 -6.09 -8.48
C ASP C 302 -17.01 -4.99 -7.76
N GLY C 303 -17.48 -5.30 -6.56
CA GLY C 303 -18.21 -4.37 -5.70
C GLY C 303 -19.67 -4.12 -6.02
N ILE C 304 -20.27 -4.89 -6.97
CA ILE C 304 -21.69 -4.72 -7.31
C ILE C 304 -22.54 -5.45 -6.26
N TYR C 305 -23.44 -4.73 -5.55
CA TYR C 305 -24.37 -5.29 -4.55
C TYR C 305 -25.83 -5.05 -4.90
N TYR C 306 -26.09 -4.22 -5.93
CA TYR C 306 -27.46 -3.88 -6.34
C TYR C 306 -27.61 -4.01 -7.80
N VAL C 307 -28.75 -4.56 -8.25
CA VAL C 307 -29.08 -4.76 -9.66
C VAL C 307 -30.49 -4.20 -9.89
N VAL C 308 -30.65 -3.38 -10.93
CA VAL C 308 -31.95 -2.81 -11.35
C VAL C 308 -32.26 -3.57 -12.67
N ASP C 309 -33.38 -4.31 -12.67
CA ASP C 309 -33.81 -5.15 -13.78
C ASP C 309 -35.17 -4.75 -14.43
N PRO C 310 -35.17 -3.95 -15.54
CA PRO C 310 -36.44 -3.62 -16.22
C PRO C 310 -37.14 -4.82 -16.88
N GLY C 311 -36.40 -5.92 -17.09
CA GLY C 311 -36.92 -7.16 -17.66
C GLY C 311 -37.03 -7.20 -19.17
N PHE C 312 -36.08 -6.56 -19.88
CA PHE C 312 -36.01 -6.54 -21.35
C PHE C 312 -34.63 -6.83 -21.89
N VAL C 313 -34.58 -7.45 -23.09
CA VAL C 313 -33.34 -7.81 -23.78
C VAL C 313 -33.57 -7.70 -25.28
N LYS C 314 -32.59 -7.14 -26.02
CA LYS C 314 -32.69 -7.04 -27.48
C LYS C 314 -32.22 -8.40 -28.04
N GLN C 315 -33.11 -9.16 -28.70
CA GLN C 315 -32.73 -10.47 -29.22
C GLN C 315 -33.38 -10.80 -30.57
N LYS C 316 -32.71 -11.68 -31.33
CA LYS C 316 -33.16 -12.13 -32.64
C LYS C 316 -34.36 -13.06 -32.51
N VAL C 317 -35.43 -12.72 -33.24
CA VAL C 317 -36.68 -13.47 -33.38
C VAL C 317 -36.74 -13.89 -34.87
N TYR C 318 -37.31 -15.06 -35.20
CA TYR C 318 -37.29 -15.48 -36.60
C TYR C 318 -38.60 -16.05 -37.09
N ASN C 319 -39.02 -15.59 -38.29
CA ASN C 319 -40.22 -16.08 -38.97
C ASN C 319 -39.85 -17.31 -39.79
N SER C 320 -40.35 -18.49 -39.39
CA SER C 320 -40.05 -19.77 -40.04
C SER C 320 -40.63 -19.86 -41.45
N LYS C 321 -41.85 -19.31 -41.65
CA LYS C 321 -42.55 -19.32 -42.94
C LYS C 321 -41.88 -18.41 -43.97
N THR C 322 -41.64 -17.12 -43.61
CA THR C 322 -41.05 -16.14 -44.52
C THR C 322 -39.52 -16.21 -44.58
N GLY C 323 -38.89 -16.78 -43.55
CA GLY C 323 -37.44 -16.92 -43.47
C GLY C 323 -36.70 -15.65 -43.04
N ILE C 324 -37.44 -14.67 -42.50
CA ILE C 324 -36.89 -13.39 -42.06
C ILE C 324 -36.72 -13.35 -40.55
N ASP C 325 -35.52 -12.98 -40.10
CA ASP C 325 -35.23 -12.79 -38.67
C ASP C 325 -35.08 -11.29 -38.34
N GLN C 326 -35.15 -10.92 -37.05
CA GLN C 326 -35.08 -9.51 -36.65
C GLN C 326 -34.70 -9.34 -35.19
N LEU C 327 -33.91 -8.29 -34.90
CA LEU C 327 -33.57 -7.90 -33.52
C LEU C 327 -34.78 -7.16 -32.97
N VAL C 328 -35.30 -7.64 -31.84
CA VAL C 328 -36.49 -7.07 -31.20
C VAL C 328 -36.29 -6.99 -29.68
N VAL C 329 -36.90 -5.98 -29.04
CA VAL C 329 -36.83 -5.83 -27.59
C VAL C 329 -37.95 -6.66 -27.01
N THR C 330 -37.60 -7.75 -26.29
CA THR C 330 -38.58 -8.68 -25.71
C THR C 330 -38.26 -8.91 -24.25
N PRO C 331 -39.22 -9.45 -23.42
CA PRO C 331 -38.84 -9.79 -22.03
C PRO C 331 -37.78 -10.90 -21.98
N ILE C 332 -36.99 -10.95 -20.90
CA ILE C 332 -35.93 -11.95 -20.75
C ILE C 332 -36.52 -13.30 -20.30
N SER C 333 -35.65 -14.31 -20.14
CA SER C 333 -36.07 -15.62 -19.64
C SER C 333 -35.76 -15.66 -18.13
N GLN C 334 -36.36 -16.62 -17.41
CA GLN C 334 -36.12 -16.81 -15.98
C GLN C 334 -34.65 -17.08 -15.72
N ALA C 335 -33.97 -17.88 -16.57
CA ALA C 335 -32.54 -18.20 -16.50
C ALA C 335 -31.66 -16.95 -16.62
N GLN C 336 -32.13 -15.94 -17.40
CA GLN C 336 -31.47 -14.64 -17.54
C GLN C 336 -31.80 -13.79 -16.31
N ALA C 337 -33.09 -13.75 -15.86
CA ALA C 337 -33.53 -13.00 -14.67
C ALA C 337 -32.84 -13.48 -13.38
N LYS C 338 -32.46 -14.79 -13.33
CA LYS C 338 -31.73 -15.41 -12.22
C LYS C 338 -30.24 -15.03 -12.36
N GLN C 339 -29.72 -14.96 -13.62
CA GLN C 339 -28.32 -14.56 -13.90
C GLN C 339 -28.10 -13.11 -13.57
N ARG C 340 -29.09 -12.24 -13.92
CA ARG C 340 -29.13 -10.79 -13.67
C ARG C 340 -29.11 -10.48 -12.17
N ALA C 341 -29.95 -11.19 -11.38
CA ALA C 341 -30.06 -11.08 -9.92
C ALA C 341 -28.79 -11.59 -9.24
N GLY C 342 -28.22 -12.67 -9.76
CA GLY C 342 -26.99 -13.28 -9.24
C GLY C 342 -25.79 -12.36 -9.21
N ARG C 343 -25.80 -11.28 -10.03
CA ARG C 343 -24.72 -10.29 -10.11
C ARG C 343 -24.63 -9.43 -8.83
N ALA C 344 -25.72 -9.39 -8.04
CA ALA C 344 -25.77 -8.67 -6.78
C ALA C 344 -25.30 -9.54 -5.60
N GLY C 345 -25.08 -10.85 -5.83
CA GLY C 345 -24.66 -11.82 -4.81
C GLY C 345 -23.36 -12.55 -5.05
N ARG C 346 -22.38 -11.87 -5.67
CA ARG C 346 -21.06 -12.43 -5.97
C ARG C 346 -20.06 -12.29 -4.83
N THR C 347 -19.90 -11.07 -4.22
CA THR C 347 -18.94 -10.85 -3.13
C THR C 347 -19.60 -10.69 -1.74
N GLY C 348 -20.92 -10.69 -1.72
CA GLY C 348 -21.71 -10.59 -0.51
C GLY C 348 -23.21 -10.57 -0.80
N PRO C 349 -24.07 -10.59 0.26
CA PRO C 349 -25.52 -10.51 0.03
C PRO C 349 -25.90 -9.19 -0.68
N GLY C 350 -26.91 -9.24 -1.52
CA GLY C 350 -27.30 -8.05 -2.27
C GLY C 350 -28.77 -7.91 -2.53
N LYS C 351 -29.16 -6.90 -3.30
CA LYS C 351 -30.57 -6.64 -3.59
C LYS C 351 -30.78 -6.52 -5.08
N CYS C 352 -31.91 -7.04 -5.53
CA CYS C 352 -32.33 -6.96 -6.93
C CYS C 352 -33.69 -6.29 -7.04
N TYR C 353 -33.76 -5.24 -7.83
CA TYR C 353 -35.00 -4.51 -8.01
C TYR C 353 -35.54 -4.80 -9.41
N ARG C 354 -36.50 -5.74 -9.49
CA ARG C 354 -37.16 -6.14 -10.72
C ARG C 354 -38.26 -5.13 -10.96
N LEU C 355 -38.25 -4.46 -12.12
CA LEU C 355 -39.24 -3.43 -12.46
C LEU C 355 -40.47 -4.05 -13.18
N TYR C 356 -41.02 -5.10 -12.54
CA TYR C 356 -42.16 -5.88 -12.97
C TYR C 356 -42.71 -6.69 -11.76
N THR C 357 -43.98 -7.11 -11.85
CA THR C 357 -44.71 -7.88 -10.84
C THR C 357 -44.24 -9.34 -10.74
N GLU C 358 -44.42 -9.95 -9.53
CA GLU C 358 -44.07 -11.34 -9.22
C GLU C 358 -44.83 -12.30 -10.16
N ARG C 359 -46.09 -11.95 -10.49
CA ARG C 359 -46.96 -12.68 -11.41
C ARG C 359 -46.33 -12.68 -12.83
N ALA C 360 -45.79 -11.51 -13.28
CA ALA C 360 -45.13 -11.35 -14.58
C ALA C 360 -43.90 -12.26 -14.69
N TYR C 361 -43.13 -12.42 -13.58
CA TYR C 361 -41.95 -13.28 -13.53
C TYR C 361 -42.38 -14.77 -13.68
N ARG C 362 -43.36 -15.17 -12.87
CA ARG C 362 -43.91 -16.51 -12.77
C ARG C 362 -44.58 -16.99 -14.05
N ASP C 363 -45.46 -16.15 -14.64
CA ASP C 363 -46.29 -16.49 -15.79
C ASP C 363 -45.80 -15.96 -17.14
N GLU C 364 -45.57 -14.63 -17.27
CA GLU C 364 -45.20 -13.95 -18.52
C GLU C 364 -43.78 -14.27 -19.05
N MET C 365 -43.04 -15.21 -18.44
CA MET C 365 -41.68 -15.53 -18.90
C MET C 365 -41.37 -17.01 -19.14
N LEU C 366 -40.64 -17.30 -20.26
CA LEU C 366 -40.15 -18.66 -20.57
C LEU C 366 -39.06 -18.95 -19.53
N THR C 367 -38.90 -20.22 -19.07
CA THR C 367 -37.90 -20.57 -18.06
C THR C 367 -36.45 -20.36 -18.55
N THR C 368 -36.21 -20.69 -19.83
CA THR C 368 -34.95 -20.49 -20.56
C THR C 368 -35.32 -20.15 -21.99
N ASN C 369 -34.49 -19.34 -22.66
CA ASN C 369 -34.74 -18.99 -24.04
C ASN C 369 -34.36 -20.14 -24.97
N VAL C 370 -34.83 -20.07 -26.22
CA VAL C 370 -34.56 -21.05 -27.26
C VAL C 370 -33.12 -20.76 -27.78
N PRO C 371 -32.25 -21.78 -27.97
CA PRO C 371 -30.90 -21.49 -28.51
C PRO C 371 -30.96 -20.73 -29.84
N GLU C 372 -30.02 -19.78 -30.05
CA GLU C 372 -29.91 -18.90 -31.23
C GLU C 372 -30.09 -19.62 -32.57
N ILE C 373 -29.51 -20.82 -32.72
CA ILE C 373 -29.56 -21.68 -33.92
C ILE C 373 -31.01 -22.11 -34.29
N GLN C 374 -31.93 -22.01 -33.35
CA GLN C 374 -33.34 -22.38 -33.64
C GLN C 374 -34.19 -21.12 -33.78
N ARG C 375 -33.64 -19.93 -33.67
CA ARG C 375 -34.48 -18.72 -33.80
C ARG C 375 -33.86 -17.69 -34.76
N THR C 376 -32.88 -18.05 -35.58
CA THR C 376 -32.28 -17.03 -36.49
C THR C 376 -32.13 -17.57 -37.91
N ASN C 377 -32.08 -16.68 -38.90
CA ASN C 377 -31.91 -17.05 -40.29
C ASN C 377 -30.51 -17.72 -40.40
N LEU C 378 -30.45 -18.92 -40.98
CA LEU C 378 -29.20 -19.68 -41.07
C LEU C 378 -28.54 -19.67 -42.45
N ALA C 379 -28.80 -18.64 -43.29
CA ALA C 379 -28.18 -18.54 -44.63
C ALA C 379 -26.66 -18.34 -44.53
N SER C 380 -26.22 -17.48 -43.60
CA SER C 380 -24.81 -17.22 -43.37
C SER C 380 -24.11 -18.50 -42.85
N THR C 381 -24.72 -19.19 -41.87
CA THR C 381 -24.27 -20.45 -41.26
C THR C 381 -24.05 -21.53 -42.32
N VAL C 382 -25.08 -21.74 -43.20
CA VAL C 382 -25.05 -22.73 -44.28
C VAL C 382 -23.93 -22.41 -45.29
N LEU C 383 -23.76 -21.09 -45.62
CA LEU C 383 -22.73 -20.61 -46.56
C LEU C 383 -21.32 -20.89 -46.02
N SER C 384 -21.13 -20.71 -44.70
CA SER C 384 -19.85 -20.95 -44.01
C SER C 384 -19.53 -22.43 -44.05
N LEU C 385 -20.53 -23.28 -43.72
CA LEU C 385 -20.41 -24.74 -43.72
C LEU C 385 -20.13 -25.26 -45.13
N LYS C 386 -20.76 -24.67 -46.17
CA LYS C 386 -20.56 -25.10 -47.56
C LYS C 386 -19.16 -24.72 -48.07
N ALA C 387 -18.61 -23.60 -47.58
CA ALA C 387 -17.26 -23.12 -47.89
C ALA C 387 -16.19 -24.04 -47.25
N MET C 388 -16.57 -24.74 -46.16
CA MET C 388 -15.73 -25.69 -45.44
C MET C 388 -15.83 -27.11 -45.97
N GLY C 389 -16.57 -27.31 -47.07
CA GLY C 389 -16.79 -28.61 -47.70
C GLY C 389 -17.89 -29.43 -47.07
N ILE C 390 -18.62 -28.86 -46.08
CA ILE C 390 -19.72 -29.55 -45.38
C ILE C 390 -21.01 -29.38 -46.17
N ASN C 391 -21.31 -30.36 -47.05
CA ASN C 391 -22.50 -30.32 -47.91
C ASN C 391 -23.66 -31.14 -47.34
N ASP C 392 -23.38 -32.25 -46.63
CA ASP C 392 -24.40 -33.09 -45.99
C ASP C 392 -24.74 -32.45 -44.63
N LEU C 393 -25.60 -31.41 -44.65
CA LEU C 393 -26.04 -30.65 -43.47
C LEU C 393 -26.80 -31.51 -42.46
N LEU C 394 -27.51 -32.55 -42.96
CA LEU C 394 -28.26 -33.52 -42.13
C LEU C 394 -27.28 -34.38 -41.33
N SER C 395 -26.10 -34.68 -41.91
CA SER C 395 -25.03 -35.46 -41.30
C SER C 395 -24.27 -34.70 -40.21
N PHE C 396 -24.33 -33.33 -40.24
CA PHE C 396 -23.64 -32.46 -39.26
C PHE C 396 -24.22 -32.69 -37.87
N ASP C 397 -23.34 -32.96 -36.89
CA ASP C 397 -23.74 -33.21 -35.50
C ASP C 397 -23.88 -31.91 -34.72
N PHE C 398 -25.11 -31.38 -34.66
CA PHE C 398 -25.44 -30.18 -33.91
C PHE C 398 -25.79 -30.62 -32.50
N MET C 399 -25.53 -29.78 -31.50
CA MET C 399 -25.91 -30.14 -30.14
C MET C 399 -27.44 -30.00 -29.98
N ASP C 400 -27.98 -28.87 -30.49
CA ASP C 400 -29.40 -28.54 -30.53
C ASP C 400 -29.72 -28.21 -31.98
N ALA C 401 -30.16 -29.24 -32.71
CA ALA C 401 -30.45 -29.18 -34.14
C ALA C 401 -31.47 -28.13 -34.54
N PRO C 402 -31.19 -27.32 -35.59
CA PRO C 402 -32.21 -26.38 -36.05
C PRO C 402 -33.30 -27.14 -36.84
N PRO C 403 -34.53 -26.62 -36.99
CA PRO C 403 -35.53 -27.38 -37.74
C PRO C 403 -35.09 -27.58 -39.19
N MET C 404 -35.30 -28.80 -39.74
CA MET C 404 -34.98 -29.15 -41.14
C MET C 404 -35.54 -28.11 -42.12
N GLU C 405 -36.72 -27.53 -41.79
CA GLU C 405 -37.36 -26.48 -42.57
C GLU C 405 -36.47 -25.24 -42.67
N THR C 406 -35.88 -24.81 -41.53
CA THR C 406 -34.98 -23.65 -41.46
C THR C 406 -33.72 -23.86 -42.33
N LEU C 407 -33.10 -25.07 -42.32
CA LEU C 407 -31.94 -25.35 -43.14
C LEU C 407 -32.31 -25.35 -44.64
N ILE C 408 -33.54 -25.83 -44.97
CA ILE C 408 -34.10 -25.80 -46.34
C ILE C 408 -34.33 -24.35 -46.79
N THR C 409 -34.89 -23.50 -45.90
CA THR C 409 -35.13 -22.07 -46.17
C THR C 409 -33.81 -21.37 -46.52
N ALA C 410 -32.73 -21.69 -45.77
CA ALA C 410 -31.39 -21.13 -45.92
C ALA C 410 -30.80 -21.48 -47.26
N MET C 411 -30.92 -22.76 -47.64
CA MET C 411 -30.46 -23.32 -48.90
C MET C 411 -31.13 -22.62 -50.10
N GLU C 412 -32.47 -22.44 -50.04
CA GLU C 412 -33.28 -21.76 -51.06
C GLU C 412 -32.87 -20.29 -51.18
N GLN C 413 -32.73 -19.59 -50.01
CA GLN C 413 -32.33 -18.18 -49.93
C GLN C 413 -31.01 -17.96 -50.65
N LEU C 414 -30.03 -18.85 -50.40
CA LEU C 414 -28.70 -18.84 -51.01
C LEU C 414 -28.74 -19.18 -52.51
N TYR C 415 -29.74 -19.97 -52.95
CA TYR C 415 -29.90 -20.33 -54.36
C TYR C 415 -30.38 -19.10 -55.13
N THR C 416 -31.45 -18.40 -54.63
CA THR C 416 -32.00 -17.20 -55.26
C THR C 416 -30.95 -16.06 -55.35
N LEU C 417 -29.98 -15.97 -54.36
CA LEU C 417 -28.89 -14.96 -54.35
C LEU C 417 -27.82 -15.33 -55.35
N GLY C 418 -27.68 -16.62 -55.63
CA GLY C 418 -26.72 -17.13 -56.60
C GLY C 418 -25.47 -17.70 -55.97
N ALA C 419 -25.52 -18.00 -54.67
CA ALA C 419 -24.39 -18.60 -53.94
C ALA C 419 -24.36 -20.12 -54.17
N LEU C 420 -25.56 -20.75 -54.35
CA LEU C 420 -25.77 -22.19 -54.57
C LEU C 420 -26.46 -22.48 -55.89
N ASP C 421 -26.10 -23.62 -56.49
CA ASP C 421 -26.66 -24.10 -57.74
C ASP C 421 -27.78 -25.12 -57.48
N ASP C 422 -28.31 -25.75 -58.56
CA ASP C 422 -29.38 -26.74 -58.56
C ASP C 422 -29.10 -27.96 -57.64
N GLU C 423 -27.82 -28.31 -57.50
CA GLU C 423 -27.39 -29.42 -56.64
C GLU C 423 -26.95 -28.92 -55.24
N GLY C 424 -27.17 -27.63 -54.97
CA GLY C 424 -26.83 -27.03 -53.68
C GLY C 424 -25.35 -26.80 -53.43
N LEU C 425 -24.51 -26.99 -54.46
CA LEU C 425 -23.08 -26.80 -54.37
C LEU C 425 -22.73 -25.34 -54.63
N LEU C 426 -21.60 -24.87 -54.07
CA LEU C 426 -21.16 -23.48 -54.21
C LEU C 426 -20.81 -23.10 -55.63
N THR C 427 -21.20 -21.89 -56.02
CA THR C 427 -20.92 -21.31 -57.33
C THR C 427 -19.65 -20.42 -57.18
N ARG C 428 -19.18 -19.80 -58.28
CA ARG C 428 -18.01 -18.89 -58.26
C ARG C 428 -18.38 -17.70 -57.38
N LEU C 429 -19.66 -17.26 -57.44
CA LEU C 429 -20.22 -16.19 -56.64
C LEU C 429 -20.15 -16.57 -55.17
N GLY C 430 -20.68 -17.75 -54.83
CA GLY C 430 -20.72 -18.27 -53.47
C GLY C 430 -19.36 -18.36 -52.83
N ARG C 431 -18.36 -18.79 -53.62
CA ARG C 431 -16.97 -18.91 -53.20
C ARG C 431 -16.41 -17.51 -52.91
N ARG C 432 -16.61 -16.57 -53.84
CA ARG C 432 -16.16 -15.18 -53.74
C ARG C 432 -16.80 -14.47 -52.54
N MET C 433 -18.10 -14.74 -52.30
CA MET C 433 -18.90 -14.21 -51.19
C MET C 433 -18.29 -14.69 -49.89
N ALA C 434 -17.93 -15.99 -49.81
CA ALA C 434 -17.35 -16.62 -48.60
C ALA C 434 -16.00 -16.02 -48.18
N GLU C 435 -15.32 -15.28 -49.09
CA GLU C 435 -14.03 -14.63 -48.78
C GLU C 435 -14.18 -13.32 -47.95
N PHE C 436 -15.43 -12.84 -47.78
CA PHE C 436 -15.67 -11.61 -47.01
C PHE C 436 -16.36 -11.86 -45.68
N PRO C 437 -15.89 -11.18 -44.59
CA PRO C 437 -16.55 -11.34 -43.28
C PRO C 437 -17.84 -10.53 -43.16
N LEU C 438 -18.75 -10.68 -44.14
CA LEU C 438 -20.00 -9.91 -44.14
C LEU C 438 -21.22 -10.82 -44.27
N GLU C 439 -22.43 -10.32 -43.93
CA GLU C 439 -23.66 -11.09 -44.12
C GLU C 439 -23.92 -11.32 -45.65
N PRO C 440 -24.49 -12.48 -46.07
CA PRO C 440 -24.60 -12.78 -47.52
C PRO C 440 -25.20 -11.70 -48.45
N MET C 441 -26.18 -10.93 -48.00
CA MET C 441 -26.75 -9.87 -48.84
C MET C 441 -25.73 -8.75 -49.12
N LEU C 442 -24.84 -8.47 -48.16
CA LEU C 442 -23.76 -7.48 -48.28
C LEU C 442 -22.67 -8.00 -49.19
N CYS C 443 -22.27 -9.30 -49.07
CA CYS C 443 -21.27 -9.95 -49.96
C CYS C 443 -21.71 -9.85 -51.40
N LYS C 444 -22.93 -10.35 -51.73
CA LYS C 444 -23.51 -10.33 -53.05
C LYS C 444 -23.54 -8.92 -53.66
N MET C 445 -23.90 -7.86 -52.88
CA MET C 445 -23.94 -6.52 -53.48
C MET C 445 -22.52 -6.02 -53.80
N LEU C 446 -21.50 -6.44 -53.02
CA LEU C 446 -20.10 -6.09 -53.25
C LEU C 446 -19.50 -6.83 -54.46
N ILE C 447 -19.82 -8.14 -54.64
CA ILE C 447 -19.28 -8.87 -55.79
C ILE C 447 -19.94 -8.42 -57.08
N MET C 448 -21.25 -8.18 -57.05
CA MET C 448 -22.01 -7.68 -58.18
C MET C 448 -21.52 -6.32 -58.63
N SER C 449 -21.17 -5.42 -57.68
CA SER C 449 -20.66 -4.07 -57.98
C SER C 449 -19.40 -4.11 -58.84
N VAL C 450 -18.69 -5.25 -58.82
CA VAL C 450 -17.49 -5.47 -59.61
C VAL C 450 -17.91 -5.68 -61.07
N HIS C 451 -18.95 -6.49 -61.30
CA HIS C 451 -19.53 -6.77 -62.61
C HIS C 451 -20.27 -5.57 -63.13
N LEU C 452 -20.93 -4.80 -62.24
CA LEU C 452 -21.66 -3.59 -62.59
C LEU C 452 -20.79 -2.32 -62.66
N GLY C 453 -19.48 -2.45 -62.43
CA GLY C 453 -18.52 -1.34 -62.50
C GLY C 453 -18.76 -0.17 -61.57
N CYS C 454 -18.97 -0.45 -60.25
CA CYS C 454 -19.15 0.55 -59.19
C CYS C 454 -18.58 0.02 -57.85
N SER C 455 -17.55 -0.85 -57.93
CA SER C 455 -16.93 -1.46 -56.75
C SER C 455 -16.24 -0.43 -55.85
N GLU C 456 -15.78 0.71 -56.43
CA GLU C 456 -15.15 1.80 -55.68
C GLU C 456 -16.18 2.36 -54.72
N GLU C 457 -17.44 2.53 -55.21
CA GLU C 457 -18.53 3.07 -54.40
C GLU C 457 -19.02 2.04 -53.42
N MET C 458 -19.21 0.79 -53.85
CA MET C 458 -19.67 -0.28 -52.98
C MET C 458 -18.74 -0.53 -51.77
N LEU C 459 -17.41 -0.48 -51.96
CA LEU C 459 -16.44 -0.62 -50.86
C LEU C 459 -16.70 0.42 -49.77
N THR C 460 -17.09 1.66 -50.17
CA THR C 460 -17.42 2.72 -49.23
C THR C 460 -18.75 2.45 -48.53
N ILE C 461 -19.79 2.12 -49.31
CA ILE C 461 -21.14 1.87 -48.80
C ILE C 461 -21.14 0.69 -47.83
N VAL C 462 -20.54 -0.45 -48.20
CA VAL C 462 -20.42 -1.61 -47.34
C VAL C 462 -19.75 -1.22 -46.04
N SER C 463 -18.72 -0.36 -46.09
CA SER C 463 -17.98 0.10 -44.90
C SER C 463 -18.80 1.03 -44.03
N MET C 464 -19.53 1.99 -44.62
CA MET C 464 -20.41 2.93 -43.90
C MET C 464 -21.57 2.20 -43.21
N LEU C 465 -22.05 1.09 -43.82
CA LEU C 465 -23.11 0.23 -43.28
C LEU C 465 -22.59 -0.70 -42.18
N SER C 466 -21.27 -0.82 -42.07
CA SER C 466 -20.62 -1.66 -41.05
C SER C 466 -20.24 -0.86 -39.78
N VAL C 467 -20.56 0.47 -39.76
CA VAL C 467 -20.30 1.38 -38.62
C VAL C 467 -21.63 1.95 -38.06
N GLN C 468 -21.65 2.30 -36.78
CA GLN C 468 -22.83 2.89 -36.18
C GLN C 468 -22.59 4.38 -35.95
N ASN C 469 -23.69 5.14 -35.72
CA ASN C 469 -23.66 6.58 -35.36
C ASN C 469 -22.79 7.46 -36.28
N VAL C 470 -23.14 7.57 -37.56
CA VAL C 470 -22.38 8.40 -38.49
C VAL C 470 -22.71 9.87 -38.22
N PHE C 471 -24.00 10.18 -37.99
CA PHE C 471 -24.50 11.54 -37.75
C PHE C 471 -24.63 11.84 -36.26
N TYR C 472 -24.09 13.00 -35.87
CA TYR C 472 -24.12 13.54 -34.52
C TYR C 472 -25.40 14.39 -34.40
N ARG C 473 -26.26 14.05 -33.42
CA ARG C 473 -27.50 14.76 -33.19
C ARG C 473 -27.72 15.06 -31.71
N PRO C 474 -27.08 16.11 -31.16
CA PRO C 474 -27.33 16.48 -29.76
C PRO C 474 -28.77 17.02 -29.56
N LYS C 475 -29.38 16.73 -28.39
CA LYS C 475 -30.73 17.20 -28.07
C LYS C 475 -30.80 18.74 -28.04
N ASP C 476 -29.74 19.40 -27.51
CA ASP C 476 -29.62 20.86 -27.42
C ASP C 476 -29.59 21.56 -28.79
N LYS C 477 -29.06 20.87 -29.82
CA LYS C 477 -28.94 21.42 -31.16
C LYS C 477 -29.49 20.43 -32.20
N GLN C 478 -30.77 20.01 -32.05
CA GLN C 478 -31.42 19.04 -32.93
C GLN C 478 -31.72 19.56 -34.35
N ALA C 479 -32.41 20.72 -34.44
CA ALA C 479 -32.81 21.37 -35.70
C ALA C 479 -31.61 21.66 -36.59
N LEU C 480 -30.54 22.25 -35.98
CA LEU C 480 -29.30 22.57 -36.67
C LEU C 480 -28.62 21.31 -37.25
N ALA C 481 -28.57 20.21 -36.47
CA ALA C 481 -27.98 18.94 -36.89
C ALA C 481 -28.70 18.39 -38.14
N ASP C 482 -30.05 18.41 -38.11
CA ASP C 482 -30.89 17.98 -39.24
C ASP C 482 -30.68 18.84 -40.50
N GLN C 483 -30.42 20.16 -40.34
CA GLN C 483 -30.14 21.06 -41.45
C GLN C 483 -28.82 20.66 -42.11
N LYS C 484 -27.80 20.32 -41.27
CA LYS C 484 -26.46 19.92 -41.70
C LYS C 484 -26.49 18.58 -42.45
N LYS C 485 -27.27 17.60 -41.94
CA LYS C 485 -27.45 16.25 -42.52
C LYS C 485 -28.11 16.30 -43.89
N ALA C 486 -29.18 17.13 -44.02
CA ALA C 486 -29.95 17.29 -45.24
C ALA C 486 -29.10 17.73 -46.43
N LYS C 487 -27.96 18.39 -46.16
CA LYS C 487 -27.05 18.84 -47.21
C LYS C 487 -26.41 17.65 -47.96
N PHE C 488 -26.31 16.48 -47.30
CA PHE C 488 -25.76 15.24 -47.87
C PHE C 488 -26.83 14.37 -48.54
N HIS C 489 -28.12 14.63 -48.28
CA HIS C 489 -29.24 13.87 -48.82
C HIS C 489 -29.21 13.75 -50.34
N GLN C 490 -29.19 12.49 -50.81
CA GLN C 490 -29.17 12.13 -52.22
C GLN C 490 -30.57 11.74 -52.64
N THR C 491 -30.99 12.13 -53.86
CA THR C 491 -32.35 11.85 -54.37
C THR C 491 -32.66 10.36 -54.48
N GLU C 492 -31.63 9.53 -54.65
CA GLU C 492 -31.74 8.09 -54.83
C GLU C 492 -31.86 7.29 -53.52
N GLY C 493 -31.58 7.93 -52.37
CA GLY C 493 -31.70 7.28 -51.07
C GLY C 493 -30.59 7.42 -50.06
N ASP C 494 -30.68 6.59 -48.99
CA ASP C 494 -29.77 6.53 -47.85
C ASP C 494 -28.39 5.95 -48.14
N HIS C 495 -28.27 4.89 -48.96
CA HIS C 495 -26.98 4.29 -49.29
C HIS C 495 -26.07 5.27 -50.02
N LEU C 496 -26.62 6.02 -50.97
CA LEU C 496 -25.89 7.04 -51.70
C LEU C 496 -25.65 8.29 -50.87
N THR C 497 -26.48 8.54 -49.82
CA THR C 497 -26.23 9.64 -48.88
C THR C 497 -24.96 9.27 -48.04
N LEU C 498 -24.80 7.97 -47.67
CA LEU C 498 -23.65 7.46 -46.91
C LEU C 498 -22.36 7.59 -47.70
N LEU C 499 -22.42 7.33 -49.02
CA LEU C 499 -21.31 7.49 -49.95
C LEU C 499 -20.94 9.00 -50.06
N ALA C 500 -21.94 9.89 -50.14
CA ALA C 500 -21.75 11.34 -50.22
C ALA C 500 -21.00 11.90 -48.99
N VAL C 501 -21.35 11.42 -47.78
CA VAL C 501 -20.73 11.80 -46.50
C VAL C 501 -19.22 11.45 -46.53
N TYR C 502 -18.89 10.19 -46.90
CA TYR C 502 -17.52 9.68 -46.95
C TYR C 502 -16.69 10.41 -48.00
N ASN C 503 -17.22 10.54 -49.23
CA ASN C 503 -16.52 11.25 -50.31
C ASN C 503 -16.30 12.73 -49.98
N SER C 504 -17.27 13.44 -49.36
CA SER C 504 -17.05 14.84 -49.01
C SER C 504 -16.05 15.01 -47.86
N TRP C 505 -15.93 13.97 -47.00
CA TRP C 505 -14.96 13.93 -45.91
C TRP C 505 -13.55 13.74 -46.51
N LYS C 506 -13.42 12.76 -47.44
CA LYS C 506 -12.22 12.42 -48.20
C LYS C 506 -11.76 13.68 -48.97
N ASN C 507 -12.69 14.35 -49.70
CA ASN C 507 -12.38 15.57 -50.46
C ASN C 507 -11.94 16.73 -49.57
N ASN C 508 -12.43 16.77 -48.30
CA ASN C 508 -12.03 17.77 -47.30
C ASN C 508 -10.85 17.27 -46.47
N LYS C 509 -9.98 16.45 -47.10
CA LYS C 509 -8.74 15.87 -46.57
C LYS C 509 -8.91 15.19 -45.19
N PHE C 510 -10.00 14.42 -45.01
CA PHE C 510 -10.32 13.67 -43.77
C PHE C 510 -10.26 14.51 -42.47
N SER C 511 -10.57 15.83 -42.60
CA SER C 511 -10.53 16.86 -41.56
C SER C 511 -11.48 16.64 -40.39
N ASN C 512 -10.95 16.68 -39.14
CA ASN C 512 -11.75 16.60 -37.91
C ASN C 512 -12.60 17.89 -37.80
N PRO C 513 -12.06 19.13 -37.97
CA PRO C 513 -12.94 20.32 -37.95
C PRO C 513 -14.11 20.29 -38.97
N TRP C 514 -13.95 19.63 -40.15
CA TRP C 514 -15.03 19.49 -41.13
C TRP C 514 -16.18 18.66 -40.50
N CYS C 515 -15.82 17.60 -39.74
CA CYS C 515 -16.76 16.72 -39.07
C CYS C 515 -17.57 17.48 -38.02
N TYR C 516 -16.90 18.33 -37.23
CA TYR C 516 -17.53 19.16 -36.20
C TYR C 516 -18.52 20.12 -36.82
N GLU C 517 -18.12 20.77 -37.93
CA GLU C 517 -18.92 21.75 -38.68
C GLU C 517 -20.18 21.14 -39.25
N ASN C 518 -20.08 19.91 -39.78
CA ASN C 518 -21.18 19.21 -40.43
C ASN C 518 -21.96 18.23 -39.57
N PHE C 519 -21.65 18.17 -38.26
CA PHE C 519 -22.31 17.28 -37.30
C PHE C 519 -22.15 15.79 -37.67
N ILE C 520 -20.97 15.44 -38.19
CA ILE C 520 -20.63 14.07 -38.58
C ILE C 520 -19.60 13.56 -37.58
N GLN C 521 -19.77 12.28 -37.14
CA GLN C 521 -18.94 11.64 -36.13
C GLN C 521 -17.65 11.10 -36.71
N ALA C 522 -16.55 11.85 -36.52
CA ALA C 522 -15.22 11.52 -37.05
C ALA C 522 -14.74 10.12 -36.70
N ARG C 523 -15.02 9.65 -35.45
CA ARG C 523 -14.62 8.31 -35.00
C ARG C 523 -15.22 7.24 -35.91
N SER C 524 -16.49 7.45 -36.31
CA SER C 524 -17.22 6.55 -37.20
C SER C 524 -16.63 6.50 -38.61
N LEU C 525 -16.28 7.67 -39.19
CA LEU C 525 -15.70 7.70 -40.55
C LEU C 525 -14.32 7.07 -40.58
N ARG C 526 -13.53 7.24 -39.50
CA ARG C 526 -12.21 6.64 -39.33
C ARG C 526 -12.30 5.11 -39.23
N ARG C 527 -13.40 4.61 -38.68
CA ARG C 527 -13.69 3.18 -38.55
C ARG C 527 -14.11 2.62 -39.91
N ALA C 528 -14.92 3.38 -40.67
CA ALA C 528 -15.35 3.00 -42.02
C ALA C 528 -14.14 2.94 -42.95
N GLN C 529 -13.24 3.94 -42.85
CA GLN C 529 -12.01 4.03 -43.63
C GLN C 529 -11.13 2.79 -43.39
N ASP C 530 -11.04 2.35 -42.14
CA ASP C 530 -10.27 1.18 -41.73
C ASP C 530 -10.88 -0.12 -42.30
N ILE C 531 -12.24 -0.29 -42.19
CA ILE C 531 -12.96 -1.44 -42.72
C ILE C 531 -12.74 -1.51 -44.24
N ARG C 532 -12.86 -0.34 -44.94
CA ARG C 532 -12.68 -0.19 -46.39
C ARG C 532 -11.30 -0.66 -46.86
N LYS C 533 -10.24 -0.23 -46.16
CA LYS C 533 -8.83 -0.58 -46.37
C LYS C 533 -8.65 -2.12 -46.32
N GLN C 534 -9.30 -2.78 -45.34
CA GLN C 534 -9.29 -4.22 -45.15
C GLN C 534 -10.08 -4.94 -46.25
N MET C 535 -11.25 -4.43 -46.64
CA MET C 535 -12.07 -5.05 -47.69
C MET C 535 -11.36 -4.95 -49.05
N LEU C 536 -10.74 -3.79 -49.32
CA LEU C 536 -9.93 -3.52 -50.52
C LEU C 536 -8.77 -4.54 -50.61
N GLY C 537 -8.22 -4.96 -49.46
CA GLY C 537 -7.18 -5.97 -49.37
C GLY C 537 -7.64 -7.33 -49.88
N ILE C 538 -8.89 -7.74 -49.56
CA ILE C 538 -9.49 -9.01 -50.01
C ILE C 538 -9.71 -8.98 -51.54
N MET C 539 -10.26 -7.86 -52.06
CA MET C 539 -10.49 -7.59 -53.49
C MET C 539 -9.18 -7.80 -54.22
N ASP C 540 -8.10 -7.16 -53.73
CA ASP C 540 -6.77 -7.22 -54.32
C ASP C 540 -6.20 -8.62 -54.31
N ARG C 541 -6.31 -9.36 -53.18
CA ARG C 541 -5.82 -10.74 -53.08
C ARG C 541 -6.49 -11.65 -54.10
N HIS C 542 -7.81 -11.49 -54.28
CA HIS C 542 -8.63 -12.31 -55.16
C HIS C 542 -8.87 -11.68 -56.52
N LYS C 543 -8.04 -10.70 -56.88
CA LYS C 543 -8.01 -9.99 -58.16
C LYS C 543 -9.40 -9.49 -58.64
N LEU C 544 -10.21 -8.96 -57.73
CA LEU C 544 -11.52 -8.39 -58.07
C LEU C 544 -11.29 -6.90 -58.37
N ASP C 545 -11.51 -6.51 -59.63
CA ASP C 545 -11.33 -5.14 -60.11
C ASP C 545 -12.11 -4.06 -59.32
N VAL C 546 -11.42 -2.99 -58.94
CA VAL C 546 -12.00 -1.85 -58.21
C VAL C 546 -12.24 -0.71 -59.24
N VAL C 547 -13.49 -0.52 -59.66
CA VAL C 547 -13.85 0.52 -60.64
C VAL C 547 -14.92 1.47 -60.07
N SER C 548 -14.82 2.75 -60.48
CA SER C 548 -15.76 3.80 -60.11
C SER C 548 -16.80 3.93 -61.21
N CYS C 549 -18.03 4.29 -60.83
CA CYS C 549 -19.14 4.46 -61.76
C CYS C 549 -19.25 5.90 -62.29
N GLY C 550 -18.42 6.80 -61.76
CA GLY C 550 -18.45 8.22 -62.09
C GLY C 550 -19.79 8.79 -61.65
N LYS C 551 -20.50 9.43 -62.59
CA LYS C 551 -21.80 10.02 -62.34
C LYS C 551 -22.95 9.01 -62.52
N SER C 552 -22.67 7.82 -63.12
CA SER C 552 -23.64 6.73 -63.34
C SER C 552 -23.96 5.95 -62.02
N THR C 553 -24.52 6.66 -61.02
CA THR C 553 -24.87 6.07 -59.73
C THR C 553 -26.04 5.07 -59.79
N VAL C 554 -26.72 4.93 -60.97
CA VAL C 554 -27.79 3.92 -61.16
C VAL C 554 -27.18 2.52 -61.03
N ARG C 555 -25.88 2.39 -61.38
CA ARG C 555 -25.12 1.17 -61.25
C ARG C 555 -25.07 0.74 -59.79
N VAL C 556 -24.94 1.72 -58.86
CA VAL C 556 -24.87 1.50 -57.41
C VAL C 556 -26.21 0.92 -56.96
N GLN C 557 -27.32 1.57 -57.39
CA GLN C 557 -28.69 1.19 -57.09
C GLN C 557 -28.98 -0.24 -57.55
N LYS C 558 -28.53 -0.61 -58.77
CA LYS C 558 -28.70 -1.97 -59.31
C LYS C 558 -27.94 -2.98 -58.43
N ALA C 559 -26.69 -2.65 -58.03
CA ALA C 559 -25.85 -3.52 -57.19
C ALA C 559 -26.50 -3.73 -55.81
N ILE C 560 -27.05 -2.66 -55.19
CA ILE C 560 -27.76 -2.81 -53.92
C ILE C 560 -28.95 -3.81 -54.10
N CYS C 561 -29.77 -3.57 -55.14
CA CYS C 561 -30.93 -4.36 -55.50
C CYS C 561 -30.60 -5.84 -55.73
N SER C 562 -29.41 -6.10 -56.32
CA SER C 562 -28.95 -7.44 -56.63
C SER C 562 -28.66 -8.28 -55.38
N GLY C 563 -28.46 -7.61 -54.23
CA GLY C 563 -28.23 -8.25 -52.93
C GLY C 563 -29.41 -8.16 -51.98
N PHE C 564 -30.19 -7.07 -52.03
CA PHE C 564 -31.28 -6.83 -51.08
C PHE C 564 -32.70 -6.88 -51.69
N PHE C 565 -32.90 -7.66 -52.78
CA PHE C 565 -34.20 -7.86 -53.43
C PHE C 565 -35.23 -8.48 -52.47
N ARG C 566 -34.77 -9.28 -51.46
CA ARG C 566 -35.61 -9.91 -50.45
C ARG C 566 -36.33 -8.83 -49.65
N ASN C 567 -35.65 -7.68 -49.45
CA ASN C 567 -36.12 -6.51 -48.73
C ASN C 567 -36.75 -5.45 -49.65
N ALA C 568 -37.39 -5.87 -50.75
CA ALA C 568 -38.08 -4.91 -51.61
C ALA C 568 -39.48 -4.63 -51.02
N ALA C 569 -39.96 -3.37 -51.14
CA ALA C 569 -41.25 -2.91 -50.67
C ALA C 569 -41.89 -1.94 -51.66
N LYS C 570 -43.22 -2.00 -51.81
CA LYS C 570 -43.96 -1.08 -52.68
C LYS C 570 -44.78 -0.13 -51.84
N LYS C 571 -44.85 1.17 -52.25
CA LYS C 571 -45.66 2.20 -51.58
C LYS C 571 -47.12 1.71 -51.59
N ASP C 572 -47.80 1.71 -50.44
CA ASP C 572 -49.19 1.22 -50.28
C ASP C 572 -50.25 2.29 -50.62
N PRO C 573 -51.44 1.91 -51.19
CA PRO C 573 -52.49 2.92 -51.49
C PRO C 573 -53.08 3.63 -50.25
N GLN C 574 -52.73 3.21 -49.05
CA GLN C 574 -53.24 3.86 -47.85
C GLN C 574 -52.13 4.47 -47.00
N GLU C 575 -51.24 3.64 -46.47
CA GLU C 575 -50.19 4.03 -45.54
C GLU C 575 -48.92 3.24 -45.75
N GLY C 576 -47.76 3.87 -45.52
CA GLY C 576 -46.44 3.25 -45.60
C GLY C 576 -46.19 2.40 -46.83
N TYR C 577 -45.56 1.23 -46.62
CA TYR C 577 -45.20 0.30 -47.71
C TYR C 577 -45.65 -1.08 -47.34
N ARG C 578 -45.67 -1.98 -48.34
CA ARG C 578 -45.98 -3.40 -48.15
C ARG C 578 -44.81 -4.17 -48.74
N THR C 579 -44.18 -5.02 -47.92
CA THR C 579 -43.03 -5.82 -48.32
C THR C 579 -43.43 -6.78 -49.43
N LEU C 580 -42.51 -7.02 -50.40
CA LEU C 580 -42.78 -7.93 -51.51
C LEU C 580 -42.98 -9.36 -51.00
N ILE C 581 -42.18 -9.79 -50.01
CA ILE C 581 -42.16 -11.14 -49.43
C ILE C 581 -43.49 -11.56 -48.76
N ASP C 582 -43.87 -10.96 -47.62
CA ASP C 582 -45.08 -11.33 -46.88
C ASP C 582 -46.18 -10.27 -46.84
N GLN C 583 -46.02 -9.16 -47.60
CA GLN C 583 -46.98 -8.06 -47.66
C GLN C 583 -47.21 -7.41 -46.28
N GLN C 584 -46.15 -7.31 -45.46
CA GLN C 584 -46.16 -6.69 -44.13
C GLN C 584 -46.14 -5.18 -44.34
N VAL C 585 -46.75 -4.42 -43.42
CA VAL C 585 -46.76 -2.95 -43.50
C VAL C 585 -45.50 -2.43 -42.85
N VAL C 586 -44.68 -1.71 -43.62
CA VAL C 586 -43.41 -1.14 -43.14
C VAL C 586 -43.34 0.36 -43.44
N TYR C 587 -42.49 1.09 -42.74
CA TYR C 587 -42.45 2.54 -42.93
C TYR C 587 -41.04 3.12 -43.14
N ILE C 588 -40.93 4.14 -44.01
CA ILE C 588 -39.71 4.94 -44.17
C ILE C 588 -39.64 5.83 -42.87
N HIS C 589 -38.48 5.84 -42.21
CA HIS C 589 -38.26 6.57 -40.96
C HIS C 589 -38.05 8.08 -41.17
N PRO C 590 -38.47 8.99 -40.26
CA PRO C 590 -38.23 10.43 -40.47
C PRO C 590 -36.77 10.86 -40.72
N SER C 591 -35.78 10.01 -40.32
CA SER C 591 -34.33 10.22 -40.47
C SER C 591 -33.83 9.88 -41.86
N SER C 592 -34.70 9.30 -42.71
CA SER C 592 -34.29 8.89 -44.06
C SER C 592 -34.20 10.06 -45.04
N ALA C 593 -33.26 9.95 -46.00
CA ALA C 593 -33.08 10.93 -47.06
C ALA C 593 -34.35 10.93 -47.95
N LEU C 594 -35.11 9.79 -47.89
CA LEU C 594 -36.30 9.55 -48.71
C LEU C 594 -37.63 9.79 -47.98
N PHE C 595 -37.59 10.35 -46.76
CA PHE C 595 -38.76 10.59 -45.94
C PHE C 595 -39.72 11.63 -46.55
N ASN C 596 -39.17 12.65 -47.24
CA ASN C 596 -39.97 13.70 -47.87
C ASN C 596 -40.02 13.55 -49.39
N ARG C 597 -39.62 12.38 -49.92
CA ARG C 597 -39.61 12.04 -51.34
C ARG C 597 -39.78 10.50 -51.51
N GLN C 598 -40.86 9.96 -50.90
CA GLN C 598 -41.14 8.54 -50.86
C GLN C 598 -41.45 7.94 -52.27
N PRO C 599 -40.55 7.07 -52.83
CA PRO C 599 -40.82 6.50 -54.16
C PRO C 599 -41.78 5.32 -54.17
N GLU C 600 -42.14 4.83 -55.38
CA GLU C 600 -43.05 3.69 -55.56
C GLU C 600 -42.42 2.38 -55.04
N TRP C 601 -41.13 2.17 -55.31
CA TRP C 601 -40.41 0.97 -54.93
C TRP C 601 -39.09 1.26 -54.28
N VAL C 602 -38.81 0.51 -53.20
CA VAL C 602 -37.59 0.64 -52.41
C VAL C 602 -37.00 -0.74 -52.04
N VAL C 603 -35.75 -0.73 -51.54
CA VAL C 603 -35.03 -1.84 -50.91
C VAL C 603 -34.41 -1.25 -49.67
N TYR C 604 -34.55 -1.96 -48.57
CA TYR C 604 -34.03 -1.49 -47.29
C TYR C 604 -32.93 -2.43 -46.80
N HIS C 605 -32.03 -1.89 -45.96
CA HIS C 605 -30.93 -2.67 -45.40
C HIS C 605 -31.46 -3.63 -44.31
N GLU C 606 -32.24 -3.09 -43.35
CA GLU C 606 -32.83 -3.88 -42.27
C GLU C 606 -34.13 -3.25 -41.77
N LEU C 607 -34.95 -4.04 -41.04
CA LEU C 607 -36.19 -3.57 -40.39
C LEU C 607 -35.90 -3.39 -38.92
N VAL C 608 -36.37 -2.26 -38.36
CA VAL C 608 -36.20 -1.88 -36.96
C VAL C 608 -37.56 -1.63 -36.33
N LEU C 609 -37.91 -2.37 -35.28
CA LEU C 609 -39.21 -2.23 -34.61
C LEU C 609 -39.16 -1.30 -33.39
N THR C 610 -39.81 -0.13 -33.51
CA THR C 610 -39.91 0.86 -32.44
C THR C 610 -41.41 1.01 -32.23
N THR C 611 -42.00 2.21 -32.50
CA THR C 611 -43.45 2.44 -32.39
C THR C 611 -44.14 1.63 -33.51
N LYS C 612 -43.52 1.66 -34.70
CA LYS C 612 -43.90 0.94 -35.92
C LYS C 612 -42.69 0.09 -36.38
N GLU C 613 -42.89 -0.66 -37.47
CA GLU C 613 -41.87 -1.45 -38.13
C GLU C 613 -41.26 -0.48 -39.14
N TYR C 614 -40.05 0.02 -38.85
CA TYR C 614 -39.35 0.97 -39.71
C TYR C 614 -38.27 0.36 -40.57
N MET C 615 -38.20 0.76 -41.84
CA MET C 615 -37.14 0.35 -42.74
C MET C 615 -35.94 1.25 -42.41
N ARG C 616 -34.77 0.64 -42.36
CA ARG C 616 -33.51 1.37 -42.07
C ARG C 616 -32.64 1.32 -43.33
N GLU C 617 -32.12 2.45 -43.78
CA GLU C 617 -31.27 2.56 -45.00
C GLU C 617 -32.03 2.14 -46.27
N VAL C 618 -32.89 3.01 -46.77
CA VAL C 618 -33.72 2.73 -47.97
C VAL C 618 -33.06 3.32 -49.23
N THR C 619 -33.27 2.65 -50.36
CA THR C 619 -32.77 3.01 -51.68
C THR C 619 -33.92 2.80 -52.68
N THR C 620 -34.14 3.79 -53.57
CA THR C 620 -35.13 3.75 -54.66
C THR C 620 -34.69 2.69 -55.71
N ILE C 621 -35.63 1.89 -56.20
CA ILE C 621 -35.37 0.85 -57.20
C ILE C 621 -36.42 0.87 -58.28
N ASP C 622 -36.07 0.28 -59.43
CA ASP C 622 -36.99 0.07 -60.54
C ASP C 622 -37.44 -1.39 -60.33
N PRO C 623 -38.76 -1.65 -60.23
CA PRO C 623 -39.22 -3.03 -59.98
C PRO C 623 -38.74 -4.01 -61.05
N ARG C 624 -38.34 -3.51 -62.23
CA ARG C 624 -37.79 -4.31 -63.36
C ARG C 624 -36.49 -5.02 -62.96
N TRP C 625 -35.71 -4.39 -62.06
CA TRP C 625 -34.45 -4.92 -61.56
C TRP C 625 -34.65 -6.19 -60.73
N LEU C 626 -35.84 -6.38 -60.17
CA LEU C 626 -36.16 -7.59 -59.40
C LEU C 626 -36.15 -8.83 -60.31
N VAL C 627 -36.68 -8.72 -61.55
CA VAL C 627 -36.67 -9.82 -62.55
C VAL C 627 -35.21 -10.02 -63.03
N GLU C 628 -34.50 -8.90 -63.25
CA GLU C 628 -33.12 -8.84 -63.73
C GLU C 628 -32.13 -9.49 -62.78
N PHE C 629 -32.21 -9.18 -61.47
CA PHE C 629 -31.31 -9.71 -60.47
C PHE C 629 -31.88 -10.88 -59.65
N ALA C 630 -33.21 -11.00 -59.52
CA ALA C 630 -33.79 -12.12 -58.77
C ALA C 630 -34.71 -12.95 -59.63
N PRO C 631 -34.22 -13.66 -60.66
CA PRO C 631 -35.16 -14.39 -61.50
C PRO C 631 -35.71 -15.67 -60.89
N ALA C 632 -35.05 -16.23 -59.84
CA ALA C 632 -35.50 -17.48 -59.19
C ALA C 632 -36.94 -17.39 -58.61
N PHE C 633 -37.42 -16.16 -58.35
CA PHE C 633 -38.77 -15.83 -57.89
C PHE C 633 -39.81 -15.79 -59.05
N PHE C 634 -39.50 -16.29 -60.29
CA PHE C 634 -40.42 -16.17 -61.45
C PHE C 634 -40.37 -17.39 -62.40
N LYS C 635 -41.47 -17.62 -63.18
CA LYS C 635 -41.55 -18.73 -64.15
C LYS C 635 -42.24 -18.33 -65.44
N VAL C 636 -41.69 -18.76 -66.61
CA VAL C 636 -42.26 -18.51 -67.96
C VAL C 636 -43.59 -19.23 -68.07
N SER C 637 -44.59 -18.60 -68.70
CA SER C 637 -45.91 -19.23 -68.84
C SER C 637 -45.93 -20.18 -70.03
N ASP C 638 -46.79 -21.22 -69.97
CA ASP C 638 -46.93 -22.26 -71.01
C ASP C 638 -47.61 -21.75 -72.29
N PRO C 639 -46.89 -21.72 -73.45
CA PRO C 639 -47.55 -21.36 -74.72
C PRO C 639 -48.45 -22.49 -75.24
N THR C 640 -48.22 -23.73 -74.74
CA THR C 640 -49.01 -24.94 -75.05
C THR C 640 -50.41 -24.75 -74.41
N LYS C 641 -50.47 -24.53 -73.07
CA LYS C 641 -51.69 -24.27 -72.28
C LYS C 641 -52.18 -22.81 -72.42
CA MET D 9 3.08 4.34 -5.35
C MET D 9 2.29 4.21 -6.64
N SER D 10 1.02 4.69 -6.62
CA SER D 10 0.09 4.68 -7.76
C SER D 10 0.67 5.42 -9.01
N ILE D 11 0.04 5.27 -10.19
CA ILE D 11 0.50 5.90 -11.44
C ILE D 11 0.44 7.42 -11.38
N LEU D 12 -0.62 8.00 -10.77
CA LEU D 12 -0.77 9.45 -10.62
C LEU D 12 0.30 10.05 -9.72
N GLU D 13 0.66 9.37 -8.62
CA GLU D 13 1.70 9.81 -7.69
C GLU D 13 3.07 9.77 -8.40
N GLN D 14 3.34 8.70 -9.16
CA GLN D 14 4.56 8.53 -9.97
C GLN D 14 4.68 9.69 -10.98
N ARG D 15 3.58 9.98 -11.69
CA ARG D 15 3.51 11.05 -12.70
C ARG D 15 3.76 12.45 -12.12
N GLU D 16 3.23 12.71 -10.92
CA GLU D 16 3.35 14.00 -10.22
C GLU D 16 4.70 14.18 -9.53
N SER D 17 5.51 13.11 -9.47
CA SER D 17 6.86 13.09 -8.90
C SER D 17 7.90 13.53 -9.95
N LEU D 18 7.53 13.48 -11.25
CA LEU D 18 8.42 13.83 -12.37
C LEU D 18 8.78 15.33 -12.42
N PRO D 19 10.06 15.66 -12.76
CA PRO D 19 10.48 17.09 -12.87
C PRO D 19 9.61 17.97 -13.78
N ILE D 20 9.09 17.42 -14.91
CA ILE D 20 8.23 18.13 -15.87
C ILE D 20 6.91 18.58 -15.24
N TYR D 21 6.37 17.81 -14.27
CA TYR D 21 5.10 18.14 -13.62
C TYR D 21 5.05 19.53 -13.03
N LYS D 22 6.16 19.98 -12.46
CA LYS D 22 6.29 21.29 -11.83
C LYS D 22 6.07 22.40 -12.86
N LEU D 23 6.29 22.11 -14.15
CA LEU D 23 6.16 23.07 -15.24
C LEU D 23 5.02 22.79 -16.20
N LYS D 24 4.13 21.86 -15.84
CA LYS D 24 3.00 21.45 -16.66
C LYS D 24 2.24 22.61 -17.29
N GLU D 25 1.70 23.53 -16.48
CA GLU D 25 0.91 24.67 -16.95
C GLU D 25 1.70 25.59 -17.86
N GLN D 26 2.97 25.84 -17.51
CA GLN D 26 3.85 26.72 -18.27
C GLN D 26 4.31 26.08 -19.57
N LEU D 27 4.36 24.76 -19.61
CA LEU D 27 4.70 24.01 -20.82
C LEU D 27 3.55 24.08 -21.81
N VAL D 28 2.28 23.84 -21.36
CA VAL D 28 1.10 23.86 -22.25
C VAL D 28 0.88 25.28 -22.80
N GLN D 29 1.12 26.33 -21.98
CA GLN D 29 1.02 27.75 -22.38
C GLN D 29 2.08 28.09 -23.45
N ALA D 30 3.31 27.53 -23.32
CA ALA D 30 4.40 27.74 -24.29
C ALA D 30 4.02 27.15 -25.66
N VAL D 31 3.44 25.93 -25.66
CA VAL D 31 3.01 25.26 -26.87
C VAL D 31 1.88 26.10 -27.47
N HIS D 32 0.96 26.60 -26.64
CA HIS D 32 -0.15 27.45 -27.06
C HIS D 32 0.35 28.70 -27.80
N ASP D 33 1.34 29.40 -27.23
CA ASP D 33 1.87 30.65 -27.75
C ASP D 33 2.85 30.57 -28.92
N ASN D 34 3.43 29.39 -29.17
CA ASN D 34 4.45 29.23 -30.20
C ASN D 34 4.21 28.07 -31.12
N GLN D 35 4.38 28.27 -32.45
CA GLN D 35 4.21 27.20 -33.44
C GLN D 35 5.30 26.12 -33.29
N ILE D 36 6.56 26.55 -33.11
CA ILE D 36 7.72 25.69 -32.90
C ILE D 36 8.28 26.03 -31.52
N LEU D 37 8.53 24.98 -30.73
CA LEU D 37 9.09 25.07 -29.38
C LEU D 37 10.20 24.05 -29.27
N ILE D 38 11.35 24.46 -28.71
CA ILE D 38 12.50 23.59 -28.47
C ILE D 38 12.43 23.24 -26.98
N VAL D 39 12.39 21.95 -26.63
CA VAL D 39 12.28 21.53 -25.22
C VAL D 39 13.57 20.84 -24.76
N ILE D 40 14.25 21.43 -23.77
CA ILE D 40 15.49 20.90 -23.19
C ILE D 40 15.17 20.45 -21.76
N GLY D 41 15.66 19.27 -21.40
CA GLY D 41 15.47 18.69 -20.07
C GLY D 41 16.27 17.41 -19.92
N GLU D 42 16.85 17.16 -18.73
CA GLU D 42 17.64 15.95 -18.46
C GLU D 42 16.82 14.69 -18.67
N THR D 43 17.48 13.57 -19.05
CA THR D 43 16.81 12.27 -19.25
C THR D 43 16.10 11.87 -17.94
N GLY D 44 14.86 11.42 -18.09
CA GLY D 44 14.01 11.03 -16.96
C GLY D 44 13.17 12.18 -16.41
N SER D 45 13.19 13.39 -17.05
CA SER D 45 12.38 14.49 -16.55
C SER D 45 10.92 14.28 -16.88
N GLY D 46 10.64 13.52 -17.93
CA GLY D 46 9.30 13.10 -18.35
C GLY D 46 8.80 13.70 -19.63
N LYS D 47 9.71 14.08 -20.52
CA LYS D 47 9.39 14.68 -21.81
C LYS D 47 8.62 13.72 -22.72
N THR D 48 9.16 12.52 -22.95
CA THR D 48 8.54 11.54 -23.85
C THR D 48 7.13 11.11 -23.46
N THR D 49 6.98 10.69 -22.18
CA THR D 49 5.75 10.12 -21.65
C THR D 49 4.68 11.15 -21.28
N GLN D 50 5.09 12.40 -20.97
CA GLN D 50 4.13 13.38 -20.46
C GLN D 50 3.69 14.47 -21.40
N ILE D 51 4.58 14.96 -22.31
CA ILE D 51 4.23 16.06 -23.22
C ILE D 51 2.99 15.69 -24.07
N THR D 52 2.93 14.46 -24.61
CA THR D 52 1.77 13.97 -25.37
C THR D 52 0.45 13.99 -24.53
N GLN D 53 0.52 13.50 -23.28
CA GLN D 53 -0.62 13.46 -22.38
C GLN D 53 -1.12 14.85 -21.99
N TYR D 54 -0.19 15.77 -21.68
CA TYR D 54 -0.51 17.15 -21.29
C TYR D 54 -1.27 17.87 -22.42
N LEU D 55 -0.82 17.68 -23.67
CA LEU D 55 -1.44 18.35 -24.82
C LEU D 55 -2.74 17.69 -25.30
N ALA D 56 -2.97 16.41 -24.96
CA ALA D 56 -4.22 15.72 -25.29
C ALA D 56 -5.29 16.26 -24.32
N GLU D 57 -4.86 16.52 -23.06
CA GLU D 57 -5.66 17.05 -21.97
C GLU D 57 -6.05 18.50 -22.25
N ALA D 58 -5.15 19.27 -22.90
CA ALA D 58 -5.36 20.66 -23.32
C ALA D 58 -6.34 20.71 -24.51
N GLY D 59 -6.57 19.56 -25.11
CA GLY D 59 -7.55 19.36 -26.19
C GLY D 59 -7.08 19.38 -27.63
N TYR D 60 -5.76 19.21 -27.87
CA TYR D 60 -5.22 19.22 -29.23
C TYR D 60 -5.66 18.04 -30.08
N THR D 61 -6.09 16.93 -29.44
CA THR D 61 -6.55 15.69 -30.10
C THR D 61 -7.90 15.87 -30.81
N SER D 62 -8.62 16.97 -30.54
CA SER D 62 -9.88 17.30 -31.19
C SER D 62 -9.61 17.75 -32.64
N ARG D 63 -8.43 18.35 -32.89
CA ARG D 63 -7.99 18.84 -34.20
C ARG D 63 -7.31 17.74 -35.03
N GLY D 64 -6.62 16.83 -34.36
CA GLY D 64 -5.92 15.72 -35.01
C GLY D 64 -5.04 14.94 -34.05
N LYS D 65 -4.20 14.06 -34.58
CA LYS D 65 -3.30 13.22 -33.78
C LYS D 65 -2.13 14.01 -33.18
N ILE D 66 -1.60 13.52 -32.05
CA ILE D 66 -0.35 13.99 -31.45
C ILE D 66 0.64 12.85 -31.76
N GLY D 67 1.53 13.09 -32.70
CA GLY D 67 2.56 12.15 -33.08
C GLY D 67 3.87 12.49 -32.39
N CYS D 68 4.58 11.48 -31.88
CA CYS D 68 5.86 11.66 -31.23
C CYS D 68 6.84 10.62 -31.74
N THR D 69 7.94 11.07 -32.36
CA THR D 69 8.96 10.15 -32.92
C THR D 69 9.80 9.52 -31.82
N GLN D 70 10.28 8.29 -32.07
CA GLN D 70 11.20 7.54 -31.21
C GLN D 70 12.31 7.00 -32.11
N PRO D 71 13.60 6.98 -31.69
CA PRO D 71 14.64 6.53 -32.64
C PRO D 71 14.73 5.01 -32.81
N ARG D 72 14.27 4.23 -31.80
CA ARG D 72 14.38 2.78 -31.80
C ARG D 72 13.05 2.11 -31.49
N ARG D 73 12.90 0.81 -31.91
CA ARG D 73 11.73 -0.06 -31.71
C ARG D 73 11.33 -0.21 -30.24
N VAL D 74 12.27 -0.67 -29.38
CA VAL D 74 12.01 -0.88 -27.96
C VAL D 74 11.58 0.41 -27.27
N ALA D 75 12.12 1.59 -27.68
CA ALA D 75 11.73 2.88 -27.15
C ALA D 75 10.27 3.16 -27.48
N ALA D 76 9.88 3.05 -28.77
CA ALA D 76 8.49 3.28 -29.24
C ALA D 76 7.47 2.37 -28.53
N MET D 77 7.78 1.05 -28.45
CA MET D 77 6.93 0.05 -27.81
C MET D 77 6.73 0.32 -26.31
N SER D 78 7.85 0.49 -25.56
CA SER D 78 7.87 0.77 -24.13
C SER D 78 7.08 2.01 -23.78
N VAL D 79 7.36 3.18 -24.45
CA VAL D 79 6.71 4.44 -24.10
C VAL D 79 5.22 4.39 -24.42
N ALA D 80 4.82 3.72 -25.53
CA ALA D 80 3.40 3.59 -25.87
C ALA D 80 2.69 2.70 -24.83
N LYS D 81 3.37 1.64 -24.32
CA LYS D 81 2.78 0.75 -23.32
C LYS D 81 2.58 1.53 -22.01
N ARG D 82 3.61 2.25 -21.55
CA ARG D 82 3.55 3.06 -20.34
C ARG D 82 2.48 4.15 -20.42
N VAL D 83 2.46 4.91 -21.51
CA VAL D 83 1.53 6.02 -21.73
C VAL D 83 0.09 5.51 -21.81
N SER D 84 -0.13 4.30 -22.31
CA SER D 84 -1.50 3.75 -22.35
C SER D 84 -1.98 3.39 -20.94
N GLU D 85 -1.07 2.91 -20.06
CA GLU D 85 -1.32 2.62 -18.65
C GLU D 85 -1.62 3.91 -17.90
N GLU D 86 -0.90 4.98 -18.21
CA GLU D 86 -1.10 6.30 -17.61
C GLU D 86 -2.40 6.96 -18.14
N PHE D 87 -2.69 6.80 -19.44
CA PHE D 87 -3.90 7.35 -20.09
C PHE D 87 -5.16 6.62 -19.63
N GLY D 88 -5.02 5.32 -19.37
CA GLY D 88 -6.09 4.44 -18.95
C GLY D 88 -6.83 3.82 -20.12
N CYS D 89 -6.10 3.33 -21.14
CA CYS D 89 -6.70 2.71 -22.33
C CYS D 89 -6.01 1.40 -22.69
N CYS D 90 -6.42 0.79 -23.82
CA CYS D 90 -5.80 -0.39 -24.42
C CYS D 90 -4.64 0.12 -25.23
N LEU D 91 -3.54 -0.63 -25.26
CA LEU D 91 -2.45 -0.32 -26.15
C LEU D 91 -2.97 -0.64 -27.59
N GLY D 92 -2.84 0.34 -28.50
CA GLY D 92 -3.30 0.25 -29.86
C GLY D 92 -4.56 1.05 -30.11
N GLN D 93 -5.25 1.47 -29.03
CA GLN D 93 -6.48 2.26 -29.09
C GLN D 93 -6.16 3.75 -29.04
N GLU D 94 -6.57 4.51 -28.03
CA GLU D 94 -6.28 5.96 -27.94
C GLU D 94 -4.78 6.25 -28.00
N VAL D 95 -3.97 5.32 -27.45
CA VAL D 95 -2.50 5.39 -27.46
C VAL D 95 -1.97 4.17 -28.22
N GLY D 96 -1.15 4.45 -29.23
CA GLY D 96 -0.56 3.40 -30.06
C GLY D 96 0.87 3.68 -30.48
N TYR D 97 1.46 2.72 -31.22
CA TYR D 97 2.79 2.83 -31.80
C TYR D 97 2.84 2.30 -33.24
N THR D 98 3.78 2.82 -34.04
CA THR D 98 4.02 2.39 -35.43
C THR D 98 5.52 2.24 -35.62
N ILE D 99 5.93 1.00 -35.90
CA ILE D 99 7.33 0.66 -36.16
C ILE D 99 7.30 -0.06 -37.50
N ARG D 100 8.46 -0.27 -38.15
CA ARG D 100 8.43 -0.98 -39.43
C ARG D 100 7.89 -2.39 -39.24
N PHE D 101 6.91 -2.79 -40.09
CA PHE D 101 6.23 -4.10 -40.11
C PHE D 101 5.26 -4.34 -38.92
N GLU D 102 5.06 -3.33 -38.04
CA GLU D 102 4.14 -3.44 -36.89
C GLU D 102 3.42 -2.12 -36.61
N ASP D 103 2.16 -2.04 -37.05
CA ASP D 103 1.33 -0.87 -36.84
C ASP D 103 0.33 -1.13 -35.76
N CYS D 104 0.68 -0.79 -34.53
CA CYS D 104 -0.23 -0.98 -33.40
C CYS D 104 -1.00 0.30 -33.12
N THR D 105 -1.86 0.68 -34.06
CA THR D 105 -2.76 1.84 -34.02
C THR D 105 -4.12 1.39 -34.59
N SER D 106 -5.13 2.25 -34.44
CA SER D 106 -6.50 1.96 -34.85
C SER D 106 -7.25 3.29 -35.11
N PRO D 107 -8.55 3.25 -35.57
CA PRO D 107 -9.32 4.51 -35.71
C PRO D 107 -9.43 5.36 -34.43
N GLU D 108 -9.16 4.77 -33.25
CA GLU D 108 -9.23 5.42 -31.93
C GLU D 108 -7.98 6.21 -31.56
N THR D 109 -6.82 5.88 -32.19
CA THR D 109 -5.51 6.46 -31.86
C THR D 109 -5.49 7.98 -31.95
N VAL D 110 -5.09 8.61 -30.83
CA VAL D 110 -4.96 10.06 -30.71
C VAL D 110 -3.52 10.44 -30.33
N ILE D 111 -2.81 9.56 -29.59
CA ILE D 111 -1.40 9.69 -29.20
C ILE D 111 -0.65 8.54 -29.89
N LYS D 112 0.22 8.88 -30.85
CA LYS D 112 0.96 7.90 -31.64
C LYS D 112 2.45 8.07 -31.49
N TYR D 113 3.13 7.02 -31.02
CA TYR D 113 4.58 6.96 -30.95
C TYR D 113 5.08 6.16 -32.16
N MET D 114 5.91 6.77 -33.00
CA MET D 114 6.42 6.06 -34.15
C MET D 114 7.89 6.28 -34.33
N THR D 115 8.60 5.34 -34.97
CA THR D 115 10.02 5.53 -35.26
C THR D 115 10.19 6.69 -36.28
N ASP D 116 11.35 7.37 -36.30
CA ASP D 116 11.56 8.49 -37.23
C ASP D 116 11.42 8.06 -38.72
N GLY D 117 11.86 6.84 -39.03
CA GLY D 117 11.71 6.24 -40.35
C GLY D 117 10.25 6.07 -40.74
N MET D 118 9.39 5.73 -39.76
CA MET D 118 7.95 5.57 -39.97
C MET D 118 7.27 6.90 -40.24
N LEU D 119 7.72 8.00 -39.59
CA LEU D 119 7.16 9.31 -39.87
C LEU D 119 7.59 9.75 -41.28
N LEU D 120 8.86 9.47 -41.66
CA LEU D 120 9.40 9.78 -43.00
C LEU D 120 8.56 9.11 -44.09
N ARG D 121 8.21 7.81 -43.89
CA ARG D 121 7.34 7.04 -44.78
C ARG D 121 5.95 7.66 -44.91
N GLU D 122 5.44 8.29 -43.83
CA GLU D 122 4.16 8.98 -43.82
C GLU D 122 4.20 10.22 -44.70
N CYS D 123 5.36 10.95 -44.72
CA CYS D 123 5.57 12.14 -45.55
C CYS D 123 5.46 11.78 -47.02
N LEU D 124 5.90 10.55 -47.42
CA LEU D 124 5.82 10.04 -48.80
C LEU D 124 4.38 10.03 -49.28
N ILE D 125 3.46 9.54 -48.44
CA ILE D 125 2.02 9.47 -48.74
C ILE D 125 1.37 10.85 -48.56
N ASP D 126 1.59 11.50 -47.38
CA ASP D 126 1.04 12.79 -46.96
C ASP D 126 2.17 13.75 -46.54
N PRO D 127 2.63 14.63 -47.45
CA PRO D 127 3.76 15.52 -47.11
C PRO D 127 3.43 16.62 -46.12
N ASP D 128 2.12 16.97 -45.99
CA ASP D 128 1.67 18.01 -45.06
C ASP D 128 1.24 17.47 -43.72
N LEU D 129 1.37 16.14 -43.52
CA LEU D 129 1.02 15.38 -42.31
C LEU D 129 -0.31 15.87 -41.71
N THR D 130 -1.33 16.02 -42.59
CA THR D 130 -2.67 16.53 -42.32
C THR D 130 -3.41 15.75 -41.23
N GLN D 131 -2.97 14.50 -40.96
CA GLN D 131 -3.52 13.63 -39.93
C GLN D 131 -3.12 14.09 -38.53
N TYR D 132 -2.05 14.92 -38.42
CA TYR D 132 -1.49 15.41 -37.15
C TYR D 132 -1.75 16.86 -36.86
N ALA D 133 -2.10 17.14 -35.61
CA ALA D 133 -2.30 18.49 -35.14
C ALA D 133 -0.97 18.95 -34.47
N ILE D 134 -0.24 17.98 -33.86
CA ILE D 134 1.04 18.20 -33.18
C ILE D 134 2.05 17.14 -33.62
N ILE D 135 3.29 17.54 -34.00
CA ILE D 135 4.40 16.64 -34.32
C ILE D 135 5.51 16.92 -33.31
N MET D 136 5.93 15.87 -32.58
CA MET D 136 7.02 15.92 -31.62
C MET D 136 8.22 15.11 -32.14
N LEU D 137 9.34 15.81 -32.41
CA LEU D 137 10.59 15.20 -32.85
C LEU D 137 11.37 15.01 -31.60
N ASP D 138 11.26 13.79 -31.07
CA ASP D 138 11.87 13.41 -29.81
C ASP D 138 13.20 12.72 -30.04
N GLU D 139 14.10 12.83 -29.05
CA GLU D 139 15.48 12.29 -29.03
C GLU D 139 16.24 12.80 -30.26
N ALA D 140 15.99 14.11 -30.63
CA ALA D 140 16.55 14.76 -31.82
C ALA D 140 18.02 15.22 -31.64
N HIS D 141 18.57 15.08 -30.43
CA HIS D 141 19.97 15.35 -30.07
C HIS D 141 20.86 14.16 -30.56
N GLU D 142 20.21 13.02 -30.79
CA GLU D 142 20.80 11.76 -31.32
C GLU D 142 21.31 12.01 -32.75
N ARG D 143 20.60 12.85 -33.51
CA ARG D 143 20.98 13.27 -34.89
C ARG D 143 21.11 12.13 -35.90
N THR D 144 20.12 11.26 -36.05
CA THR D 144 20.16 10.19 -37.09
C THR D 144 19.72 10.77 -38.44
N ILE D 145 20.06 10.10 -39.56
CA ILE D 145 19.68 10.50 -40.93
C ILE D 145 18.20 10.90 -40.99
N HIS D 146 17.30 10.03 -40.45
CA HIS D 146 15.86 10.22 -40.42
C HIS D 146 15.44 11.50 -39.70
N THR D 147 16.14 11.85 -38.61
CA THR D 147 15.89 13.06 -37.84
C THR D 147 16.28 14.27 -38.67
N ASP D 148 17.53 14.29 -39.22
CA ASP D 148 18.06 15.37 -40.09
C ASP D 148 17.16 15.61 -41.31
N VAL D 149 16.61 14.53 -41.92
CA VAL D 149 15.71 14.58 -43.07
C VAL D 149 14.37 15.18 -42.63
N LEU D 150 13.83 14.71 -41.48
CA LEU D 150 12.58 15.22 -40.91
C LEU D 150 12.64 16.70 -40.56
N PHE D 151 13.80 17.22 -40.10
CA PHE D 151 14.01 18.63 -39.77
C PHE D 151 13.78 19.48 -40.99
N GLY D 152 14.39 19.04 -42.10
CA GLY D 152 14.25 19.69 -43.40
C GLY D 152 12.80 19.70 -43.81
N LEU D 153 12.15 18.51 -43.79
CA LEU D 153 10.76 18.29 -44.21
C LEU D 153 9.74 19.08 -43.37
N LEU D 154 9.88 19.09 -42.04
CA LEU D 154 8.99 19.84 -41.14
C LEU D 154 9.28 21.38 -41.11
N LYS D 155 10.52 21.85 -41.45
CA LYS D 155 10.82 23.29 -41.58
C LYS D 155 9.95 23.93 -42.69
N LYS D 156 9.59 23.13 -43.71
CA LYS D 156 8.74 23.53 -44.85
C LYS D 156 7.25 23.31 -44.56
N THR D 157 6.89 22.15 -43.92
CA THR D 157 5.51 21.75 -43.55
C THR D 157 4.89 22.81 -42.63
N VAL D 158 5.69 23.29 -41.67
CA VAL D 158 5.37 24.32 -40.68
C VAL D 158 4.93 25.65 -41.38
N GLN D 159 5.48 25.94 -42.59
CA GLN D 159 5.11 27.13 -43.35
C GLN D 159 3.74 26.96 -44.02
N LYS D 160 3.42 25.75 -44.51
CA LYS D 160 2.13 25.45 -45.16
C LYS D 160 1.02 25.33 -44.10
N ARG D 161 1.28 24.55 -43.04
CA ARG D 161 0.36 24.30 -41.94
C ARG D 161 0.56 25.36 -40.83
N GLN D 162 -0.20 26.45 -40.86
CA GLN D 162 -0.10 27.47 -39.82
C GLN D 162 -0.74 27.01 -38.49
N ASP D 163 -1.68 26.05 -38.56
CA ASP D 163 -2.41 25.45 -37.44
C ASP D 163 -1.60 24.38 -36.68
N MET D 164 -0.63 23.74 -37.34
CA MET D 164 0.19 22.67 -36.76
C MET D 164 1.20 23.17 -35.74
N LYS D 165 1.50 22.34 -34.71
CA LYS D 165 2.49 22.61 -33.66
C LYS D 165 3.66 21.64 -33.85
N LEU D 166 4.89 22.15 -33.72
CA LEU D 166 6.13 21.38 -33.82
C LEU D 166 6.89 21.54 -32.51
N ILE D 167 7.17 20.41 -31.83
CA ILE D 167 7.96 20.35 -30.58
C ILE D 167 9.22 19.54 -30.89
N VAL D 168 10.39 20.13 -30.64
CA VAL D 168 11.68 19.43 -30.87
C VAL D 168 12.35 19.33 -29.51
N THR D 169 12.75 18.10 -29.11
CA THR D 169 13.48 17.88 -27.83
C THR D 169 14.96 17.95 -28.13
N SER D 170 15.72 18.54 -27.23
CA SER D 170 17.14 18.73 -27.44
C SER D 170 17.93 18.47 -26.17
N ALA D 171 19.26 18.71 -26.30
CA ALA D 171 20.32 18.64 -25.31
C ALA D 171 20.90 20.04 -25.22
N THR D 172 21.45 20.42 -24.06
CA THR D 172 22.03 21.75 -23.76
C THR D 172 22.81 22.37 -24.93
N LEU D 173 23.66 21.58 -25.63
CA LEU D 173 24.48 22.06 -26.75
C LEU D 173 23.65 22.38 -28.01
N ASP D 174 22.96 21.35 -28.55
CA ASP D 174 22.12 21.39 -29.76
C ASP D 174 21.04 22.49 -29.75
N ALA D 175 20.43 22.77 -28.58
CA ALA D 175 19.35 23.74 -28.32
C ALA D 175 19.39 25.05 -29.16
N VAL D 176 20.56 25.72 -29.17
CA VAL D 176 20.74 26.99 -29.87
C VAL D 176 20.75 26.82 -31.39
N LYS D 177 21.35 25.70 -31.88
CA LYS D 177 21.44 25.36 -33.31
C LYS D 177 20.03 25.03 -33.85
N PHE D 178 19.24 24.23 -33.08
CA PHE D 178 17.87 23.84 -33.43
C PHE D 178 16.98 25.08 -33.49
N SER D 179 17.07 25.93 -32.42
CA SER D 179 16.31 27.17 -32.30
C SER D 179 16.53 28.07 -33.52
N GLN D 180 17.81 28.37 -33.86
CA GLN D 180 18.16 29.20 -35.02
C GLN D 180 17.66 28.57 -36.33
N TYR D 181 17.78 27.22 -36.45
CA TYR D 181 17.31 26.46 -37.62
C TYR D 181 15.81 26.65 -37.81
N PHE D 182 15.02 26.48 -36.73
CA PHE D 182 13.58 26.59 -36.74
C PHE D 182 13.07 28.03 -36.45
N TYR D 183 13.54 28.99 -37.26
CA TYR D 183 13.14 30.40 -37.21
C TYR D 183 13.24 31.06 -35.81
N GLU D 184 14.40 30.87 -35.15
CA GLU D 184 14.69 31.40 -33.81
C GLU D 184 13.57 31.05 -32.81
N ALA D 185 13.13 29.78 -32.85
CA ALA D 185 12.09 29.18 -32.01
C ALA D 185 12.48 29.28 -30.54
N PRO D 186 11.54 29.51 -29.61
CA PRO D 186 11.94 29.60 -28.19
C PRO D 186 12.40 28.25 -27.65
N ILE D 187 13.25 28.32 -26.62
CA ILE D 187 13.80 27.19 -25.90
C ILE D 187 13.14 27.16 -24.51
N PHE D 188 12.48 26.02 -24.20
CA PHE D 188 11.84 25.76 -22.92
C PHE D 188 12.75 24.80 -22.14
N THR D 189 13.20 25.21 -20.94
CA THR D 189 14.09 24.39 -20.10
C THR D 189 13.35 23.78 -18.92
N ILE D 190 13.50 22.46 -18.76
CA ILE D 190 12.95 21.71 -17.64
C ILE D 190 14.11 21.56 -16.64
N PRO D 191 14.12 22.34 -15.52
CA PRO D 191 15.16 22.17 -14.50
C PRO D 191 15.04 20.80 -13.83
N GLY D 192 16.18 20.23 -13.46
CA GLY D 192 16.21 18.93 -12.82
C GLY D 192 17.44 18.63 -12.00
N ARG D 193 17.26 17.81 -10.94
CA ARG D 193 18.37 17.42 -10.09
C ARG D 193 19.25 16.34 -10.74
N THR D 194 20.55 16.69 -10.90
CA THR D 194 21.64 15.84 -11.38
C THR D 194 22.53 15.64 -10.14
N TYR D 195 22.98 14.41 -9.90
CA TYR D 195 23.80 14.12 -8.72
C TYR D 195 25.26 13.78 -9.07
N PRO D 196 26.22 13.94 -8.13
CA PRO D 196 27.61 13.60 -8.46
C PRO D 196 27.81 12.10 -8.77
N VAL D 197 28.62 11.83 -9.80
CA VAL D 197 28.98 10.47 -10.25
C VAL D 197 30.50 10.33 -10.14
N GLU D 198 30.95 9.39 -9.29
CA GLU D 198 32.36 9.07 -9.09
C GLU D 198 32.81 8.28 -10.35
N ILE D 199 33.64 8.91 -11.21
CA ILE D 199 34.16 8.25 -12.44
C ILE D 199 35.46 7.49 -12.10
N LEU D 200 35.44 6.17 -12.25
CA LEU D 200 36.57 5.29 -11.95
C LEU D 200 37.17 4.69 -13.24
N TYR D 201 38.45 5.00 -13.52
CA TYR D 201 39.17 4.51 -14.71
C TYR D 201 40.10 3.35 -14.38
N THR D 202 40.52 2.60 -15.40
CA THR D 202 41.47 1.51 -15.26
C THR D 202 42.91 2.06 -15.36
N LYS D 203 43.87 1.39 -14.71
CA LYS D 203 45.28 1.81 -14.72
C LYS D 203 45.95 1.50 -16.07
N GLU D 204 45.47 0.45 -16.75
CA GLU D 204 45.96 -0.02 -18.05
C GLU D 204 44.77 -0.53 -18.91
N PRO D 205 44.86 -0.57 -20.27
CA PRO D 205 43.72 -1.06 -21.08
C PRO D 205 43.43 -2.56 -20.87
N GLU D 206 42.19 -2.99 -21.17
CA GLU D 206 41.81 -4.40 -21.01
C GLU D 206 41.79 -5.15 -22.34
N THR D 207 42.34 -6.37 -22.33
CA THR D 207 42.41 -7.29 -23.46
C THR D 207 40.98 -7.71 -23.87
N ASP D 208 40.12 -8.08 -22.87
CA ASP D 208 38.74 -8.52 -23.07
C ASP D 208 37.75 -7.64 -22.25
N TYR D 209 37.12 -6.65 -22.90
CA TYR D 209 36.19 -5.76 -22.18
C TYR D 209 34.93 -6.49 -21.69
N LEU D 210 34.59 -7.63 -22.32
CA LEU D 210 33.44 -8.47 -21.95
C LEU D 210 33.73 -9.15 -20.60
N ASP D 211 34.98 -9.58 -20.36
CA ASP D 211 35.38 -10.22 -19.09
C ASP D 211 35.47 -9.20 -17.99
N ALA D 212 36.13 -8.05 -18.27
CA ALA D 212 36.29 -6.91 -17.39
C ALA D 212 34.94 -6.41 -16.85
N SER D 213 33.96 -6.24 -17.75
CA SER D 213 32.61 -5.79 -17.39
C SER D 213 31.92 -6.77 -16.45
N LEU D 214 32.07 -8.09 -16.66
CA LEU D 214 31.46 -9.10 -15.79
C LEU D 214 32.16 -9.16 -14.44
N ILE D 215 33.48 -9.05 -14.40
CA ILE D 215 34.23 -9.00 -13.12
C ILE D 215 33.73 -7.77 -12.30
N THR D 216 33.56 -6.59 -12.97
CA THR D 216 33.11 -5.33 -12.35
C THR D 216 31.72 -5.50 -11.75
N VAL D 217 30.78 -6.08 -12.51
CA VAL D 217 29.39 -6.34 -12.12
C VAL D 217 29.36 -7.16 -10.82
N MET D 218 30.13 -8.26 -10.74
CA MET D 218 30.18 -9.10 -9.54
C MET D 218 30.82 -8.36 -8.36
N GLN D 219 31.87 -7.55 -8.61
CA GLN D 219 32.54 -6.74 -7.57
C GLN D 219 31.56 -5.70 -7.00
N ILE D 220 30.79 -5.01 -7.87
CA ILE D 220 29.81 -4.00 -7.46
C ILE D 220 28.76 -4.69 -6.60
N HIS D 221 28.17 -5.78 -7.13
CA HIS D 221 27.11 -6.54 -6.48
C HIS D 221 27.48 -7.03 -5.08
N LEU D 222 28.68 -7.58 -4.91
CA LEU D 222 29.06 -8.12 -3.61
C LEU D 222 29.60 -7.10 -2.65
N THR D 223 30.21 -6.01 -3.11
CA THR D 223 30.87 -5.08 -2.19
C THR D 223 30.33 -3.64 -2.11
N GLU D 224 29.37 -3.24 -2.98
CA GLU D 224 28.81 -1.89 -2.97
C GLU D 224 27.39 -1.79 -2.36
N PRO D 225 27.03 -0.61 -1.74
CA PRO D 225 25.68 -0.46 -1.17
C PRO D 225 24.59 -0.64 -2.21
N PRO D 226 23.34 -1.03 -1.83
CA PRO D 226 22.28 -1.22 -2.84
C PRO D 226 22.11 -0.12 -3.89
N GLY D 227 21.71 -0.57 -5.08
CA GLY D 227 21.52 0.24 -6.27
C GLY D 227 21.68 -0.67 -7.46
N ASP D 228 20.97 -0.42 -8.55
CA ASP D 228 21.04 -1.29 -9.71
C ASP D 228 22.12 -0.89 -10.63
N ILE D 229 22.65 -1.88 -11.38
CA ILE D 229 23.77 -1.73 -12.31
C ILE D 229 23.29 -1.70 -13.75
N LEU D 230 23.85 -0.76 -14.55
CA LEU D 230 23.61 -0.62 -16.00
C LEU D 230 24.92 -0.91 -16.73
N VAL D 231 24.92 -1.91 -17.63
CA VAL D 231 26.10 -2.29 -18.41
C VAL D 231 25.84 -1.95 -19.87
N PHE D 232 26.78 -1.22 -20.51
CA PHE D 232 26.66 -0.83 -21.92
C PHE D 232 27.45 -1.72 -22.84
N LEU D 233 26.75 -2.57 -23.59
CA LEU D 233 27.41 -3.44 -24.57
C LEU D 233 27.06 -2.98 -26.00
N THR D 234 27.51 -3.70 -27.03
CA THR D 234 27.37 -3.23 -28.41
C THR D 234 26.30 -3.89 -29.25
N GLY D 235 25.91 -5.12 -28.90
CA GLY D 235 24.90 -5.86 -29.64
C GLY D 235 24.32 -7.04 -28.90
N GLN D 236 23.31 -7.67 -29.51
CA GLN D 236 22.58 -8.83 -28.99
C GLN D 236 23.45 -10.05 -28.66
N GLU D 237 24.27 -10.53 -29.61
CA GLU D 237 25.14 -11.70 -29.45
C GLU D 237 26.00 -11.56 -28.18
N GLU D 238 26.64 -10.38 -28.04
CA GLU D 238 27.48 -9.97 -26.94
C GLU D 238 26.69 -9.91 -25.63
N ILE D 239 25.48 -9.32 -25.65
CA ILE D 239 24.60 -9.22 -24.48
C ILE D 239 24.16 -10.62 -24.01
N ASP D 240 23.68 -11.46 -24.95
CA ASP D 240 23.24 -12.83 -24.70
C ASP D 240 24.36 -13.66 -24.06
N THR D 241 25.60 -13.47 -24.53
CA THR D 241 26.80 -14.16 -24.03
C THR D 241 27.13 -13.70 -22.61
N ALA D 242 27.18 -12.37 -22.38
CA ALA D 242 27.47 -11.75 -21.08
C ALA D 242 26.51 -12.25 -20.02
N CYS D 243 25.21 -12.38 -20.37
CA CYS D 243 24.16 -12.88 -19.51
C CYS D 243 24.37 -14.34 -19.13
N GLU D 244 24.70 -15.21 -20.10
CA GLU D 244 24.96 -16.64 -19.89
C GLU D 244 26.14 -16.85 -18.93
N ILE D 245 27.31 -16.23 -19.22
CA ILE D 245 28.51 -16.31 -18.39
C ILE D 245 28.24 -15.76 -16.98
N LEU D 246 27.60 -14.55 -16.86
CA LEU D 246 27.25 -13.94 -15.56
C LEU D 246 26.42 -14.90 -14.72
N TYR D 247 25.40 -15.53 -15.33
CA TYR D 247 24.53 -16.50 -14.67
C TYR D 247 25.37 -17.68 -14.17
N GLU D 248 26.24 -18.25 -15.04
CA GLU D 248 27.13 -19.37 -14.68
C GLU D 248 28.02 -19.00 -13.50
N ARG D 249 28.69 -17.82 -13.60
CA ARG D 249 29.60 -17.27 -12.59
C ARG D 249 28.91 -17.00 -11.26
N MET D 250 27.67 -16.51 -11.32
CA MET D 250 26.89 -16.25 -10.10
C MET D 250 26.46 -17.56 -9.43
N LYS D 251 26.12 -18.58 -10.25
CA LYS D 251 25.72 -19.92 -9.80
C LYS D 251 26.91 -20.60 -9.09
N SER D 252 28.14 -20.40 -9.65
CA SER D 252 29.41 -20.92 -9.14
C SER D 252 29.71 -20.44 -7.71
N LEU D 253 29.15 -19.28 -7.30
CA LEU D 253 29.34 -18.72 -5.96
C LEU D 253 28.62 -19.51 -4.87
N GLY D 254 27.51 -20.16 -5.23
CA GLY D 254 26.73 -20.96 -4.29
C GLY D 254 25.37 -20.40 -3.93
N PRO D 255 24.59 -21.12 -3.08
CA PRO D 255 23.24 -20.65 -2.73
C PRO D 255 23.14 -19.55 -1.67
N ASP D 256 24.21 -19.36 -0.88
CA ASP D 256 24.21 -18.35 0.19
C ASP D 256 24.25 -16.90 -0.33
N VAL D 257 24.85 -16.69 -1.53
CA VAL D 257 25.07 -15.41 -2.21
C VAL D 257 23.77 -14.64 -2.52
N PRO D 258 23.75 -13.29 -2.32
CA PRO D 258 22.54 -12.51 -2.67
C PRO D 258 22.23 -12.54 -4.16
N GLU D 259 20.94 -12.58 -4.49
CA GLU D 259 20.41 -12.66 -5.85
C GLU D 259 20.74 -11.43 -6.72
N LEU D 260 21.23 -11.71 -7.96
CA LEU D 260 21.51 -10.75 -9.03
C LEU D 260 20.53 -11.11 -10.15
N ILE D 261 19.62 -10.18 -10.47
CA ILE D 261 18.61 -10.33 -11.51
C ILE D 261 19.23 -9.79 -12.79
N ILE D 262 19.62 -10.73 -13.72
CA ILE D 262 20.29 -10.37 -14.96
C ILE D 262 19.23 -10.12 -16.05
N LEU D 263 19.20 -8.87 -16.57
CA LEU D 263 18.20 -8.43 -17.54
C LEU D 263 18.78 -7.89 -18.86
N PRO D 264 18.74 -8.71 -19.95
CA PRO D 264 19.19 -8.19 -21.26
C PRO D 264 18.24 -7.13 -21.81
N VAL D 265 18.76 -6.23 -22.65
CA VAL D 265 17.98 -5.18 -23.35
C VAL D 265 18.52 -4.97 -24.78
N TYR D 266 17.72 -5.35 -25.78
CA TYR D 266 18.02 -5.21 -27.21
C TYR D 266 16.76 -5.29 -28.09
N SER D 267 16.81 -4.67 -29.32
CA SER D 267 15.74 -4.58 -30.34
C SER D 267 14.85 -5.84 -30.48
N ALA D 268 15.43 -7.03 -30.62
CA ALA D 268 14.70 -8.29 -30.81
C ALA D 268 14.22 -8.98 -29.55
N LEU D 269 14.01 -8.20 -28.45
CA LEU D 269 13.57 -8.73 -27.14
C LEU D 269 12.05 -8.91 -27.02
N PRO D 270 11.56 -10.10 -26.58
CA PRO D 270 10.11 -10.27 -26.35
C PRO D 270 9.58 -9.21 -25.38
N SER D 271 8.36 -8.67 -25.63
CA SER D 271 7.79 -7.61 -24.81
C SER D 271 7.69 -7.95 -23.32
N GLU D 272 7.52 -9.24 -22.94
CA GLU D 272 7.48 -9.68 -21.55
C GLU D 272 8.81 -9.37 -20.85
N MET D 273 9.95 -9.58 -21.54
CA MET D 273 11.27 -9.29 -21.01
C MET D 273 11.59 -7.79 -20.99
N GLN D 274 10.87 -6.98 -21.79
CA GLN D 274 11.00 -5.53 -21.83
C GLN D 274 10.40 -4.91 -20.58
N THR D 275 9.28 -5.47 -20.06
CA THR D 275 8.62 -4.91 -18.89
C THR D 275 9.44 -5.17 -17.61
N ARG D 276 10.09 -6.35 -17.52
CA ARG D 276 10.93 -6.76 -16.40
C ARG D 276 12.02 -5.72 -16.05
N ILE D 277 12.57 -5.02 -17.06
CA ILE D 277 13.65 -4.05 -16.83
C ILE D 277 13.14 -2.80 -16.07
N PHE D 278 11.81 -2.59 -15.97
CA PHE D 278 11.28 -1.44 -15.24
C PHE D 278 10.74 -1.82 -13.85
N ASP D 279 10.61 -3.13 -13.56
CA ASP D 279 10.13 -3.58 -12.26
C ASP D 279 11.22 -3.40 -11.21
N PRO D 280 10.90 -2.85 -10.02
CA PRO D 280 11.91 -2.75 -8.96
C PRO D 280 12.34 -4.14 -8.49
N ALA D 281 13.59 -4.27 -8.07
CA ALA D 281 14.13 -5.52 -7.59
C ALA D 281 13.43 -5.90 -6.28
N PRO D 282 13.21 -7.20 -6.00
CA PRO D 282 12.67 -7.57 -4.68
C PRO D 282 13.69 -7.20 -3.59
N PRO D 283 13.32 -7.02 -2.30
CA PRO D 283 14.35 -6.72 -1.29
C PRO D 283 15.34 -7.88 -1.15
N GLY D 284 16.60 -7.56 -0.95
CA GLY D 284 17.65 -8.55 -0.84
C GLY D 284 18.25 -8.95 -2.17
N SER D 285 17.61 -8.50 -3.27
CA SER D 285 18.01 -8.74 -4.67
C SER D 285 18.49 -7.43 -5.28
N ARG D 286 19.26 -7.54 -6.39
CA ARG D 286 19.81 -6.44 -7.16
C ARG D 286 19.62 -6.70 -8.65
N LYS D 287 19.36 -5.66 -9.43
CA LYS D 287 19.23 -5.81 -10.87
C LYS D 287 20.49 -5.37 -11.61
N VAL D 288 20.81 -6.08 -12.71
CA VAL D 288 21.87 -5.72 -13.64
C VAL D 288 21.20 -5.68 -15.01
N VAL D 289 21.13 -4.49 -15.60
CA VAL D 289 20.52 -4.29 -16.92
C VAL D 289 21.68 -4.23 -17.90
N ILE D 290 21.76 -5.24 -18.79
CA ILE D 290 22.82 -5.37 -19.80
C ILE D 290 22.21 -4.91 -21.14
N ALA D 291 22.43 -3.63 -21.47
CA ALA D 291 21.81 -2.96 -22.61
C ALA D 291 22.78 -2.46 -23.67
N THR D 292 22.25 -1.90 -24.77
CA THR D 292 23.02 -1.25 -25.82
C THR D 292 22.91 0.26 -25.56
N ASN D 293 23.35 1.10 -26.53
CA ASN D 293 23.28 2.56 -26.40
C ASN D 293 21.85 3.12 -26.29
N ILE D 294 20.81 2.26 -26.42
CA ILE D 294 19.39 2.63 -26.26
C ILE D 294 19.21 3.23 -24.88
N ALA D 295 19.93 2.67 -23.88
CA ALA D 295 19.89 3.04 -22.48
C ALA D 295 20.58 4.38 -22.16
N GLU D 296 21.26 4.99 -23.14
CA GLU D 296 21.92 6.28 -22.92
C GLU D 296 20.90 7.43 -22.73
N THR D 297 19.82 7.45 -23.53
CA THR D 297 18.78 8.49 -23.48
C THR D 297 17.36 7.99 -23.73
N SER D 298 17.17 7.02 -24.66
CA SER D 298 15.85 6.49 -25.04
C SER D 298 15.12 5.78 -23.91
N LEU D 299 15.80 4.91 -23.14
CA LEU D 299 15.13 4.21 -22.02
C LEU D 299 15.65 4.74 -20.71
N THR D 300 14.72 4.88 -19.74
CA THR D 300 15.03 5.41 -18.40
C THR D 300 14.56 4.40 -17.36
N ILE D 301 15.52 3.76 -16.65
CA ILE D 301 15.23 2.76 -15.59
C ILE D 301 15.41 3.42 -14.24
N ASP D 302 14.49 3.20 -13.31
CA ASP D 302 14.66 3.79 -11.98
C ASP D 302 15.54 2.88 -11.11
N GLY D 303 16.18 3.47 -10.11
CA GLY D 303 17.00 2.75 -9.15
C GLY D 303 18.42 2.43 -9.57
N ILE D 304 18.87 3.00 -10.69
CA ILE D 304 20.23 2.74 -11.16
C ILE D 304 21.20 3.69 -10.44
N TYR D 305 22.26 3.12 -9.85
CA TYR D 305 23.31 3.92 -9.17
C TYR D 305 24.70 3.60 -9.66
N TYR D 306 24.85 2.55 -10.49
CA TYR D 306 26.15 2.10 -11.01
C TYR D 306 26.07 1.86 -12.47
N VAL D 307 27.10 2.29 -13.19
CA VAL D 307 27.23 2.12 -14.65
C VAL D 307 28.61 1.53 -14.96
N VAL D 308 28.64 0.50 -15.82
CA VAL D 308 29.87 -0.15 -16.27
C VAL D 308 29.98 0.23 -17.75
N ASP D 309 31.05 0.89 -18.12
CA ASP D 309 31.23 1.38 -19.48
C ASP D 309 32.56 0.90 -20.15
N PRO D 310 32.43 -0.11 -21.04
CA PRO D 310 33.59 -0.61 -21.80
C PRO D 310 34.14 0.39 -22.85
N GLY D 311 33.30 1.36 -23.25
CA GLY D 311 33.66 2.45 -24.14
C GLY D 311 33.46 2.25 -25.62
N PHE D 312 32.70 1.21 -26.00
CA PHE D 312 32.41 0.85 -27.40
C PHE D 312 30.95 1.00 -27.77
N VAL D 313 30.72 1.25 -29.08
CA VAL D 313 29.42 1.44 -29.70
C VAL D 313 29.45 0.91 -31.14
N LYS D 314 28.33 0.32 -31.59
CA LYS D 314 28.22 -0.17 -32.97
C LYS D 314 27.67 0.99 -33.81
N GLN D 315 28.44 1.51 -34.77
CA GLN D 315 27.96 2.63 -35.61
C GLN D 315 28.42 2.57 -37.08
N LYS D 316 27.61 3.19 -37.96
CA LYS D 316 27.85 3.25 -39.40
C LYS D 316 29.00 4.18 -39.72
N VAL D 317 29.97 3.64 -40.50
CA VAL D 317 31.15 4.31 -41.02
C VAL D 317 30.96 4.29 -42.54
N TYR D 318 31.40 5.33 -43.26
CA TYR D 318 31.19 5.38 -44.70
C TYR D 318 32.44 5.78 -45.45
N ASN D 319 32.78 5.02 -46.48
CA ASN D 319 33.92 5.36 -47.33
C ASN D 319 33.39 6.21 -48.48
N SER D 320 33.64 7.53 -48.44
CA SER D 320 33.22 8.51 -49.45
C SER D 320 33.74 8.19 -50.86
N LYS D 321 34.95 7.60 -50.93
CA LYS D 321 35.61 7.21 -52.19
C LYS D 321 34.88 6.03 -52.85
N THR D 322 34.68 4.91 -52.10
CA THR D 322 33.99 3.72 -52.61
C THR D 322 32.49 3.94 -52.79
N GLY D 323 31.88 4.55 -51.78
CA GLY D 323 30.44 4.79 -51.72
C GLY D 323 29.76 3.77 -50.83
N ILE D 324 30.55 2.95 -50.09
CA ILE D 324 30.04 1.89 -49.23
C ILE D 324 30.12 2.23 -47.76
N ASP D 325 29.01 2.02 -47.03
CA ASP D 325 28.98 2.23 -45.59
C ASP D 325 28.94 0.85 -44.87
N GLN D 326 29.21 0.82 -43.54
CA GLN D 326 29.25 -0.42 -42.74
C GLN D 326 29.10 -0.17 -41.26
N LEU D 327 28.39 -1.09 -40.57
CA LEU D 327 28.26 -1.06 -39.11
C LEU D 327 29.54 -1.62 -38.55
N VAL D 328 30.20 -0.85 -37.68
CA VAL D 328 31.47 -1.21 -37.06
C VAL D 328 31.48 -0.89 -35.56
N VAL D 329 32.22 -1.67 -34.77
CA VAL D 329 32.34 -1.43 -33.33
C VAL D 329 33.50 -0.48 -33.15
N THR D 330 33.22 0.74 -32.68
CA THR D 330 34.23 1.79 -32.50
C THR D 330 34.15 2.39 -31.11
N PRO D 331 35.19 3.11 -30.61
CA PRO D 331 35.04 3.81 -29.31
C PRO D 331 33.95 4.88 -29.36
N ILE D 332 33.38 5.20 -28.22
CA ILE D 332 32.32 6.20 -28.08
C ILE D 332 32.96 7.59 -28.08
N SER D 333 32.17 8.65 -28.21
CA SER D 333 32.72 10.01 -28.09
C SER D 333 32.71 10.34 -26.60
N GLN D 334 33.28 11.47 -26.22
CA GLN D 334 33.29 11.90 -24.82
C GLN D 334 31.90 12.29 -24.40
N ALA D 335 31.10 12.81 -25.35
CA ALA D 335 29.72 13.21 -25.10
C ALA D 335 28.89 12.04 -24.66
N GLN D 336 29.10 10.84 -25.30
CA GLN D 336 28.43 9.58 -24.98
C GLN D 336 28.95 9.05 -23.65
N ALA D 337 30.27 9.16 -23.37
CA ALA D 337 30.86 8.75 -22.09
C ALA D 337 30.20 9.52 -20.88
N LYS D 338 29.94 10.85 -21.06
CA LYS D 338 29.31 11.73 -20.08
C LYS D 338 27.83 11.39 -19.92
N GLN D 339 27.19 10.84 -20.97
CA GLN D 339 25.78 10.40 -21.01
C GLN D 339 25.58 9.05 -20.31
N ARG D 340 26.56 8.17 -20.46
CA ARG D 340 26.58 6.83 -19.89
C ARG D 340 26.79 6.99 -18.40
N ALA D 341 27.72 7.89 -18.01
CA ALA D 341 28.03 8.20 -16.59
C ALA D 341 26.86 8.86 -15.87
N GLY D 342 26.19 9.78 -16.58
CA GLY D 342 25.03 10.49 -16.05
C GLY D 342 23.87 9.61 -15.61
N ARG D 343 23.80 8.36 -16.12
CA ARG D 343 22.75 7.40 -15.79
C ARG D 343 22.86 6.87 -14.36
N ALA D 344 24.03 7.05 -13.74
CA ALA D 344 24.29 6.64 -12.36
C ALA D 344 23.98 7.78 -11.37
N GLY D 345 23.68 8.98 -11.89
CA GLY D 345 23.37 10.18 -11.08
C GLY D 345 22.00 10.80 -11.30
N ARG D 346 20.98 9.99 -11.60
CA ARG D 346 19.62 10.46 -11.84
C ARG D 346 18.78 10.60 -10.54
N THR D 347 18.76 9.56 -9.65
CA THR D 347 17.96 9.61 -8.40
C THR D 347 18.82 9.78 -7.14
N GLY D 348 20.14 9.79 -7.31
CA GLY D 348 21.08 9.99 -6.23
C GLY D 348 22.51 9.92 -6.71
N PRO D 349 23.51 10.21 -5.82
CA PRO D 349 24.93 10.09 -6.23
C PRO D 349 25.26 8.65 -6.65
N GLY D 350 26.16 8.50 -7.60
CA GLY D 350 26.47 7.16 -8.09
C GLY D 350 27.89 6.98 -8.55
N LYS D 351 28.18 5.79 -9.10
CA LYS D 351 29.53 5.45 -9.56
C LYS D 351 29.51 4.96 -10.99
N CYS D 352 30.52 5.32 -11.78
CA CYS D 352 30.65 4.88 -13.16
C CYS D 352 32.04 4.33 -13.36
N TYR D 353 32.10 3.04 -13.73
CA TYR D 353 33.31 2.30 -13.95
C TYR D 353 33.62 2.25 -15.44
N ARG D 354 34.60 3.09 -15.86
CA ARG D 354 35.03 3.22 -17.25
C ARG D 354 36.13 2.23 -17.44
N LEU D 355 35.94 1.24 -18.34
CA LEU D 355 36.91 0.15 -18.57
C LEU D 355 37.98 0.57 -19.60
N TYR D 356 38.55 1.76 -19.35
CA TYR D 356 39.59 2.40 -20.13
C TYR D 356 40.30 3.45 -19.27
N THR D 357 41.52 3.80 -19.63
CA THR D 357 42.32 4.76 -18.89
C THR D 357 41.82 6.19 -19.03
N GLU D 358 42.26 7.08 -18.11
CA GLU D 358 41.93 8.51 -18.10
C GLU D 358 42.55 9.17 -19.36
N ARG D 359 43.76 8.71 -19.75
CA ARG D 359 44.47 9.22 -20.93
C ARG D 359 43.65 8.98 -22.19
N ALA D 360 43.12 7.73 -22.34
CA ALA D 360 42.28 7.22 -23.44
C ALA D 360 40.97 7.99 -23.57
N TYR D 361 40.41 8.47 -22.42
CA TYR D 361 39.20 9.31 -22.41
C TYR D 361 39.56 10.70 -22.97
N ARG D 362 40.57 11.35 -22.34
CA ARG D 362 41.03 12.69 -22.60
C ARG D 362 41.61 12.94 -24.01
N ASP D 363 42.29 11.93 -24.61
CA ASP D 363 43.01 12.05 -25.89
C ASP D 363 42.51 11.12 -27.03
N GLU D 364 42.39 9.80 -26.77
CA GLU D 364 41.98 8.80 -27.77
C GLU D 364 40.47 8.77 -28.11
N MET D 365 39.69 9.79 -27.69
CA MET D 365 38.23 9.82 -27.92
C MET D 365 37.78 11.15 -28.51
N LEU D 366 36.94 11.12 -29.55
CA LEU D 366 36.40 12.35 -30.17
C LEU D 366 35.48 13.04 -29.18
N THR D 367 35.45 14.37 -29.21
CA THR D 367 34.61 15.18 -28.32
C THR D 367 33.13 14.81 -28.46
N THR D 368 32.66 14.83 -29.71
CA THR D 368 31.32 14.49 -30.15
C THR D 368 31.49 13.69 -31.45
N ASN D 369 30.54 12.82 -31.76
CA ASN D 369 30.57 12.06 -33.00
C ASN D 369 30.03 12.94 -34.15
N VAL D 370 30.33 12.55 -35.39
CA VAL D 370 29.90 13.23 -36.59
C VAL D 370 28.43 12.83 -36.83
N PRO D 371 27.51 13.77 -37.21
CA PRO D 371 26.12 13.36 -37.46
C PRO D 371 26.03 12.28 -38.53
N GLU D 372 25.16 11.27 -38.32
CA GLU D 372 24.96 10.11 -39.21
C GLU D 372 24.94 10.41 -40.72
N ILE D 373 24.35 11.54 -41.15
CA ILE D 373 24.26 11.94 -42.56
C ILE D 373 25.66 12.25 -43.18
N GLN D 374 26.66 12.52 -42.32
CA GLN D 374 28.03 12.79 -42.80
C GLN D 374 28.96 11.58 -42.62
N ARG D 375 28.39 10.40 -42.35
CA ARG D 375 29.11 9.14 -42.18
C ARG D 375 28.27 7.92 -42.64
N THR D 376 27.49 8.09 -43.71
CA THR D 376 26.66 7.01 -44.24
C THR D 376 26.33 7.22 -45.72
N ASN D 377 25.86 6.13 -46.36
CA ASN D 377 25.45 6.11 -47.76
C ASN D 377 24.04 6.71 -47.85
N LEU D 378 23.86 7.67 -48.78
CA LEU D 378 22.63 8.44 -48.90
C LEU D 378 21.71 8.03 -50.04
N ALA D 379 21.88 6.82 -50.61
CA ALA D 379 21.04 6.33 -51.71
C ALA D 379 19.57 6.19 -51.31
N SER D 380 19.31 5.63 -50.12
CA SER D 380 17.96 5.47 -49.58
C SER D 380 17.33 6.85 -49.31
N THR D 381 18.08 7.77 -48.69
CA THR D 381 17.70 9.15 -48.37
C THR D 381 17.31 9.91 -49.64
N VAL D 382 18.18 9.86 -50.68
CA VAL D 382 17.96 10.54 -51.97
C VAL D 382 16.69 9.97 -52.69
N LEU D 383 16.49 8.63 -52.61
CA LEU D 383 15.34 7.95 -53.21
C LEU D 383 14.04 8.40 -52.54
N SER D 384 14.06 8.56 -51.20
CA SER D 384 12.91 9.01 -50.40
C SER D 384 12.56 10.43 -50.79
N LEU D 385 13.57 11.32 -50.86
CA LEU D 385 13.42 12.71 -51.25
C LEU D 385 12.90 12.87 -52.69
N LYS D 386 13.43 12.06 -53.64
CA LYS D 386 12.95 12.14 -55.03
C LYS D 386 11.48 11.70 -55.13
N ALA D 387 11.06 10.69 -54.33
CA ALA D 387 9.68 10.17 -54.27
C ALA D 387 8.70 11.21 -53.73
N MET D 388 9.25 12.16 -52.95
CA MET D 388 8.53 13.26 -52.33
C MET D 388 8.39 14.50 -53.24
N GLY D 389 8.99 14.44 -54.42
CA GLY D 389 9.03 15.52 -55.40
C GLY D 389 10.21 16.44 -55.24
N ILE D 390 11.12 16.11 -54.31
CA ILE D 390 12.29 16.92 -54.02
C ILE D 390 13.38 16.51 -54.96
N ASN D 391 13.58 17.33 -55.99
CA ASN D 391 14.59 17.04 -57.01
C ASN D 391 15.84 17.94 -56.86
N ASP D 392 15.67 19.21 -56.42
CA ASP D 392 16.78 20.15 -56.20
C ASP D 392 17.34 19.89 -54.80
N LEU D 393 18.20 18.84 -54.68
CA LEU D 393 18.83 18.41 -53.42
C LEU D 393 19.73 19.47 -52.81
N LEU D 394 20.34 20.32 -53.66
CA LEU D 394 21.19 21.44 -53.24
C LEU D 394 20.33 22.52 -52.53
N SER D 395 19.06 22.70 -52.98
N SER D 395 19.07 22.68 -52.98
CA SER D 395 18.11 23.65 -52.41
CA SER D 395 18.09 23.64 -52.46
C SER D 395 17.55 23.20 -51.07
C SER D 395 17.41 23.18 -51.16
N PHE D 396 17.58 21.88 -50.79
CA PHE D 396 17.05 21.28 -49.54
C PHE D 396 17.84 21.82 -48.36
N ASP D 397 17.12 22.35 -47.36
CA ASP D 397 17.72 22.95 -46.17
C ASP D 397 18.03 21.90 -45.11
N PHE D 398 19.27 21.38 -45.11
CA PHE D 398 19.73 20.41 -44.12
C PHE D 398 20.30 21.21 -42.95
N MET D 399 20.23 20.65 -41.72
CA MET D 399 20.82 21.37 -40.61
C MET D 399 22.34 21.20 -40.63
N ASP D 400 22.77 19.97 -40.92
CA ASP D 400 24.17 19.62 -41.07
C ASP D 400 24.28 18.91 -42.41
N ALA D 401 24.59 19.71 -43.44
CA ALA D 401 24.69 19.28 -44.84
C ALA D 401 25.66 18.14 -45.09
N PRO D 402 25.23 17.09 -45.85
CA PRO D 402 26.19 16.03 -46.18
C PRO D 402 27.15 16.54 -47.27
N PRO D 403 28.35 15.94 -47.45
CA PRO D 403 29.25 16.45 -48.50
C PRO D 403 28.60 16.33 -49.87
N MET D 404 28.73 17.38 -50.73
CA MET D 404 28.19 17.42 -52.08
C MET D 404 28.59 16.17 -52.89
N GLU D 405 29.81 15.64 -52.60
CA GLU D 405 30.35 14.42 -53.21
C GLU D 405 29.45 13.23 -52.89
N THR D 406 29.02 13.12 -51.61
CA THR D 406 28.17 12.03 -51.13
C THR D 406 26.77 12.05 -51.79
N LEU D 407 26.16 13.25 -51.97
CA LEU D 407 24.88 13.38 -52.66
C LEU D 407 25.04 12.98 -54.15
N ILE D 408 26.19 13.33 -54.78
CA ILE D 408 26.54 12.95 -56.15
C ILE D 408 26.69 11.40 -56.24
N THR D 409 27.43 10.79 -55.27
CA THR D 409 27.64 9.33 -55.19
C THR D 409 26.29 8.59 -55.11
N ALA D 410 25.38 9.07 -54.24
CA ALA D 410 24.06 8.51 -54.05
C ALA D 410 23.30 8.54 -55.39
N MET D 411 23.22 9.73 -56.05
CA MET D 411 22.56 9.96 -57.35
C MET D 411 23.03 8.96 -58.40
N GLU D 412 24.36 8.78 -58.54
CA GLU D 412 25.01 7.86 -59.47
C GLU D 412 24.63 6.41 -59.16
N GLN D 413 24.69 5.98 -57.86
CA GLN D 413 24.33 4.61 -57.43
C GLN D 413 22.86 4.29 -57.76
N LEU D 414 21.97 5.29 -57.58
CA LEU D 414 20.54 5.13 -57.91
C LEU D 414 20.33 5.05 -59.43
N TYR D 415 21.21 5.69 -60.22
CA TYR D 415 21.18 5.64 -61.69
C TYR D 415 21.57 4.23 -62.14
N THR D 416 22.71 3.70 -61.64
CA THR D 416 23.19 2.35 -61.99
C THR D 416 22.18 1.27 -61.57
N LEU D 417 21.37 1.52 -60.51
CA LEU D 417 20.34 0.58 -60.02
C LEU D 417 19.14 0.59 -60.90
N GLY D 418 18.91 1.73 -61.54
CA GLY D 418 17.79 1.94 -62.45
C GLY D 418 16.63 2.70 -61.83
N ALA D 419 16.88 3.36 -60.69
CA ALA D 419 15.86 4.15 -60.02
C ALA D 419 15.76 5.55 -60.65
N LEU D 420 16.88 6.08 -61.20
CA LEU D 420 16.99 7.40 -61.84
C LEU D 420 17.42 7.32 -63.29
N ASP D 421 16.99 8.31 -64.08
CA ASP D 421 17.36 8.45 -65.48
C ASP D 421 18.57 9.40 -65.62
N ASP D 422 18.86 9.81 -66.87
CA ASP D 422 19.94 10.72 -67.25
C ASP D 422 19.78 12.13 -66.62
N GLU D 423 18.52 12.62 -66.52
CA GLU D 423 18.15 13.93 -65.94
C GLU D 423 17.92 13.84 -64.41
N GLY D 424 18.27 12.68 -63.82
CA GLY D 424 18.15 12.42 -62.40
C GLY D 424 16.74 12.31 -61.86
N LEU D 425 15.75 12.14 -62.75
CA LEU D 425 14.34 12.00 -62.36
C LEU D 425 13.97 10.51 -62.15
N LEU D 426 12.90 10.21 -61.40
CA LEU D 426 12.46 8.83 -61.11
C LEU D 426 11.98 8.09 -62.34
N THR D 427 12.27 6.80 -62.39
CA THR D 427 11.85 5.90 -63.46
C THR D 427 10.65 5.14 -62.87
N ARG D 428 9.97 4.31 -63.68
CA ARG D 428 8.84 3.49 -63.21
C ARG D 428 9.37 2.55 -62.12
N LEU D 429 10.64 2.08 -62.28
CA LEU D 429 11.35 1.22 -61.33
C LEU D 429 11.52 1.96 -60.03
N GLY D 430 12.06 3.17 -60.09
CA GLY D 430 12.31 4.00 -58.90
C GLY D 430 11.05 4.28 -58.10
N ARG D 431 9.95 4.53 -58.81
CA ARG D 431 8.65 4.79 -58.22
C ARG D 431 8.15 3.52 -57.51
N ARG D 432 8.22 2.37 -58.21
CA ARG D 432 7.81 1.05 -57.70
C ARG D 432 8.63 0.64 -56.47
N MET D 433 9.96 0.92 -56.51
CA MET D 433 10.91 0.67 -55.44
C MET D 433 10.50 1.48 -54.22
N ALA D 434 10.14 2.77 -54.41
CA ALA D 434 9.73 3.69 -53.34
C ALA D 434 8.46 3.24 -52.58
N GLU D 435 7.65 2.32 -53.17
CA GLU D 435 6.45 1.81 -52.53
C GLU D 435 6.73 0.76 -51.42
N PHE D 436 8.00 0.30 -51.29
CA PHE D 436 8.38 -0.70 -50.30
C PHE D 436 9.25 -0.14 -49.19
N PRO D 437 8.96 -0.52 -47.91
CA PRO D 437 9.80 -0.04 -46.81
C PRO D 437 11.11 -0.82 -46.67
N LEU D 438 11.86 -0.95 -47.77
CA LEU D 438 13.12 -1.69 -47.76
C LEU D 438 14.28 -0.86 -48.31
N GLU D 439 15.54 -1.27 -48.02
CA GLU D 439 16.74 -0.61 -48.56
C GLU D 439 16.77 -0.80 -50.10
N PRO D 440 17.26 0.21 -50.89
CA PRO D 440 17.14 0.15 -52.36
C PRO D 440 17.59 -1.14 -53.09
N MET D 441 18.66 -1.81 -52.62
CA MET D 441 19.11 -3.05 -53.24
C MET D 441 18.09 -4.18 -53.06
N LEU D 442 17.37 -4.20 -51.93
CA LEU D 442 16.29 -5.15 -51.63
C LEU D 442 15.05 -4.86 -52.47
N CYS D 443 14.66 -3.57 -52.65
CA CYS D 443 13.53 -3.14 -53.50
C CYS D 443 13.74 -3.61 -54.90
N LYS D 444 14.92 -3.26 -55.47
CA LYS D 444 15.30 -3.59 -56.82
C LYS D 444 15.29 -5.10 -57.08
N MET D 445 15.74 -5.95 -56.13
CA MET D 445 15.69 -7.37 -56.41
C MET D 445 14.24 -7.91 -56.38
N LEU D 446 13.34 -7.29 -55.57
CA LEU D 446 11.91 -7.65 -55.49
C LEU D 446 11.12 -7.22 -56.76
N ILE D 447 11.29 -5.97 -57.22
CA ILE D 447 10.62 -5.46 -58.42
C ILE D 447 11.09 -6.27 -59.67
N MET D 448 12.37 -6.66 -59.71
CA MET D 448 12.96 -7.42 -60.80
C MET D 448 12.47 -8.85 -60.87
N SER D 449 12.25 -9.52 -59.72
CA SER D 449 11.72 -10.90 -59.70
C SER D 449 10.31 -10.97 -60.33
N VAL D 450 9.64 -9.82 -60.43
CA VAL D 450 8.35 -9.74 -61.10
C VAL D 450 8.64 -9.98 -62.59
N HIS D 451 9.56 -9.19 -63.21
CA HIS D 451 9.98 -9.28 -64.63
C HIS D 451 10.66 -10.58 -64.94
N LEU D 452 11.43 -11.11 -63.99
CA LEU D 452 12.15 -12.38 -64.10
C LEU D 452 11.30 -13.61 -63.76
N GLY D 453 10.05 -13.43 -63.33
CA GLY D 453 9.14 -14.53 -63.00
C GLY D 453 9.46 -15.41 -61.80
N CYS D 454 9.93 -14.83 -60.69
CA CYS D 454 10.25 -15.53 -59.45
C CYS D 454 9.88 -14.67 -58.21
N SER D 455 8.76 -13.90 -58.32
CA SER D 455 8.30 -13.00 -57.25
C SER D 455 7.77 -13.74 -56.01
N GLU D 456 7.30 -14.98 -56.17
CA GLU D 456 6.82 -15.82 -55.07
C GLU D 456 8.01 -16.16 -54.17
N GLU D 457 9.18 -16.42 -54.77
CA GLU D 457 10.40 -16.80 -54.03
C GLU D 457 11.01 -15.58 -53.40
N MET D 458 11.04 -14.47 -54.17
CA MET D 458 11.62 -13.22 -53.72
C MET D 458 10.89 -12.61 -52.54
N LEU D 459 9.56 -12.77 -52.44
CA LEU D 459 8.79 -12.31 -51.30
C LEU D 459 9.24 -13.04 -50.03
N THR D 460 9.58 -14.34 -50.16
CA THR D 460 10.08 -15.15 -49.04
C THR D 460 11.50 -14.73 -48.64
N ILE D 461 12.41 -14.62 -49.63
CA ILE D 461 13.82 -14.29 -49.42
C ILE D 461 13.94 -12.90 -48.79
N VAL D 462 13.24 -11.88 -49.34
CA VAL D 462 13.25 -10.52 -48.78
C VAL D 462 12.78 -10.57 -47.32
N SER D 463 11.77 -11.40 -47.01
CA SER D 463 11.23 -11.55 -45.66
C SER D 463 12.20 -12.23 -44.71
N MET D 464 12.85 -13.32 -45.16
CA MET D 464 13.83 -14.06 -44.36
C MET D 464 15.07 -13.20 -44.04
N LEU D 465 15.43 -12.29 -44.97
CA LEU D 465 16.54 -11.34 -44.85
C LEU D 465 16.17 -10.16 -43.93
N SER D 466 14.88 -9.98 -43.66
CA SER D 466 14.38 -8.90 -42.81
C SER D 466 14.20 -9.35 -41.35
N VAL D 467 14.56 -10.61 -41.02
CA VAL D 467 14.49 -11.21 -39.67
C VAL D 467 15.88 -11.64 -39.19
N GLN D 468 16.09 -11.66 -37.89
CA GLN D 468 17.36 -12.10 -37.31
C GLN D 468 17.15 -13.46 -36.66
N ASN D 469 18.26 -14.16 -36.40
CA ASN D 469 18.32 -15.45 -35.69
C ASN D 469 17.33 -16.51 -36.24
N VAL D 470 17.51 -16.94 -37.51
CA VAL D 470 16.66 -17.98 -38.11
C VAL D 470 17.06 -19.37 -37.56
N PHE D 471 18.36 -19.60 -37.39
CA PHE D 471 18.87 -20.86 -36.90
C PHE D 471 19.23 -20.77 -35.44
N TYR D 472 18.79 -21.78 -34.67
CA TYR D 472 19.07 -21.97 -33.26
C TYR D 472 20.37 -22.79 -33.16
N ARG D 473 21.39 -22.24 -32.47
CA ARG D 473 22.67 -22.92 -32.31
C ARG D 473 23.14 -22.80 -30.90
N PRO D 474 22.58 -23.63 -30.00
CA PRO D 474 22.97 -23.55 -28.59
C PRO D 474 24.40 -24.04 -28.37
N LYS D 475 25.11 -23.42 -27.40
CA LYS D 475 26.50 -23.72 -27.05
C LYS D 475 26.73 -25.21 -26.76
N ASP D 476 25.77 -25.86 -26.05
CA ASP D 476 25.82 -27.29 -25.69
C ASP D 476 25.71 -28.25 -26.89
N LYS D 477 24.75 -27.99 -27.79
CA LYS D 477 24.42 -28.82 -28.95
C LYS D 477 24.79 -28.14 -30.29
N GLN D 478 26.06 -27.67 -30.42
CA GLN D 478 26.55 -26.98 -31.63
C GLN D 478 26.68 -27.90 -32.85
N ALA D 479 27.33 -29.07 -32.70
CA ALA D 479 27.55 -30.05 -33.77
C ALA D 479 26.23 -30.52 -34.34
N LEU D 480 25.30 -30.91 -33.45
CA LEU D 480 23.96 -31.37 -33.80
C LEU D 480 23.16 -30.30 -34.59
N ALA D 481 23.19 -29.01 -34.15
CA ALA D 481 22.55 -27.85 -34.82
C ALA D 481 23.13 -27.60 -36.21
N ASP D 482 24.46 -27.84 -36.35
CA ASP D 482 25.16 -27.66 -37.62
C ASP D 482 24.76 -28.73 -38.62
N GLN D 483 24.54 -29.97 -38.13
CA GLN D 483 24.11 -31.12 -38.92
C GLN D 483 22.70 -30.88 -39.45
N LYS D 484 21.82 -30.34 -38.58
CA LYS D 484 20.43 -30.00 -38.88
C LYS D 484 20.33 -28.90 -39.95
N LYS D 485 21.16 -27.83 -39.84
CA LYS D 485 21.23 -26.69 -40.77
C LYS D 485 21.69 -27.11 -42.17
N ALA D 486 22.72 -27.96 -42.23
CA ALA D 486 23.31 -28.46 -43.47
C ALA D 486 22.30 -29.18 -44.36
N LYS D 487 21.22 -29.73 -43.77
CA LYS D 487 20.18 -30.43 -44.52
C LYS D 487 19.40 -29.46 -45.45
N PHE D 488 19.41 -28.15 -45.11
CA PHE D 488 18.74 -27.09 -45.88
C PHE D 488 19.67 -26.45 -46.91
N HIS D 489 20.99 -26.69 -46.80
CA HIS D 489 22.00 -26.09 -47.68
C HIS D 489 21.73 -26.34 -49.15
N GLN D 490 21.61 -25.22 -49.91
CA GLN D 490 21.38 -25.22 -51.35
C GLN D 490 22.70 -24.99 -52.05
N THR D 491 22.94 -25.66 -53.19
CA THR D 491 24.21 -25.55 -53.95
C THR D 491 24.49 -24.15 -54.47
N GLU D 492 23.42 -23.36 -54.70
CA GLU D 492 23.49 -22.01 -55.24
C GLU D 492 23.79 -20.92 -54.20
N GLY D 493 23.68 -21.25 -52.90
CA GLY D 493 24.00 -20.31 -51.81
C GLY D 493 23.04 -20.15 -50.65
N ASP D 494 23.27 -19.09 -49.85
CA ASP D 494 22.54 -18.73 -48.63
C ASP D 494 21.13 -18.22 -48.84
N HIS D 495 20.88 -17.39 -49.88
CA HIS D 495 19.54 -16.86 -50.16
C HIS D 495 18.54 -17.97 -50.47
N LEU D 496 18.96 -18.94 -51.29
CA LEU D 496 18.13 -20.09 -51.63
C LEU D 496 18.03 -21.10 -50.46
N THR D 497 19.02 -21.11 -49.52
CA THR D 497 18.95 -21.93 -48.31
C THR D 497 17.83 -21.34 -47.41
N LEU D 498 17.71 -19.97 -47.35
CA LEU D 498 16.67 -19.26 -46.57
C LEU D 498 15.28 -19.56 -47.10
N LEU D 499 15.12 -19.65 -48.44
CA LEU D 499 13.88 -20.03 -49.11
C LEU D 499 13.53 -21.50 -48.78
N ALA D 500 14.52 -22.40 -48.81
CA ALA D 500 14.34 -23.82 -48.47
C ALA D 500 13.81 -24.03 -47.02
N VAL D 501 14.35 -23.26 -46.05
CA VAL D 501 13.93 -23.31 -44.63
C VAL D 501 12.44 -22.94 -44.50
N TYR D 502 12.03 -21.81 -45.12
CA TYR D 502 10.66 -21.30 -45.10
C TYR D 502 9.70 -22.25 -45.79
N ASN D 503 10.02 -22.69 -47.02
CA ASN D 503 9.19 -23.63 -47.77
C ASN D 503 9.04 -24.98 -47.04
N SER D 504 10.11 -25.52 -46.42
CA SER D 504 9.96 -26.79 -45.70
C SER D 504 9.15 -26.63 -44.41
N TRP D 505 9.14 -25.41 -43.82
CA TRP D 505 8.35 -25.06 -42.64
C TRP D 505 6.87 -25.00 -43.05
N LYS D 506 6.59 -24.29 -44.18
CA LYS D 506 5.27 -24.11 -44.80
C LYS D 506 4.72 -25.50 -45.15
N ASN D 507 5.54 -26.37 -45.82
CA ASN D 507 5.15 -27.74 -46.19
C ASN D 507 4.87 -28.64 -44.99
N ASN D 508 5.52 -28.37 -43.85
CA ASN D 508 5.31 -29.07 -42.57
C ASN D 508 4.27 -28.34 -41.72
N LYS D 509 3.30 -27.70 -42.40
CA LYS D 509 2.14 -26.98 -41.85
C LYS D 509 2.50 -25.98 -40.73
N PHE D 510 3.59 -25.21 -40.91
CA PHE D 510 4.08 -24.18 -39.97
C PHE D 510 4.24 -24.66 -38.51
N SER D 511 4.53 -25.98 -38.33
CA SER D 511 4.66 -26.70 -37.07
C SER D 511 5.76 -26.21 -36.15
N ASN D 512 5.42 -25.94 -34.87
CA ASN D 512 6.39 -25.58 -33.84
C ASN D 512 7.28 -26.80 -33.54
N PRO D 513 6.76 -28.04 -33.31
CA PRO D 513 7.66 -29.20 -33.12
C PRO D 513 8.66 -29.43 -34.27
N TRP D 514 8.29 -29.10 -35.54
CA TRP D 514 9.22 -29.22 -36.70
C TRP D 514 10.42 -28.27 -36.48
N CYS D 515 10.17 -27.05 -35.98
CA CYS D 515 11.19 -26.05 -35.68
C CYS D 515 12.15 -26.54 -34.63
N TYR D 516 11.63 -27.15 -33.55
CA TYR D 516 12.43 -27.70 -32.46
C TYR D 516 13.32 -28.83 -32.95
N GLU D 517 12.77 -29.71 -33.80
CA GLU D 517 13.46 -30.87 -34.39
C GLU D 517 14.62 -30.47 -35.28
N ASN D 518 14.43 -29.40 -36.08
CA ASN D 518 15.36 -28.88 -37.08
C ASN D 518 16.25 -27.71 -36.62
N PHE D 519 16.16 -27.34 -35.32
CA PHE D 519 16.92 -26.26 -34.69
C PHE D 519 16.66 -24.90 -35.38
N ILE D 520 15.43 -24.67 -35.81
CA ILE D 520 15.03 -23.41 -36.44
C ILE D 520 14.26 -22.65 -35.37
N GLN D 521 14.36 -21.31 -35.37
CA GLN D 521 13.67 -20.46 -34.40
C GLN D 521 12.28 -20.08 -34.91
N ALA D 522 11.24 -20.72 -34.37
CA ALA D 522 9.84 -20.50 -34.76
C ALA D 522 9.41 -19.02 -34.73
N ARG D 523 9.87 -18.24 -33.71
CA ARG D 523 9.55 -16.82 -33.59
C ARG D 523 10.00 -16.08 -34.83
N SER D 524 11.21 -16.43 -35.34
CA SER D 524 11.81 -15.82 -36.53
C SER D 524 11.04 -16.11 -37.84
N LEU D 525 10.54 -17.35 -38.00
CA LEU D 525 9.79 -17.73 -39.19
C LEU D 525 8.39 -17.08 -39.17
N ARG D 526 7.78 -16.97 -37.98
CA ARG D 526 6.47 -16.33 -37.78
C ARG D 526 6.54 -14.82 -38.09
N ARG D 527 7.70 -14.21 -37.85
CA ARG D 527 7.96 -12.80 -38.14
C ARG D 527 8.16 -12.63 -39.65
N ALA D 528 8.87 -13.58 -40.32
CA ALA D 528 9.11 -13.56 -41.75
C ALA D 528 7.77 -13.72 -42.48
N GLN D 529 6.92 -14.65 -41.99
CA GLN D 529 5.58 -14.91 -42.54
C GLN D 529 4.71 -13.63 -42.50
N ASP D 530 4.80 -12.88 -41.37
CA ASP D 530 4.10 -11.61 -41.18
C ASP D 530 4.60 -10.53 -42.15
N ILE D 531 5.94 -10.36 -42.30
CA ILE D 531 6.57 -9.40 -43.20
C ILE D 531 6.11 -9.72 -44.65
N ARG D 532 6.16 -11.02 -45.02
CA ARG D 532 5.76 -11.53 -46.34
C ARG D 532 4.32 -11.17 -46.73
N LYS D 533 3.39 -11.36 -45.77
CA LYS D 533 1.95 -11.07 -45.85
C LYS D 533 1.77 -9.56 -46.17
N GLN D 534 2.57 -8.69 -45.51
CA GLN D 534 2.55 -7.24 -45.68
C GLN D 534 3.12 -6.84 -47.02
N MET D 535 4.24 -7.46 -47.44
CA MET D 535 4.88 -7.14 -48.73
C MET D 535 3.97 -7.56 -49.91
N LEU D 536 3.34 -8.74 -49.77
CA LEU D 536 2.36 -9.30 -50.72
C LEU D 536 1.19 -8.32 -50.91
N GLY D 537 0.82 -7.62 -49.83
CA GLY D 537 -0.22 -6.61 -49.86
C GLY D 537 0.11 -5.43 -50.75
N ILE D 538 1.37 -4.97 -50.73
CA ILE D 538 1.87 -3.87 -51.58
C ILE D 538 1.86 -4.29 -53.06
N MET D 539 2.34 -5.53 -53.36
CA MET D 539 2.37 -6.15 -54.69
C MET D 539 0.97 -6.12 -55.25
N ASP D 540 -0.02 -6.59 -54.46
CA ASP D 540 -1.42 -6.65 -54.83
C ASP D 540 -2.02 -5.28 -55.08
N ARG D 541 -1.75 -4.29 -54.19
CA ARG D 541 -2.25 -2.91 -54.37
C ARG D 541 -1.76 -2.30 -55.68
N HIS D 542 -0.48 -2.52 -56.01
CA HIS D 542 0.18 -1.98 -57.19
C HIS D 542 0.22 -2.92 -58.38
N LYS D 543 -0.63 -3.96 -58.34
CA LYS D 543 -0.84 -4.99 -59.38
C LYS D 543 0.47 -5.59 -59.92
N LEU D 544 1.44 -5.89 -59.04
CA LEU D 544 2.70 -6.51 -59.42
C LEU D 544 2.50 -8.02 -59.31
N ASP D 545 2.63 -8.72 -60.44
CA ASP D 545 2.41 -10.17 -60.56
C ASP D 545 3.27 -11.03 -59.60
N VAL D 546 2.62 -11.95 -58.88
CA VAL D 546 3.28 -12.89 -57.94
C VAL D 546 3.41 -14.24 -58.68
N VAL D 547 4.63 -14.54 -59.18
CA VAL D 547 4.96 -15.68 -60.05
C VAL D 547 6.05 -16.54 -59.41
N SER D 548 5.85 -17.87 -59.39
CA SER D 548 6.85 -18.80 -58.90
C SER D 548 7.71 -19.21 -60.07
N CYS D 549 8.99 -19.52 -59.80
CA CYS D 549 9.94 -19.92 -60.82
C CYS D 549 9.98 -21.47 -60.98
N GLY D 550 9.29 -22.17 -60.08
CA GLY D 550 9.31 -23.63 -60.02
C GLY D 550 10.70 -24.10 -59.68
N LYS D 551 11.26 -24.97 -60.52
CA LYS D 551 12.61 -25.49 -60.35
C LYS D 551 13.68 -24.56 -60.98
N SER D 552 13.26 -23.57 -61.81
CA SER D 552 14.17 -22.61 -62.46
C SER D 552 14.67 -21.54 -61.47
N THR D 553 15.40 -21.97 -60.41
CA THR D 553 15.93 -21.10 -59.36
C THR D 553 17.05 -20.17 -59.86
N VAL D 554 17.53 -20.33 -61.13
CA VAL D 554 18.52 -19.42 -61.72
C VAL D 554 17.92 -18.02 -61.84
N ARG D 555 16.59 -17.95 -62.01
CA ARG D 555 15.82 -16.72 -62.10
C ARG D 555 15.97 -15.94 -60.78
N VAL D 556 16.00 -16.67 -59.63
CA VAL D 556 16.16 -16.10 -58.28
C VAL D 556 17.54 -15.47 -58.19
N GLN D 557 18.57 -16.22 -58.62
CA GLN D 557 19.97 -15.80 -58.63
C GLN D 557 20.16 -14.54 -59.48
N LYS D 558 19.52 -14.47 -60.66
CA LYS D 558 19.59 -13.29 -61.54
C LYS D 558 18.95 -12.08 -60.86
N ALA D 559 17.79 -12.27 -60.20
CA ALA D 559 17.08 -11.22 -59.48
C ALA D 559 17.94 -10.68 -58.33
N ILE D 560 18.60 -11.58 -57.55
CA ILE D 560 19.47 -11.14 -56.47
C ILE D 560 20.61 -10.26 -57.06
N CYS D 561 21.25 -10.75 -58.11
CA CYS D 561 22.34 -10.09 -58.82
C CYS D 561 21.96 -8.72 -59.37
N SER D 562 20.70 -8.59 -59.83
CA SER D 562 20.18 -7.34 -60.37
C SER D 562 20.06 -6.23 -59.32
N GLY D 563 20.05 -6.61 -58.03
CA GLY D 563 20.02 -5.66 -56.93
C GLY D 563 21.32 -5.52 -56.15
N PHE D 564 22.11 -6.62 -56.04
CA PHE D 564 23.33 -6.62 -55.24
C PHE D 564 24.64 -6.75 -56.03
N PHE D 565 24.65 -6.27 -57.32
CA PHE D 565 25.85 -6.27 -58.19
C PHE D 565 27.00 -5.45 -57.57
N ARG D 566 26.68 -4.42 -56.72
CA ARG D 566 27.67 -3.59 -56.03
C ARG D 566 28.49 -4.45 -55.11
N ASN D 567 27.86 -5.50 -54.56
CA ASN D 567 28.44 -6.47 -53.63
C ASN D 567 28.97 -7.73 -54.33
N ALA D 568 29.42 -7.62 -55.60
CA ALA D 568 29.99 -8.77 -56.30
C ALA D 568 31.46 -8.94 -55.88
N ALA D 569 31.93 -10.20 -55.79
CA ALA D 569 33.30 -10.55 -55.39
C ALA D 569 33.81 -11.77 -56.20
N LYS D 570 35.09 -11.79 -56.55
CA LYS D 570 35.71 -12.90 -57.30
C LYS D 570 36.65 -13.65 -56.36
N LYS D 571 36.66 -15.01 -56.41
CA LYS D 571 37.54 -15.82 -55.56
C LYS D 571 38.97 -15.52 -55.90
N ASP D 572 39.72 -15.03 -54.91
CA ASP D 572 41.13 -14.68 -55.06
C ASP D 572 41.93 -15.99 -55.15
N PRO D 573 43.02 -16.08 -55.95
CA PRO D 573 43.71 -17.37 -56.09
C PRO D 573 44.36 -17.89 -54.82
N GLN D 574 44.79 -17.01 -53.89
CA GLN D 574 45.41 -17.44 -52.65
C GLN D 574 44.39 -17.58 -51.49
N GLU D 575 43.87 -16.43 -50.95
CA GLU D 575 42.95 -16.43 -49.81
C GLU D 575 41.72 -15.60 -50.09
N GLY D 576 40.57 -16.17 -49.75
CA GLY D 576 39.27 -15.53 -49.86
C GLY D 576 38.90 -14.98 -51.22
N TYR D 577 38.20 -13.83 -51.20
CA TYR D 577 37.64 -13.12 -52.35
C TYR D 577 38.12 -11.69 -52.38
N ARG D 578 38.00 -11.04 -53.54
CA ARG D 578 38.32 -9.63 -53.76
C ARG D 578 37.06 -8.98 -54.35
N THR D 579 36.52 -7.96 -53.66
CA THR D 579 35.32 -7.24 -54.10
C THR D 579 35.53 -6.56 -55.49
N LEU D 580 34.50 -6.56 -56.34
CA LEU D 580 34.58 -5.95 -57.68
C LEU D 580 34.84 -4.44 -57.61
N ILE D 581 34.20 -3.75 -56.65
CA ILE D 581 34.27 -2.30 -56.42
C ILE D 581 35.70 -1.76 -56.14
N ASP D 582 36.27 -2.07 -54.96
CA ASP D 582 37.59 -1.55 -54.59
C ASP D 582 38.69 -2.63 -54.44
N GLN D 583 38.39 -3.89 -54.83
CA GLN D 583 39.32 -5.02 -54.74
C GLN D 583 39.77 -5.31 -53.26
N GLN D 584 38.83 -5.12 -52.30
CA GLN D 584 39.02 -5.35 -50.86
C GLN D 584 38.91 -6.86 -50.55
N VAL D 585 39.80 -7.39 -49.66
CA VAL D 585 39.82 -8.81 -49.30
C VAL D 585 38.65 -9.13 -48.37
N VAL D 586 37.77 -10.02 -48.80
CA VAL D 586 36.60 -10.44 -48.03
C VAL D 586 36.55 -11.97 -47.95
N TYR D 587 35.81 -12.52 -46.99
CA TYR D 587 35.75 -13.96 -46.79
C TYR D 587 34.33 -14.55 -46.65
N ILE D 588 34.15 -15.79 -47.16
CA ILE D 588 32.94 -16.60 -46.96
C ILE D 588 33.06 -17.13 -45.48
N HIS D 589 32.03 -16.87 -44.67
CA HIS D 589 32.03 -17.27 -43.26
C HIS D 589 31.82 -18.79 -43.09
N PRO D 590 32.40 -19.46 -42.04
CA PRO D 590 32.18 -20.92 -41.90
C PRO D 590 30.72 -21.38 -41.83
N SER D 591 29.78 -20.45 -41.47
CA SER D 591 28.32 -20.66 -41.37
C SER D 591 27.62 -20.65 -42.74
N SER D 592 28.32 -20.28 -43.81
CA SER D 592 27.70 -20.19 -45.13
C SER D 592 27.47 -21.56 -45.79
N ALA D 593 26.38 -21.66 -46.57
CA ALA D 593 26.03 -22.85 -47.35
C ALA D 593 27.12 -23.09 -48.42
N LEU D 594 27.87 -22.02 -48.82
CA LEU D 594 28.95 -22.02 -49.81
C LEU D 594 30.37 -22.14 -49.20
N PHE D 595 30.48 -22.39 -47.90
CA PHE D 595 31.79 -22.51 -47.23
C PHE D 595 32.65 -23.68 -47.71
N ASN D 596 32.04 -24.83 -48.04
CA ASN D 596 32.80 -25.99 -48.54
C ASN D 596 32.57 -26.22 -50.06
N ARG D 597 32.12 -25.17 -50.75
CA ARG D 597 31.88 -25.16 -52.20
C ARG D 597 32.00 -23.70 -52.70
N GLN D 598 33.13 -23.04 -52.39
CA GLN D 598 33.38 -21.63 -52.72
C GLN D 598 33.49 -21.38 -54.25
N PRO D 599 32.48 -20.71 -54.88
CA PRO D 599 32.52 -20.50 -56.35
C PRO D 599 33.45 -19.38 -56.82
N GLU D 600 33.60 -19.23 -58.14
CA GLU D 600 34.44 -18.20 -58.75
C GLU D 600 33.90 -16.80 -58.49
N TRP D 601 32.57 -16.62 -58.60
CA TRP D 601 31.89 -15.35 -58.41
C TRP D 601 30.71 -15.43 -57.49
N VAL D 602 30.57 -14.43 -56.59
CA VAL D 602 29.49 -14.33 -55.61
C VAL D 602 28.97 -12.90 -55.47
N VAL D 603 27.80 -12.75 -54.80
CA VAL D 603 27.15 -11.51 -54.37
C VAL D 603 26.74 -11.75 -52.95
N TYR D 604 27.00 -10.79 -52.10
CA TYR D 604 26.69 -10.90 -50.67
C TYR D 604 25.67 -9.85 -50.27
N HIS D 605 24.90 -10.13 -49.21
CA HIS D 605 23.89 -9.21 -48.69
C HIS D 605 24.57 -8.03 -47.98
N GLU D 606 25.49 -8.32 -47.03
CA GLU D 606 26.23 -7.29 -46.29
C GLU D 606 27.60 -7.78 -45.85
N LEU D 607 28.50 -6.84 -45.47
CA LEU D 607 29.83 -7.15 -44.93
C LEU D 607 29.80 -6.98 -43.44
N VAL D 608 30.37 -7.96 -42.70
CA VAL D 608 30.42 -8.01 -41.24
C VAL D 608 31.86 -8.09 -40.77
N LEU D 609 32.30 -7.10 -39.97
CA LEU D 609 33.68 -7.07 -39.48
C LEU D 609 33.83 -7.67 -38.07
N THR D 610 34.52 -8.82 -38.00
CA THR D 610 34.84 -9.54 -36.76
C THR D 610 36.37 -9.61 -36.75
N THR D 611 36.95 -10.83 -36.83
CA THR D 611 38.41 -11.01 -36.91
C THR D 611 38.84 -10.54 -38.30
N LYS D 612 38.01 -10.89 -39.32
CA LYS D 612 38.16 -10.62 -40.76
C LYS D 612 36.93 -9.84 -41.29
N GLU D 613 36.99 -9.38 -42.54
CA GLU D 613 35.86 -8.72 -43.16
C GLU D 613 35.10 -9.86 -43.84
N TYR D 614 34.04 -10.38 -43.18
CA TYR D 614 33.22 -11.50 -43.65
C TYR D 614 32.03 -11.08 -44.46
N MET D 615 31.72 -11.82 -45.52
CA MET D 615 30.51 -11.61 -46.32
C MET D 615 29.39 -12.37 -45.60
N ARG D 616 28.22 -11.72 -45.48
N ARG D 616 28.22 -11.74 -45.50
CA ARG D 616 27.01 -12.27 -44.85
CA ARG D 616 27.03 -12.29 -44.85
C ARG D 616 25.97 -12.49 -45.94
C ARG D 616 25.94 -12.49 -45.90
N GLU D 617 25.49 -13.76 -46.09
CA GLU D 617 24.47 -14.21 -47.10
C GLU D 617 25.02 -14.09 -48.50
N VAL D 618 25.74 -15.11 -48.93
CA VAL D 618 26.42 -15.17 -50.21
C VAL D 618 25.60 -16.04 -51.19
N THR D 619 25.55 -15.64 -52.46
CA THR D 619 24.89 -16.35 -53.56
C THR D 619 25.85 -16.41 -54.76
N THR D 620 25.95 -17.59 -55.42
CA THR D 620 26.77 -17.82 -56.62
C THR D 620 26.14 -17.05 -57.81
N ILE D 621 27.00 -16.40 -58.61
CA ILE D 621 26.55 -15.64 -59.80
C ILE D 621 27.42 -15.97 -60.99
N ASP D 622 26.88 -15.68 -62.19
CA ASP D 622 27.61 -15.78 -63.45
C ASP D 622 28.09 -14.34 -63.66
N PRO D 623 29.40 -14.11 -63.83
CA PRO D 623 29.87 -12.71 -64.00
C PRO D 623 29.24 -12.00 -65.17
N ARG D 624 28.69 -12.76 -66.15
CA ARG D 624 27.97 -12.23 -67.32
C ARG D 624 26.73 -11.42 -66.91
N TRP D 625 26.09 -11.79 -65.78
CA TRP D 625 24.92 -11.12 -65.26
C TRP D 625 25.21 -9.71 -64.80
N LEU D 626 26.48 -9.42 -64.47
CA LEU D 626 26.89 -8.08 -64.05
C LEU D 626 26.72 -7.08 -65.21
N VAL D 627 27.09 -7.49 -66.45
CA VAL D 627 26.96 -6.67 -67.64
C VAL D 627 25.46 -6.58 -68.03
N GLU D 628 24.74 -7.69 -67.85
CA GLU D 628 23.33 -7.85 -68.17
C GLU D 628 22.42 -6.99 -67.29
N PHE D 629 22.65 -6.98 -65.96
CA PHE D 629 21.80 -6.30 -64.99
C PHE D 629 22.34 -4.95 -64.46
N ALA D 630 23.63 -4.66 -64.67
CA ALA D 630 24.21 -3.38 -64.26
C ALA D 630 25.15 -2.82 -65.37
N PRO D 631 24.60 -2.45 -66.53
CA PRO D 631 25.46 -1.98 -67.62
C PRO D 631 26.09 -0.61 -67.42
N ALA D 632 25.57 0.22 -66.49
CA ALA D 632 26.09 1.56 -66.28
C ALA D 632 27.65 1.59 -65.91
N PHE D 633 28.24 0.45 -65.43
CA PHE D 633 29.67 0.28 -65.11
C PHE D 633 30.57 0.03 -66.37
N PHE D 634 29.99 -0.27 -67.52
CA PHE D 634 30.78 -0.66 -68.68
C PHE D 634 30.65 0.32 -69.86
N LYS D 635 31.70 0.38 -70.70
CA LYS D 635 31.79 1.26 -71.87
C LYS D 635 32.18 0.48 -73.16
N VAL D 636 31.72 0.99 -74.33
CA VAL D 636 31.99 0.46 -75.69
C VAL D 636 33.22 1.11 -76.31
N SER D 637 34.20 0.29 -76.71
CA SER D 637 35.44 0.73 -77.34
C SER D 637 35.19 1.39 -78.69
N ASP D 638 35.87 2.53 -78.95
CA ASP D 638 35.78 3.33 -80.18
C ASP D 638 36.40 2.68 -81.42
N PRO D 639 35.60 2.37 -82.47
CA PRO D 639 36.19 1.83 -83.71
C PRO D 639 36.91 2.90 -84.52
N THR D 640 36.63 4.20 -84.22
CA THR D 640 37.26 5.36 -84.85
C THR D 640 38.69 5.51 -84.32
PB ADP E . 18.21 -8.23 18.02
O1B ADP E . 18.49 -9.60 17.58
O2B ADP E . 19.33 -7.22 17.81
O3B ADP E . 17.85 -8.18 19.50
PA ADP E . 15.70 -6.78 17.45
O1A ADP E . 14.65 -7.65 18.01
O2A ADP E . 16.09 -5.62 18.38
O3A ADP E . 16.98 -7.69 17.15
O5' ADP E . 15.33 -6.09 16.08
O5' ADP E . 15.37 -6.07 16.06
C5' ADP E . 14.42 -6.65 15.12
C5' ADP E . 14.27 -6.38 15.19
C4' ADP E . 13.81 -5.54 14.30
C4' ADP E . 13.89 -5.16 14.40
O4' ADP E . 12.81 -4.85 15.06
O4' ADP E . 13.09 -4.26 15.20
C3' ADP E . 14.75 -4.42 13.87
C3' ADP E . 15.05 -4.30 13.86
O3' ADP E . 15.66 -4.81 12.85
O3' ADP E . 15.32 -4.59 12.50
C2' ADP E . 13.76 -3.33 13.46
C2' ADP E . 14.58 -2.85 14.09
O2' ADP E . 13.28 -3.49 12.13
O2' ADP E . 14.71 -1.95 12.99
C1' ADP E . 12.61 -3.56 14.48
C1' ADP E . 13.13 -3.03 14.52
N9 ADP E . 12.54 -2.55 15.54
N9 ADP E . 12.60 -1.97 15.38
C8 ADP E . 13.04 -2.62 16.81
C8 ADP E . 11.63 -1.06 15.01
N7 ADP E . 12.72 -1.59 17.56
N7 ADP E . 11.35 -0.17 15.93
C5 ADP E . 11.98 -0.78 16.71
C5 ADP E . 12.18 -0.53 16.99
C6 ADP E . 11.34 0.47 16.91
C6 ADP E . 12.34 0.00 18.29
N6 ADP E . 11.15 1.04 18.09
N6 ADP E . 11.57 0.98 18.78
N1 ADP E . 10.77 1.05 15.82
N1 ADP E . 13.26 -0.57 19.09
C2 ADP E . 10.77 0.39 14.66
C2 ADP E . 13.95 -1.62 18.63
N3 ADP E . 11.29 -0.81 14.38
N3 ADP E . 13.87 -2.23 17.43
C4 ADP E . 11.88 -1.35 15.45
C4 ADP E . 12.95 -1.63 16.66
MG MG F . 18.68 -6.99 21.15
S DMS G . 35.74 -4.38 57.47
O DMS G . 34.28 -4.40 57.30
C1 DMS G . 36.42 -4.92 55.93
C2 DMS G . 36.21 -2.67 57.40
C1 EDO H . 24.27 24.43 40.53
O1 EDO H . 24.61 25.79 40.33
C2 EDO H . 24.12 23.63 39.21
O2 EDO H . 25.35 23.56 38.49
C1 EDO I . 19.91 10.31 -1.45
O1 EDO I . 20.22 11.67 -1.24
C2 EDO I . 18.48 10.19 -2.03
O2 EDO I . 18.31 11.06 -3.16
S DMS J . 19.93 -23.88 16.09
O DMS J . 20.98 -23.97 15.07
C1 DMS J . 18.67 -25.01 15.57
C2 DMS J . 20.58 -24.78 17.48
S DMS K . 21.48 0.68 46.61
O DMS K . 22.88 0.78 46.14
C1 DMS K . 21.35 -0.96 47.27
C2 DMS K . 21.52 1.59 48.10
C ACT L . 37.84 9.12 5.97
O ACT L . 37.18 10.14 6.38
OXT ACT L . 38.36 8.20 6.72
CH3 ACT L . 38.02 8.97 4.43
S DMS M . 3.54 -23.74 28.10
O DMS M . 3.92 -24.28 29.41
C1 DMS M . 4.60 -24.56 26.94
C2 DMS M . 2.03 -24.59 27.69
S DMS N . 42.40 6.17 18.65
O DMS N . 43.13 6.58 19.86
C1 DMS N . 42.31 4.40 18.69
C2 DMS N . 40.68 6.48 18.91
S DMS O . 21.83 2.79 41.07
O DMS O . 21.67 4.24 41.28
C1 DMS O . 20.47 2.03 41.93
C2 DMS O . 21.32 2.50 39.40
S DMS P . 17.99 40.04 34.10
O DMS P . 16.72 39.83 33.39
C1 DMS P . 18.53 38.43 34.55
C2 DMS P . 19.15 40.44 32.84
S DMS Q . 31.02 20.28 34.75
O DMS Q . 31.25 21.26 35.83
C1 DMS Q . 30.10 21.15 33.51
C2 DMS Q . 32.58 20.19 33.92
PB ADP R . -15.52 13.05 17.91
O1B ADP R . -15.84 14.35 17.28
O2B ADP R . -16.71 12.14 18.11
O3B ADP R . -14.89 13.25 19.29
PA ADP R . -13.22 11.32 17.33
O1A ADP R . -12.08 12.24 17.48
O2A ADP R . -13.40 10.40 18.57
O3A ADP R . -14.56 12.12 17.03
O5' ADP R . -12.93 10.31 16.15
O5' ADP R . -13.10 10.27 16.13
C5' ADP R . -12.01 10.57 15.08
C5' ADP R . -12.43 10.51 14.88
C4' ADP R . -11.69 9.27 14.40
C4' ADP R . -11.67 9.27 14.46
O4' ADP R . -10.79 8.50 15.22
O4' ADP R . -10.89 8.77 15.57
C3' ADP R . -12.90 8.36 14.14
C3' ADP R . -12.51 8.10 13.94
O3' ADP R . -13.35 8.44 12.79
O3' ADP R . -12.06 7.70 12.65
C2' ADP R . -12.43 6.97 14.61
C2' ADP R . -12.28 7.00 14.99
O2' ADP R . -12.66 5.91 13.70
O2' ADP R . -12.33 5.67 14.49
C1' ADP R . -10.93 7.18 14.80
C1' ADP R . -10.87 7.36 15.44
N9 ADP R . -10.30 6.28 15.75
N9 ADP R . -10.41 6.73 16.68
C8 ADP R . -9.36 5.31 15.45
C8 ADP R . -10.63 7.14 17.98
N7 ADP R . -8.92 4.63 16.48
N7 ADP R . -10.04 6.37 18.87
C5 ADP R . -9.61 5.19 17.55
C5 ADP R . -9.40 5.41 18.11
C6 ADP R . -9.59 4.91 18.93
C6 ADP R . -8.57 4.31 18.45
N6 ADP R . -8.79 4.01 19.49
N6 ADP R . -8.21 4.01 19.70
N1 ADP R . -10.43 5.62 19.73
N1 ADP R . -8.07 3.57 17.44
C2 ADP R . -11.21 6.57 19.17
C2 ADP R . -8.38 3.88 16.19
N3 ADP R . -11.29 6.93 17.88
N3 ADP R . -9.14 4.88 15.73
C4 ADP R . -10.46 6.19 17.12
C4 ADP R . -9.63 5.61 16.76
MG MG S . -15.72 12.52 21.23
S DMS T . -18.33 27.84 12.82
O DMS T . -19.53 28.30 13.56
C1 DMS T . -18.88 27.31 11.21
C2 DMS T . -17.41 29.29 12.39
S DMS U . 0.47 30.88 22.10
O DMS U . -0.56 31.88 21.78
C1 DMS U . 0.76 31.06 23.84
C2 DMS U . -0.41 29.38 22.16
S DMS V . -39.03 -0.33 25.00
O DMS V . -39.98 -1.14 25.78
C1 DMS V . -39.21 1.32 25.62
C2 DMS V . -37.40 -0.68 25.59
C1 EDO W . -19.62 -9.59 3.92
O1 EDO W . -19.13 -8.44 4.60
C2 EDO W . -19.62 -10.81 4.89
O2 EDO W . -20.44 -11.84 4.37
S DMS X . -14.46 11.14 47.98
O DMS X . -15.88 11.45 48.13
C1 DMS X . -13.62 12.70 47.98
C2 DMS X . -14.00 10.55 49.58
S DMS Y . -24.91 -10.39 41.46
O DMS Y . -25.24 -11.13 42.70
C1 DMS Y . -23.18 -10.04 41.60
C2 DMS Y . -24.85 -11.63 40.18
C ACT Z . -36.52 -5.99 13.31
O ACT Z . -35.95 -7.04 13.75
OXT ACT Z . -36.43 -4.82 13.82
CH3 ACT Z . -37.42 -6.14 12.05
S DMS AA . -15.04 7.92 44.00
O DMS AA . -15.36 7.46 42.64
C1 DMS AA . -14.56 9.61 43.80
C2 DMS AA . -16.58 8.14 44.82
S DMS BA . -14.02 -2.14 71.13
O DMS BA . -15.27 -1.70 70.48
C1 DMS BA . -13.32 -3.35 70.05
C2 DMS BA . -12.86 -0.83 70.85
S DMS CA . -26.51 18.96 59.95
O DMS CA . -25.07 18.94 60.17
C1 DMS CA . -26.82 17.63 58.83
C2 DMS CA . -27.20 18.25 61.42
PB ADP DA . -15.01 -15.98 -14.96
O1B ADP DA . -14.62 -16.09 -16.43
O2B ADP DA . -15.00 -17.30 -14.19
O3B ADP DA . -16.31 -15.18 -14.97
PA ADP DA . -12.97 -13.89 -14.79
O1A ADP DA . -13.65 -13.13 -15.96
O2A ADP DA . -11.71 -14.55 -15.21
O3A ADP DA . -13.97 -15.01 -14.24
O5' ADP DA . -12.88 -12.87 -13.60
C5' ADP DA . -11.78 -12.85 -12.69
C4' ADP DA . -11.60 -11.44 -12.18
O4' ADP DA . -11.06 -10.57 -13.19
C3' ADP DA . -12.86 -10.70 -11.72
O3' ADP DA . -13.28 -11.13 -10.44
C2' ADP DA . -12.41 -9.22 -11.79
O2' ADP DA . -12.05 -8.78 -10.49
C1' ADP DA . -11.11 -9.30 -12.60
N9 ADP DA . -10.91 -8.23 -13.59
C8 ADP DA . -10.31 -7.03 -13.34
N7 ADP DA . -10.20 -6.25 -14.39
C5 ADP DA . -10.77 -7.00 -15.41
C6 ADP DA . -10.98 -6.73 -16.78
N6 ADP DA . -10.50 -5.65 -17.40
N1 ADP DA . -11.66 -7.65 -17.50
C2 ADP DA . -12.04 -8.79 -16.91
N3 ADP DA . -11.86 -9.16 -15.64
C4 ADP DA . -11.22 -8.22 -14.93
MG MG EA . -15.85 -15.69 -18.26
C1 EDO FA . -28.47 8.41 -44.51
O1 EDO FA . -29.49 9.36 -44.79
C2 EDO FA . -28.88 7.38 -43.41
O2 EDO FA . -29.48 8.03 -42.32
S DMS GA . 3.13 -30.29 -21.44
O DMS GA . 4.44 -30.99 -21.43
C1 DMS GA . 1.98 -31.52 -21.98
C2 DMS GA . 2.65 -30.21 -19.73
S DMS HA . -20.17 -15.41 -44.46
O DMS HA . -21.14 -16.49 -44.38
C1 DMS HA . -18.61 -16.20 -44.72
C2 DMS HA . -20.40 -14.76 -46.08
S DMS IA . -34.46 3.51 -36.98
O DMS IA . -34.93 3.90 -38.34
C1 DMS IA . -33.74 4.99 -36.32
C2 DMS IA . -35.94 3.42 -36.02
S DMS JA . -42.28 -7.89 -18.08
O DMS JA . -42.78 -7.65 -19.44
C1 DMS JA . -41.65 -9.55 -18.07
C2 DMS JA . -40.76 -7.01 -17.98
S DMS KA . -4.61 -2.65 -33.60
O DMS KA . -5.67 -2.86 -32.60
C1 DMS KA . -3.19 -3.36 -32.87
C2 DMS KA . -4.90 -3.85 -34.88
S DMS LA . -0.30 -5.22 -34.22
O DMS LA . -0.74 -5.92 -33.02
C1 DMS LA . 0.84 -6.35 -34.98
C2 DMS LA . -1.60 -5.47 -35.39
S DMS MA . -19.55 -13.18 -39.51
O DMS MA . -19.60 -12.36 -40.72
C1 DMS MA . -17.86 -13.14 -38.96
C2 DMS MA . -20.35 -12.21 -38.24
S DMS NA . -35.09 4.88 -60.56
O DMS NA . -34.30 5.75 -59.67
C1 DMS NA . -36.15 5.97 -61.44
C2 DMS NA . -33.97 4.37 -61.85
S DMS OA . -5.99 3.93 -42.56
O DMS OA . -7.18 3.27 -42.01
C1 DMS OA . -4.63 2.88 -42.13
C2 DMS OA . -6.04 3.66 -44.32
PB ADP PA . 12.54 11.76 -20.70
O1B ADP PA . 12.08 11.56 -22.11
O2B ADP PA . 13.83 10.93 -20.64
O3B ADP PA . 12.69 13.24 -20.29
PA ADP PA . 10.59 9.73 -19.79
O1A ADP PA . 11.21 8.70 -20.73
O2A ADP PA . 9.23 10.15 -20.19
O3A ADP PA . 11.50 11.04 -19.73
O5' ADP PA . 10.64 9.03 -18.36
O5' ADP PA . 10.62 9.03 -18.36
C5' ADP PA . 9.77 9.34 -17.26
C5' ADP PA . 9.60 9.18 -17.35
C4' ADP PA . 9.64 8.12 -16.37
C4' ADP PA . 9.53 7.93 -16.51
O4' ADP PA . 8.95 7.06 -17.06
O4' ADP PA . 8.83 6.88 -17.21
C3' ADP PA . 10.96 7.53 -15.85
C3' ADP PA . 10.85 7.31 -16.08
O3' ADP PA . 11.00 7.60 -14.43
O3' ADP PA . 11.32 7.87 -14.86
C2' ADP PA . 10.96 6.10 -16.38
C2' ADP PA . 10.53 5.80 -16.00
O2' ADP PA . 11.53 5.15 -15.47
O2' ADP PA . 10.65 5.27 -14.68
C1' ADP PA . 9.46 5.84 -16.59
C1' ADP PA . 9.08 5.71 -16.48
N9 ADP PA . 9.14 4.77 -17.55
N9 ADP PA . 8.78 4.53 -17.29
C8 ADP PA . 9.27 4.80 -18.91
C8 ADP PA . 8.17 3.39 -16.83
N7 ADP PA . 8.83 3.73 -19.52
N7 ADP PA . 8.01 2.47 -17.74
C5 ADP PA . 8.37 2.93 -18.48
C5 ADP PA . 8.56 3.04 -18.88
C6 ADP PA . 7.74 1.67 -18.45
C6 ADP PA . 8.72 2.55 -20.20
N6 ADP PA . 7.38 0.99 -19.55
N6 ADP PA . 8.20 1.39 -20.63
N1 ADP PA . 7.42 1.15 -17.24
N1 ADP PA . 9.36 3.34 -21.09
C2 ADP PA . 7.69 1.86 -16.14
C2 ADP PA . 9.76 4.55 -20.69
N3 ADP PA . 8.25 3.07 -16.04
N3 ADP PA . 9.64 5.13 -19.49
C4 ADP PA . 8.57 3.56 -17.25
C4 ADP PA . 9.03 4.31 -18.62
MG MG QA . 12.89 10.75 -23.87
C1 EDO RA . 22.03 -18.67 -43.76
O1 EDO RA . 22.60 -17.80 -42.79
C2 EDO RA . 22.99 -19.88 -43.98
O2 EDO RA . 22.56 -20.69 -45.06
C1 EDO SA . 22.18 -5.39 -2.53
O1 EDO SA . 20.81 -5.21 -2.90
C2 EDO SA . 22.35 -6.84 -2.04
O2 EDO SA . 21.58 -6.95 -0.84
S DMS TA . 11.20 27.49 -18.70
O DMS TA . 11.63 28.39 -19.80
C1 DMS TA . 12.32 27.77 -17.34
C2 DMS TA . 9.78 28.28 -17.98
S DMS UA . 12.98 3.95 -49.40
O DMS UA . 13.20 5.30 -49.97
C1 DMS UA . 11.47 3.39 -50.10
C2 DMS UA . 14.13 2.90 -50.24
S DMS VA . 28.06 -13.67 -39.81
O DMS VA . 28.20 -15.13 -39.71
C1 DMS VA . 27.98 -13.11 -38.12
C2 DMS VA . 29.69 -13.10 -40.23
S DMS WA . 38.84 2.80 -25.41
O DMS WA . 39.52 1.95 -26.39
C1 DMS WA . 38.81 4.42 -26.12
C2 DMS WA . 37.13 2.38 -25.54
S DMS XA . 13.53 2.28 -44.21
O DMS XA . 13.77 0.99 -44.89
C1 DMS XA . 11.76 2.46 -44.15
C2 DMS XA . 13.83 1.95 -42.49
S DMS YA . 32.59 12.52 -6.74
O DMS YA . 31.38 11.71 -6.98
C1 DMS YA . 33.43 12.63 -8.30
C2 DMS YA . 32.03 14.21 -6.63
S DMS ZA . -6.95 23.77 -28.22
O DMS ZA . -8.36 24.18 -28.38
C1 DMS ZA . -6.13 24.61 -29.54
C2 DMS ZA . -6.36 24.72 -26.85
C ACT AB . 37.45 0.15 -13.17
O ACT AB . 37.12 1.02 -14.02
OXT ACT AB . 37.12 -1.10 -13.17
CH3 ACT AB . 38.33 0.66 -12.00
#